data_8I91
#
_entry.id   8I91
#
_cell.length_a   1.00
_cell.length_b   1.00
_cell.length_c   1.00
_cell.angle_alpha   90.00
_cell.angle_beta   90.00
_cell.angle_gamma   90.00
#
_symmetry.space_group_name_H-M   'P 1'
#
loop_
_entity.id
_entity.type
_entity.pdbx_description
1 polymer 'Angiotensin-converting enzyme 2'
2 polymer SIT1
3 branched 2-acetamido-2-deoxy-beta-D-glucopyranose-(1-4)-2-acetamido-2-deoxy-beta-D-glucopyranose
4 non-polymer 2-acetamido-2-deoxy-beta-D-glucopyranose
5 non-polymer 'ZINC ION'
6 non-polymer PROLINE
7 non-polymer 'CHLORIDE ION'
#
loop_
_entity_poly.entity_id
_entity_poly.type
_entity_poly.pdbx_seq_one_letter_code
_entity_poly.pdbx_strand_id
1 'polypeptide(L)'
;MRSSSSWLLLSLVAVTAAWSHPQFEKQSTIEEQAKTFLDKFNHEAEDLFYQSSLASWNYNTNITEENVQNMNNAGDKWSA
FLKEQSTLAQMYPLQEIQNLTVKLQLQALQQNGSSVLSEDKSKRLNTILNTMSTIYSTGKVCNPDNPQECLLLEPGLNEI
MANSLDYNERLWAWESWRSEVGKQLRPLYEEYVVLKNEMARANHYEDYGDYWRGDYEVNGVDGYDYSRGQLIEDVEHTFE
EIKPLYEHLHAYVRAKLMNAYPSYISPIGCLPAHLLGDMWGRFWTNLYSLTVPFGQKPNIDVTDAMVDQAWDAQRIFKEA
EKFFVSVGLPNMTQGFWENSMLTDPGNVQKAVCHPTAWDLGKGDFRILMCTKVTMDDFLTAHHEMGHIQYDMAYAAQPFL
LRNGANEGFHEAVGEIMSLSAATPKHLKSIGLLSPDFQEDNETEINFLLKQALTIVGTLPFTYMLEKWRWMVFKGEIPKD
QWMKKWWEMKREIVGVVEPVPHDETYCDPASLFHVSNDYSFIRYYTRTLYQFQFQEALCQAAKHEGPLHKCDISNSTEAG
QKLFNMLRLGKSEPWTLALENVVGAKNMNVRPLLNYFEPLFTWLKDQNKNSFVGWSTDWSPYADQSIKVRISLKSALGDK
AYEWNDNEMYLFRSSVAYAMRQYFLKVKNQMILFGEEDVRVANLKPRISFNFFVTAPKNVSDIIPRTEVEKAIRMSRSRI
NDAFRLNDNSLEFLGIQPTLGPPNQPPVSIWLIVFGVVMGVIVVGIVILIFTGIRDRKKKNKARSGENPYASIDISKGEN
NPGFQNTDDVQTSFLEHHHHHHHHHH
;
A,C
2 'polypeptide(L)'
;MADYKDDDDKSGPDEVDASGRMEKARPLWANSLQFVFACISYAVGLGNVWRFPYLCQMYGGGSFLVPYIIMLIVEGMPLL
YLELAVGQRMRQGSIGAWRTISPYLSGVGVASVVVSFFLSMYYNVINAWAFWYLFHSFQDPLPWSVCPLNGNHTGYDEEC
EKASSTQYFWYRKTLNISPSLQENGGVQWEPALCLLLAWLVVYLCILRGTESTGKVVYFTASLPYCVLIIYLIRGLTLHG
ATNGLMYMFTPKIEQLANPKAWINAATQIFFSLGLGFGSLIAFASYNEPSNNCQKHAIIVSLINSFTSIFASIVTFSIYG
FKATFNYENCLKKVSLLLTNTFDLEDGFLTASNLEQVKGYLASAYPSKYSEMFPQIKNCSLESELDTAVQGTGLAFIVYT
EAIKNMEVSQLWSVLYFFMLLMLGIGSMLGNTAAILTPLTDSKIISSHLPKEAISGLVCLVNCAIGMVFTMEAGNYWFDI
FNDYAATLSLLLIVLVETIAVCYVYGLRRFESDLKAMTGRAVSWYWKVMWAGVSPLLIVSLFVFYLSDYILTGTLKYQAW
DASQGQLVTKDYPAYALAVIGLLVASSTMCIPLAALGTFVQRRLKRGDADPVA
;
B,D
#
loop_
_chem_comp.id
_chem_comp.type
_chem_comp.name
_chem_comp.formula
CL non-polymer 'CHLORIDE ION' 'Cl -1'
NAG D-saccharide, beta linking 2-acetamido-2-deoxy-beta-D-glucopyranose 'C8 H15 N O6'
ZN non-polymer 'ZINC ION' 'Zn 2'
#
# COMPACT_ATOMS: atom_id res chain seq x y z
N THR A 29 -6.63 -83.51 9.84
CA THR A 29 -7.22 -82.81 8.72
C THR A 29 -7.75 -81.45 9.14
N ILE A 30 -7.20 -80.39 8.56
CA ILE A 30 -7.61 -79.03 8.87
C ILE A 30 -9.13 -78.90 8.95
N GLU A 31 -9.82 -79.53 8.00
CA GLU A 31 -11.28 -79.48 7.97
C GLU A 31 -11.86 -79.88 9.32
N GLU A 32 -11.68 -81.14 9.69
CA GLU A 32 -12.20 -81.64 10.97
C GLU A 32 -11.71 -80.77 12.12
N GLN A 33 -10.45 -80.41 12.06
CA GLN A 33 -9.85 -79.57 13.10
C GLN A 33 -10.77 -78.39 13.38
N ALA A 34 -10.99 -77.56 12.37
CA ALA A 34 -11.86 -76.40 12.51
C ALA A 34 -13.25 -76.83 12.94
N LYS A 35 -13.87 -77.71 12.17
CA LYS A 35 -15.20 -78.21 12.47
C LYS A 35 -15.42 -78.50 13.94
N THR A 36 -14.37 -78.92 14.64
CA THR A 36 -14.50 -79.22 16.07
C THR A 36 -14.36 -77.95 16.91
N PHE A 37 -13.49 -77.05 16.45
CA PHE A 37 -13.23 -75.79 17.13
C PHE A 37 -14.46 -74.91 17.09
N LEU A 38 -15.13 -74.85 15.94
CA LEU A 38 -16.34 -74.05 15.85
C LEU A 38 -17.39 -74.57 16.81
N ASP A 39 -17.52 -75.89 16.88
CA ASP A 39 -18.50 -76.49 17.76
C ASP A 39 -18.24 -76.10 19.21
N LYS A 40 -16.97 -76.20 19.63
CA LYS A 40 -16.64 -75.81 21.00
C LYS A 40 -16.88 -74.33 21.21
N PHE A 41 -16.67 -73.52 20.18
CA PHE A 41 -16.87 -72.08 20.31
C PHE A 41 -18.32 -71.76 20.60
N ASN A 42 -19.23 -72.34 19.83
CA ASN A 42 -20.66 -71.99 19.87
C ASN A 42 -21.23 -71.86 21.28
N HIS A 43 -21.00 -72.85 22.14
CA HIS A 43 -21.59 -72.86 23.47
C HIS A 43 -21.21 -71.64 24.27
N GLU A 44 -19.90 -71.47 24.48
CA GLU A 44 -19.39 -70.32 25.22
C GLU A 44 -19.90 -69.03 24.63
N ALA A 45 -19.82 -68.92 23.30
CA ALA A 45 -20.25 -67.70 22.63
C ALA A 45 -21.68 -67.38 23.00
N GLU A 46 -22.56 -68.37 22.89
CA GLU A 46 -23.98 -68.15 23.09
C GLU A 46 -24.30 -67.77 24.52
N ASP A 47 -23.69 -68.47 25.48
CA ASP A 47 -24.00 -68.18 26.88
C ASP A 47 -23.49 -66.81 27.29
N LEU A 48 -22.26 -66.48 26.89
CA LEU A 48 -21.74 -65.17 27.20
C LEU A 48 -22.57 -64.08 26.55
N PHE A 49 -23.08 -64.35 25.34
CA PHE A 49 -23.93 -63.36 24.67
C PHE A 49 -25.23 -63.17 25.42
N TYR A 50 -25.83 -64.26 25.89
CA TYR A 50 -27.03 -64.18 26.70
C TYR A 50 -26.81 -63.28 27.90
N GLN A 51 -25.79 -63.59 28.70
CA GLN A 51 -25.50 -62.80 29.88
C GLN A 51 -25.15 -61.37 29.54
N SER A 52 -24.51 -61.12 28.40
CA SER A 52 -24.16 -59.77 28.03
C SER A 52 -25.35 -58.94 27.59
N SER A 53 -26.32 -59.57 26.95
CA SER A 53 -27.48 -58.82 26.47
C SER A 53 -28.47 -58.57 27.59
N LEU A 54 -28.62 -59.54 28.51
CA LEU A 54 -29.56 -59.35 29.61
C LEU A 54 -29.24 -58.11 30.42
N ALA A 55 -27.95 -57.84 30.61
CA ALA A 55 -27.51 -56.70 31.39
C ALA A 55 -27.95 -55.41 30.73
N SER A 56 -27.70 -55.30 29.42
CA SER A 56 -28.09 -54.09 28.70
C SER A 56 -29.60 -53.93 28.68
N TRP A 57 -30.33 -55.03 28.59
CA TRP A 57 -31.78 -54.95 28.68
C TRP A 57 -32.22 -54.40 30.02
N ASN A 58 -31.69 -54.96 31.10
CA ASN A 58 -32.06 -54.51 32.44
C ASN A 58 -31.69 -53.05 32.63
N TYR A 59 -30.58 -52.61 32.05
CA TYR A 59 -30.19 -51.22 32.16
C TYR A 59 -31.21 -50.34 31.44
N ASN A 60 -31.41 -50.60 30.15
CA ASN A 60 -32.28 -49.77 29.32
C ASN A 60 -33.70 -49.72 29.89
N THR A 61 -34.16 -50.83 30.45
CA THR A 61 -35.49 -50.86 31.02
C THR A 61 -35.54 -50.14 32.35
N ASN A 62 -34.56 -50.40 33.21
CA ASN A 62 -34.56 -49.92 34.59
C ASN A 62 -33.30 -49.11 34.81
N ILE A 63 -33.39 -47.81 34.53
CA ILE A 63 -32.20 -46.95 34.58
C ILE A 63 -31.80 -46.78 36.04
N THR A 64 -30.74 -47.48 36.46
CA THR A 64 -30.16 -47.27 37.77
C THR A 64 -28.65 -47.21 37.59
N GLU A 65 -27.99 -46.36 38.38
CA GLU A 65 -26.54 -46.25 38.33
C GLU A 65 -25.88 -47.60 38.58
N GLU A 66 -26.49 -48.42 39.43
CA GLU A 66 -25.96 -49.74 39.70
C GLU A 66 -25.86 -50.58 38.43
N ASN A 67 -26.96 -50.61 37.68
CA ASN A 67 -27.05 -51.40 36.45
C ASN A 67 -26.12 -50.96 35.32
N VAL A 68 -25.64 -49.73 35.40
CA VAL A 68 -24.76 -49.17 34.39
C VAL A 68 -23.44 -49.92 34.38
N GLN A 69 -22.85 -50.12 35.55
CA GLN A 69 -21.53 -50.73 35.60
C GLN A 69 -21.64 -52.24 35.46
N ASN A 70 -22.76 -52.81 35.89
CA ASN A 70 -23.00 -54.23 35.69
C ASN A 70 -23.00 -54.57 34.21
N MET A 71 -23.68 -53.74 33.43
CA MET A 71 -23.71 -53.93 31.99
C MET A 71 -22.31 -53.83 31.40
N ASN A 72 -21.50 -52.89 31.91
CA ASN A 72 -20.14 -52.76 31.41
C ASN A 72 -19.31 -54.00 31.73
N ASN A 73 -19.47 -54.52 32.95
CA ASN A 73 -18.75 -55.73 33.33
C ASN A 73 -19.10 -56.87 32.39
N ALA A 74 -20.39 -57.13 32.20
CA ALA A 74 -20.78 -58.22 31.32
C ALA A 74 -20.31 -57.99 29.89
N GLY A 75 -20.40 -56.75 29.41
CA GLY A 75 -20.00 -56.43 28.05
C GLY A 75 -18.53 -56.65 27.81
N ASP A 76 -17.68 -56.19 28.72
CA ASP A 76 -16.25 -56.41 28.55
C ASP A 76 -15.91 -57.89 28.70
N LYS A 77 -16.56 -58.57 29.64
CA LYS A 77 -16.38 -60.00 29.80
C LYS A 77 -16.65 -60.73 28.50
N TRP A 78 -17.70 -60.33 27.78
CA TRP A 78 -18.00 -60.95 26.49
C TRP A 78 -16.98 -60.53 25.43
N SER A 79 -16.71 -59.23 25.35
CA SER A 79 -15.87 -58.70 24.27
C SER A 79 -14.47 -59.27 24.30
N ALA A 80 -13.97 -59.61 25.48
CA ALA A 80 -12.64 -60.22 25.55
C ALA A 80 -12.64 -61.61 24.93
N PHE A 81 -13.73 -62.35 25.13
CA PHE A 81 -13.87 -63.66 24.53
C PHE A 81 -13.74 -63.60 23.02
N LEU A 82 -14.25 -62.55 22.41
CA LEU A 82 -14.15 -62.41 20.95
C LEU A 82 -12.70 -62.29 20.51
N LYS A 83 -11.93 -61.46 21.21
CA LYS A 83 -10.52 -61.31 20.84
C LYS A 83 -9.78 -62.62 21.01
N GLU A 84 -10.01 -63.30 22.15
CA GLU A 84 -9.33 -64.55 22.38
C GLU A 84 -9.64 -65.56 21.30
N GLN A 85 -10.92 -65.70 20.94
CA GLN A 85 -11.29 -66.64 19.90
C GLN A 85 -10.76 -66.21 18.53
N SER A 86 -10.77 -64.92 18.24
CA SER A 86 -10.30 -64.45 16.94
C SER A 86 -8.84 -64.81 16.74
N THR A 87 -8.00 -64.52 17.73
CA THR A 87 -6.60 -64.92 17.60
C THR A 87 -6.48 -66.43 17.54
N LEU A 88 -7.20 -67.12 18.43
CA LEU A 88 -7.14 -68.58 18.47
C LEU A 88 -7.58 -69.21 17.16
N ALA A 89 -8.43 -68.52 16.41
CA ALA A 89 -8.96 -69.06 15.17
C ALA A 89 -8.13 -68.69 13.96
N GLN A 90 -7.11 -67.89 14.13
CA GLN A 90 -6.28 -67.48 13.01
C GLN A 90 -5.44 -68.57 12.49
N MET A 91 -5.41 -69.73 13.14
CA MET A 91 -4.53 -70.83 12.73
C MET A 91 -5.00 -71.44 11.42
N TYR A 92 -6.22 -71.94 11.39
CA TYR A 92 -6.78 -72.67 10.26
C TYR A 92 -6.77 -71.84 8.99
N PRO A 93 -5.92 -72.16 8.03
CA PRO A 93 -5.92 -71.40 6.78
C PRO A 93 -7.18 -71.63 5.98
N LEU A 94 -7.65 -70.61 5.28
CA LEU A 94 -8.96 -70.65 4.65
C LEU A 94 -9.02 -71.61 3.49
N GLN A 95 -8.02 -71.57 2.61
CA GLN A 95 -8.14 -72.24 1.32
C GLN A 95 -7.86 -73.73 1.44
N GLU A 96 -8.53 -74.38 2.38
CA GLU A 96 -8.53 -75.84 2.45
C GLU A 96 -9.96 -76.31 2.67
N ILE A 97 -10.76 -75.45 3.29
CA ILE A 97 -12.11 -75.79 3.69
C ILE A 97 -13.01 -75.90 2.46
N GLN A 98 -13.84 -76.94 2.43
CA GLN A 98 -14.79 -77.14 1.33
C GLN A 98 -16.22 -76.92 1.75
N ASN A 99 -16.61 -77.39 2.93
CA ASN A 99 -17.95 -77.19 3.45
C ASN A 99 -18.16 -75.69 3.59
N LEU A 100 -19.03 -75.13 2.75
CA LEU A 100 -19.14 -73.69 2.63
C LEU A 100 -19.61 -73.03 3.91
N THR A 101 -20.50 -73.70 4.65
CA THR A 101 -21.09 -73.07 5.81
C THR A 101 -20.12 -72.85 6.96
N VAL A 102 -19.01 -73.57 6.99
CA VAL A 102 -17.98 -73.35 8.00
C VAL A 102 -16.92 -72.36 7.52
N LYS A 103 -16.58 -72.42 6.24
CA LYS A 103 -15.76 -71.39 5.63
C LYS A 103 -16.39 -70.01 5.80
N LEU A 104 -17.68 -69.95 6.08
CA LEU A 104 -18.39 -68.70 6.27
C LEU A 104 -18.27 -68.19 7.69
N GLN A 105 -18.36 -69.08 8.67
CA GLN A 105 -18.18 -68.65 10.05
C GLN A 105 -16.73 -68.26 10.31
N LEU A 106 -15.79 -69.04 9.77
CA LEU A 106 -14.38 -68.72 10.00
C LEU A 106 -14.04 -67.32 9.52
N GLN A 107 -14.54 -66.94 8.36
CA GLN A 107 -14.28 -65.60 7.84
C GLN A 107 -14.74 -64.51 8.79
N ALA A 108 -15.70 -64.78 9.66
CA ALA A 108 -16.16 -63.78 10.60
C ALA A 108 -15.27 -63.66 11.82
N LEU A 109 -14.42 -64.66 12.07
CA LEU A 109 -13.52 -64.65 13.20
C LEU A 109 -12.12 -64.20 12.80
N GLN A 110 -11.61 -64.67 11.67
CA GLN A 110 -10.26 -64.36 11.26
C GLN A 110 -10.06 -62.88 11.04
N GLN A 111 -11.14 -62.11 10.95
CA GLN A 111 -11.02 -60.69 10.69
C GLN A 111 -10.24 -59.98 11.77
N ASN A 112 -9.06 -59.46 11.42
CA ASN A 112 -8.19 -58.84 12.41
C ASN A 112 -8.77 -57.55 12.95
N GLY A 113 -9.60 -56.87 12.16
CA GLY A 113 -10.21 -55.65 12.66
C GLY A 113 -9.18 -54.55 12.78
N SER A 114 -9.31 -53.74 13.82
CA SER A 114 -8.38 -52.64 14.02
C SER A 114 -7.19 -53.01 14.90
N SER A 115 -7.10 -54.26 15.35
CA SER A 115 -5.93 -54.68 16.11
C SER A 115 -4.68 -54.71 15.27
N VAL A 116 -4.81 -54.70 13.94
CA VAL A 116 -3.64 -54.82 13.09
C VAL A 116 -2.81 -53.55 13.11
N LEU A 117 -3.32 -52.48 13.70
CA LEU A 117 -2.57 -51.24 13.76
C LEU A 117 -1.42 -51.36 14.76
N SER A 118 -0.73 -50.25 14.97
CA SER A 118 0.28 -50.16 16.02
C SER A 118 -0.42 -50.05 17.36
N GLU A 119 0.32 -49.72 18.42
CA GLU A 119 -0.28 -49.46 19.70
C GLU A 119 -0.62 -47.99 19.88
N ASP A 120 0.38 -47.11 19.77
CA ASP A 120 0.15 -45.68 19.90
C ASP A 120 -0.86 -45.20 18.86
N LYS A 121 -0.78 -45.75 17.65
CA LYS A 121 -1.71 -45.39 16.59
C LYS A 121 -3.11 -45.82 16.95
N SER A 122 -3.25 -47.07 17.41
CA SER A 122 -4.57 -47.59 17.71
C SER A 122 -5.25 -46.83 18.84
N LYS A 123 -4.47 -46.24 19.74
CA LYS A 123 -5.08 -45.45 20.81
C LYS A 123 -5.17 -43.98 20.48
N ARG A 124 -4.45 -43.52 19.46
CA ARG A 124 -4.74 -42.21 18.90
C ARG A 124 -6.04 -42.22 18.12
N LEU A 125 -6.34 -43.33 17.45
CA LEU A 125 -7.55 -43.46 16.67
C LEU A 125 -8.78 -43.38 17.56
N ASN A 126 -8.78 -44.09 18.67
CA ASN A 126 -9.94 -44.06 19.55
C ASN A 126 -10.11 -42.69 20.15
N THR A 127 -9.01 -42.00 20.41
CA THR A 127 -9.11 -40.63 20.89
C THR A 127 -9.77 -39.73 19.86
N ILE A 128 -9.37 -39.84 18.59
CA ILE A 128 -10.02 -39.04 17.56
C ILE A 128 -11.50 -39.38 17.47
N LEU A 129 -11.84 -40.66 17.49
CA LEU A 129 -13.24 -41.02 17.37
C LEU A 129 -14.07 -40.50 18.53
N ASN A 130 -13.55 -40.60 19.75
CA ASN A 130 -14.29 -40.08 20.88
C ASN A 130 -14.33 -38.56 20.91
N THR A 131 -13.36 -37.90 20.29
CA THR A 131 -13.43 -36.45 20.24
C THR A 131 -14.41 -35.95 19.20
N MET A 132 -14.53 -36.64 18.08
CA MET A 132 -15.46 -36.21 17.05
C MET A 132 -16.90 -36.34 17.49
N SER A 133 -17.26 -37.45 18.12
CA SER A 133 -18.66 -37.62 18.51
C SER A 133 -19.06 -36.67 19.61
N THR A 134 -18.17 -36.41 20.57
CA THR A 134 -18.47 -35.45 21.62
C THR A 134 -18.74 -34.07 21.06
N ILE A 135 -17.98 -33.65 20.06
CA ILE A 135 -18.22 -32.34 19.46
C ILE A 135 -19.60 -32.29 18.85
N TYR A 136 -20.01 -33.36 18.18
CA TYR A 136 -21.31 -33.39 17.55
C TYR A 136 -22.42 -33.36 18.59
N SER A 137 -22.24 -34.09 19.67
CA SER A 137 -23.31 -34.22 20.64
C SER A 137 -23.39 -33.06 21.62
N THR A 138 -22.32 -32.31 21.81
CA THR A 138 -22.35 -31.23 22.78
C THR A 138 -22.12 -29.81 22.24
N GLY A 139 -21.59 -29.70 21.03
CA GLY A 139 -21.34 -28.38 20.49
C GLY A 139 -22.62 -27.59 20.43
N LYS A 140 -22.49 -26.28 20.60
CA LYS A 140 -23.63 -25.39 20.68
C LYS A 140 -23.29 -24.09 20.00
N VAL A 141 -24.28 -23.51 19.36
CA VAL A 141 -24.17 -22.21 18.73
C VAL A 141 -25.16 -21.27 19.39
N CYS A 142 -24.86 -19.97 19.38
CA CYS A 142 -25.75 -19.01 20.00
C CYS A 142 -25.78 -17.63 19.37
N ASN A 143 -26.88 -16.94 19.71
CA ASN A 143 -27.39 -15.80 18.98
C ASN A 143 -26.35 -14.69 18.88
N PRO A 144 -26.38 -13.94 17.81
CA PRO A 144 -25.46 -12.80 17.70
C PRO A 144 -25.91 -11.65 18.57
N ASP A 145 -27.22 -11.48 18.71
CA ASP A 145 -27.75 -10.36 19.48
C ASP A 145 -27.59 -10.56 20.98
N ASN A 146 -28.05 -11.70 21.48
CA ASN A 146 -27.98 -12.01 22.90
C ASN A 146 -27.08 -13.22 23.12
N PRO A 147 -25.79 -13.00 23.26
CA PRO A 147 -24.86 -14.13 23.24
C PRO A 147 -24.90 -14.99 24.49
N GLN A 148 -25.93 -14.81 25.30
CA GLN A 148 -26.06 -15.60 26.53
C GLN A 148 -26.93 -16.84 26.37
N GLU A 149 -27.77 -16.90 25.33
CA GLU A 149 -28.67 -18.03 25.12
C GLU A 149 -28.10 -18.94 24.03
N CYS A 150 -27.46 -20.02 24.44
CA CYS A 150 -26.83 -20.90 23.48
C CYS A 150 -27.73 -22.08 23.20
N LEU A 151 -27.66 -22.60 21.98
CA LEU A 151 -28.58 -23.61 21.47
C LEU A 151 -27.81 -24.87 21.13
N LEU A 152 -28.24 -26.00 21.67
CA LEU A 152 -27.70 -27.27 21.23
C LEU A 152 -28.25 -27.62 19.86
N LEU A 153 -27.94 -28.80 19.38
CA LEU A 153 -28.55 -29.25 18.13
C LEU A 153 -29.77 -30.12 18.38
N GLU A 154 -29.69 -31.01 19.37
CA GLU A 154 -30.70 -32.04 19.58
C GLU A 154 -32.08 -31.39 19.78
N PRO A 155 -32.32 -30.58 20.81
CA PRO A 155 -33.51 -29.73 20.75
C PRO A 155 -33.14 -28.35 20.25
N GLY A 156 -34.10 -27.59 19.77
CA GLY A 156 -33.81 -26.21 19.46
C GLY A 156 -33.34 -25.94 18.06
N LEU A 157 -32.13 -26.37 17.73
CA LEU A 157 -31.63 -26.11 16.40
C LEU A 157 -32.33 -26.94 15.35
N ASN A 158 -32.79 -28.14 15.70
CA ASN A 158 -33.56 -28.93 14.75
C ASN A 158 -34.94 -28.36 14.53
N GLU A 159 -35.63 -27.98 15.60
CA GLU A 159 -36.98 -27.46 15.45
C GLU A 159 -37.00 -26.15 14.71
N ILE A 160 -35.93 -25.36 14.77
CA ILE A 160 -35.87 -24.14 13.97
C ILE A 160 -35.92 -24.48 12.49
N MET A 161 -35.03 -25.37 12.05
CA MET A 161 -35.00 -25.73 10.64
C MET A 161 -36.23 -26.51 10.22
N ALA A 162 -36.90 -27.20 11.13
CA ALA A 162 -38.04 -28.01 10.76
C ALA A 162 -39.37 -27.29 10.87
N ASN A 163 -39.42 -26.14 11.52
CA ASN A 163 -40.68 -25.44 11.68
C ASN A 163 -40.70 -24.03 11.12
N SER A 164 -39.57 -23.33 11.09
CA SER A 164 -39.59 -21.93 10.70
C SER A 164 -40.02 -21.72 9.27
N LEU A 165 -40.47 -20.50 9.00
CA LEU A 165 -40.72 -20.03 7.64
C LEU A 165 -40.02 -18.71 7.37
N ASP A 166 -39.08 -18.33 8.24
CA ASP A 166 -38.37 -17.08 8.13
C ASP A 166 -37.03 -17.32 7.45
N TYR A 167 -36.84 -16.70 6.29
CA TYR A 167 -35.62 -16.94 5.53
C TYR A 167 -34.38 -16.65 6.35
N ASN A 168 -34.33 -15.48 6.98
CA ASN A 168 -33.10 -15.09 7.68
C ASN A 168 -32.81 -16.00 8.87
N GLU A 169 -33.82 -16.44 9.59
CA GLU A 169 -33.56 -17.31 10.72
C GLU A 169 -33.01 -18.66 10.28
N ARG A 170 -33.63 -19.26 9.27
CA ARG A 170 -33.10 -20.51 8.74
C ARG A 170 -31.68 -20.34 8.26
N LEU A 171 -31.40 -19.28 7.51
CA LEU A 171 -30.04 -19.08 7.03
C LEU A 171 -29.06 -18.91 8.17
N TRP A 172 -29.42 -18.15 9.20
CA TRP A 172 -28.52 -18.02 10.33
C TRP A 172 -28.20 -19.36 10.95
N ALA A 173 -29.23 -20.16 11.21
CA ALA A 173 -28.97 -21.46 11.82
C ALA A 173 -28.11 -22.34 10.92
N TRP A 174 -28.46 -22.43 9.65
CA TRP A 174 -27.75 -23.31 8.73
C TRP A 174 -26.29 -22.92 8.64
N GLU A 175 -26.00 -21.64 8.56
CA GLU A 175 -24.61 -21.24 8.41
C GLU A 175 -23.85 -21.38 9.72
N SER A 176 -24.46 -20.99 10.83
CA SER A 176 -23.72 -21.01 12.09
C SER A 176 -23.43 -22.42 12.57
N TRP A 177 -24.31 -23.38 12.31
CA TRP A 177 -23.98 -24.74 12.72
C TRP A 177 -22.78 -25.26 11.95
N ARG A 178 -22.66 -24.89 10.68
CA ARG A 178 -21.53 -25.38 9.91
C ARG A 178 -20.27 -24.60 10.23
N SER A 179 -20.41 -23.37 10.69
CA SER A 179 -19.22 -22.57 10.95
C SER A 179 -18.65 -22.86 12.33
N GLU A 180 -19.48 -22.93 13.35
CA GLU A 180 -18.93 -23.05 14.71
C GLU A 180 -18.81 -24.51 15.13
N VAL A 181 -19.18 -25.45 14.27
CA VAL A 181 -18.94 -26.85 14.56
C VAL A 181 -18.18 -27.55 13.45
N GLY A 182 -18.54 -27.33 12.18
CA GLY A 182 -17.77 -27.92 11.12
C GLY A 182 -16.30 -27.56 11.20
N LYS A 183 -15.99 -26.30 11.47
CA LYS A 183 -14.61 -25.86 11.52
C LYS A 183 -13.79 -26.63 12.53
N GLN A 184 -14.41 -27.23 13.54
CA GLN A 184 -13.66 -27.98 14.52
C GLN A 184 -13.34 -29.38 14.03
N LEU A 185 -14.26 -29.96 13.27
CA LEU A 185 -14.13 -31.35 12.87
C LEU A 185 -13.16 -31.53 11.72
N ARG A 186 -12.73 -30.45 11.10
CA ARG A 186 -11.93 -30.62 9.91
C ARG A 186 -10.55 -31.19 10.20
N PRO A 187 -9.76 -30.59 11.10
CA PRO A 187 -8.44 -31.16 11.36
C PRO A 187 -8.49 -32.53 11.98
N LEU A 188 -9.62 -32.91 12.56
CA LEU A 188 -9.73 -34.27 13.08
C LEU A 188 -10.08 -35.25 11.98
N TYR A 189 -10.98 -34.88 11.08
CA TYR A 189 -11.32 -35.76 9.99
C TYR A 189 -10.12 -36.00 9.09
N GLU A 190 -9.28 -35.00 8.91
CA GLU A 190 -8.10 -35.20 8.09
C GLU A 190 -7.18 -36.28 8.65
N GLU A 191 -7.13 -36.42 9.96
CA GLU A 191 -6.33 -37.47 10.58
C GLU A 191 -7.05 -38.80 10.55
N TYR A 192 -8.37 -38.76 10.73
CA TYR A 192 -9.18 -39.98 10.75
C TYR A 192 -9.07 -40.70 9.43
N VAL A 193 -9.11 -39.96 8.33
CA VAL A 193 -8.98 -40.56 7.01
C VAL A 193 -7.67 -41.34 6.93
N VAL A 194 -6.58 -40.69 7.30
CA VAL A 194 -5.25 -41.26 7.15
C VAL A 194 -5.12 -42.52 7.98
N LEU A 195 -5.58 -42.47 9.22
CA LEU A 195 -5.42 -43.64 10.09
C LEU A 195 -6.28 -44.80 9.60
N LYS A 196 -7.55 -44.53 9.30
CA LYS A 196 -8.41 -45.60 8.83
C LYS A 196 -7.91 -46.21 7.55
N ASN A 197 -7.22 -45.43 6.71
CA ASN A 197 -6.69 -45.99 5.49
C ASN A 197 -5.59 -47.00 5.76
N GLU A 198 -4.72 -46.73 6.73
CA GLU A 198 -3.71 -47.71 7.09
C GLU A 198 -4.35 -48.95 7.69
N MET A 199 -5.36 -48.75 8.54
CA MET A 199 -6.03 -49.87 9.16
C MET A 199 -6.64 -50.79 8.11
N ALA A 200 -6.96 -50.24 6.95
CA ALA A 200 -7.59 -51.03 5.89
C ALA A 200 -6.51 -51.68 5.02
N ARG A 201 -5.51 -50.91 4.64
CA ARG A 201 -4.46 -51.45 3.79
C ARG A 201 -3.71 -52.58 4.49
N ALA A 202 -3.66 -52.54 5.80
CA ALA A 202 -3.01 -53.66 6.47
C ALA A 202 -3.89 -54.87 6.56
N ASN A 203 -5.07 -54.87 5.95
CA ASN A 203 -5.94 -56.02 5.92
C ASN A 203 -6.16 -56.54 4.51
N HIS A 204 -5.30 -56.15 3.58
CA HIS A 204 -5.38 -56.61 2.19
C HIS A 204 -6.59 -56.03 1.48
N TYR A 205 -7.00 -54.84 1.89
CA TYR A 205 -7.98 -54.06 1.17
C TYR A 205 -7.28 -52.87 0.52
N GLU A 206 -7.92 -52.27 -0.46
CA GLU A 206 -7.29 -51.14 -1.14
C GLU A 206 -7.33 -49.89 -0.29
N ASP A 207 -8.41 -49.70 0.44
CA ASP A 207 -8.58 -48.52 1.29
C ASP A 207 -9.81 -48.76 2.15
N TYR A 208 -10.20 -47.76 2.93
CA TYR A 208 -11.38 -47.92 3.76
C TYR A 208 -12.63 -48.07 2.91
N GLY A 209 -12.71 -47.31 1.83
CA GLY A 209 -13.85 -47.45 0.93
C GLY A 209 -14.06 -48.90 0.51
N ASP A 210 -13.02 -49.51 -0.04
CA ASP A 210 -13.11 -50.92 -0.40
C ASP A 210 -13.32 -51.81 0.80
N TYR A 211 -13.03 -51.34 2.00
CA TYR A 211 -13.37 -52.13 3.17
C TYR A 211 -14.86 -52.13 3.45
N TRP A 212 -15.52 -51.01 3.25
CA TRP A 212 -16.95 -50.91 3.54
C TRP A 212 -17.80 -51.71 2.58
N ARG A 213 -17.44 -51.76 1.30
CA ARG A 213 -18.14 -52.59 0.35
C ARG A 213 -17.83 -54.06 0.55
N GLY A 214 -17.15 -54.41 1.62
CA GLY A 214 -16.89 -55.79 1.92
C GLY A 214 -18.09 -56.54 2.40
N ASP A 215 -19.22 -55.87 2.56
CA ASP A 215 -20.43 -56.54 3.01
C ASP A 215 -21.21 -57.15 1.86
N TYR A 216 -21.11 -56.58 0.67
CA TYR A 216 -21.87 -57.05 -0.46
C TYR A 216 -21.10 -58.03 -1.33
N GLU A 217 -20.01 -58.59 -0.82
CA GLU A 217 -19.13 -59.42 -1.65
C GLU A 217 -19.45 -60.89 -1.44
N VAL A 218 -19.45 -61.64 -2.54
CA VAL A 218 -19.66 -63.08 -2.52
C VAL A 218 -18.56 -63.72 -3.35
N ASN A 219 -18.11 -64.91 -2.95
CA ASN A 219 -16.98 -65.54 -3.62
C ASN A 219 -17.23 -67.02 -3.86
N GLY A 220 -17.05 -67.42 -5.13
CA GLY A 220 -17.06 -68.81 -5.54
C GLY A 220 -18.30 -69.61 -5.24
N VAL A 221 -19.44 -69.24 -5.83
CA VAL A 221 -20.65 -70.04 -5.66
C VAL A 221 -21.30 -70.29 -7.02
N ASP A 222 -20.53 -70.21 -8.10
CA ASP A 222 -21.03 -70.57 -9.43
C ASP A 222 -22.23 -69.76 -9.89
N GLY A 223 -22.03 -68.47 -10.18
CA GLY A 223 -23.07 -67.66 -10.76
C GLY A 223 -23.68 -66.67 -9.81
N TYR A 224 -23.40 -66.79 -8.52
CA TYR A 224 -23.88 -65.85 -7.53
C TYR A 224 -22.74 -64.97 -7.02
N ASP A 225 -21.66 -64.86 -7.77
CA ASP A 225 -20.54 -64.06 -7.31
C ASP A 225 -20.85 -62.58 -7.42
N TYR A 226 -20.12 -61.79 -6.66
CA TYR A 226 -20.35 -60.35 -6.60
C TYR A 226 -19.08 -59.71 -6.05
N SER A 227 -18.40 -58.94 -6.88
CA SER A 227 -17.12 -58.36 -6.52
C SER A 227 -17.34 -56.99 -5.92
N ARG A 228 -16.49 -56.61 -4.97
CA ARG A 228 -16.60 -55.33 -4.29
C ARG A 228 -16.57 -54.17 -5.26
N GLY A 229 -16.07 -54.40 -6.46
CA GLY A 229 -16.08 -53.35 -7.46
C GLY A 229 -17.36 -53.23 -8.23
N GLN A 230 -18.15 -54.29 -8.30
CA GLN A 230 -19.41 -54.22 -9.02
C GLN A 230 -20.41 -53.32 -8.34
N LEU A 231 -20.32 -53.17 -7.01
CA LEU A 231 -21.29 -52.36 -6.30
C LEU A 231 -21.34 -50.96 -6.85
N ILE A 232 -20.19 -50.39 -7.20
CA ILE A 232 -20.20 -49.06 -7.76
C ILE A 232 -20.92 -49.03 -9.09
N GLU A 233 -20.70 -50.03 -9.94
CA GLU A 233 -21.40 -50.06 -11.21
C GLU A 233 -22.90 -50.16 -11.01
N ASP A 234 -23.36 -51.06 -10.13
CA ASP A 234 -24.79 -51.16 -9.91
C ASP A 234 -25.38 -49.90 -9.34
N VAL A 235 -24.74 -49.29 -8.34
CA VAL A 235 -25.31 -48.08 -7.78
C VAL A 235 -25.36 -46.98 -8.81
N GLU A 236 -24.31 -46.80 -9.60
CA GLU A 236 -24.32 -45.73 -10.58
C GLU A 236 -25.19 -46.05 -11.78
N HIS A 237 -25.57 -47.29 -11.95
CA HIS A 237 -26.38 -47.66 -13.11
C HIS A 237 -27.86 -47.68 -12.81
N THR A 238 -28.26 -47.97 -11.57
CA THR A 238 -29.66 -47.84 -11.22
C THR A 238 -30.04 -46.41 -10.92
N PHE A 239 -29.08 -45.56 -10.59
CA PHE A 239 -29.45 -44.19 -10.32
C PHE A 239 -29.80 -43.43 -11.59
N GLU A 240 -29.32 -43.84 -12.74
CA GLU A 240 -29.66 -43.13 -13.97
C GLU A 240 -31.09 -43.36 -14.39
N GLU A 241 -31.84 -44.20 -13.69
CA GLU A 241 -33.25 -44.37 -13.99
C GLU A 241 -34.16 -43.62 -13.03
N ILE A 242 -33.64 -43.18 -11.89
CA ILE A 242 -34.42 -42.36 -10.99
C ILE A 242 -34.29 -40.89 -11.33
N LYS A 243 -33.35 -40.54 -12.17
CA LYS A 243 -33.18 -39.14 -12.50
C LYS A 243 -34.39 -38.56 -13.23
N PRO A 244 -35.06 -39.29 -14.12
CA PRO A 244 -36.25 -38.72 -14.75
C PRO A 244 -37.36 -38.39 -13.76
N LEU A 245 -37.56 -39.22 -12.75
CA LEU A 245 -38.60 -38.93 -11.78
C LEU A 245 -38.17 -37.88 -10.76
N TYR A 246 -36.93 -37.97 -10.29
CA TYR A 246 -36.44 -36.95 -9.39
C TYR A 246 -36.40 -35.58 -10.02
N GLU A 247 -36.15 -35.48 -11.33
CA GLU A 247 -36.16 -34.18 -11.95
C GLU A 247 -37.52 -33.53 -11.88
N HIS A 248 -38.58 -34.26 -12.17
CA HIS A 248 -39.91 -33.71 -12.06
C HIS A 248 -40.30 -33.41 -10.63
N LEU A 249 -40.02 -34.30 -9.71
CA LEU A 249 -40.30 -33.99 -8.31
C LEU A 249 -39.55 -32.76 -7.84
N HIS A 250 -38.35 -32.53 -8.33
CA HIS A 250 -37.59 -31.35 -7.97
C HIS A 250 -38.12 -30.11 -8.63
N ALA A 251 -38.57 -30.19 -9.87
CA ALA A 251 -39.14 -29.04 -10.54
C ALA A 251 -40.50 -28.68 -10.02
N TYR A 252 -41.20 -29.61 -9.39
CA TYR A 252 -42.50 -29.28 -8.82
C TYR A 252 -42.35 -28.62 -7.47
N VAL A 253 -41.48 -29.13 -6.62
CA VAL A 253 -41.24 -28.49 -5.34
C VAL A 253 -40.69 -27.09 -5.51
N ARG A 254 -39.83 -26.86 -6.49
CA ARG A 254 -39.32 -25.52 -6.71
C ARG A 254 -40.43 -24.56 -7.08
N ALA A 255 -41.39 -24.99 -7.90
CA ALA A 255 -42.48 -24.11 -8.27
C ALA A 255 -43.39 -23.79 -7.10
N LYS A 256 -43.41 -24.61 -6.07
CA LYS A 256 -44.24 -24.35 -4.90
C LYS A 256 -43.50 -23.61 -3.81
N LEU A 257 -42.18 -23.54 -3.88
CA LEU A 257 -41.43 -22.73 -2.93
C LEU A 257 -41.36 -21.28 -3.35
N MET A 258 -41.53 -20.98 -4.63
CA MET A 258 -41.54 -19.60 -5.08
C MET A 258 -42.80 -18.87 -4.68
N ASN A 259 -43.62 -19.44 -3.82
CA ASN A 259 -44.78 -18.74 -3.32
C ASN A 259 -44.62 -18.52 -1.82
N ALA A 260 -43.79 -19.33 -1.19
CA ALA A 260 -43.53 -19.16 0.23
C ALA A 260 -42.32 -18.29 0.49
N TYR A 261 -41.34 -18.29 -0.41
CA TYR A 261 -40.18 -17.42 -0.33
C TYR A 261 -40.01 -16.74 -1.67
N PRO A 262 -40.85 -15.75 -1.97
CA PRO A 262 -40.73 -15.05 -3.26
C PRO A 262 -39.46 -14.21 -3.27
N SER A 263 -38.95 -13.95 -4.47
CA SER A 263 -37.79 -13.08 -4.66
C SER A 263 -36.52 -13.69 -4.08
N TYR A 264 -36.54 -14.99 -3.80
CA TYR A 264 -35.36 -15.68 -3.30
C TYR A 264 -34.98 -16.90 -4.11
N ILE A 265 -35.84 -17.38 -4.99
CA ILE A 265 -35.59 -18.60 -5.74
C ILE A 265 -35.84 -18.31 -7.21
N SER A 266 -34.83 -18.53 -8.01
CA SER A 266 -35.02 -18.32 -9.43
C SER A 266 -35.56 -19.59 -10.07
N PRO A 267 -36.47 -19.47 -11.05
CA PRO A 267 -37.17 -20.63 -11.56
C PRO A 267 -36.41 -21.43 -12.60
N ILE A 268 -35.10 -21.26 -12.73
CA ILE A 268 -34.32 -22.15 -13.58
C ILE A 268 -33.07 -22.61 -12.84
N GLY A 269 -32.94 -22.21 -11.58
CA GLY A 269 -31.79 -22.53 -10.78
C GLY A 269 -32.01 -23.73 -9.89
N CYS A 270 -31.10 -23.89 -8.93
CA CYS A 270 -31.23 -24.95 -7.95
C CYS A 270 -32.06 -24.42 -6.78
N LEU A 271 -32.11 -25.18 -5.69
CA LEU A 271 -32.79 -24.76 -4.49
C LEU A 271 -31.74 -24.38 -3.45
N PRO A 272 -31.88 -23.27 -2.77
CA PRO A 272 -30.94 -22.95 -1.70
C PRO A 272 -30.94 -24.07 -0.68
N ALA A 273 -29.79 -24.34 -0.09
CA ALA A 273 -29.65 -25.53 0.71
C ALA A 273 -30.36 -25.44 2.05
N HIS A 274 -30.73 -24.26 2.49
CA HIS A 274 -31.31 -24.13 3.82
C HIS A 274 -32.83 -24.10 3.80
N LEU A 275 -33.46 -24.24 2.65
CA LEU A 275 -34.91 -24.21 2.55
C LEU A 275 -35.45 -25.60 2.27
N LEU A 276 -34.86 -26.62 2.86
CA LEU A 276 -35.23 -27.99 2.57
C LEU A 276 -35.75 -28.73 3.79
N GLY A 277 -36.37 -28.03 4.72
CA GLY A 277 -37.01 -28.74 5.81
C GLY A 277 -36.07 -29.21 6.89
N ASP A 278 -34.97 -29.83 6.51
CA ASP A 278 -34.07 -30.40 7.49
C ASP A 278 -32.75 -29.67 7.47
N MET A 279 -31.93 -29.90 8.49
CA MET A 279 -30.67 -29.17 8.59
C MET A 279 -29.73 -29.50 7.46
N TRP A 280 -29.74 -30.73 6.96
CA TRP A 280 -28.86 -31.12 5.88
C TRP A 280 -29.56 -31.28 4.55
N GLY A 281 -30.84 -31.57 4.56
CA GLY A 281 -31.56 -31.87 3.34
C GLY A 281 -31.73 -33.34 3.09
N ARG A 282 -31.63 -34.16 4.12
CA ARG A 282 -31.71 -35.61 3.92
C ARG A 282 -33.12 -36.03 3.54
N PHE A 283 -34.10 -35.56 4.30
CA PHE A 283 -35.49 -35.84 4.00
C PHE A 283 -36.22 -34.54 3.70
N TRP A 284 -37.06 -34.57 2.68
CA TRP A 284 -37.87 -33.42 2.34
C TRP A 284 -39.23 -33.46 3.01
N THR A 285 -39.39 -34.26 4.05
CA THR A 285 -40.71 -34.50 4.61
C THR A 285 -41.33 -33.22 5.14
N ASN A 286 -40.51 -32.36 5.74
CA ASN A 286 -41.06 -31.18 6.40
C ASN A 286 -41.49 -30.13 5.40
N LEU A 287 -41.45 -30.45 4.11
CA LEU A 287 -41.99 -29.58 3.09
C LEU A 287 -43.41 -29.99 2.72
N TYR A 288 -44.02 -30.90 3.46
CA TYR A 288 -45.35 -31.30 3.06
C TYR A 288 -46.34 -30.16 3.18
N SER A 289 -46.33 -29.44 4.29
CA SER A 289 -47.33 -28.41 4.50
C SER A 289 -47.28 -27.30 3.46
N LEU A 290 -46.15 -27.12 2.78
CA LEU A 290 -46.07 -26.12 1.73
C LEU A 290 -46.42 -26.67 0.36
N THR A 291 -46.38 -27.98 0.18
CA THR A 291 -46.47 -28.57 -1.15
C THR A 291 -47.64 -29.52 -1.31
N VAL A 292 -48.57 -29.55 -0.37
CA VAL A 292 -49.69 -30.49 -0.45
C VAL A 292 -50.48 -30.17 -1.71
N PRO A 293 -50.74 -31.14 -2.56
CA PRO A 293 -51.43 -30.86 -3.81
C PRO A 293 -52.85 -30.34 -3.60
N PHE A 294 -53.68 -31.08 -2.87
CA PHE A 294 -55.05 -30.66 -2.62
C PHE A 294 -55.22 -30.43 -1.13
N GLY A 295 -55.01 -29.20 -0.71
CA GLY A 295 -54.97 -28.88 0.70
C GLY A 295 -56.28 -29.06 1.44
N GLN A 296 -57.40 -29.14 0.73
CA GLN A 296 -58.69 -29.21 1.42
C GLN A 296 -58.95 -30.62 1.94
N LYS A 297 -58.69 -31.64 1.13
CA LYS A 297 -58.96 -32.99 1.55
C LYS A 297 -57.95 -33.43 2.62
N PRO A 298 -58.40 -33.93 3.74
CA PRO A 298 -57.47 -34.39 4.77
C PRO A 298 -57.00 -35.81 4.49
N ASN A 299 -55.81 -36.15 4.95
CA ASN A 299 -55.33 -37.51 4.75
C ASN A 299 -56.05 -38.46 5.69
N ILE A 300 -55.81 -39.75 5.50
CA ILE A 300 -56.47 -40.78 6.29
C ILE A 300 -55.77 -40.87 7.64
N ASP A 301 -56.52 -40.56 8.70
CA ASP A 301 -56.01 -40.66 10.06
C ASP A 301 -57.06 -41.36 10.91
N VAL A 302 -56.61 -42.24 11.79
CA VAL A 302 -57.53 -43.00 12.62
C VAL A 302 -57.11 -42.93 14.08
N THR A 303 -56.29 -41.94 14.43
CA THR A 303 -55.91 -41.78 15.82
C THR A 303 -57.11 -41.52 16.72
N ASP A 304 -58.26 -41.21 16.13
CA ASP A 304 -59.47 -40.92 16.89
C ASP A 304 -60.41 -42.10 16.96
N ALA A 305 -60.52 -42.88 15.89
CA ALA A 305 -61.37 -44.06 15.94
C ALA A 305 -60.81 -45.12 16.86
N MET A 306 -59.55 -44.97 17.29
CA MET A 306 -59.01 -45.87 18.30
C MET A 306 -59.43 -45.45 19.70
N VAL A 307 -59.49 -44.15 19.95
CA VAL A 307 -59.88 -43.67 21.27
C VAL A 307 -61.35 -43.98 21.53
N ASP A 308 -62.20 -43.73 20.54
CA ASP A 308 -63.63 -43.96 20.72
C ASP A 308 -63.93 -45.44 20.95
N GLN A 309 -63.06 -46.32 20.47
CA GLN A 309 -63.23 -47.74 20.69
C GLN A 309 -62.34 -48.27 21.82
N ALA A 310 -61.69 -47.37 22.56
CA ALA A 310 -60.92 -47.75 23.74
C ALA A 310 -59.83 -48.77 23.42
N TRP A 311 -58.86 -48.38 22.62
CA TRP A 311 -57.74 -49.25 22.25
C TRP A 311 -56.57 -48.92 23.15
N ASP A 312 -56.24 -49.86 24.04
CA ASP A 312 -55.08 -49.70 24.89
C ASP A 312 -53.86 -50.32 24.19
N ALA A 313 -52.68 -50.09 24.76
CA ALA A 313 -51.47 -50.56 24.10
C ALA A 313 -51.25 -52.05 24.38
N GLN A 314 -52.31 -52.80 24.22
CA GLN A 314 -52.27 -54.25 24.12
C GLN A 314 -53.16 -54.80 23.03
N ARG A 315 -54.21 -54.07 22.65
CA ARG A 315 -55.00 -54.47 21.49
C ARG A 315 -54.23 -54.19 20.22
N ILE A 316 -53.35 -53.19 20.25
CA ILE A 316 -52.44 -52.94 19.14
C ILE A 316 -51.59 -54.15 18.82
N PHE A 317 -50.76 -54.58 19.77
CA PHE A 317 -49.85 -55.68 19.54
C PHE A 317 -50.56 -57.01 19.35
N LYS A 318 -51.83 -57.10 19.73
CA LYS A 318 -52.60 -58.26 19.34
C LYS A 318 -53.03 -58.20 17.89
N GLU A 319 -53.42 -57.01 17.41
CA GLU A 319 -53.76 -56.88 16.00
C GLU A 319 -52.55 -57.14 15.11
N ALA A 320 -51.37 -56.67 15.52
CA ALA A 320 -50.18 -56.93 14.75
C ALA A 320 -49.90 -58.43 14.66
N GLU A 321 -49.95 -59.11 15.80
CA GLU A 321 -49.73 -60.55 15.81
C GLU A 321 -50.75 -61.26 14.92
N LYS A 322 -52.00 -60.81 14.95
CA LYS A 322 -53.00 -61.45 14.12
C LYS A 322 -52.71 -61.22 12.64
N PHE A 323 -52.29 -60.02 12.28
CA PHE A 323 -51.92 -59.75 10.90
C PHE A 323 -50.81 -60.69 10.46
N PHE A 324 -49.82 -60.90 11.32
CA PHE A 324 -48.71 -61.76 10.93
C PHE A 324 -49.16 -63.21 10.83
N VAL A 325 -50.04 -63.64 11.71
CA VAL A 325 -50.53 -65.02 11.66
C VAL A 325 -51.31 -65.25 10.38
N SER A 326 -52.07 -64.26 9.96
CA SER A 326 -52.88 -64.37 8.76
C SER A 326 -52.03 -64.70 7.54
N VAL A 327 -50.82 -64.17 7.49
CA VAL A 327 -49.95 -64.41 6.34
C VAL A 327 -49.47 -65.85 6.34
N GLY A 328 -49.24 -66.42 7.50
CA GLY A 328 -48.78 -67.79 7.58
C GLY A 328 -47.65 -67.97 8.57
N LEU A 329 -46.99 -66.88 8.92
CA LEU A 329 -45.91 -66.89 9.89
C LEU A 329 -46.44 -67.38 11.23
N PRO A 330 -45.58 -67.79 12.16
CA PRO A 330 -46.09 -68.37 13.41
C PRO A 330 -46.47 -67.33 14.46
N ASN A 331 -47.06 -67.81 15.55
CA ASN A 331 -47.51 -66.98 16.65
C ASN A 331 -46.34 -66.29 17.34
N MET A 332 -46.64 -65.46 18.33
CA MET A 332 -45.61 -65.00 19.24
C MET A 332 -45.32 -66.11 20.25
N THR A 333 -44.54 -65.80 21.28
CA THR A 333 -44.22 -66.77 22.31
C THR A 333 -44.49 -66.19 23.67
N GLN A 334 -44.76 -67.06 24.65
CA GLN A 334 -45.12 -66.63 25.99
C GLN A 334 -44.15 -65.60 26.53
N GLY A 335 -42.86 -65.93 26.49
CA GLY A 335 -41.83 -65.04 26.98
C GLY A 335 -41.94 -63.67 26.38
N PHE A 336 -42.42 -63.59 25.14
CA PHE A 336 -42.56 -62.30 24.48
C PHE A 336 -43.61 -61.46 25.19
N TRP A 337 -44.76 -62.04 25.49
CA TRP A 337 -45.78 -61.31 26.23
C TRP A 337 -45.34 -60.98 27.64
N GLU A 338 -44.64 -61.90 28.30
CA GLU A 338 -44.26 -61.70 29.68
C GLU A 338 -43.27 -60.55 29.86
N ASN A 339 -42.05 -60.75 29.39
CA ASN A 339 -40.96 -59.85 29.74
C ASN A 339 -40.71 -58.78 28.69
N SER A 340 -41.70 -57.96 28.38
CA SER A 340 -41.52 -56.86 27.44
C SER A 340 -42.03 -55.56 28.04
N MET A 341 -41.77 -54.47 27.33
CA MET A 341 -42.05 -53.14 27.86
C MET A 341 -43.06 -52.40 27.01
N LEU A 342 -44.16 -53.06 26.66
CA LEU A 342 -45.17 -52.50 25.77
C LEU A 342 -45.75 -51.19 26.24
N THR A 343 -45.47 -50.75 27.47
CA THR A 343 -46.08 -49.55 28.00
C THR A 343 -45.03 -48.75 28.73
N ASP A 344 -45.23 -47.46 28.78
CA ASP A 344 -44.33 -46.68 29.60
C ASP A 344 -44.70 -46.86 31.06
N PRO A 345 -43.71 -47.06 31.94
CA PRO A 345 -44.01 -47.20 33.36
C PRO A 345 -44.72 -46.00 33.94
N GLY A 346 -44.25 -44.79 33.60
CA GLY A 346 -44.88 -43.56 33.98
C GLY A 346 -44.28 -42.89 35.20
N ASN A 347 -43.93 -43.65 36.23
CA ASN A 347 -43.33 -43.06 37.42
C ASN A 347 -41.87 -42.76 37.16
N VAL A 348 -41.11 -42.44 38.20
CA VAL A 348 -39.71 -42.06 38.02
C VAL A 348 -38.88 -43.31 37.76
N GLN A 349 -39.53 -44.47 37.71
CA GLN A 349 -38.88 -45.67 37.20
C GLN A 349 -38.53 -45.38 35.75
N LYS A 350 -37.24 -45.18 35.50
CA LYS A 350 -36.84 -44.54 34.26
C LYS A 350 -36.42 -45.57 33.23
N ALA A 351 -36.60 -45.20 31.96
CA ALA A 351 -36.32 -46.07 30.84
C ALA A 351 -36.18 -45.26 29.56
N VAL A 352 -35.63 -45.85 28.53
CA VAL A 352 -35.56 -45.23 27.21
C VAL A 352 -36.57 -45.91 26.30
N CYS A 353 -37.34 -45.12 25.57
CA CYS A 353 -38.33 -45.69 24.66
C CYS A 353 -38.02 -45.50 23.19
N HIS A 354 -36.76 -45.38 22.81
CA HIS A 354 -36.44 -45.57 21.41
C HIS A 354 -36.85 -46.98 21.02
N PRO A 355 -37.89 -47.16 20.20
CA PRO A 355 -38.47 -48.48 20.01
C PRO A 355 -37.48 -49.44 19.38
N THR A 356 -37.23 -50.55 20.07
CA THR A 356 -36.30 -51.55 19.52
C THR A 356 -36.79 -52.96 19.76
N ALA A 357 -36.37 -53.88 18.89
CA ALA A 357 -36.59 -55.30 19.09
C ALA A 357 -35.32 -55.92 19.65
N TRP A 358 -35.48 -56.89 20.54
CA TRP A 358 -34.36 -57.48 21.25
C TRP A 358 -34.39 -58.99 21.06
N ASP A 359 -33.20 -59.53 20.79
CA ASP A 359 -32.98 -60.93 20.42
C ASP A 359 -31.94 -61.51 21.36
N LEU A 360 -32.20 -61.45 22.67
CA LEU A 360 -31.22 -61.82 23.67
C LEU A 360 -30.70 -63.24 23.47
N GLY A 361 -31.27 -63.98 22.54
CA GLY A 361 -30.75 -65.29 22.23
C GLY A 361 -31.24 -66.33 23.20
N LYS A 362 -30.89 -67.59 22.92
CA LYS A 362 -31.25 -68.73 23.75
C LYS A 362 -32.74 -69.01 23.68
N GLY A 363 -33.50 -68.14 23.00
CA GLY A 363 -34.89 -68.44 22.76
C GLY A 363 -35.92 -67.47 23.31
N ASP A 364 -35.51 -66.25 23.66
CA ASP A 364 -36.46 -65.23 24.07
C ASP A 364 -36.27 -64.01 23.18
N PHE A 365 -37.37 -63.32 22.90
CA PHE A 365 -37.36 -62.08 22.13
C PHE A 365 -38.28 -61.11 22.84
N ARG A 366 -37.98 -59.82 22.74
CA ARG A 366 -38.82 -58.86 23.44
C ARG A 366 -38.70 -57.48 22.84
N ILE A 367 -39.82 -56.77 22.78
CA ILE A 367 -39.86 -55.43 22.23
C ILE A 367 -39.73 -54.43 23.37
N LEU A 368 -39.30 -53.22 23.04
CA LEU A 368 -39.22 -52.16 24.04
C LEU A 368 -39.64 -50.86 23.38
N MET A 369 -40.75 -50.31 23.87
CA MET A 369 -41.24 -49.03 23.38
C MET A 369 -42.34 -48.47 24.26
N CYS A 370 -42.26 -47.19 24.59
CA CYS A 370 -43.32 -46.49 25.29
C CYS A 370 -44.45 -46.22 24.30
N THR A 371 -45.45 -47.10 24.29
CA THR A 371 -46.52 -47.00 23.31
C THR A 371 -47.52 -45.93 23.70
N LYS A 372 -47.87 -45.10 22.73
CA LYS A 372 -48.95 -44.12 22.85
C LYS A 372 -50.06 -44.59 21.92
N VAL A 373 -51.31 -44.38 22.31
CA VAL A 373 -52.39 -44.68 21.39
C VAL A 373 -52.39 -43.60 20.31
N THR A 374 -51.99 -43.98 19.11
CA THR A 374 -51.83 -43.10 17.98
C THR A 374 -51.96 -43.94 16.71
N MET A 375 -51.67 -43.35 15.57
CA MET A 375 -51.55 -44.11 14.33
C MET A 375 -50.10 -44.41 13.99
N ASP A 376 -49.22 -43.43 14.12
CA ASP A 376 -47.82 -43.63 13.79
C ASP A 376 -47.17 -44.66 14.70
N ASP A 377 -47.82 -44.97 15.81
CA ASP A 377 -47.39 -46.09 16.63
C ASP A 377 -48.07 -47.39 16.26
N PHE A 378 -49.30 -47.34 15.76
CA PHE A 378 -49.91 -48.53 15.21
C PHE A 378 -49.13 -49.08 14.03
N LEU A 379 -48.31 -48.25 13.38
CA LEU A 379 -47.44 -48.74 12.32
C LEU A 379 -46.10 -49.21 12.88
N THR A 380 -45.50 -48.41 13.76
CA THR A 380 -44.24 -48.82 14.38
C THR A 380 -44.36 -50.17 15.07
N ALA A 381 -45.52 -50.49 15.62
CA ALA A 381 -45.73 -51.83 16.14
C ALA A 381 -45.49 -52.90 15.10
N HIS A 382 -46.12 -52.76 13.94
CA HIS A 382 -45.91 -53.71 12.84
C HIS A 382 -44.47 -53.73 12.41
N HIS A 383 -43.83 -52.57 12.33
CA HIS A 383 -42.43 -52.51 11.95
C HIS A 383 -41.59 -53.37 12.88
N GLU A 384 -41.66 -53.12 14.19
CA GLU A 384 -40.82 -53.84 15.13
C GLU A 384 -41.14 -55.33 15.14
N MET A 385 -42.43 -55.67 15.08
CA MET A 385 -42.77 -57.08 15.03
C MET A 385 -42.22 -57.68 13.76
N GLY A 386 -41.94 -56.85 12.76
CA GLY A 386 -41.25 -57.34 11.59
C GLY A 386 -39.87 -57.88 11.91
N HIS A 387 -39.05 -57.07 12.58
CA HIS A 387 -37.76 -57.55 13.03
C HIS A 387 -37.90 -58.82 13.85
N ILE A 388 -38.87 -58.84 14.77
CA ILE A 388 -39.00 -60.00 15.64
C ILE A 388 -39.33 -61.25 14.84
N GLN A 389 -40.24 -61.13 13.88
CA GLN A 389 -40.57 -62.27 13.05
C GLN A 389 -39.41 -62.68 12.16
N TYR A 390 -38.51 -61.76 11.86
CA TYR A 390 -37.29 -62.14 11.18
C TYR A 390 -36.43 -63.02 12.08
N ASP A 391 -36.17 -62.52 13.30
CA ASP A 391 -35.26 -63.21 14.21
C ASP A 391 -35.75 -64.62 14.53
N MET A 392 -37.05 -64.77 14.74
CA MET A 392 -37.58 -66.09 15.05
C MET A 392 -37.39 -67.07 13.91
N ALA A 393 -37.07 -66.59 12.73
CA ALA A 393 -36.99 -67.49 11.58
C ALA A 393 -35.66 -68.21 11.53
N TYR A 394 -34.56 -67.48 11.63
CA TYR A 394 -33.24 -68.07 11.52
C TYR A 394 -32.62 -68.41 12.87
N ALA A 395 -33.43 -68.60 13.90
CA ALA A 395 -32.87 -68.89 15.20
C ALA A 395 -32.50 -70.35 15.32
N ALA A 396 -32.37 -71.03 14.18
CA ALA A 396 -31.89 -72.39 14.14
C ALA A 396 -30.59 -72.46 13.35
N GLN A 397 -29.75 -71.45 13.50
CA GLN A 397 -28.52 -71.33 12.74
C GLN A 397 -27.36 -71.10 13.70
N PRO A 398 -26.14 -71.48 13.29
CA PRO A 398 -24.98 -71.23 14.14
C PRO A 398 -24.83 -69.76 14.47
N PHE A 399 -24.39 -69.48 15.70
CA PHE A 399 -24.43 -68.15 16.27
C PHE A 399 -23.89 -67.06 15.35
N LEU A 400 -22.88 -67.38 14.55
CA LEU A 400 -22.32 -66.35 13.70
C LEU A 400 -23.14 -66.12 12.45
N LEU A 401 -24.09 -67.00 12.15
CA LEU A 401 -24.95 -66.87 10.99
C LEU A 401 -26.36 -66.44 11.37
N ARG A 402 -26.48 -65.56 12.35
CA ARG A 402 -27.77 -65.03 12.77
C ARG A 402 -27.76 -63.54 12.46
N ASN A 403 -28.13 -63.20 11.24
CA ASN A 403 -28.19 -61.80 10.82
C ASN A 403 -28.82 -61.70 9.45
N GLY A 404 -29.15 -60.49 9.01
CA GLY A 404 -29.70 -60.31 7.69
C GLY A 404 -28.75 -60.78 6.63
N ALA A 405 -29.31 -61.15 5.47
CA ALA A 405 -28.49 -61.66 4.39
C ALA A 405 -27.40 -60.67 4.01
N ASN A 406 -27.67 -59.38 4.16
CA ASN A 406 -26.62 -58.37 4.22
C ASN A 406 -27.13 -57.24 5.09
N GLU A 407 -26.47 -56.09 5.02
CA GLU A 407 -26.83 -55.02 5.94
C GLU A 407 -28.17 -54.40 5.62
N GLY A 408 -28.66 -54.54 4.40
CA GLY A 408 -29.89 -53.87 4.04
C GLY A 408 -31.08 -54.78 3.88
N PHE A 409 -31.12 -55.89 4.61
CA PHE A 409 -32.28 -56.76 4.58
C PHE A 409 -33.14 -56.64 5.81
N HIS A 410 -32.56 -56.36 6.97
CA HIS A 410 -33.37 -56.26 8.17
C HIS A 410 -34.39 -55.14 8.03
N GLU A 411 -33.92 -53.90 7.92
CA GLU A 411 -34.87 -52.82 7.88
C GLU A 411 -35.64 -52.76 6.58
N ALA A 412 -35.33 -53.62 5.61
CA ALA A 412 -36.14 -53.70 4.41
C ALA A 412 -37.27 -54.70 4.55
N VAL A 413 -37.50 -55.22 5.74
CA VAL A 413 -38.63 -56.09 6.00
C VAL A 413 -39.64 -55.42 6.92
N GLY A 414 -39.14 -54.77 7.96
CA GLY A 414 -39.98 -53.96 8.79
C GLY A 414 -40.75 -52.97 7.96
N GLU A 415 -40.12 -52.42 6.93
CA GLU A 415 -40.82 -51.45 6.10
C GLU A 415 -41.97 -52.09 5.35
N ILE A 416 -41.69 -53.09 4.51
CA ILE A 416 -42.75 -53.71 3.73
C ILE A 416 -43.83 -54.29 4.62
N MET A 417 -43.56 -54.48 5.90
CA MET A 417 -44.66 -54.86 6.76
C MET A 417 -45.42 -53.66 7.28
N SER A 418 -44.74 -52.54 7.51
CA SER A 418 -45.47 -51.33 7.86
C SER A 418 -46.05 -50.63 6.65
N LEU A 419 -45.74 -51.10 5.45
CA LEU A 419 -46.22 -50.48 4.22
C LEU A 419 -47.57 -51.03 3.81
N SER A 420 -47.89 -52.24 4.25
CA SER A 420 -49.13 -52.89 3.86
C SER A 420 -50.17 -52.85 4.96
N ALA A 421 -49.85 -52.25 6.10
CA ALA A 421 -50.81 -52.09 7.18
C ALA A 421 -51.32 -50.67 7.29
N ALA A 422 -50.99 -49.81 6.33
CA ALA A 422 -51.51 -48.46 6.27
C ALA A 422 -52.43 -48.25 5.08
N THR A 423 -52.84 -49.30 4.44
CA THR A 423 -53.70 -49.13 3.29
C THR A 423 -55.15 -49.19 3.74
N PRO A 424 -56.01 -48.28 3.26
CA PRO A 424 -57.41 -48.31 3.68
C PRO A 424 -58.09 -49.65 3.44
N LYS A 425 -57.65 -50.39 2.43
CA LYS A 425 -58.23 -51.70 2.16
C LYS A 425 -57.96 -52.65 3.31
N HIS A 426 -57.08 -52.26 4.22
CA HIS A 426 -56.83 -53.02 5.43
C HIS A 426 -57.41 -52.37 6.66
N LEU A 427 -57.31 -51.05 6.81
CA LEU A 427 -57.88 -50.35 7.94
C LEU A 427 -59.39 -50.48 8.00
N LYS A 428 -60.06 -50.52 6.86
CA LYS A 428 -61.51 -50.62 6.90
C LYS A 428 -61.92 -52.06 7.15
N SER A 429 -60.96 -52.94 7.35
CA SER A 429 -61.28 -54.33 7.62
C SER A 429 -60.89 -54.72 9.04
N ILE A 430 -59.85 -54.10 9.60
CA ILE A 430 -59.49 -54.39 10.99
C ILE A 430 -60.53 -53.85 11.94
N GLY A 431 -61.36 -52.91 11.50
CA GLY A 431 -62.39 -52.35 12.34
C GLY A 431 -62.50 -50.85 12.32
N LEU A 432 -61.38 -50.14 12.23
CA LEU A 432 -61.39 -48.69 12.09
C LEU A 432 -61.91 -48.31 10.72
N LEU A 433 -61.95 -47.02 10.41
CA LEU A 433 -62.24 -46.59 9.04
C LEU A 433 -63.57 -47.12 8.53
N SER A 434 -64.68 -46.58 9.02
CA SER A 434 -66.04 -47.05 8.84
C SER A 434 -66.30 -47.60 7.43
N PRO A 435 -67.07 -48.68 7.33
CA PRO A 435 -67.12 -49.42 6.05
C PRO A 435 -67.62 -48.59 4.88
N ASP A 436 -68.51 -47.64 5.10
CA ASP A 436 -68.98 -46.76 4.03
C ASP A 436 -67.97 -45.64 3.86
N PHE A 437 -66.87 -45.97 3.18
CA PHE A 437 -65.79 -45.00 2.99
C PHE A 437 -65.02 -45.42 1.74
N GLN A 438 -65.27 -44.74 0.63
CA GLN A 438 -64.55 -44.96 -0.60
C GLN A 438 -63.55 -43.82 -0.78
N GLU A 439 -62.31 -44.16 -1.11
CA GLU A 439 -61.28 -43.17 -1.28
C GLU A 439 -61.32 -42.61 -2.69
N ASP A 440 -61.06 -41.32 -2.81
CA ASP A 440 -61.10 -40.63 -4.08
C ASP A 440 -59.70 -40.52 -4.66
N ASN A 441 -59.64 -40.25 -5.94
CA ASN A 441 -58.33 -40.16 -6.55
C ASN A 441 -57.62 -38.90 -6.26
N GLU A 442 -58.00 -38.13 -5.25
CA GLU A 442 -57.17 -37.00 -4.86
C GLU A 442 -56.44 -37.25 -3.54
N THR A 443 -57.03 -37.96 -2.61
CA THR A 443 -56.24 -38.40 -1.46
C THR A 443 -55.16 -39.38 -1.88
N GLU A 444 -55.34 -40.11 -2.97
CA GLU A 444 -54.27 -40.97 -3.45
C GLU A 444 -53.03 -40.16 -3.77
N ILE A 445 -53.20 -39.03 -4.44
CA ILE A 445 -52.06 -38.18 -4.78
C ILE A 445 -51.55 -37.52 -3.52
N ASN A 446 -52.46 -37.06 -2.67
CA ASN A 446 -52.07 -36.47 -1.41
C ASN A 446 -51.19 -37.41 -0.61
N PHE A 447 -51.38 -38.71 -0.79
CA PHE A 447 -50.61 -39.69 -0.05
C PHE A 447 -49.31 -40.04 -0.76
N LEU A 448 -49.38 -40.32 -2.06
CA LEU A 448 -48.17 -40.63 -2.80
C LEU A 448 -47.14 -39.52 -2.67
N LEU A 449 -47.56 -38.27 -2.83
CA LEU A 449 -46.58 -37.21 -2.70
C LEU A 449 -46.03 -37.08 -1.30
N LYS A 450 -46.78 -37.49 -0.28
CA LYS A 450 -46.16 -37.55 1.03
C LYS A 450 -45.14 -38.65 1.11
N GLN A 451 -45.36 -39.76 0.42
CA GLN A 451 -44.32 -40.78 0.36
C GLN A 451 -43.11 -40.29 -0.41
N ALA A 452 -43.31 -39.82 -1.64
CA ALA A 452 -42.20 -39.45 -2.49
C ALA A 452 -41.32 -38.39 -1.88
N LEU A 453 -41.83 -37.61 -0.95
CA LEU A 453 -40.96 -36.62 -0.31
C LEU A 453 -39.98 -37.27 0.64
N THR A 454 -40.22 -38.53 0.99
CA THR A 454 -39.35 -39.20 1.94
C THR A 454 -38.52 -40.29 1.26
N ILE A 455 -39.15 -41.04 0.36
CA ILE A 455 -38.44 -42.10 -0.33
C ILE A 455 -37.54 -41.51 -1.41
N VAL A 456 -38.12 -40.86 -2.39
CA VAL A 456 -37.35 -40.39 -3.54
C VAL A 456 -36.59 -39.13 -3.18
N GLY A 457 -36.97 -38.47 -2.12
CA GLY A 457 -36.27 -37.26 -1.74
C GLY A 457 -34.87 -37.54 -1.25
N THR A 458 -34.64 -38.72 -0.70
CA THR A 458 -33.37 -39.07 -0.07
C THR A 458 -32.53 -40.01 -0.90
N LEU A 459 -32.91 -40.31 -2.12
CA LEU A 459 -32.06 -41.21 -2.87
C LEU A 459 -30.87 -40.47 -3.46
N PRO A 460 -31.04 -39.31 -4.09
CA PRO A 460 -29.86 -38.60 -4.59
C PRO A 460 -28.93 -38.14 -3.51
N PHE A 461 -29.45 -37.72 -2.36
CA PHE A 461 -28.56 -37.28 -1.30
C PHE A 461 -27.68 -38.42 -0.82
N THR A 462 -28.27 -39.59 -0.58
CA THR A 462 -27.49 -40.73 -0.13
C THR A 462 -26.44 -41.11 -1.15
N TYR A 463 -26.82 -41.18 -2.42
CA TYR A 463 -25.87 -41.55 -3.45
C TYR A 463 -24.72 -40.57 -3.52
N MET A 464 -25.02 -39.28 -3.52
CA MET A 464 -23.94 -38.31 -3.55
C MET A 464 -23.04 -38.40 -2.34
N LEU A 465 -23.60 -38.54 -1.15
CA LEU A 465 -22.76 -38.61 0.03
C LEU A 465 -21.84 -39.80 -0.02
N GLU A 466 -22.34 -40.98 -0.34
CA GLU A 466 -21.44 -42.11 -0.36
C GLU A 466 -20.45 -42.02 -1.50
N LYS A 467 -20.81 -41.43 -2.63
CA LYS A 467 -19.83 -41.26 -3.69
C LYS A 467 -18.69 -40.37 -3.23
N TRP A 468 -19.01 -39.28 -2.53
CA TRP A 468 -17.95 -38.39 -2.08
C TRP A 468 -16.99 -39.11 -1.15
N ARG A 469 -17.51 -39.91 -0.23
CA ARG A 469 -16.63 -40.58 0.72
C ARG A 469 -15.83 -41.67 0.04
N TRP A 470 -16.45 -42.41 -0.88
CA TRP A 470 -15.67 -43.40 -1.62
C TRP A 470 -14.54 -42.74 -2.39
N MET A 471 -14.75 -41.52 -2.85
CA MET A 471 -13.69 -40.88 -3.61
C MET A 471 -12.65 -40.23 -2.71
N VAL A 472 -13.02 -39.83 -1.51
CA VAL A 472 -12.03 -39.27 -0.59
C VAL A 472 -11.12 -40.35 -0.07
N PHE A 473 -11.65 -41.54 0.20
CA PHE A 473 -10.88 -42.58 0.85
C PHE A 473 -9.89 -43.24 -0.09
N LYS A 474 -9.79 -42.77 -1.32
CA LYS A 474 -8.83 -43.36 -2.23
C LYS A 474 -7.96 -42.29 -2.86
N GLY A 475 -7.91 -41.13 -2.23
CA GLY A 475 -7.05 -40.06 -2.70
C GLY A 475 -7.41 -39.55 -4.08
N GLU A 476 -8.61 -39.79 -4.50
CA GLU A 476 -9.02 -39.24 -5.78
C GLU A 476 -9.42 -37.82 -5.70
N ILE A 477 -9.36 -37.27 -4.50
CA ILE A 477 -9.65 -35.87 -4.26
C ILE A 477 -8.56 -35.34 -3.32
N PRO A 478 -7.67 -34.49 -3.80
CA PRO A 478 -6.59 -34.00 -2.92
C PRO A 478 -7.16 -33.28 -1.72
N LYS A 479 -6.37 -33.23 -0.65
CA LYS A 479 -6.84 -32.74 0.63
C LYS A 479 -7.19 -31.27 0.60
N ASP A 480 -7.00 -30.61 -0.53
CA ASP A 480 -7.32 -29.20 -0.67
C ASP A 480 -8.47 -28.96 -1.62
N GLN A 481 -9.14 -30.02 -2.06
CA GLN A 481 -10.31 -29.87 -2.91
C GLN A 481 -11.51 -30.59 -2.34
N TRP A 482 -11.55 -30.81 -1.03
CA TRP A 482 -12.66 -31.53 -0.42
C TRP A 482 -13.95 -30.74 -0.59
N MET A 483 -13.99 -29.53 -0.02
CA MET A 483 -15.23 -28.77 -0.08
C MET A 483 -15.56 -28.33 -1.49
N LYS A 484 -14.57 -28.07 -2.32
CA LYS A 484 -14.86 -27.70 -3.70
C LYS A 484 -15.58 -28.83 -4.42
N LYS A 485 -15.07 -30.05 -4.31
CA LYS A 485 -15.78 -31.16 -4.93
C LYS A 485 -17.11 -31.44 -4.27
N TRP A 486 -17.23 -31.23 -2.97
CA TRP A 486 -18.51 -31.44 -2.32
C TRP A 486 -19.57 -30.54 -2.93
N TRP A 487 -19.32 -29.24 -2.94
CA TRP A 487 -20.32 -28.33 -3.49
C TRP A 487 -20.35 -28.34 -5.00
N GLU A 488 -19.43 -29.01 -5.66
CA GLU A 488 -19.57 -29.24 -7.09
C GLU A 488 -20.47 -30.41 -7.40
N MET A 489 -20.41 -31.47 -6.60
CA MET A 489 -21.31 -32.59 -6.78
C MET A 489 -22.71 -32.28 -6.30
N LYS A 490 -22.85 -31.43 -5.29
CA LYS A 490 -24.20 -31.11 -4.83
C LYS A 490 -25.02 -30.47 -5.93
N ARG A 491 -24.49 -29.45 -6.58
CA ARG A 491 -25.24 -28.78 -7.63
C ARG A 491 -25.49 -29.66 -8.83
N GLU A 492 -24.66 -30.67 -9.04
CA GLU A 492 -24.77 -31.46 -10.26
C GLU A 492 -25.62 -32.70 -10.11
N ILE A 493 -25.64 -33.33 -8.95
CA ILE A 493 -26.43 -34.53 -8.71
C ILE A 493 -27.71 -34.19 -7.96
N VAL A 494 -27.59 -33.60 -6.77
CA VAL A 494 -28.75 -33.32 -5.95
C VAL A 494 -29.52 -32.12 -6.45
N GLY A 495 -28.85 -31.15 -7.05
CA GLY A 495 -29.54 -29.95 -7.46
C GLY A 495 -29.81 -28.98 -6.33
N VAL A 496 -28.81 -28.72 -5.50
CA VAL A 496 -28.95 -27.90 -4.32
C VAL A 496 -27.72 -27.01 -4.21
N VAL A 497 -27.93 -25.71 -4.07
CA VAL A 497 -26.85 -24.74 -4.08
C VAL A 497 -26.70 -24.16 -2.69
N GLU A 498 -25.49 -23.81 -2.34
CA GLU A 498 -25.24 -23.27 -1.02
C GLU A 498 -25.52 -21.77 -1.00
N PRO A 499 -25.89 -21.22 0.15
CA PRO A 499 -26.18 -19.78 0.22
C PRO A 499 -24.99 -18.87 0.50
N VAL A 500 -23.90 -19.38 1.06
CA VAL A 500 -22.68 -18.59 1.23
C VAL A 500 -21.50 -19.46 0.85
N PRO A 501 -20.48 -18.92 0.19
CA PRO A 501 -19.40 -19.78 -0.30
C PRO A 501 -18.54 -20.28 0.86
N HIS A 502 -18.18 -21.55 0.79
CA HIS A 502 -17.44 -22.24 1.85
C HIS A 502 -16.05 -22.59 1.33
N ASP A 503 -15.02 -22.01 1.95
CA ASP A 503 -13.65 -22.27 1.54
C ASP A 503 -13.17 -23.58 2.13
N GLU A 504 -11.87 -23.82 2.09
CA GLU A 504 -11.31 -25.11 2.48
C GLU A 504 -11.10 -25.25 3.98
N THR A 505 -11.42 -24.24 4.76
CA THR A 505 -11.31 -24.36 6.21
C THR A 505 -12.55 -24.98 6.82
N TYR A 506 -13.60 -25.17 6.05
CA TYR A 506 -14.84 -25.78 6.54
C TYR A 506 -14.77 -27.28 6.33
N CYS A 507 -15.70 -27.97 6.97
CA CYS A 507 -15.96 -29.36 6.61
C CYS A 507 -17.44 -29.62 6.82
N ASP A 508 -18.22 -29.44 5.78
CA ASP A 508 -19.66 -29.60 5.88
C ASP A 508 -20.08 -31.05 6.04
N PRO A 509 -19.58 -31.98 5.22
CA PRO A 509 -20.06 -33.35 5.37
C PRO A 509 -19.76 -33.96 6.72
N ALA A 510 -18.72 -33.51 7.40
CA ALA A 510 -18.47 -34.02 8.73
C ALA A 510 -19.49 -33.53 9.74
N SER A 511 -20.37 -32.61 9.36
CA SER A 511 -21.37 -32.14 10.29
C SER A 511 -22.59 -33.05 10.35
N LEU A 512 -22.62 -34.10 9.55
CA LEU A 512 -23.72 -35.06 9.62
C LEU A 512 -23.38 -36.14 10.62
N PHE A 513 -24.40 -36.73 11.22
CA PHE A 513 -24.17 -37.72 12.27
C PHE A 513 -23.39 -38.91 11.75
N HIS A 514 -23.86 -39.51 10.67
CA HIS A 514 -23.26 -40.75 10.19
C HIS A 514 -21.81 -40.53 9.78
N VAL A 515 -21.48 -39.35 9.30
CA VAL A 515 -20.14 -39.11 8.79
C VAL A 515 -19.16 -38.98 9.94
N SER A 516 -19.57 -38.27 11.00
CA SER A 516 -18.68 -37.97 12.10
C SER A 516 -18.86 -38.98 13.24
N ASN A 517 -19.32 -40.16 12.87
CA ASN A 517 -19.45 -41.22 13.85
C ASN A 517 -19.05 -42.54 13.22
N ASP A 518 -18.46 -42.47 12.03
CA ASP A 518 -17.94 -43.65 11.37
C ASP A 518 -19.02 -44.68 11.14
N TYR A 519 -20.00 -44.37 10.29
CA TYR A 519 -21.04 -45.33 9.96
C TYR A 519 -21.14 -45.42 8.46
N SER A 520 -21.32 -46.63 7.95
CA SER A 520 -21.54 -46.80 6.52
C SER A 520 -22.88 -46.18 6.17
N PHE A 521 -22.98 -45.62 4.97
CA PHE A 521 -24.17 -44.87 4.60
C PHE A 521 -24.86 -45.42 3.37
N ILE A 522 -24.36 -46.53 2.82
CA ILE A 522 -24.96 -47.10 1.62
C ILE A 522 -26.10 -48.03 1.92
N ARG A 523 -26.27 -48.46 3.17
CA ARG A 523 -27.40 -49.30 3.48
C ARG A 523 -28.72 -48.60 3.19
N TYR A 524 -28.79 -47.30 3.40
CA TYR A 524 -30.03 -46.57 3.18
C TYR A 524 -30.38 -46.42 1.72
N TYR A 525 -29.45 -46.71 0.82
CA TYR A 525 -29.80 -46.71 -0.60
C TYR A 525 -30.35 -48.07 -1.01
N THR A 526 -29.54 -49.12 -0.86
CA THR A 526 -29.98 -50.43 -1.29
C THR A 526 -31.20 -50.91 -0.53
N ARG A 527 -31.38 -50.46 0.71
CA ARG A 527 -32.58 -50.85 1.42
C ARG A 527 -33.82 -50.33 0.72
N THR A 528 -33.78 -49.08 0.26
CA THR A 528 -34.94 -48.52 -0.43
C THR A 528 -35.32 -49.31 -1.66
N LEU A 529 -34.37 -49.92 -2.34
CA LEU A 529 -34.67 -50.71 -3.53
C LEU A 529 -35.19 -52.09 -3.18
N TYR A 530 -34.56 -52.77 -2.23
CA TYR A 530 -35.11 -54.05 -1.80
C TYR A 530 -36.51 -53.91 -1.27
N GLN A 531 -36.79 -52.79 -0.59
CA GLN A 531 -38.08 -52.62 0.05
C GLN A 531 -39.21 -52.74 -0.96
N PHE A 532 -39.00 -52.24 -2.16
CA PHE A 532 -40.02 -52.30 -3.19
C PHE A 532 -39.91 -53.54 -4.05
N GLN A 533 -38.71 -54.07 -4.26
CA GLN A 533 -38.65 -55.36 -4.94
C GLN A 533 -39.43 -56.44 -4.21
N PHE A 534 -39.28 -56.54 -2.89
CA PHE A 534 -40.07 -57.50 -2.13
C PHE A 534 -41.56 -57.22 -2.24
N GLN A 535 -41.96 -55.97 -2.03
CA GLN A 535 -43.38 -55.64 -2.07
C GLN A 535 -43.99 -55.97 -3.42
N GLU A 536 -43.28 -55.70 -4.50
CA GLU A 536 -43.81 -55.98 -5.82
C GLU A 536 -43.84 -57.46 -6.10
N ALA A 537 -42.86 -58.20 -5.61
CA ALA A 537 -42.85 -59.64 -5.88
C ALA A 537 -43.78 -60.41 -4.97
N LEU A 538 -44.29 -59.80 -3.92
CA LEU A 538 -45.23 -60.47 -3.03
C LEU A 538 -46.66 -60.27 -3.46
N CYS A 539 -47.00 -59.11 -4.02
CA CYS A 539 -48.37 -58.88 -4.45
C CYS A 539 -48.75 -59.79 -5.61
N GLN A 540 -47.83 -60.05 -6.54
CA GLN A 540 -48.13 -61.01 -7.59
C GLN A 540 -48.44 -62.38 -7.04
N ALA A 541 -47.87 -62.76 -5.90
CA ALA A 541 -48.25 -64.03 -5.30
C ALA A 541 -49.61 -63.94 -4.65
N ALA A 542 -49.99 -62.77 -4.14
CA ALA A 542 -51.29 -62.58 -3.54
C ALA A 542 -52.35 -62.18 -4.57
N LYS A 543 -52.01 -62.23 -5.86
CA LYS A 543 -52.95 -61.98 -6.94
C LYS A 543 -53.58 -60.59 -6.83
N HIS A 544 -52.77 -59.56 -6.93
CA HIS A 544 -53.27 -58.20 -6.88
C HIS A 544 -53.57 -57.72 -8.29
N GLU A 545 -54.48 -56.76 -8.43
CA GLU A 545 -54.91 -56.33 -9.75
C GLU A 545 -54.67 -54.84 -9.98
N GLY A 546 -55.03 -54.00 -9.03
CA GLY A 546 -54.98 -52.57 -9.22
C GLY A 546 -53.56 -52.03 -9.20
N PRO A 547 -53.41 -50.77 -8.86
CA PRO A 547 -52.06 -50.19 -8.76
C PRO A 547 -51.30 -50.85 -7.64
N LEU A 548 -49.98 -50.68 -7.63
CA LEU A 548 -49.19 -51.33 -6.59
C LEU A 548 -49.39 -50.69 -5.23
N HIS A 549 -49.55 -49.37 -5.17
CA HIS A 549 -49.61 -48.69 -3.89
C HIS A 549 -50.88 -48.97 -3.11
N LYS A 550 -51.75 -49.84 -3.60
CA LYS A 550 -52.95 -50.23 -2.87
C LYS A 550 -52.98 -51.72 -2.59
N CYS A 551 -51.82 -52.36 -2.52
CA CYS A 551 -51.74 -53.79 -2.36
C CYS A 551 -51.70 -54.14 -0.87
N ASP A 552 -52.21 -55.32 -0.55
CA ASP A 552 -52.24 -55.77 0.83
C ASP A 552 -52.11 -57.28 0.83
N ILE A 553 -51.08 -57.78 1.53
CA ILE A 553 -50.78 -59.20 1.47
C ILE A 553 -51.53 -60.03 2.51
N SER A 554 -52.34 -59.41 3.35
CA SER A 554 -53.05 -60.13 4.38
C SER A 554 -53.89 -61.25 3.79
N ASN A 555 -54.16 -62.26 4.62
CA ASN A 555 -55.05 -63.36 4.25
C ASN A 555 -54.56 -64.16 3.05
N SER A 556 -53.28 -64.03 2.70
CA SER A 556 -52.75 -64.71 1.52
C SER A 556 -51.57 -65.56 1.96
N THR A 557 -51.84 -66.84 2.25
CA THR A 557 -50.81 -67.70 2.79
C THR A 557 -49.77 -68.08 1.73
N GLU A 558 -50.19 -68.14 0.47
CA GLU A 558 -49.25 -68.54 -0.58
C GLU A 558 -48.23 -67.45 -0.84
N ALA A 559 -48.41 -66.29 -0.24
CA ALA A 559 -47.41 -65.23 -0.28
C ALA A 559 -46.66 -65.09 1.02
N GLY A 560 -46.91 -65.97 1.97
CA GLY A 560 -46.12 -66.02 3.19
C GLY A 560 -45.02 -67.04 3.04
N GLN A 561 -45.24 -68.02 2.16
CA GLN A 561 -44.18 -68.96 1.86
C GLN A 561 -43.02 -68.28 1.16
N LYS A 562 -43.31 -67.54 0.09
CA LYS A 562 -42.26 -66.86 -0.64
C LYS A 562 -41.42 -65.98 0.27
N LEU A 563 -42.03 -65.42 1.31
CA LEU A 563 -41.26 -64.61 2.24
C LEU A 563 -40.54 -65.47 3.26
N PHE A 564 -41.13 -66.56 3.70
CA PHE A 564 -40.51 -67.39 4.71
C PHE A 564 -39.36 -68.22 4.16
N ASN A 565 -39.24 -68.36 2.84
CA ASN A 565 -38.10 -69.05 2.29
C ASN A 565 -36.85 -68.20 2.26
N MET A 566 -37.00 -66.89 2.45
CA MET A 566 -35.84 -66.02 2.52
C MET A 566 -35.44 -65.71 3.95
N LEU A 567 -36.39 -65.57 4.85
CA LEU A 567 -36.05 -65.31 6.25
C LEU A 567 -35.33 -66.51 6.85
N ARG A 568 -35.75 -67.70 6.47
CA ARG A 568 -35.19 -68.90 7.08
C ARG A 568 -33.85 -69.24 6.42
N LEU A 569 -32.98 -68.25 6.30
CA LEU A 569 -31.64 -68.47 5.79
C LEU A 569 -30.58 -67.72 6.56
N GLY A 570 -30.94 -66.73 7.36
CA GLY A 570 -29.96 -65.92 8.05
C GLY A 570 -28.93 -65.39 7.10
N LYS A 571 -27.67 -65.76 7.34
CA LYS A 571 -26.56 -65.39 6.47
C LYS A 571 -25.94 -66.61 5.82
N SER A 572 -26.60 -67.76 5.94
CA SER A 572 -26.01 -69.01 5.50
C SER A 572 -25.81 -69.06 4.00
N GLU A 573 -26.45 -68.17 3.24
CA GLU A 573 -26.38 -68.21 1.80
C GLU A 573 -25.95 -66.85 1.25
N PRO A 574 -25.36 -66.82 0.06
CA PRO A 574 -25.03 -65.53 -0.55
C PRO A 574 -26.30 -64.73 -0.74
N TRP A 575 -26.19 -63.42 -0.54
CA TRP A 575 -27.41 -62.63 -0.55
C TRP A 575 -28.09 -62.63 -1.91
N THR A 576 -27.34 -62.82 -3.00
CA THR A 576 -28.00 -62.93 -4.29
C THR A 576 -28.89 -64.15 -4.36
N LEU A 577 -28.44 -65.27 -3.80
CA LEU A 577 -29.31 -66.44 -3.73
C LEU A 577 -30.52 -66.20 -2.85
N ALA A 578 -30.39 -65.38 -1.81
CA ALA A 578 -31.57 -65.03 -1.03
C ALA A 578 -32.55 -64.22 -1.86
N LEU A 579 -32.09 -63.18 -2.54
CA LEU A 579 -32.97 -62.42 -3.41
C LEU A 579 -33.66 -63.31 -4.42
N GLU A 580 -32.92 -64.18 -5.08
CA GLU A 580 -33.51 -65.06 -6.08
C GLU A 580 -34.69 -65.84 -5.52
N ASN A 581 -34.66 -66.17 -4.25
CA ASN A 581 -35.75 -66.94 -3.68
C ASN A 581 -37.00 -66.17 -3.52
N VAL A 582 -37.01 -64.87 -3.77
CA VAL A 582 -38.22 -64.07 -3.59
C VAL A 582 -38.53 -63.36 -4.90
N VAL A 583 -37.62 -62.52 -5.35
CA VAL A 583 -37.88 -61.72 -6.55
C VAL A 583 -37.81 -62.57 -7.80
N GLY A 584 -36.82 -63.44 -7.89
CA GLY A 584 -36.55 -64.13 -9.13
C GLY A 584 -35.43 -63.51 -9.94
N ALA A 585 -34.61 -62.67 -9.34
CA ALA A 585 -33.43 -62.12 -10.00
C ALA A 585 -32.22 -62.22 -9.08
N LYS A 586 -31.10 -61.63 -9.47
CA LYS A 586 -29.90 -61.72 -8.66
C LYS A 586 -29.19 -60.38 -8.56
N ASN A 587 -29.95 -59.29 -8.48
CA ASN A 587 -29.35 -57.97 -8.38
C ASN A 587 -30.46 -56.99 -8.06
N MET A 588 -30.09 -55.87 -7.49
CA MET A 588 -31.08 -54.88 -7.13
C MET A 588 -31.61 -54.23 -8.38
N ASN A 589 -32.92 -54.05 -8.44
CA ASN A 589 -33.61 -53.46 -9.58
C ASN A 589 -34.25 -52.15 -9.17
N VAL A 590 -34.63 -51.35 -10.17
CA VAL A 590 -35.24 -50.07 -9.86
C VAL A 590 -36.54 -49.92 -10.64
N ARG A 591 -36.92 -50.95 -11.36
CA ARG A 591 -38.20 -50.88 -12.04
C ARG A 591 -39.34 -50.91 -11.02
N PRO A 592 -39.35 -51.82 -10.05
CA PRO A 592 -40.48 -51.85 -9.12
C PRO A 592 -40.67 -50.57 -8.34
N LEU A 593 -39.62 -49.80 -8.12
CA LEU A 593 -39.80 -48.52 -7.46
C LEU A 593 -40.51 -47.52 -8.35
N LEU A 594 -40.35 -47.62 -9.66
CA LEU A 594 -41.02 -46.71 -10.57
C LEU A 594 -42.45 -47.12 -10.85
N ASN A 595 -42.78 -48.40 -10.76
CA ASN A 595 -44.17 -48.78 -10.87
C ASN A 595 -44.96 -48.37 -9.65
N TYR A 596 -44.30 -48.19 -8.51
CA TYR A 596 -45.02 -47.73 -7.33
C TYR A 596 -45.45 -46.29 -7.49
N PHE A 597 -44.56 -45.44 -8.00
CA PHE A 597 -44.85 -44.02 -8.15
C PHE A 597 -45.34 -43.67 -9.54
N GLU A 598 -46.08 -44.53 -10.18
CA GLU A 598 -46.58 -44.22 -11.51
C GLU A 598 -47.72 -43.22 -11.45
N PRO A 599 -48.76 -43.44 -10.65
CA PRO A 599 -49.85 -42.47 -10.59
C PRO A 599 -49.41 -41.10 -10.16
N LEU A 600 -48.27 -40.96 -9.53
CA LEU A 600 -47.74 -39.64 -9.24
C LEU A 600 -46.90 -39.12 -10.38
N PHE A 601 -46.12 -39.98 -11.03
CA PHE A 601 -45.30 -39.52 -12.14
C PHE A 601 -46.16 -38.94 -13.24
N THR A 602 -47.28 -39.58 -13.55
CA THR A 602 -48.16 -39.06 -14.59
C THR A 602 -48.67 -37.67 -14.23
N TRP A 603 -49.22 -37.53 -13.03
CA TRP A 603 -49.77 -36.25 -12.60
C TRP A 603 -48.70 -35.17 -12.58
N LEU A 604 -47.48 -35.53 -12.23
CA LEU A 604 -46.41 -34.54 -12.22
C LEU A 604 -46.05 -34.11 -13.63
N LYS A 605 -45.93 -35.07 -14.55
CA LYS A 605 -45.66 -34.70 -15.93
C LYS A 605 -46.74 -33.79 -16.48
N ASP A 606 -47.97 -33.97 -16.02
CA ASP A 606 -49.01 -33.05 -16.45
C ASP A 606 -48.90 -31.69 -15.80
N GLN A 607 -48.59 -31.62 -14.51
CA GLN A 607 -48.49 -30.34 -13.82
C GLN A 607 -47.27 -29.52 -14.22
N ASN A 608 -46.25 -30.14 -14.79
CA ASN A 608 -45.05 -29.42 -15.19
C ASN A 608 -45.06 -29.04 -16.66
N LYS A 609 -46.22 -28.73 -17.23
CA LYS A 609 -46.24 -28.25 -18.60
C LYS A 609 -45.49 -26.94 -18.74
N ASN A 610 -45.96 -25.90 -18.05
CA ASN A 610 -45.39 -24.57 -18.16
C ASN A 610 -44.33 -24.31 -17.10
N SER A 611 -43.32 -25.17 -17.04
CA SER A 611 -42.20 -24.97 -16.15
C SER A 611 -40.97 -25.54 -16.84
N PHE A 612 -39.83 -25.47 -16.17
CA PHE A 612 -38.58 -25.88 -16.78
C PHE A 612 -38.00 -27.00 -15.92
N VAL A 613 -38.32 -28.24 -16.28
CA VAL A 613 -37.80 -29.40 -15.59
C VAL A 613 -36.29 -29.47 -15.78
N GLY A 614 -35.56 -29.57 -14.68
CA GLY A 614 -34.12 -29.55 -14.70
C GLY A 614 -33.58 -28.33 -13.98
N TRP A 615 -32.28 -28.17 -14.06
CA TRP A 615 -31.64 -27.04 -13.41
C TRP A 615 -30.31 -26.74 -14.07
N SER A 616 -29.85 -25.52 -13.86
CA SER A 616 -28.58 -25.05 -14.42
C SER A 616 -27.64 -24.73 -13.27
N THR A 617 -26.43 -25.27 -13.33
CA THR A 617 -25.54 -25.21 -12.19
C THR A 617 -24.61 -24.01 -12.24
N ASP A 618 -25.15 -22.82 -12.42
CA ASP A 618 -24.33 -21.62 -12.35
C ASP A 618 -24.97 -20.56 -11.49
N TRP A 619 -26.30 -20.59 -11.39
CA TRP A 619 -27.00 -19.65 -10.53
C TRP A 619 -26.57 -19.82 -9.08
N SER A 620 -26.70 -18.75 -8.32
CA SER A 620 -26.31 -18.81 -6.91
C SER A 620 -26.93 -17.64 -6.18
N PRO A 621 -27.33 -17.82 -4.94
CA PRO A 621 -28.13 -16.79 -4.26
C PRO A 621 -27.36 -15.50 -4.01
N TYR A 622 -26.06 -15.50 -4.31
CA TYR A 622 -25.25 -14.34 -4.02
C TYR A 622 -24.57 -13.80 -5.26
N ALA A 623 -24.95 -14.28 -6.44
CA ALA A 623 -24.27 -13.89 -7.66
C ALA A 623 -24.80 -12.60 -8.24
N ASP A 624 -25.80 -11.99 -7.62
CA ASP A 624 -26.32 -10.72 -8.11
C ASP A 624 -25.81 -9.55 -7.29
N GLN A 625 -25.00 -9.82 -6.28
CA GLN A 625 -24.41 -8.74 -5.49
C GLN A 625 -22.90 -8.87 -5.41
N SER A 626 -22.30 -9.79 -6.14
CA SER A 626 -20.87 -9.98 -6.08
C SER A 626 -20.19 -9.15 -7.15
N ILE A 627 -18.97 -8.72 -6.85
CA ILE A 627 -18.14 -7.96 -7.79
C ILE A 627 -17.00 -8.86 -8.21
N LYS A 628 -16.62 -8.78 -9.48
CA LYS A 628 -15.55 -9.63 -9.95
C LYS A 628 -14.24 -8.87 -10.08
N VAL A 629 -13.17 -9.48 -9.59
CA VAL A 629 -11.85 -8.88 -9.57
C VAL A 629 -10.94 -9.72 -10.44
N ARG A 630 -10.02 -9.07 -11.14
CA ARG A 630 -9.09 -9.74 -12.04
C ARG A 630 -7.74 -9.03 -11.97
N ILE A 631 -6.70 -9.77 -11.61
CA ILE A 631 -5.40 -9.21 -11.29
C ILE A 631 -4.37 -9.79 -12.26
N SER A 632 -3.44 -8.95 -12.72
CA SER A 632 -2.39 -9.37 -13.64
C SER A 632 -1.06 -8.88 -13.10
N LEU A 633 -0.34 -9.76 -12.39
CA LEU A 633 0.92 -9.36 -11.79
C LEU A 633 2.01 -9.23 -12.85
N LYS A 634 2.36 -10.33 -13.51
CA LYS A 634 3.54 -10.36 -14.36
C LYS A 634 3.47 -9.33 -15.48
N SER A 635 2.29 -8.75 -15.71
CA SER A 635 2.21 -7.68 -16.68
C SER A 635 2.65 -6.37 -16.05
N ALA A 636 2.09 -6.03 -14.91
CA ALA A 636 2.39 -4.75 -14.27
C ALA A 636 3.80 -4.71 -13.73
N LEU A 637 4.10 -5.61 -12.78
CA LEU A 637 5.43 -5.61 -12.20
C LEU A 637 6.47 -6.15 -13.17
N GLY A 638 6.07 -7.00 -14.10
CA GLY A 638 6.98 -7.53 -15.09
C GLY A 638 7.92 -8.53 -14.45
N ASP A 639 8.83 -8.02 -13.64
CA ASP A 639 9.62 -8.85 -12.76
C ASP A 639 9.48 -8.30 -11.36
N LYS A 640 10.26 -8.86 -10.43
CA LYS A 640 10.11 -8.53 -9.02
C LYS A 640 8.71 -8.91 -8.54
N ALA A 641 7.93 -9.54 -9.40
CA ALA A 641 6.54 -9.82 -9.08
C ALA A 641 6.45 -10.89 -8.02
N TYR A 642 5.80 -10.56 -6.93
CA TYR A 642 5.61 -11.53 -5.87
C TYR A 642 4.63 -12.61 -6.33
N GLU A 643 4.41 -13.57 -5.47
CA GLU A 643 3.51 -14.68 -5.74
C GLU A 643 2.25 -14.51 -4.90
N TRP A 644 1.15 -15.09 -5.37
CA TRP A 644 -0.15 -14.82 -4.75
C TRP A 644 -0.55 -16.01 -3.88
N ASN A 645 -0.06 -16.01 -2.64
CA ASN A 645 -0.49 -17.01 -1.66
C ASN A 645 -1.60 -16.46 -0.80
N ASP A 646 -2.12 -17.26 0.10
CA ASP A 646 -3.27 -16.85 0.90
C ASP A 646 -2.99 -15.67 1.81
N ASN A 647 -1.74 -15.43 2.18
CA ASN A 647 -1.44 -14.21 2.92
C ASN A 647 -1.74 -12.96 2.12
N GLU A 648 -1.76 -13.05 0.80
CA GLU A 648 -2.18 -11.92 0.00
C GLU A 648 -3.69 -11.78 -0.04
N MET A 649 -4.41 -12.89 -0.13
CA MET A 649 -5.86 -12.79 -0.04
C MET A 649 -6.28 -12.22 1.30
N TYR A 650 -5.54 -12.52 2.36
CA TYR A 650 -5.84 -11.91 3.64
C TYR A 650 -5.69 -10.41 3.58
N LEU A 651 -4.59 -9.94 3.00
CA LEU A 651 -4.40 -8.49 2.91
C LEU A 651 -5.47 -7.86 2.04
N PHE A 652 -5.87 -8.53 0.98
CA PHE A 652 -6.89 -7.95 0.12
C PHE A 652 -8.21 -7.82 0.84
N ARG A 653 -8.65 -8.90 1.49
CA ARG A 653 -9.87 -8.82 2.27
C ARG A 653 -9.81 -7.75 3.33
N SER A 654 -8.69 -7.65 4.05
CA SER A 654 -8.59 -6.63 5.08
C SER A 654 -8.64 -5.23 4.49
N SER A 655 -8.00 -5.01 3.34
CA SER A 655 -8.02 -3.67 2.76
C SER A 655 -9.40 -3.32 2.26
N VAL A 656 -10.14 -4.27 1.70
CA VAL A 656 -11.50 -3.98 1.29
C VAL A 656 -12.36 -3.65 2.50
N ALA A 657 -12.17 -4.38 3.60
CA ALA A 657 -12.89 -4.03 4.81
C ALA A 657 -12.55 -2.62 5.26
N TYR A 658 -11.29 -2.22 5.11
CA TYR A 658 -10.93 -0.84 5.46
C TYR A 658 -11.65 0.15 4.59
N ALA A 659 -11.70 -0.09 3.29
CA ALA A 659 -12.43 0.82 2.40
C ALA A 659 -13.88 0.95 2.82
N MET A 660 -14.54 -0.17 3.11
CA MET A 660 -15.91 -0.10 3.56
C MET A 660 -16.05 0.65 4.87
N ARG A 661 -15.13 0.47 5.80
CA ARG A 661 -15.16 1.26 7.02
C ARG A 661 -15.12 2.74 6.71
N GLN A 662 -14.25 3.14 5.79
CA GLN A 662 -14.15 4.55 5.47
C GLN A 662 -15.41 5.09 4.82
N TYR A 663 -16.05 4.32 3.94
CA TYR A 663 -17.24 4.84 3.28
C TYR A 663 -18.34 5.13 4.27
N PHE A 664 -18.60 4.22 5.19
CA PHE A 664 -19.62 4.49 6.19
C PHE A 664 -19.09 5.34 7.32
N LEU A 665 -18.33 6.39 7.01
CA LEU A 665 -17.93 7.33 8.02
C LEU A 665 -18.00 8.74 7.48
N LYS A 666 -17.84 8.87 6.16
CA LYS A 666 -17.79 10.16 5.50
C LYS A 666 -18.93 10.32 4.51
N VAL A 667 -19.87 9.40 4.54
CA VAL A 667 -21.07 9.54 3.72
C VAL A 667 -22.29 9.40 4.60
N LYS A 668 -22.33 8.34 5.40
CA LYS A 668 -23.49 8.04 6.20
C LYS A 668 -23.29 8.31 7.68
N ASN A 669 -22.10 8.74 8.09
CA ASN A 669 -21.83 9.15 9.46
C ASN A 669 -22.19 8.07 10.46
N GLN A 670 -22.00 6.82 10.10
CA GLN A 670 -22.18 5.71 11.01
C GLN A 670 -20.82 5.18 11.44
N MET A 671 -20.84 4.15 12.27
CA MET A 671 -19.61 3.50 12.72
C MET A 671 -19.86 2.00 12.70
N ILE A 672 -19.47 1.35 11.61
CA ILE A 672 -19.72 -0.07 11.41
C ILE A 672 -18.40 -0.78 11.36
N LEU A 673 -18.20 -1.73 12.26
CA LEU A 673 -16.91 -2.40 12.40
C LEU A 673 -16.85 -3.61 11.48
N PHE A 674 -16.63 -3.35 10.21
CA PHE A 674 -16.37 -4.42 9.27
C PHE A 674 -15.08 -5.12 9.64
N GLY A 675 -14.99 -6.41 9.32
CA GLY A 675 -13.80 -7.19 9.57
C GLY A 675 -13.38 -7.93 8.32
N GLU A 676 -12.27 -8.65 8.45
CA GLU A 676 -11.79 -9.40 7.29
C GLU A 676 -12.61 -10.66 7.06
N GLU A 677 -13.45 -11.06 8.00
CA GLU A 677 -14.30 -12.22 7.79
C GLU A 677 -15.65 -11.84 7.21
N ASP A 678 -15.88 -10.57 6.92
CA ASP A 678 -17.11 -10.13 6.30
C ASP A 678 -16.98 -9.91 4.81
N VAL A 679 -15.88 -10.33 4.22
CA VAL A 679 -15.66 -10.20 2.79
C VAL A 679 -15.55 -11.60 2.22
N ARG A 680 -16.67 -12.14 1.74
CA ARG A 680 -16.71 -13.49 1.24
C ARG A 680 -16.14 -13.53 -0.18
N VAL A 681 -15.33 -14.56 -0.44
CA VAL A 681 -14.63 -14.71 -1.70
C VAL A 681 -15.06 -16.03 -2.34
N ALA A 682 -15.11 -16.05 -3.67
CA ALA A 682 -15.54 -17.25 -4.38
C ALA A 682 -14.88 -17.39 -5.74
N ASN A 683 -14.67 -18.63 -6.18
CA ASN A 683 -14.16 -18.95 -7.50
C ASN A 683 -12.74 -18.44 -7.74
N LEU A 684 -11.84 -18.67 -6.79
CA LEU A 684 -10.45 -18.32 -7.01
C LEU A 684 -9.91 -19.10 -8.21
N LYS A 685 -9.01 -18.52 -9.01
CA LYS A 685 -8.52 -19.26 -10.18
C LYS A 685 -7.13 -18.85 -10.63
N PRO A 686 -6.57 -19.53 -11.64
CA PRO A 686 -5.23 -19.11 -12.07
C PRO A 686 -5.19 -17.64 -12.42
N ARG A 687 -6.07 -17.19 -13.31
CA ARG A 687 -6.11 -15.80 -13.70
C ARG A 687 -6.21 -14.93 -12.45
N ILE A 688 -6.62 -15.56 -11.35
CA ILE A 688 -6.75 -14.88 -10.07
C ILE A 688 -8.02 -14.05 -10.02
N SER A 689 -8.90 -14.25 -11.00
CA SER A 689 -10.15 -13.53 -11.07
C SER A 689 -11.20 -14.19 -10.18
N PHE A 690 -11.56 -13.54 -9.08
CA PHE A 690 -12.55 -14.11 -8.18
C PHE A 690 -13.75 -13.19 -8.08
N ASN A 691 -14.70 -13.59 -7.27
CA ASN A 691 -15.85 -12.79 -6.95
C ASN A 691 -15.86 -12.53 -5.46
N PHE A 692 -16.41 -11.39 -5.06
CA PHE A 692 -16.47 -11.16 -3.63
C PHE A 692 -17.69 -10.33 -3.32
N PHE A 693 -18.15 -10.44 -2.07
CA PHE A 693 -19.24 -9.59 -1.60
C PHE A 693 -19.12 -9.41 -0.10
N VAL A 694 -19.80 -8.38 0.40
CA VAL A 694 -19.62 -7.93 1.77
C VAL A 694 -20.93 -8.06 2.52
N THR A 695 -20.86 -8.52 3.76
CA THR A 695 -22.03 -8.62 4.62
C THR A 695 -21.83 -7.74 5.84
N ALA A 696 -22.91 -7.50 6.56
CA ALA A 696 -22.90 -6.71 7.78
C ALA A 696 -21.97 -7.38 8.80
N PRO A 697 -21.57 -6.69 9.86
CA PRO A 697 -20.56 -7.26 10.76
C PRO A 697 -20.87 -8.63 11.30
N LYS A 698 -21.96 -8.78 12.05
CA LYS A 698 -22.41 -10.10 12.46
C LYS A 698 -23.89 -10.24 12.13
N ASN A 699 -24.16 -10.47 10.86
CA ASN A 699 -25.49 -10.80 10.39
C ASN A 699 -25.31 -11.45 9.02
N VAL A 700 -25.30 -12.77 8.96
CA VAL A 700 -24.89 -13.41 7.72
C VAL A 700 -25.91 -13.20 6.62
N SER A 701 -27.14 -12.87 6.97
CA SER A 701 -28.21 -12.71 5.99
C SER A 701 -28.37 -11.29 5.49
N ASP A 702 -27.36 -10.44 5.68
CA ASP A 702 -27.48 -9.01 5.36
C ASP A 702 -26.37 -8.64 4.40
N ILE A 703 -26.68 -8.66 3.12
CA ILE A 703 -25.70 -8.34 2.11
C ILE A 703 -25.79 -6.86 1.76
N ILE A 704 -24.66 -6.18 1.86
CA ILE A 704 -24.57 -4.77 1.47
C ILE A 704 -24.84 -4.69 -0.02
N PRO A 705 -25.78 -3.86 -0.46
CA PRO A 705 -26.11 -3.81 -1.90
C PRO A 705 -24.90 -3.44 -2.72
N ARG A 706 -24.86 -3.96 -3.94
CA ARG A 706 -23.67 -3.80 -4.78
C ARG A 706 -23.39 -2.36 -5.14
N THR A 707 -24.42 -1.53 -5.27
CA THR A 707 -24.20 -0.16 -5.69
C THR A 707 -23.61 0.71 -4.59
N GLU A 708 -23.35 0.16 -3.41
CA GLU A 708 -22.59 0.88 -2.41
C GLU A 708 -21.16 0.39 -2.29
N VAL A 709 -20.95 -0.92 -2.45
CA VAL A 709 -19.59 -1.41 -2.63
C VAL A 709 -18.94 -0.79 -3.85
N GLU A 710 -19.70 -0.53 -4.91
CA GLU A 710 -19.15 0.14 -6.07
C GLU A 710 -18.81 1.60 -5.80
N LYS A 711 -19.22 2.15 -4.67
CA LYS A 711 -18.87 3.53 -4.35
C LYS A 711 -17.74 3.62 -3.35
N ALA A 712 -17.73 2.76 -2.34
CA ALA A 712 -16.60 2.74 -1.43
C ALA A 712 -15.31 2.47 -2.16
N ILE A 713 -15.34 1.55 -3.11
CA ILE A 713 -14.15 1.21 -3.86
C ILE A 713 -13.77 2.35 -4.79
N ARG A 714 -14.75 3.02 -5.39
CA ARG A 714 -14.42 4.22 -6.14
C ARG A 714 -13.74 5.25 -5.29
N MET A 715 -14.13 5.36 -4.02
CA MET A 715 -13.52 6.33 -3.14
C MET A 715 -12.08 5.96 -2.81
N SER A 716 -11.82 4.71 -2.44
CA SER A 716 -10.50 4.35 -1.95
C SER A 716 -9.70 3.47 -2.89
N ARG A 717 -9.97 3.52 -4.19
CA ARG A 717 -9.22 2.70 -5.14
C ARG A 717 -7.76 3.10 -5.19
N SER A 718 -7.49 4.40 -5.13
CA SER A 718 -6.11 4.87 -5.24
C SER A 718 -5.28 4.38 -4.07
N ARG A 719 -5.92 4.05 -2.96
CA ARG A 719 -5.22 3.54 -1.80
C ARG A 719 -5.20 2.02 -1.75
N ILE A 720 -6.19 1.37 -2.36
CA ILE A 720 -6.09 -0.08 -2.50
C ILE A 720 -4.99 -0.46 -3.49
N ASN A 721 -4.82 0.32 -4.55
CA ASN A 721 -3.84 -0.03 -5.57
C ASN A 721 -2.45 -0.16 -4.98
N ASP A 722 -1.91 0.93 -4.43
CA ASP A 722 -0.50 0.94 -4.08
C ASP A 722 -0.17 -0.06 -2.99
N ALA A 723 -1.18 -0.51 -2.23
CA ALA A 723 -0.93 -1.56 -1.27
C ALA A 723 -0.39 -2.81 -1.95
N PHE A 724 -0.69 -3.01 -3.22
CA PHE A 724 -0.19 -4.13 -3.98
C PHE A 724 0.77 -3.73 -5.09
N ARG A 725 1.01 -2.44 -5.28
CA ARG A 725 1.84 -1.88 -6.34
C ARG A 725 1.21 -1.99 -7.71
N LEU A 726 -0.06 -2.35 -7.81
CA LEU A 726 -0.72 -2.41 -9.10
C LEU A 726 -1.13 -1.01 -9.52
N ASN A 727 -1.60 -0.87 -10.76
CA ASN A 727 -1.76 0.48 -11.30
C ASN A 727 -3.04 0.69 -12.10
N ASP A 728 -4.18 0.16 -11.64
CA ASP A 728 -5.49 0.51 -12.19
C ASP A 728 -5.73 -0.07 -13.56
N ASN A 729 -4.71 -0.67 -14.16
CA ASN A 729 -4.88 -1.47 -15.36
C ASN A 729 -4.56 -2.92 -15.12
N SER A 730 -4.03 -3.27 -13.95
CA SER A 730 -3.78 -4.63 -13.56
C SER A 730 -4.62 -5.05 -12.38
N LEU A 731 -5.53 -4.18 -11.93
CA LEU A 731 -6.40 -4.47 -10.81
C LEU A 731 -7.84 -4.13 -11.21
N GLU A 732 -8.27 -4.68 -12.33
CA GLU A 732 -9.58 -4.39 -12.85
C GLU A 732 -10.65 -4.85 -11.89
N PHE A 733 -11.74 -4.07 -11.79
CA PHE A 733 -12.87 -4.45 -10.95
C PHE A 733 -14.10 -4.81 -11.77
N LEU A 734 -14.00 -4.75 -13.10
CA LEU A 734 -15.05 -5.27 -13.98
C LEU A 734 -16.41 -4.71 -13.65
N GLY A 735 -16.59 -3.41 -13.88
CA GLY A 735 -17.81 -2.72 -13.56
C GLY A 735 -17.57 -1.35 -12.98
N ILE A 736 -16.32 -0.99 -12.71
CA ILE A 736 -15.96 0.30 -12.16
C ILE A 736 -14.84 0.86 -13.00
N GLN A 737 -15.15 1.77 -13.84
CA GLN A 737 -13.97 2.15 -14.61
C GLN A 737 -13.55 3.58 -14.28
N PRO A 738 -12.26 3.87 -14.39
CA PRO A 738 -11.77 5.20 -14.01
C PRO A 738 -12.15 6.25 -15.04
N THR A 739 -12.34 7.47 -14.56
CA THR A 739 -12.72 8.58 -15.44
C THR A 739 -12.54 9.92 -14.73
N LEU A 740 -11.34 10.47 -14.78
CA LEU A 740 -11.05 11.75 -14.15
C LEU A 740 -9.78 12.38 -14.73
N GLY A 741 -9.95 13.34 -15.64
CA GLY A 741 -8.82 14.02 -16.24
C GLY A 741 -8.99 14.34 -17.71
N PRO A 742 -9.38 15.57 -18.03
CA PRO A 742 -9.58 15.98 -19.44
C PRO A 742 -8.41 16.82 -19.92
N PRO A 743 -8.30 17.14 -21.21
CA PRO A 743 -7.16 17.95 -21.61
C PRO A 743 -7.48 19.37 -22.08
N ASN A 744 -6.96 20.36 -21.36
CA ASN A 744 -7.13 21.76 -21.72
C ASN A 744 -6.16 22.61 -20.91
N GLN A 745 -4.91 22.63 -21.33
CA GLN A 745 -3.88 23.39 -20.61
C GLN A 745 -3.35 24.61 -21.35
N PRO A 746 -3.41 24.61 -22.67
CA PRO A 746 -2.89 25.77 -23.43
C PRO A 746 -3.68 27.02 -23.14
N PRO A 747 -3.05 28.05 -22.58
CA PRO A 747 -3.74 29.33 -22.37
C PRO A 747 -3.61 30.27 -23.55
N VAL A 748 -2.60 30.08 -24.41
CA VAL A 748 -2.16 31.13 -25.32
C VAL A 748 -2.16 30.72 -26.78
N SER A 749 -2.50 29.47 -27.10
CA SER A 749 -2.41 29.00 -28.49
C SER A 749 -1.00 29.21 -29.04
N ILE A 750 -0.07 28.39 -28.57
CA ILE A 750 1.33 28.50 -28.99
C ILE A 750 1.55 28.52 -30.50
N TRP A 751 0.78 27.71 -31.23
CA TRP A 751 0.92 27.69 -32.68
C TRP A 751 0.76 29.13 -33.17
N LEU A 752 -0.40 29.71 -32.89
CA LEU A 752 -0.69 31.07 -33.28
C LEU A 752 0.47 31.97 -32.89
N ILE A 753 0.86 31.95 -31.62
CA ILE A 753 1.97 32.81 -31.19
C ILE A 753 3.17 32.73 -32.13
N VAL A 754 3.74 31.54 -32.27
CA VAL A 754 4.90 31.36 -33.14
C VAL A 754 4.67 31.86 -34.56
N PHE A 755 3.58 31.43 -35.17
CA PHE A 755 3.27 31.85 -36.53
C PHE A 755 3.35 33.37 -36.60
N GLY A 756 2.61 34.01 -35.72
CA GLY A 756 2.59 35.45 -35.64
C GLY A 756 3.99 35.99 -35.66
N VAL A 757 4.79 35.69 -34.63
CA VAL A 757 6.16 36.22 -34.62
C VAL A 757 6.90 36.01 -35.94
N VAL A 758 6.96 34.78 -36.43
CA VAL A 758 7.68 34.52 -37.69
C VAL A 758 7.23 35.43 -38.83
N MET A 759 5.94 35.46 -39.12
CA MET A 759 5.49 36.30 -40.21
C MET A 759 6.09 37.70 -40.10
N GLY A 760 6.31 38.16 -38.87
CA GLY A 760 6.88 39.48 -38.64
C GLY A 760 8.25 39.66 -39.28
N VAL A 761 9.16 38.76 -38.96
CA VAL A 761 10.50 38.84 -39.52
C VAL A 761 10.48 38.89 -41.05
N ILE A 762 9.75 37.96 -41.66
CA ILE A 762 9.68 37.92 -43.11
C ILE A 762 9.04 39.17 -43.70
N VAL A 763 8.02 39.73 -43.07
CA VAL A 763 7.42 40.95 -43.62
C VAL A 763 8.48 42.05 -43.57
N VAL A 764 9.20 42.14 -42.45
CA VAL A 764 10.25 43.14 -42.32
C VAL A 764 11.20 43.00 -43.51
N GLY A 765 11.62 41.77 -43.78
CA GLY A 765 12.52 41.52 -44.88
C GLY A 765 11.96 41.96 -46.24
N ILE A 766 10.76 41.48 -46.55
CA ILE A 766 10.07 41.77 -47.80
C ILE A 766 9.46 43.16 -47.80
N VAL A 767 10.02 44.05 -46.98
CA VAL A 767 9.62 45.46 -46.97
C VAL A 767 10.92 46.28 -47.18
N ILE A 768 11.87 46.02 -46.29
CA ILE A 768 13.16 46.68 -46.32
C ILE A 768 13.90 46.37 -47.63
N LEU A 769 13.73 45.16 -48.13
CA LEU A 769 14.36 44.77 -49.38
C LEU A 769 13.79 45.64 -50.49
N ILE A 770 12.46 45.78 -50.49
CA ILE A 770 11.80 46.60 -51.50
C ILE A 770 12.39 48.01 -51.45
N PHE A 771 12.62 48.53 -50.24
CA PHE A 771 13.21 49.88 -50.19
C PHE A 771 14.64 49.97 -50.70
N THR A 772 15.52 49.02 -50.34
CA THR A 772 16.89 49.10 -50.85
C THR A 772 16.83 48.97 -52.38
N GLY A 773 15.76 48.33 -52.83
CA GLY A 773 15.47 48.09 -54.23
C GLY A 773 15.17 49.40 -54.93
N ILE A 774 14.24 50.19 -54.39
CA ILE A 774 13.97 51.48 -55.01
C ILE A 774 15.19 52.36 -54.83
N ARG A 775 16.05 51.99 -53.87
CA ARG A 775 17.30 52.71 -53.58
C ARG A 775 18.20 52.60 -54.80
N ASP A 776 18.38 51.37 -55.28
CA ASP A 776 19.22 51.19 -56.47
C ASP A 776 18.35 51.19 -57.74
N ARG A 777 17.12 51.68 -57.61
CA ARG A 777 16.21 51.73 -58.74
C ARG A 777 16.45 50.59 -59.72
N ARG B 26 23.79 39.23 -70.70
CA ARG B 26 23.06 39.01 -69.46
C ARG B 26 24.02 38.80 -68.30
N PRO B 27 23.50 38.97 -67.03
CA PRO B 27 24.46 38.75 -65.94
C PRO B 27 25.09 37.37 -66.04
N LEU B 28 26.11 37.08 -65.24
CA LEU B 28 26.75 35.78 -65.30
C LEU B 28 26.77 35.08 -63.94
N TRP B 29 27.61 34.05 -63.84
CA TRP B 29 27.75 33.28 -62.62
C TRP B 29 28.97 33.78 -61.85
N ALA B 30 29.41 33.00 -60.87
CA ALA B 30 30.58 33.37 -60.07
C ALA B 30 31.27 32.15 -59.48
N ASN B 31 32.59 32.21 -59.38
CA ASN B 31 33.38 31.11 -58.83
C ASN B 31 33.22 29.81 -59.63
N SER B 32 32.11 29.70 -60.34
CA SER B 32 31.82 28.52 -61.16
C SER B 32 31.31 27.37 -60.30
N LEU B 33 31.96 27.16 -59.17
CA LEU B 33 31.57 26.09 -58.26
C LEU B 33 30.13 26.25 -57.85
N GLN B 34 29.50 27.34 -58.28
CA GLN B 34 28.09 27.58 -57.94
C GLN B 34 27.19 26.87 -58.93
N PHE B 35 27.29 27.27 -60.20
CA PHE B 35 26.45 26.65 -61.22
C PHE B 35 26.10 25.21 -60.85
N VAL B 36 27.11 24.40 -60.50
CA VAL B 36 26.83 23.02 -60.16
C VAL B 36 26.12 22.92 -58.82
N PHE B 37 26.35 23.85 -57.90
CA PHE B 37 25.54 23.85 -56.67
C PHE B 37 24.10 24.29 -56.91
N ALA B 38 23.85 25.17 -57.88
CA ALA B 38 22.47 25.47 -58.22
C ALA B 38 21.78 24.30 -58.87
N CYS B 39 22.46 23.60 -59.79
CA CYS B 39 21.86 22.41 -60.38
C CYS B 39 21.61 21.34 -59.32
N ILE B 40 22.57 21.13 -58.42
CA ILE B 40 22.38 20.14 -57.37
C ILE B 40 21.24 20.53 -56.44
N SER B 41 21.09 21.83 -56.19
CA SER B 41 20.04 22.28 -55.28
C SER B 41 18.69 22.35 -55.97
N TYR B 42 18.67 22.29 -57.29
CA TYR B 42 17.42 22.32 -58.05
C TYR B 42 16.97 20.91 -58.40
N ALA B 43 17.77 19.92 -58.06
CA ALA B 43 17.46 18.55 -58.44
C ALA B 43 17.34 17.65 -57.23
N VAL B 44 17.81 18.11 -56.08
CA VAL B 44 17.82 17.30 -54.87
C VAL B 44 16.54 17.57 -54.09
N GLY B 45 15.62 18.32 -54.69
CA GLY B 45 14.42 18.75 -53.99
C GLY B 45 13.45 17.65 -53.62
N LEU B 46 12.23 18.03 -53.27
CA LEU B 46 11.27 17.11 -52.68
C LEU B 46 10.87 15.98 -53.61
N GLY B 47 11.44 15.89 -54.80
CA GLY B 47 11.21 14.71 -55.60
C GLY B 47 11.95 13.49 -55.08
N ASN B 48 12.84 13.69 -54.12
CA ASN B 48 13.63 12.59 -53.58
C ASN B 48 13.31 12.16 -52.15
N VAL B 49 13.16 13.11 -51.24
CA VAL B 49 12.92 12.76 -49.85
C VAL B 49 11.44 12.61 -49.54
N TRP B 50 10.55 13.04 -50.42
CA TRP B 50 9.12 12.98 -50.17
C TRP B 50 8.38 12.14 -51.19
N ARG B 51 8.58 12.37 -52.48
CA ARG B 51 7.80 11.69 -53.51
C ARG B 51 8.37 10.33 -53.87
N PHE B 52 9.69 10.17 -53.83
CA PHE B 52 10.25 8.86 -54.16
C PHE B 52 9.86 7.80 -53.13
N PRO B 53 9.89 8.08 -51.82
CA PRO B 53 9.44 7.04 -50.89
C PRO B 53 7.99 6.68 -51.07
N TYR B 54 7.11 7.68 -51.23
CA TYR B 54 5.70 7.41 -51.46
C TYR B 54 5.49 6.56 -52.71
N LEU B 55 6.17 6.89 -53.80
CA LEU B 55 6.09 6.05 -54.99
C LEU B 55 6.59 4.64 -54.70
N CYS B 56 7.82 4.51 -54.21
CA CYS B 56 8.42 3.19 -53.98
C CYS B 56 7.53 2.34 -53.09
N GLN B 57 6.78 2.97 -52.19
CA GLN B 57 5.84 2.24 -51.36
C GLN B 57 4.60 1.84 -52.15
N MET B 58 4.17 2.67 -53.10
CA MET B 58 2.97 2.34 -53.84
C MET B 58 3.09 1.03 -54.62
N TYR B 59 4.26 0.75 -55.21
CA TYR B 59 4.37 -0.32 -56.18
C TYR B 59 5.22 -1.49 -55.70
N GLY B 60 5.61 -1.52 -54.44
CA GLY B 60 6.20 -2.71 -53.86
C GLY B 60 7.64 -2.62 -53.41
N GLY B 61 8.30 -1.47 -53.54
CA GLY B 61 9.66 -1.38 -53.05
C GLY B 61 10.70 -1.79 -54.06
N GLY B 62 11.12 -3.06 -54.02
CA GLY B 62 12.04 -3.59 -54.99
C GLY B 62 11.48 -3.79 -56.37
N SER B 63 10.20 -3.51 -56.58
CA SER B 63 9.61 -3.50 -57.92
C SER B 63 9.66 -2.13 -58.58
N PHE B 64 10.18 -1.13 -57.89
CA PHE B 64 10.34 0.21 -58.40
C PHE B 64 11.79 0.60 -58.58
N LEU B 65 12.74 -0.15 -58.02
CA LEU B 65 14.14 0.24 -58.17
C LEU B 65 14.73 -0.10 -59.56
N VAL B 66 14.66 -1.37 -59.93
CA VAL B 66 15.20 -1.81 -61.20
C VAL B 66 14.82 -0.87 -62.35
N PRO B 67 13.48 -0.55 -62.44
CA PRO B 67 13.15 0.36 -63.55
C PRO B 67 13.94 1.64 -63.41
N TYR B 68 13.99 2.16 -62.19
CA TYR B 68 14.73 3.38 -61.92
C TYR B 68 16.11 3.34 -62.54
N ILE B 69 16.94 2.38 -62.11
CA ILE B 69 18.29 2.33 -62.65
C ILE B 69 18.34 2.19 -64.17
N ILE B 70 17.54 1.26 -64.70
CA ILE B 70 17.50 1.04 -66.14
C ILE B 70 17.34 2.38 -66.83
N MET B 71 16.34 3.14 -66.40
CA MET B 71 16.10 4.44 -66.96
C MET B 71 17.34 5.31 -66.82
N LEU B 72 17.67 5.66 -65.58
CA LEU B 72 18.84 6.50 -65.32
C LEU B 72 20.07 6.18 -66.17
N ILE B 73 20.15 4.98 -66.75
CA ILE B 73 21.34 4.69 -67.58
C ILE B 73 21.05 4.63 -69.09
N VAL B 74 20.03 5.34 -69.52
CA VAL B 74 19.60 5.39 -70.91
C VAL B 74 18.80 6.67 -71.19
N GLU B 75 17.88 7.01 -70.30
CA GLU B 75 16.98 8.12 -70.58
C GLU B 75 16.98 9.23 -69.56
N GLY B 76 17.90 9.22 -68.60
CA GLY B 76 17.96 10.30 -67.65
C GLY B 76 19.20 11.13 -67.78
N MET B 77 20.31 10.49 -68.11
CA MET B 77 21.60 11.16 -68.23
C MET B 77 21.82 11.79 -69.60
N PRO B 78 21.63 11.06 -70.71
CA PRO B 78 21.89 11.68 -72.01
C PRO B 78 21.01 12.87 -72.31
N LEU B 79 19.74 12.84 -71.97
CA LEU B 79 18.91 14.01 -72.23
C LEU B 79 19.29 15.17 -71.33
N LEU B 80 19.81 14.91 -70.14
CA LEU B 80 20.32 16.00 -69.34
C LEU B 80 21.52 16.64 -70.01
N TYR B 81 22.43 15.84 -70.56
CA TYR B 81 23.58 16.39 -71.26
C TYR B 81 23.13 17.18 -72.49
N LEU B 82 22.15 16.67 -73.22
CA LEU B 82 21.61 17.41 -74.37
C LEU B 82 21.04 18.75 -73.95
N GLU B 83 20.26 18.75 -72.87
CA GLU B 83 19.62 20.00 -72.46
C GLU B 83 20.66 21.02 -72.03
N LEU B 84 21.67 20.60 -71.28
CA LEU B 84 22.70 21.56 -70.89
C LEU B 84 23.47 22.06 -72.10
N ALA B 85 23.78 21.20 -73.07
CA ALA B 85 24.49 21.68 -74.24
C ALA B 85 23.65 22.67 -75.03
N VAL B 86 22.38 22.39 -75.24
CA VAL B 86 21.54 23.33 -75.99
C VAL B 86 21.44 24.65 -75.25
N GLY B 87 21.24 24.61 -73.93
CA GLY B 87 21.17 25.86 -73.20
C GLY B 87 22.48 26.61 -73.16
N GLN B 88 23.59 25.94 -73.42
CA GLN B 88 24.86 26.66 -73.43
C GLN B 88 25.19 27.22 -74.80
N ARG B 89 24.84 26.52 -75.88
CA ARG B 89 25.27 27.02 -77.18
C ARG B 89 24.34 28.10 -77.72
N MET B 90 23.02 27.92 -77.61
CA MET B 90 22.12 28.95 -78.10
C MET B 90 22.17 30.21 -77.25
N ARG B 91 22.77 30.15 -76.08
CA ARG B 91 23.06 31.31 -75.24
C ARG B 91 21.81 32.05 -74.79
N GLN B 92 20.63 31.47 -74.92
CA GLN B 92 19.43 32.21 -74.59
C GLN B 92 18.55 31.44 -73.62
N GLY B 93 17.36 31.97 -73.32
CA GLY B 93 16.48 31.38 -72.34
C GLY B 93 15.79 30.12 -72.81
N SER B 94 14.62 29.85 -72.24
CA SER B 94 13.88 28.62 -72.53
C SER B 94 12.92 28.77 -73.70
N ILE B 95 12.71 29.98 -74.20
CA ILE B 95 11.94 30.20 -75.42
C ILE B 95 12.81 30.69 -76.55
N GLY B 96 13.71 31.64 -76.27
CA GLY B 96 14.62 32.11 -77.29
C GLY B 96 15.52 31.00 -77.82
N ALA B 97 15.73 29.95 -77.04
CA ALA B 97 16.60 28.88 -77.49
C ALA B 97 15.99 28.11 -78.65
N TRP B 98 14.68 27.90 -78.64
CA TRP B 98 14.06 27.08 -79.67
C TRP B 98 13.69 27.88 -80.90
N ARG B 99 13.25 29.12 -80.75
CA ARG B 99 12.92 29.92 -81.93
C ARG B 99 14.12 30.00 -82.87
N THR B 100 15.32 30.03 -82.34
CA THR B 100 16.54 30.15 -83.13
C THR B 100 16.88 28.87 -83.87
N ILE B 101 16.14 27.78 -83.66
CA ILE B 101 16.36 26.54 -84.39
C ILE B 101 15.48 26.40 -85.60
N SER B 102 14.17 26.51 -85.45
CA SER B 102 13.25 26.54 -86.58
C SER B 102 11.97 27.25 -86.14
N PRO B 103 11.74 28.49 -86.55
CA PRO B 103 10.62 29.27 -85.99
C PRO B 103 9.27 28.58 -86.05
N TYR B 104 9.16 27.44 -86.75
CA TYR B 104 7.96 26.62 -86.65
C TYR B 104 7.93 25.79 -85.37
N LEU B 105 8.93 25.94 -84.52
CA LEU B 105 9.04 25.12 -83.32
C LEU B 105 8.96 26.04 -82.11
N SER B 106 8.29 27.16 -82.26
CA SER B 106 8.25 28.18 -81.22
C SER B 106 7.48 27.74 -79.99
N GLY B 107 6.46 26.90 -80.15
CA GLY B 107 5.60 26.54 -79.06
C GLY B 107 6.27 25.87 -77.87
N VAL B 108 7.31 25.08 -78.11
CA VAL B 108 7.89 24.25 -77.06
C VAL B 108 8.23 25.09 -75.85
N GLY B 109 8.70 26.31 -76.07
CA GLY B 109 8.93 27.20 -74.95
C GLY B 109 7.66 27.53 -74.18
N VAL B 110 6.56 27.73 -74.89
CA VAL B 110 5.33 28.09 -74.21
C VAL B 110 4.78 26.89 -73.43
N ALA B 111 4.93 25.68 -73.97
CA ALA B 111 4.55 24.50 -73.20
C ALA B 111 5.45 24.33 -71.98
N SER B 112 6.74 24.60 -72.13
CA SER B 112 7.65 24.46 -71.01
C SER B 112 7.44 25.54 -69.95
N VAL B 113 6.81 26.65 -70.31
CA VAL B 113 6.44 27.63 -69.29
C VAL B 113 5.14 27.25 -68.62
N VAL B 114 4.15 26.78 -69.40
CA VAL B 114 2.87 26.42 -68.81
C VAL B 114 3.03 25.27 -67.82
N VAL B 115 3.88 24.29 -68.15
CA VAL B 115 4.07 23.17 -67.22
C VAL B 115 4.68 23.64 -65.92
N SER B 116 5.69 24.51 -65.99
CA SER B 116 6.31 24.99 -64.77
C SER B 116 5.32 25.79 -63.93
N PHE B 117 4.43 26.53 -64.59
CA PHE B 117 3.39 27.24 -63.86
C PHE B 117 2.51 26.27 -63.08
N PHE B 118 1.93 25.28 -63.79
CA PHE B 118 1.11 24.27 -63.12
C PHE B 118 1.87 23.57 -62.02
N LEU B 119 3.18 23.39 -62.19
CA LEU B 119 3.94 22.70 -61.17
C LEU B 119 4.05 23.51 -59.91
N SER B 120 4.53 24.76 -60.01
CA SER B 120 4.68 25.57 -58.81
C SER B 120 3.37 25.72 -58.07
N MET B 121 2.27 25.87 -58.83
CA MET B 121 0.97 26.14 -58.23
C MET B 121 0.62 25.14 -57.14
N TYR B 122 0.94 23.86 -57.34
CA TYR B 122 0.68 22.87 -56.31
C TYR B 122 1.91 22.50 -55.52
N TYR B 123 3.11 22.77 -56.03
CA TYR B 123 4.31 22.43 -55.30
C TYR B 123 4.46 23.26 -54.05
N ASN B 124 3.89 24.45 -54.02
CA ASN B 124 4.09 25.25 -52.81
C ASN B 124 3.28 24.77 -51.61
N VAL B 125 2.21 24.01 -51.83
CA VAL B 125 1.40 23.61 -50.70
C VAL B 125 2.14 22.61 -49.81
N ILE B 126 3.16 21.94 -50.34
CA ILE B 126 3.97 21.06 -49.49
C ILE B 126 4.75 21.87 -48.47
N ASN B 127 5.39 22.95 -48.90
CA ASN B 127 6.01 23.84 -47.95
C ASN B 127 4.97 24.41 -46.98
N ALA B 128 3.75 24.63 -47.45
CA ALA B 128 2.72 25.09 -46.51
C ALA B 128 2.48 24.11 -45.38
N TRP B 129 2.28 22.83 -45.71
CA TRP B 129 2.05 21.84 -44.67
C TRP B 129 3.27 21.67 -43.78
N ALA B 130 4.47 21.76 -44.34
CA ALA B 130 5.65 21.66 -43.50
C ALA B 130 5.72 22.81 -42.51
N PHE B 131 5.37 24.03 -42.93
CA PHE B 131 5.24 25.11 -41.96
C PHE B 131 4.25 24.78 -40.88
N TRP B 132 3.11 24.20 -41.25
CA TRP B 132 2.10 23.96 -40.23
C TRP B 132 2.63 22.98 -39.19
N TYR B 133 3.27 21.90 -39.63
CA TYR B 133 3.79 20.92 -38.69
C TYR B 133 4.89 21.51 -37.83
N LEU B 134 5.84 22.24 -38.44
CA LEU B 134 6.91 22.85 -37.66
C LEU B 134 6.37 23.80 -36.62
N PHE B 135 5.32 24.56 -36.95
CA PHE B 135 4.68 25.42 -35.96
C PHE B 135 4.11 24.61 -34.81
N HIS B 136 3.35 23.56 -35.11
CA HIS B 136 2.79 22.76 -34.03
C HIS B 136 3.81 21.99 -33.23
N SER B 137 5.06 21.89 -33.68
CA SER B 137 6.03 21.07 -32.97
C SER B 137 6.76 21.81 -31.86
N PHE B 138 6.14 22.81 -31.24
CA PHE B 138 6.70 23.45 -30.05
C PHE B 138 5.89 23.18 -28.79
N GLN B 139 4.74 22.54 -28.92
CA GLN B 139 3.85 22.33 -27.77
C GLN B 139 4.46 21.27 -26.86
N ASP B 140 3.67 20.82 -25.90
CA ASP B 140 4.01 19.66 -25.07
C ASP B 140 2.77 19.09 -24.38
N PRO B 141 2.47 17.80 -24.55
CA PRO B 141 3.23 16.86 -25.35
C PRO B 141 2.86 17.04 -26.80
N LEU B 142 3.60 16.45 -27.72
CA LEU B 142 3.36 16.68 -29.13
C LEU B 142 1.90 16.38 -29.46
N PRO B 143 1.24 17.25 -30.23
CA PRO B 143 -0.19 17.06 -30.47
C PRO B 143 -0.53 15.77 -31.18
N TRP B 144 0.38 15.19 -31.94
CA TRP B 144 0.13 13.91 -32.59
C TRP B 144 0.59 12.73 -31.75
N SER B 145 0.82 12.93 -30.45
CA SER B 145 1.29 11.86 -29.59
C SER B 145 0.23 11.34 -28.64
N VAL B 146 -0.83 12.09 -28.39
CA VAL B 146 -1.94 11.63 -27.57
C VAL B 146 -3.23 11.96 -28.26
N CYS B 147 -4.21 11.10 -28.07
CA CYS B 147 -5.49 11.37 -28.71
C CYS B 147 -6.49 11.96 -27.73
N PRO B 148 -7.43 12.75 -28.21
CA PRO B 148 -8.32 13.48 -27.30
C PRO B 148 -9.23 12.53 -26.56
N LEU B 149 -9.81 13.02 -25.47
CA LEU B 149 -10.74 12.22 -24.70
C LEU B 149 -12.16 12.40 -25.21
N ASN B 150 -12.93 11.33 -25.14
CA ASN B 150 -14.25 11.25 -25.79
C ASN B 150 -15.32 12.01 -25.04
N GLY B 151 -16.58 11.67 -25.30
CA GLY B 151 -17.70 12.37 -24.69
C GLY B 151 -17.97 12.01 -23.25
N ASN B 152 -17.28 11.02 -22.67
CA ASN B 152 -17.38 10.78 -21.23
C ASN B 152 -16.04 10.48 -20.58
N HIS B 153 -14.96 11.11 -21.02
CA HIS B 153 -13.71 11.17 -20.27
C HIS B 153 -13.28 9.80 -19.74
N THR B 154 -13.53 8.73 -20.50
CA THR B 154 -13.12 7.38 -20.13
C THR B 154 -12.20 6.70 -21.13
N GLY B 155 -12.02 7.26 -22.31
CA GLY B 155 -11.20 6.60 -23.30
C GLY B 155 -11.01 7.49 -24.51
N TYR B 156 -10.08 7.07 -25.34
CA TYR B 156 -9.67 7.84 -26.50
C TYR B 156 -10.81 7.89 -27.50
N ASP B 157 -10.64 8.68 -28.56
CA ASP B 157 -11.73 8.86 -29.51
C ASP B 157 -11.80 7.66 -30.46
N GLU B 158 -12.89 7.60 -31.23
CA GLU B 158 -13.14 6.41 -32.04
C GLU B 158 -12.15 6.30 -33.20
N GLU B 159 -11.82 7.41 -33.85
CA GLU B 159 -10.92 7.33 -34.99
C GLU B 159 -9.49 7.03 -34.56
N CYS B 160 -9.09 7.46 -33.35
CA CYS B 160 -7.75 7.24 -32.82
C CYS B 160 -7.52 5.86 -32.23
N GLU B 161 -8.50 4.97 -32.28
CA GLU B 161 -8.21 3.60 -31.89
C GLU B 161 -8.10 2.69 -33.11
N LYS B 162 -9.00 2.86 -34.09
CA LYS B 162 -8.84 2.14 -35.34
C LYS B 162 -7.65 2.67 -36.13
N ALA B 163 -7.47 3.99 -36.19
CA ALA B 163 -6.30 4.60 -36.78
C ALA B 163 -5.37 5.05 -35.68
N SER B 164 -4.08 5.10 -36.00
CA SER B 164 -3.11 5.53 -35.01
C SER B 164 -3.36 6.99 -34.64
N SER B 165 -2.54 7.53 -33.77
CA SER B 165 -2.70 8.94 -33.43
C SER B 165 -2.32 9.82 -34.61
N THR B 166 -1.21 9.52 -35.26
CA THR B 166 -0.70 10.41 -36.29
C THR B 166 -1.60 10.44 -37.51
N GLN B 167 -2.20 9.31 -37.88
CA GLN B 167 -3.12 9.37 -39.00
C GLN B 167 -4.35 10.20 -38.66
N TYR B 168 -4.82 10.13 -37.42
CA TYR B 168 -5.93 11.00 -37.05
C TYR B 168 -5.52 12.46 -37.13
N PHE B 169 -4.30 12.80 -36.72
CA PHE B 169 -3.88 14.19 -36.83
C PHE B 169 -3.81 14.63 -38.28
N TRP B 170 -3.14 13.86 -39.13
CA TRP B 170 -2.98 14.29 -40.51
C TRP B 170 -4.25 14.22 -41.33
N TYR B 171 -5.28 13.50 -40.86
CA TYR B 171 -6.49 13.45 -41.65
C TYR B 171 -7.65 14.18 -41.04
N ARG B 172 -7.57 14.66 -39.80
CA ARG B 172 -8.74 15.30 -39.22
C ARG B 172 -8.44 16.55 -38.40
N LYS B 173 -7.18 16.93 -38.23
CA LYS B 173 -6.88 18.22 -37.63
C LYS B 173 -6.20 19.18 -38.59
N THR B 174 -5.43 18.68 -39.56
CA THR B 174 -4.79 19.54 -40.53
C THR B 174 -5.53 19.64 -41.84
N LEU B 175 -6.43 18.71 -42.13
CA LEU B 175 -7.12 18.67 -43.42
C LEU B 175 -8.63 18.72 -43.31
N ASN B 176 -9.21 18.03 -42.33
CA ASN B 176 -10.66 17.90 -42.22
C ASN B 176 -11.24 17.30 -43.50
N ILE B 177 -10.57 16.27 -44.00
CA ILE B 177 -10.81 15.76 -45.34
C ILE B 177 -12.19 15.12 -45.41
N SER B 178 -13.00 15.61 -46.32
CA SER B 178 -14.33 15.06 -46.55
C SER B 178 -14.22 13.71 -47.27
N PRO B 179 -15.11 12.77 -46.99
CA PRO B 179 -14.93 11.41 -47.50
C PRO B 179 -15.29 11.21 -48.96
N SER B 180 -15.49 12.26 -49.75
CA SER B 180 -15.85 12.07 -51.15
C SER B 180 -15.50 13.31 -51.94
N LEU B 181 -14.94 13.10 -53.13
CA LEU B 181 -14.64 14.21 -54.01
C LEU B 181 -15.89 14.95 -54.44
N GLN B 182 -17.06 14.38 -54.20
CA GLN B 182 -18.29 15.09 -54.52
C GLN B 182 -18.74 16.03 -53.40
N GLU B 183 -18.56 15.63 -52.14
CA GLU B 183 -18.98 16.45 -51.01
C GLU B 183 -17.87 17.45 -50.68
N ASN B 184 -17.90 18.57 -51.36
CA ASN B 184 -16.88 19.60 -51.21
C ASN B 184 -17.30 20.53 -50.07
N GLY B 185 -16.64 21.66 -49.93
CA GLY B 185 -16.97 22.58 -48.85
C GLY B 185 -16.47 23.99 -49.05
N GLY B 186 -16.18 24.66 -47.94
CA GLY B 186 -15.68 26.02 -47.97
C GLY B 186 -14.21 26.06 -47.58
N VAL B 187 -13.57 27.17 -47.94
CA VAL B 187 -12.12 27.28 -47.76
C VAL B 187 -11.79 27.08 -46.30
N GLN B 188 -10.84 26.21 -46.01
CA GLN B 188 -10.42 26.08 -44.63
C GLN B 188 -9.69 27.34 -44.22
N TRP B 189 -9.31 27.38 -42.95
CA TRP B 189 -8.79 28.63 -42.42
C TRP B 189 -7.32 28.55 -42.07
N GLU B 190 -6.87 27.48 -41.41
CA GLU B 190 -5.47 27.43 -41.00
C GLU B 190 -4.53 27.13 -42.16
N PRO B 191 -4.63 26.01 -42.87
CA PRO B 191 -3.64 25.74 -43.92
C PRO B 191 -3.64 26.78 -45.03
N ALA B 192 -4.72 27.53 -45.22
CA ALA B 192 -4.66 28.64 -46.17
C ALA B 192 -3.70 29.71 -45.69
N LEU B 193 -3.76 30.05 -44.40
CA LEU B 193 -2.85 31.03 -43.86
C LEU B 193 -1.40 30.53 -43.94
N CYS B 194 -1.18 29.24 -43.71
CA CYS B 194 0.18 28.72 -43.87
C CYS B 194 0.64 28.79 -45.32
N LEU B 195 -0.25 28.53 -46.28
CA LEU B 195 0.11 28.70 -47.68
C LEU B 195 0.49 30.14 -47.97
N LEU B 196 -0.25 31.09 -47.40
CA LEU B 196 0.11 32.49 -47.54
C LEU B 196 1.52 32.75 -47.04
N LEU B 197 1.87 32.20 -45.89
CA LEU B 197 3.21 32.43 -45.37
C LEU B 197 4.27 31.81 -46.28
N ALA B 198 4.00 30.64 -46.83
CA ALA B 198 5.00 30.02 -47.70
C ALA B 198 5.23 30.84 -48.96
N TRP B 199 4.15 31.37 -49.54
CA TRP B 199 4.35 32.22 -50.71
C TRP B 199 5.06 33.51 -50.35
N LEU B 200 4.77 34.10 -49.19
CA LEU B 200 5.53 35.29 -48.81
C LEU B 200 7.00 34.99 -48.66
N VAL B 201 7.35 33.84 -48.10
CA VAL B 201 8.78 33.55 -47.94
C VAL B 201 9.45 33.36 -49.29
N VAL B 202 8.79 32.67 -50.23
CA VAL B 202 9.44 32.50 -51.54
C VAL B 202 9.53 33.83 -52.27
N TYR B 203 8.51 34.68 -52.16
CA TYR B 203 8.59 35.98 -52.81
C TYR B 203 9.67 36.85 -52.20
N LEU B 204 9.90 36.68 -50.90
CA LEU B 204 10.94 37.42 -50.20
C LEU B 204 12.33 36.94 -50.62
N CYS B 205 12.49 35.64 -50.88
CA CYS B 205 13.77 35.10 -51.28
C CYS B 205 14.08 35.34 -52.75
N ILE B 206 13.04 35.47 -53.58
CA ILE B 206 13.26 35.71 -55.01
C ILE B 206 13.45 37.20 -55.30
N LEU B 207 13.85 37.95 -54.29
CA LEU B 207 14.08 39.38 -54.43
C LEU B 207 15.58 39.60 -54.60
N ARG B 208 16.08 39.24 -55.77
CA ARG B 208 17.50 39.41 -56.07
C ARG B 208 17.80 38.87 -57.47
N GLY B 209 16.78 38.35 -58.13
CA GLY B 209 16.93 37.82 -59.47
C GLY B 209 17.83 36.59 -59.49
N THR B 210 17.36 35.53 -60.14
CA THR B 210 18.13 34.30 -60.24
C THR B 210 19.59 34.55 -60.57
N GLU B 211 19.82 35.40 -61.56
CA GLU B 211 21.17 35.75 -62.00
C GLU B 211 22.16 35.94 -60.85
N SER B 212 21.64 36.09 -59.63
CA SER B 212 22.51 36.29 -58.48
C SER B 212 22.03 35.63 -57.18
N THR B 213 21.01 34.76 -57.18
CA THR B 213 20.56 34.05 -55.92
C THR B 213 21.48 32.89 -55.35
N GLY B 214 22.76 32.99 -55.67
CA GLY B 214 23.76 32.03 -55.26
C GLY B 214 23.84 31.65 -53.80
N LYS B 215 23.85 32.64 -52.91
CA LYS B 215 23.94 32.37 -51.48
C LYS B 215 22.91 31.33 -51.04
N VAL B 216 21.64 31.67 -51.19
CA VAL B 216 20.56 30.77 -50.80
C VAL B 216 20.76 29.40 -51.44
N VAL B 217 21.00 29.38 -52.76
CA VAL B 217 21.20 28.06 -53.38
C VAL B 217 22.23 27.21 -52.60
N TYR B 218 23.43 27.75 -52.52
CA TYR B 218 24.53 27.11 -51.81
C TYR B 218 24.08 26.58 -50.47
N PHE B 219 23.53 27.44 -49.61
CA PHE B 219 23.10 26.99 -48.30
C PHE B 219 22.18 25.78 -48.35
N THR B 220 21.04 25.78 -49.01
CA THR B 220 20.24 24.54 -48.97
C THR B 220 21.01 23.18 -48.79
N ALA B 221 21.49 22.63 -49.91
CA ALA B 221 22.20 21.34 -49.96
C ALA B 221 23.05 20.94 -48.74
N SER B 222 24.05 21.77 -48.44
CA SER B 222 24.93 21.52 -47.31
C SER B 222 24.07 21.21 -46.09
N LEU B 223 23.02 21.99 -45.94
CA LEU B 223 22.07 21.80 -44.87
C LEU B 223 21.58 20.37 -44.97
N PRO B 224 20.56 20.16 -45.80
CA PRO B 224 19.88 18.87 -45.99
C PRO B 224 20.71 17.61 -46.21
N TYR B 225 21.83 17.47 -45.50
CA TYR B 225 22.68 16.30 -45.65
C TYR B 225 23.25 15.92 -44.28
N CYS B 226 23.24 16.90 -43.38
CA CYS B 226 23.73 16.72 -42.03
C CYS B 226 22.58 16.18 -41.18
N VAL B 227 21.38 16.17 -41.75
CA VAL B 227 20.20 15.68 -41.06
C VAL B 227 19.93 14.23 -41.46
N LEU B 228 19.82 13.95 -42.75
CA LEU B 228 19.57 12.59 -43.17
C LEU B 228 20.52 11.62 -42.53
N ILE B 229 21.77 12.01 -42.27
CA ILE B 229 22.65 11.05 -41.61
C ILE B 229 22.29 10.91 -40.13
N ILE B 230 21.82 11.97 -39.49
CA ILE B 230 21.33 11.82 -38.12
C ILE B 230 20.16 10.86 -38.08
N TYR B 231 19.21 11.00 -39.01
CA TYR B 231 18.11 10.05 -39.01
C TYR B 231 18.55 8.67 -39.45
N LEU B 232 19.66 8.53 -40.18
CA LEU B 232 20.12 7.20 -40.52
C LEU B 232 20.76 6.52 -39.32
N ILE B 233 21.31 7.30 -38.39
CA ILE B 233 21.82 6.68 -37.16
C ILE B 233 20.71 6.44 -36.17
N ARG B 234 19.65 7.23 -36.21
CA ARG B 234 18.54 6.95 -35.31
C ARG B 234 17.58 5.91 -35.90
N GLY B 235 17.66 5.67 -37.20
CA GLY B 235 16.79 4.68 -37.81
C GLY B 235 17.30 3.27 -37.60
N LEU B 236 18.54 3.02 -38.03
CA LEU B 236 19.08 1.68 -38.07
C LEU B 236 19.42 1.13 -36.70
N THR B 237 18.88 1.68 -35.63
CA THR B 237 18.97 1.06 -34.33
C THR B 237 17.63 0.84 -33.67
N LEU B 238 16.54 1.27 -34.30
CA LEU B 238 15.21 0.95 -33.79
C LEU B 238 15.02 -0.55 -33.74
N HIS B 239 14.15 -1.00 -32.84
CA HIS B 239 13.85 -2.43 -32.75
C HIS B 239 12.85 -2.81 -33.80
N GLY B 240 13.29 -3.53 -34.82
CA GLY B 240 12.42 -3.90 -35.91
C GLY B 240 12.63 -3.00 -37.10
N ALA B 241 13.89 -2.66 -37.37
CA ALA B 241 14.24 -1.79 -38.48
C ALA B 241 14.96 -2.50 -39.59
N THR B 242 15.13 -3.82 -39.50
CA THR B 242 15.67 -4.56 -40.63
C THR B 242 14.58 -5.16 -41.48
N ASN B 243 13.41 -5.47 -40.91
CA ASN B 243 12.32 -5.96 -41.73
C ASN B 243 11.95 -4.95 -42.81
N GLY B 244 11.94 -3.67 -42.45
CA GLY B 244 11.68 -2.65 -43.45
C GLY B 244 12.69 -2.64 -44.57
N LEU B 245 13.96 -2.85 -44.27
CA LEU B 245 14.96 -2.90 -45.33
C LEU B 245 14.80 -4.14 -46.20
N MET B 246 14.66 -5.31 -45.57
CA MET B 246 14.47 -6.53 -46.33
C MET B 246 13.19 -6.50 -47.13
N TYR B 247 12.31 -5.54 -46.85
CA TYR B 247 11.18 -5.32 -47.76
C TYR B 247 11.54 -4.34 -48.87
N MET B 248 12.24 -3.25 -48.52
CA MET B 248 12.54 -2.24 -49.52
C MET B 248 13.48 -2.76 -50.60
N PHE B 249 14.26 -3.79 -50.31
CA PHE B 249 15.18 -4.30 -51.30
C PHE B 249 14.74 -5.59 -51.98
N THR B 250 13.89 -6.40 -51.37
CA THR B 250 13.71 -7.68 -52.04
C THR B 250 12.88 -7.48 -53.32
N PRO B 251 13.25 -8.16 -54.40
CA PRO B 251 12.57 -7.94 -55.67
C PRO B 251 11.48 -8.96 -55.92
N LYS B 252 10.45 -8.56 -56.64
CA LYS B 252 9.39 -9.47 -57.04
C LYS B 252 9.30 -9.45 -58.56
N ILE B 253 9.58 -10.58 -59.20
CA ILE B 253 9.39 -10.64 -60.63
C ILE B 253 7.95 -11.04 -60.84
N GLU B 254 7.04 -10.16 -60.46
CA GLU B 254 5.63 -10.33 -60.74
C GLU B 254 5.06 -8.99 -61.16
N GLN B 255 5.54 -7.93 -60.51
CA GLN B 255 5.12 -6.57 -60.80
C GLN B 255 5.98 -5.92 -61.86
N LEU B 256 6.95 -6.65 -62.41
CA LEU B 256 7.66 -6.19 -63.58
C LEU B 256 6.80 -6.29 -64.84
N ALA B 257 5.49 -6.48 -64.68
CA ALA B 257 4.53 -6.34 -65.76
C ALA B 257 3.73 -5.06 -65.67
N ASN B 258 3.48 -4.58 -64.47
CA ASN B 258 2.61 -3.45 -64.20
C ASN B 258 3.08 -2.22 -64.96
N PRO B 259 2.38 -1.80 -66.02
CA PRO B 259 2.92 -0.72 -66.85
C PRO B 259 2.94 0.62 -66.14
N LYS B 260 1.98 0.86 -65.26
CA LYS B 260 2.00 2.09 -64.48
C LYS B 260 3.30 2.21 -63.70
N ALA B 261 3.88 1.09 -63.25
CA ALA B 261 5.15 1.15 -62.53
C ALA B 261 6.24 1.71 -63.42
N TRP B 262 6.31 1.29 -64.68
CA TRP B 262 7.39 1.76 -65.54
C TRP B 262 7.17 3.19 -66.00
N ILE B 263 5.94 3.55 -66.38
CA ILE B 263 5.73 4.95 -66.74
C ILE B 263 5.96 5.85 -65.54
N ASN B 264 5.64 5.38 -64.33
CA ASN B 264 5.91 6.18 -63.15
C ASN B 264 7.41 6.26 -62.87
N ALA B 265 8.17 5.21 -63.15
CA ALA B 265 9.62 5.31 -63.03
C ALA B 265 10.17 6.39 -63.95
N ALA B 266 9.78 6.34 -65.22
CA ALA B 266 10.29 7.32 -66.18
C ALA B 266 9.87 8.74 -65.82
N THR B 267 8.60 8.92 -65.44
CA THR B 267 8.16 10.26 -65.09
C THR B 267 8.77 10.74 -63.79
N GLN B 268 9.05 9.80 -62.89
CA GLN B 268 9.69 10.10 -61.64
C GLN B 268 11.04 10.74 -62.00
N ILE B 269 11.79 10.08 -62.87
CA ILE B 269 13.09 10.62 -63.30
C ILE B 269 12.90 11.99 -63.92
N PHE B 270 12.10 12.08 -64.98
CA PHE B 270 11.97 13.36 -65.68
C PHE B 270 11.47 14.47 -64.77
N PHE B 271 10.83 14.13 -63.67
CA PHE B 271 10.41 15.13 -62.70
C PHE B 271 11.53 15.46 -61.74
N SER B 272 12.39 14.50 -61.42
CA SER B 272 13.43 14.75 -60.44
C SER B 272 14.54 15.63 -61.00
N LEU B 273 15.04 15.30 -62.20
CA LEU B 273 16.10 16.10 -62.80
C LEU B 273 15.58 17.44 -63.30
N GLY B 274 14.35 17.49 -63.77
CA GLY B 274 13.80 18.70 -64.35
C GLY B 274 13.80 18.73 -65.85
N LEU B 275 14.06 17.60 -66.51
CA LEU B 275 14.08 17.54 -67.96
C LEU B 275 12.71 17.90 -68.52
N GLY B 276 12.62 19.02 -69.22
CA GLY B 276 11.39 19.44 -69.82
C GLY B 276 10.80 20.69 -69.21
N PHE B 277 11.09 20.98 -67.95
CA PHE B 277 10.63 22.23 -67.36
C PHE B 277 11.32 23.43 -67.96
N GLY B 278 12.28 23.23 -68.86
CA GLY B 278 13.00 24.35 -69.43
C GLY B 278 13.70 25.19 -68.39
N SER B 279 14.21 24.59 -67.33
CA SER B 279 14.94 25.37 -66.33
C SER B 279 16.45 25.12 -66.48
N LEU B 280 16.80 23.85 -66.45
CA LEU B 280 18.19 23.43 -66.59
C LEU B 280 18.80 24.16 -67.76
N ILE B 281 17.99 24.38 -68.79
CA ILE B 281 18.43 25.09 -69.99
C ILE B 281 18.89 26.50 -69.62
N ALA B 282 18.02 27.24 -68.93
CA ALA B 282 18.35 28.60 -68.51
C ALA B 282 19.66 28.62 -67.72
N PHE B 283 19.83 27.60 -66.89
CA PHE B 283 21.06 27.54 -66.09
C PHE B 283 22.27 27.35 -66.98
N ALA B 284 22.29 26.27 -67.77
CA ALA B 284 23.42 26.03 -68.66
C ALA B 284 23.40 27.05 -69.80
N SER B 285 22.60 28.09 -69.57
CA SER B 285 22.44 29.19 -70.49
C SER B 285 23.30 30.35 -70.02
N TYR B 286 23.13 30.76 -68.77
CA TYR B 286 23.96 31.87 -68.26
C TYR B 286 25.42 31.43 -68.39
N ASN B 287 25.92 30.83 -67.31
CA ASN B 287 27.27 30.27 -67.22
C ASN B 287 28.15 30.60 -68.40
N GLU B 288 29.42 30.91 -68.13
CA GLU B 288 30.35 31.23 -69.21
C GLU B 288 30.57 30.06 -70.17
N PRO B 289 30.89 30.34 -71.42
CA PRO B 289 31.02 29.26 -72.40
C PRO B 289 32.42 28.70 -72.47
N SER B 290 32.98 28.33 -71.31
CA SER B 290 34.24 27.60 -71.26
C SER B 290 34.12 26.32 -70.44
N ASN B 291 32.91 25.85 -70.20
CA ASN B 291 32.67 24.71 -69.33
C ASN B 291 33.14 23.41 -69.97
N ASN B 292 32.88 22.30 -69.29
CA ASN B 292 33.20 20.96 -69.76
C ASN B 292 31.98 20.08 -69.58
N CYS B 293 30.85 20.55 -70.09
CA CYS B 293 29.51 20.09 -69.74
C CYS B 293 29.37 18.60 -69.48
N GLN B 294 30.11 17.77 -70.21
CA GLN B 294 30.05 16.33 -70.06
C GLN B 294 30.38 15.86 -68.65
N LYS B 295 31.02 16.71 -67.85
CA LYS B 295 31.34 16.38 -66.48
C LYS B 295 30.55 17.20 -65.48
N HIS B 296 29.53 17.93 -65.95
CA HIS B 296 28.54 18.54 -65.07
C HIS B 296 27.19 17.90 -65.24
N ALA B 297 27.03 17.00 -66.21
CA ALA B 297 25.85 16.17 -66.29
C ALA B 297 25.94 14.97 -65.37
N ILE B 298 26.95 14.12 -65.57
CA ILE B 298 27.15 12.98 -64.70
C ILE B 298 27.19 13.40 -63.23
N ILE B 299 28.09 14.31 -62.86
CA ILE B 299 28.22 14.71 -61.47
C ILE B 299 26.89 15.24 -60.91
N VAL B 300 26.00 15.75 -61.77
CA VAL B 300 24.67 16.03 -61.25
C VAL B 300 23.87 14.76 -61.18
N SER B 301 23.66 14.10 -62.32
CA SER B 301 22.71 12.99 -62.40
C SER B 301 22.95 11.98 -61.29
N LEU B 302 24.13 11.36 -61.26
CA LEU B 302 24.42 10.39 -60.21
C LEU B 302 24.00 10.92 -58.85
N ILE B 303 24.51 12.09 -58.44
CA ILE B 303 24.20 12.58 -57.10
C ILE B 303 22.72 12.56 -56.86
N ASN B 304 21.95 13.13 -57.78
CA ASN B 304 20.51 13.09 -57.61
C ASN B 304 20.05 11.67 -57.29
N SER B 305 20.23 10.74 -58.23
CA SER B 305 19.79 9.37 -57.98
C SER B 305 20.30 8.87 -56.64
N PHE B 306 21.59 9.07 -56.37
CA PHE B 306 22.13 8.53 -55.13
C PHE B 306 21.39 9.07 -53.93
N THR B 307 21.15 10.38 -53.87
CA THR B 307 20.44 10.90 -52.71
C THR B 307 19.10 10.22 -52.54
N SER B 308 18.37 10.00 -53.64
CA SER B 308 17.09 9.30 -53.51
C SER B 308 17.27 7.95 -52.82
N ILE B 309 18.22 7.14 -53.29
CA ILE B 309 18.45 5.86 -52.63
C ILE B 309 18.67 6.07 -51.15
N PHE B 310 19.49 7.06 -50.80
CA PHE B 310 19.75 7.33 -49.39
C PHE B 310 18.46 7.56 -48.63
N ALA B 311 17.59 8.43 -49.15
CA ALA B 311 16.33 8.66 -48.45
C ALA B 311 15.55 7.37 -48.31
N SER B 312 15.51 6.56 -49.36
CA SER B 312 14.71 5.35 -49.29
C SER B 312 15.28 4.33 -48.32
N ILE B 313 16.50 4.56 -47.82
CA ILE B 313 17.02 3.65 -46.80
C ILE B 313 16.63 4.15 -45.41
N VAL B 314 16.48 5.46 -45.25
CA VAL B 314 16.04 5.96 -43.96
C VAL B 314 14.56 5.68 -43.76
N THR B 315 13.71 6.21 -44.64
CA THR B 315 12.26 6.03 -44.46
C THR B 315 11.88 4.57 -44.35
N PHE B 316 12.20 3.76 -45.35
CA PHE B 316 11.79 2.37 -45.30
C PHE B 316 12.51 1.57 -44.23
N SER B 317 13.26 2.24 -43.35
CA SER B 317 13.64 1.61 -42.09
C SER B 317 12.69 2.02 -40.98
N ILE B 318 12.54 3.32 -40.78
CA ILE B 318 11.60 3.81 -39.76
C ILE B 318 10.22 3.21 -39.99
N TYR B 319 9.72 3.33 -41.22
CA TYR B 319 8.47 2.67 -41.60
C TYR B 319 8.46 1.23 -41.14
N GLY B 320 9.49 0.45 -41.47
CA GLY B 320 9.54 -0.92 -41.03
C GLY B 320 9.29 -1.05 -39.54
N PHE B 321 9.97 -0.24 -38.74
CA PHE B 321 9.74 -0.27 -37.30
C PHE B 321 8.26 -0.12 -36.98
N LYS B 322 7.62 0.93 -37.50
CA LYS B 322 6.19 1.09 -37.28
C LYS B 322 5.44 -0.19 -37.54
N ALA B 323 5.69 -0.83 -38.69
CA ALA B 323 5.00 -2.07 -39.00
C ALA B 323 5.19 -3.09 -37.89
N THR B 324 6.44 -3.37 -37.51
CA THR B 324 6.63 -4.33 -36.42
C THR B 324 5.82 -3.95 -35.20
N PHE B 325 5.85 -2.67 -34.81
CA PHE B 325 5.04 -2.24 -33.67
C PHE B 325 3.60 -2.69 -33.83
N ASN B 326 2.97 -2.37 -34.96
CA ASN B 326 1.60 -2.80 -35.17
C ASN B 326 1.47 -4.30 -34.98
N TYR B 327 2.33 -5.08 -35.64
CA TYR B 327 2.21 -6.53 -35.51
C TYR B 327 2.34 -6.95 -34.06
N GLU B 328 3.26 -6.34 -33.33
CA GLU B 328 3.40 -6.72 -31.93
C GLU B 328 2.07 -6.64 -31.20
N ASN B 329 1.29 -5.59 -31.45
CA ASN B 329 0.01 -5.49 -30.76
C ASN B 329 -0.97 -6.55 -31.23
N CYS B 330 -0.99 -6.87 -32.53
CA CYS B 330 -1.87 -7.96 -32.95
C CYS B 330 -1.55 -9.23 -32.19
N LEU B 331 -0.38 -9.31 -31.56
CA LEU B 331 -0.11 -10.50 -30.77
C LEU B 331 -0.45 -10.27 -29.31
N LYS B 332 -0.28 -9.04 -28.82
CA LYS B 332 -0.64 -8.80 -27.43
C LYS B 332 -2.14 -9.01 -27.24
N LYS B 333 -2.95 -8.17 -27.88
CA LYS B 333 -4.39 -8.16 -27.65
C LYS B 333 -5.00 -9.54 -27.80
N VAL B 334 -4.86 -10.14 -28.99
CA VAL B 334 -5.37 -11.49 -29.23
C VAL B 334 -4.97 -12.41 -28.07
N SER B 335 -3.67 -12.45 -27.75
CA SER B 335 -3.21 -13.30 -26.66
C SER B 335 -3.91 -12.91 -25.36
N LEU B 336 -3.85 -11.62 -25.01
CA LEU B 336 -4.58 -11.15 -23.84
C LEU B 336 -6.05 -11.52 -23.96
N LEU B 337 -6.63 -11.33 -25.15
CA LEU B 337 -8.00 -11.77 -25.39
C LEU B 337 -8.18 -13.22 -24.97
N LEU B 338 -7.34 -14.11 -25.52
CA LEU B 338 -7.38 -15.50 -25.13
C LEU B 338 -7.21 -15.64 -23.62
N THR B 339 -6.24 -14.92 -23.08
CA THR B 339 -5.98 -14.94 -21.65
C THR B 339 -7.22 -14.57 -20.85
N ASN B 340 -8.02 -13.64 -21.37
CA ASN B 340 -9.23 -13.19 -20.68
C ASN B 340 -10.38 -14.20 -20.73
N THR B 341 -10.63 -14.77 -21.90
CA THR B 341 -11.72 -15.73 -22.08
C THR B 341 -11.52 -17.06 -21.35
N PHE B 342 -11.05 -18.08 -22.08
CA PHE B 342 -10.83 -19.40 -21.49
C PHE B 342 -9.95 -19.38 -20.25
N ASP B 343 -9.60 -18.19 -19.78
CA ASP B 343 -8.76 -18.06 -18.61
C ASP B 343 -7.39 -18.69 -18.86
N LEU B 344 -6.42 -18.34 -18.03
CA LEU B 344 -5.07 -18.86 -18.17
C LEU B 344 -4.12 -18.03 -17.33
N GLU B 345 -3.21 -18.70 -16.63
CA GLU B 345 -2.25 -17.99 -15.79
C GLU B 345 -1.61 -16.87 -16.60
N ASP B 346 -1.76 -15.64 -16.12
CA ASP B 346 -1.20 -14.48 -16.80
C ASP B 346 0.24 -14.73 -17.21
N GLY B 347 0.74 -13.94 -18.14
CA GLY B 347 2.11 -14.09 -18.61
C GLY B 347 2.33 -15.48 -19.17
N PHE B 348 1.36 -15.99 -19.92
CA PHE B 348 1.47 -17.33 -20.49
C PHE B 348 0.80 -17.40 -21.84
N LEU B 349 1.45 -16.81 -22.84
CA LEU B 349 0.93 -16.80 -24.19
C LEU B 349 1.70 -15.76 -25.01
N THR B 350 3.01 -15.72 -24.79
CA THR B 350 3.88 -14.78 -25.49
C THR B 350 3.72 -14.84 -27.01
N ALA B 351 4.61 -15.57 -27.67
CA ALA B 351 4.57 -15.71 -29.12
C ALA B 351 4.52 -17.17 -29.52
N SER B 352 5.48 -17.99 -29.09
CA SER B 352 5.41 -19.41 -29.43
C SER B 352 4.23 -20.04 -28.66
N ASN B 353 4.25 -19.80 -27.35
CA ASN B 353 3.19 -20.31 -26.47
C ASN B 353 1.86 -19.92 -27.07
N LEU B 354 1.85 -18.81 -27.81
CA LEU B 354 0.65 -18.34 -28.45
C LEU B 354 0.04 -19.46 -29.27
N GLU B 355 0.72 -19.82 -30.37
CA GLU B 355 0.23 -20.89 -31.22
C GLU B 355 -0.03 -22.14 -30.39
N GLN B 356 0.88 -22.44 -29.47
CA GLN B 356 0.69 -23.63 -28.63
C GLN B 356 -0.72 -23.73 -28.01
N VAL B 357 -1.08 -22.71 -27.23
CA VAL B 357 -2.37 -22.67 -26.57
C VAL B 357 -3.54 -22.46 -27.52
N LYS B 358 -3.30 -21.76 -28.62
CA LYS B 358 -4.33 -21.51 -29.60
C LYS B 358 -4.74 -22.87 -30.16
N GLY B 359 -3.79 -23.79 -30.15
CA GLY B 359 -4.03 -25.13 -30.65
C GLY B 359 -4.63 -26.03 -29.57
N TYR B 360 -4.17 -25.88 -28.34
CA TYR B 360 -4.67 -26.70 -27.23
C TYR B 360 -6.04 -26.27 -26.67
N LEU B 361 -6.54 -25.13 -27.12
CA LEU B 361 -7.82 -24.60 -26.65
C LEU B 361 -8.94 -24.97 -27.62
N ALA B 362 -8.57 -25.43 -28.81
CA ALA B 362 -9.54 -25.93 -29.78
C ALA B 362 -10.04 -27.31 -29.36
N SER B 363 -9.11 -28.21 -29.05
CA SER B 363 -9.44 -29.60 -28.77
C SER B 363 -9.89 -29.79 -27.33
N ALA B 364 -9.92 -28.73 -26.54
CA ALA B 364 -10.29 -28.82 -25.13
C ALA B 364 -11.64 -28.19 -24.83
N TYR B 365 -11.90 -26.98 -25.34
CA TYR B 365 -13.15 -26.26 -25.09
C TYR B 365 -13.78 -25.89 -26.42
N PRO B 366 -14.40 -26.85 -27.11
CA PRO B 366 -15.07 -26.53 -28.38
C PRO B 366 -16.40 -25.79 -28.20
N SER B 367 -16.87 -25.63 -26.96
CA SER B 367 -18.16 -24.98 -26.75
C SER B 367 -18.12 -23.50 -27.13
N LYS B 368 -17.05 -22.80 -26.77
CA LYS B 368 -16.87 -21.41 -27.12
C LYS B 368 -15.84 -21.17 -28.21
N TYR B 369 -15.06 -22.20 -28.56
CA TYR B 369 -14.11 -22.06 -29.67
C TYR B 369 -14.84 -21.90 -31.00
N SER B 370 -16.07 -22.42 -31.09
CA SER B 370 -16.84 -22.26 -32.31
C SER B 370 -17.35 -20.85 -32.50
N GLU B 371 -17.53 -20.09 -31.41
CA GLU B 371 -18.02 -18.73 -31.50
C GLU B 371 -16.92 -17.68 -31.36
N MET B 372 -15.74 -18.05 -30.89
CA MET B 372 -14.63 -17.11 -30.83
C MET B 372 -13.76 -17.14 -32.08
N PHE B 373 -13.77 -18.25 -32.81
CA PHE B 373 -12.87 -18.44 -33.95
C PHE B 373 -13.09 -17.41 -35.06
N PRO B 374 -14.32 -17.02 -35.40
CA PRO B 374 -14.47 -15.95 -36.40
C PRO B 374 -13.89 -14.62 -35.95
N GLN B 375 -13.52 -14.49 -34.68
CA GLN B 375 -13.04 -13.21 -34.19
C GLN B 375 -11.52 -13.10 -34.25
N ILE B 376 -10.79 -14.19 -34.03
CA ILE B 376 -9.34 -14.12 -33.85
C ILE B 376 -8.73 -13.36 -35.01
N LYS B 377 -8.13 -12.22 -34.69
CA LYS B 377 -7.73 -11.28 -35.72
C LYS B 377 -6.59 -11.88 -36.51
N ASN B 378 -6.90 -12.34 -37.72
CA ASN B 378 -5.88 -12.90 -38.58
C ASN B 378 -4.93 -11.78 -38.99
N CYS B 379 -3.86 -11.61 -38.23
CA CYS B 379 -2.94 -10.49 -38.40
C CYS B 379 -1.55 -11.07 -38.43
N SER B 380 -0.84 -10.86 -39.54
CA SER B 380 0.50 -11.40 -39.73
C SER B 380 1.35 -10.40 -40.49
N LEU B 381 2.66 -10.50 -40.30
CA LEU B 381 3.58 -9.41 -40.60
C LEU B 381 3.58 -9.02 -42.07
N GLU B 382 3.30 -9.95 -42.97
CA GLU B 382 3.42 -9.61 -44.39
C GLU B 382 2.43 -8.54 -44.81
N SER B 383 1.23 -8.52 -44.22
CA SER B 383 0.28 -7.48 -44.56
C SER B 383 0.65 -6.16 -43.91
N GLU B 384 0.74 -6.13 -42.58
CA GLU B 384 0.94 -4.88 -41.87
C GLU B 384 2.23 -4.18 -42.24
N LEU B 385 3.09 -4.85 -43.02
CA LEU B 385 4.28 -4.21 -43.57
C LEU B 385 4.02 -3.57 -44.92
N ASP B 386 2.89 -3.87 -45.55
CA ASP B 386 2.60 -3.39 -46.90
C ASP B 386 1.53 -2.31 -46.91
N THR B 387 0.45 -2.49 -46.14
CA THR B 387 -0.61 -1.50 -46.06
C THR B 387 -0.64 -0.93 -44.65
N ALA B 388 0.26 0.00 -44.39
CA ALA B 388 0.34 0.67 -43.10
C ALA B 388 0.07 2.16 -43.18
N VAL B 389 0.78 2.88 -44.05
CA VAL B 389 0.65 4.32 -44.18
C VAL B 389 0.48 4.74 -45.64
N GLN B 390 -0.17 3.88 -46.43
CA GLN B 390 -0.39 4.18 -47.85
C GLN B 390 -0.87 5.61 -48.05
N GLY B 391 -0.41 6.22 -49.14
CA GLY B 391 -0.95 7.53 -49.51
C GLY B 391 0.09 8.60 -49.71
N THR B 392 -0.37 9.83 -49.99
CA THR B 392 0.53 10.95 -50.24
C THR B 392 1.23 11.44 -48.98
N GLY B 393 0.89 10.91 -47.81
CA GLY B 393 1.51 11.39 -46.61
C GLY B 393 2.54 10.47 -46.01
N LEU B 394 3.23 9.68 -46.84
CA LEU B 394 4.19 8.74 -46.30
C LEU B 394 5.36 9.46 -45.64
N ALA B 395 5.61 10.70 -46.00
CA ALA B 395 6.65 11.45 -45.32
C ALA B 395 6.12 12.24 -44.15
N PHE B 396 4.82 12.17 -43.86
CA PHE B 396 4.25 12.91 -42.76
C PHE B 396 3.66 12.04 -41.67
N ILE B 397 3.17 10.86 -42.01
CA ILE B 397 2.59 9.96 -41.00
C ILE B 397 3.52 8.76 -40.84
N VAL B 398 4.82 8.99 -41.04
CA VAL B 398 5.84 8.02 -40.72
C VAL B 398 6.95 8.65 -39.91
N TYR B 399 7.57 9.71 -40.45
CA TYR B 399 8.62 10.39 -39.68
C TYR B 399 8.14 10.89 -38.33
N THR B 400 6.82 10.94 -38.12
CA THR B 400 6.30 11.20 -36.78
C THR B 400 6.28 9.92 -35.94
N GLU B 401 6.05 8.77 -36.56
CA GLU B 401 6.13 7.49 -35.86
C GLU B 401 7.53 7.16 -35.41
N ALA B 402 8.51 8.00 -35.73
CA ALA B 402 9.85 7.91 -35.15
C ALA B 402 10.24 9.17 -34.42
N ILE B 403 9.38 10.18 -34.39
CA ILE B 403 9.63 11.37 -33.57
C ILE B 403 8.93 11.23 -32.22
N LYS B 404 7.79 10.56 -32.20
CA LYS B 404 7.16 10.29 -30.92
C LYS B 404 7.80 9.13 -30.18
N ASN B 405 9.01 8.72 -30.57
CA ASN B 405 9.77 7.69 -29.87
C ASN B 405 11.24 8.06 -29.74
N MET B 406 11.54 9.27 -29.28
CA MET B 406 12.91 9.77 -29.18
C MET B 406 13.21 10.22 -27.76
N GLU B 407 14.34 10.91 -27.60
CA GLU B 407 14.78 11.38 -26.29
C GLU B 407 14.18 12.74 -25.96
N VAL B 408 14.45 13.74 -26.79
CA VAL B 408 13.85 15.07 -26.66
C VAL B 408 13.17 15.33 -27.99
N SER B 409 11.90 14.94 -28.11
CA SER B 409 11.24 14.89 -29.40
C SER B 409 11.10 16.25 -30.05
N GLN B 410 10.95 17.30 -29.27
CA GLN B 410 10.70 18.62 -29.85
C GLN B 410 11.84 19.03 -30.77
N LEU B 411 13.08 19.03 -30.27
CA LEU B 411 14.21 19.49 -31.07
C LEU B 411 14.37 18.66 -32.33
N TRP B 412 14.19 17.35 -32.25
CA TRP B 412 14.50 16.53 -33.40
C TRP B 412 13.38 16.59 -34.45
N SER B 413 12.13 16.75 -34.02
CA SER B 413 11.09 17.04 -34.99
C SER B 413 11.33 18.39 -35.67
N VAL B 414 11.80 19.37 -34.89
CA VAL B 414 12.17 20.65 -35.50
C VAL B 414 13.22 20.42 -36.57
N LEU B 415 14.21 19.59 -36.28
CA LEU B 415 15.26 19.34 -37.27
C LEU B 415 14.69 18.75 -38.56
N TYR B 416 13.91 17.66 -38.43
CA TYR B 416 13.41 17.00 -39.63
C TYR B 416 12.54 17.92 -40.47
N PHE B 417 11.62 18.63 -39.83
CA PHE B 417 10.75 19.47 -40.64
C PHE B 417 11.47 20.70 -41.16
N PHE B 418 12.52 21.17 -40.50
CA PHE B 418 13.34 22.19 -41.11
C PHE B 418 14.02 21.67 -42.36
N MET B 419 14.45 20.41 -42.35
CA MET B 419 15.03 19.83 -43.56
C MET B 419 14.03 19.84 -44.71
N LEU B 420 12.82 19.35 -44.46
CA LEU B 420 11.81 19.35 -45.52
C LEU B 420 11.52 20.75 -46.02
N LEU B 421 11.39 21.72 -45.11
CA LEU B 421 11.09 23.08 -45.52
C LEU B 421 12.21 23.66 -46.37
N MET B 422 13.47 23.37 -46.02
CA MET B 422 14.56 23.92 -46.79
C MET B 422 14.61 23.33 -48.19
N LEU B 423 14.43 22.02 -48.30
CA LEU B 423 14.41 21.41 -49.63
C LEU B 423 13.30 22.00 -50.48
N GLY B 424 12.10 22.15 -49.91
CA GLY B 424 10.99 22.71 -50.65
C GLY B 424 11.26 24.13 -51.11
N ILE B 425 11.83 24.96 -50.24
CA ILE B 425 12.12 26.34 -50.64
C ILE B 425 13.12 26.37 -51.77
N GLY B 426 14.13 25.48 -51.74
CA GLY B 426 15.07 25.44 -52.84
C GLY B 426 14.40 25.12 -54.17
N SER B 427 13.63 24.03 -54.18
CA SER B 427 12.92 23.60 -55.38
C SER B 427 11.99 24.68 -55.93
N MET B 428 11.33 25.41 -55.04
CA MET B 428 10.42 26.46 -55.46
C MET B 428 11.16 27.66 -56.01
N LEU B 429 12.29 28.01 -55.43
CA LEU B 429 13.17 29.00 -56.04
C LEU B 429 13.45 28.63 -57.49
N GLY B 430 13.83 27.38 -57.71
CA GLY B 430 14.14 26.95 -59.07
C GLY B 430 12.96 27.13 -60.03
N ASN B 431 11.79 26.67 -59.62
CA ASN B 431 10.60 26.78 -60.46
C ASN B 431 10.23 28.21 -60.79
N THR B 432 10.25 29.09 -59.79
CA THR B 432 9.89 30.48 -60.05
C THR B 432 10.93 31.17 -60.92
N ALA B 433 12.20 30.80 -60.79
CA ALA B 433 13.19 31.32 -61.73
C ALA B 433 12.90 30.84 -63.15
N ALA B 434 12.51 29.58 -63.29
CA ALA B 434 12.21 29.06 -64.62
C ALA B 434 11.00 29.74 -65.25
N ILE B 435 10.09 30.26 -64.44
CA ILE B 435 8.95 30.96 -65.02
C ILE B 435 9.17 32.46 -65.18
N LEU B 436 10.13 33.05 -64.44
CA LEU B 436 10.40 34.48 -64.62
C LEU B 436 11.45 34.78 -65.67
N THR B 437 12.38 33.86 -65.92
CA THR B 437 13.40 34.14 -66.95
C THR B 437 12.78 34.49 -68.29
N PRO B 438 11.84 33.73 -68.86
CA PRO B 438 11.23 34.13 -70.13
C PRO B 438 10.14 35.17 -70.00
N LEU B 439 9.87 35.71 -68.81
CA LEU B 439 8.99 36.86 -68.66
C LEU B 439 9.73 38.17 -68.47
N THR B 440 10.95 38.15 -67.98
CA THR B 440 11.70 39.40 -67.79
C THR B 440 12.67 39.63 -68.93
N ASP B 441 12.37 39.06 -70.09
CA ASP B 441 13.18 39.28 -71.28
C ASP B 441 12.47 40.05 -72.38
N SER B 442 11.16 39.93 -72.52
CA SER B 442 10.43 40.67 -73.54
C SER B 442 10.54 42.17 -73.31
N LYS B 443 11.20 42.88 -74.22
CA LYS B 443 11.31 44.33 -74.11
C LYS B 443 9.95 45.00 -74.00
N ILE B 444 8.88 44.32 -74.37
CA ILE B 444 7.56 44.87 -74.19
C ILE B 444 7.18 44.90 -72.72
N ILE B 445 7.32 43.77 -72.03
CA ILE B 445 6.81 43.63 -70.68
C ILE B 445 7.73 44.31 -69.67
N SER B 446 9.05 44.13 -69.79
CA SER B 446 9.95 44.86 -68.92
C SER B 446 10.15 46.27 -69.45
N SER B 447 9.03 46.94 -69.70
CA SER B 447 9.03 48.31 -70.20
C SER B 447 8.07 49.18 -69.39
N HIS B 448 7.02 48.56 -68.87
CA HIS B 448 6.04 49.28 -68.07
C HIS B 448 5.67 48.52 -66.80
N LEU B 449 6.59 47.70 -66.31
CA LEU B 449 6.48 47.01 -65.02
C LEU B 449 7.87 46.75 -64.47
N PRO B 450 8.24 47.39 -63.37
CA PRO B 450 9.59 47.21 -62.82
C PRO B 450 9.91 45.79 -62.44
N LYS B 451 11.17 45.50 -62.11
CA LYS B 451 11.60 44.14 -61.88
C LYS B 451 11.21 43.62 -60.49
N GLU B 452 10.48 44.43 -59.73
CA GLU B 452 10.04 44.05 -58.40
C GLU B 452 8.57 43.66 -58.34
N ALA B 453 7.80 44.05 -59.34
CA ALA B 453 6.39 43.73 -59.38
C ALA B 453 6.05 42.64 -60.38
N ILE B 454 7.01 42.21 -61.20
CA ILE B 454 6.83 40.99 -61.97
C ILE B 454 6.80 39.80 -61.04
N SER B 455 7.83 39.66 -60.20
CA SER B 455 7.82 38.61 -59.20
C SER B 455 6.60 38.74 -58.30
N GLY B 456 6.22 39.97 -57.96
CA GLY B 456 5.05 40.17 -57.14
C GLY B 456 3.78 39.70 -57.82
N LEU B 457 3.61 40.05 -59.08
CA LEU B 457 2.42 39.60 -59.79
C LEU B 457 2.37 38.07 -59.85
N VAL B 458 3.50 37.44 -60.14
CA VAL B 458 3.51 35.99 -60.23
C VAL B 458 3.12 35.35 -58.90
N CYS B 459 3.76 35.80 -57.81
CA CYS B 459 3.47 35.19 -56.53
C CYS B 459 2.04 35.44 -56.09
N LEU B 460 1.51 36.63 -56.32
CA LEU B 460 0.13 36.89 -55.93
C LEU B 460 -0.84 36.01 -56.70
N VAL B 461 -0.64 35.89 -58.02
CA VAL B 461 -1.56 35.07 -58.81
C VAL B 461 -1.49 33.63 -58.34
N ASN B 462 -0.29 33.11 -58.12
CA ASN B 462 -0.18 31.70 -57.74
C ASN B 462 -0.78 31.44 -56.37
N CYS B 463 -0.59 32.37 -55.42
CA CYS B 463 -1.20 32.17 -54.11
C CYS B 463 -2.71 32.29 -54.17
N ALA B 464 -3.25 33.11 -55.07
CA ALA B 464 -4.69 33.23 -55.16
C ALA B 464 -5.31 32.04 -55.88
N ILE B 465 -4.55 31.34 -56.70
CA ILE B 465 -5.09 30.14 -57.34
C ILE B 465 -4.82 28.90 -56.50
N GLY B 466 -3.81 28.91 -55.64
CA GLY B 466 -3.51 27.75 -54.84
C GLY B 466 -4.47 27.54 -53.70
N MET B 467 -5.50 28.39 -53.60
CA MET B 467 -6.50 28.23 -52.56
C MET B 467 -7.56 27.20 -52.91
N VAL B 468 -7.32 26.34 -53.91
CA VAL B 468 -8.25 25.25 -54.16
C VAL B 468 -7.81 23.97 -53.48
N PHE B 469 -6.54 23.87 -53.09
CA PHE B 469 -6.01 22.67 -52.43
C PHE B 469 -6.21 22.68 -50.94
N THR B 470 -6.78 23.74 -50.36
CA THR B 470 -6.92 23.83 -48.92
C THR B 470 -8.37 23.77 -48.47
N MET B 471 -9.28 23.28 -49.31
CA MET B 471 -10.66 23.13 -48.90
C MET B 471 -10.80 21.83 -48.11
N GLU B 472 -12.05 21.41 -47.88
CA GLU B 472 -12.29 20.17 -47.16
C GLU B 472 -12.13 18.94 -48.03
N ALA B 473 -11.98 19.12 -49.33
CA ALA B 473 -11.68 18.06 -50.27
C ALA B 473 -10.40 18.38 -51.01
N GLY B 474 -9.43 18.89 -50.28
CA GLY B 474 -8.24 19.43 -50.91
C GLY B 474 -7.27 18.36 -51.32
N ASN B 475 -7.05 17.38 -50.44
CA ASN B 475 -6.03 16.39 -50.72
C ASN B 475 -6.32 15.62 -52.01
N TYR B 476 -7.59 15.50 -52.41
CA TYR B 476 -7.88 14.81 -53.66
C TYR B 476 -7.46 15.64 -54.86
N TRP B 477 -7.75 16.94 -54.85
CA TRP B 477 -7.25 17.78 -55.93
C TRP B 477 -5.75 17.81 -55.96
N PHE B 478 -5.10 17.76 -54.80
CA PHE B 478 -3.66 17.65 -54.81
C PHE B 478 -3.20 16.35 -55.43
N ASP B 479 -3.92 15.26 -55.18
CA ASP B 479 -3.53 13.99 -55.80
C ASP B 479 -3.69 14.05 -57.31
N ILE B 480 -4.75 14.68 -57.80
CA ILE B 480 -4.90 14.84 -59.25
C ILE B 480 -3.74 15.64 -59.81
N PHE B 481 -3.51 16.85 -59.29
CA PHE B 481 -2.43 17.67 -59.80
C PHE B 481 -1.06 17.04 -59.61
N ASN B 482 -0.94 16.06 -58.73
CA ASN B 482 0.32 15.37 -58.56
C ASN B 482 0.47 14.22 -59.54
N ASP B 483 -0.65 13.63 -59.96
CA ASP B 483 -0.60 12.47 -60.86
C ASP B 483 -0.63 12.71 -62.36
N TYR B 484 -1.34 13.71 -62.87
CA TYR B 484 -1.34 13.88 -64.32
C TYR B 484 -0.40 14.94 -64.93
N ALA B 485 -0.73 16.20 -64.69
CA ALA B 485 0.03 17.35 -65.21
C ALA B 485 1.52 17.12 -65.48
N ALA B 486 2.34 17.49 -64.50
CA ALA B 486 3.79 17.37 -64.55
C ALA B 486 4.29 16.19 -65.37
N THR B 487 4.15 15.00 -64.80
CA THR B 487 4.58 13.76 -65.46
C THR B 487 4.23 13.67 -66.94
N LEU B 488 2.94 13.69 -67.27
CA LEU B 488 2.53 13.58 -68.67
C LEU B 488 3.16 14.64 -69.58
N SER B 489 3.06 15.90 -69.17
CA SER B 489 3.63 16.99 -69.93
C SER B 489 5.13 16.78 -70.23
N LEU B 490 5.91 16.57 -69.18
CA LEU B 490 7.35 16.37 -69.32
C LEU B 490 7.63 15.26 -70.33
N LEU B 491 6.91 14.16 -70.18
CA LEU B 491 7.11 13.05 -71.09
C LEU B 491 6.89 13.52 -72.52
N LEU B 492 5.64 13.86 -72.85
CA LEU B 492 5.32 14.31 -74.20
C LEU B 492 6.27 15.36 -74.78
N ILE B 493 6.97 16.09 -73.92
CA ILE B 493 7.88 17.12 -74.42
C ILE B 493 9.30 16.62 -74.71
N VAL B 494 9.93 15.94 -73.76
CA VAL B 494 11.29 15.47 -73.99
C VAL B 494 11.52 14.79 -75.34
N LEU B 495 10.44 14.36 -75.98
CA LEU B 495 10.50 13.72 -77.30
C LEU B 495 10.62 14.76 -78.40
N VAL B 496 9.80 15.81 -78.36
CA VAL B 496 9.89 16.82 -79.41
C VAL B 496 11.23 17.55 -79.35
N GLU B 497 11.73 17.81 -78.15
CA GLU B 497 13.06 18.39 -78.00
C GLU B 497 14.12 17.60 -78.75
N THR B 498 14.22 16.30 -78.47
CA THR B 498 15.27 15.51 -79.08
C THR B 498 15.08 15.38 -80.59
N ILE B 499 13.85 15.12 -81.04
CA ILE B 499 13.61 15.06 -82.47
C ILE B 499 13.80 16.41 -83.14
N ALA B 500 13.87 17.48 -82.36
CA ALA B 500 14.17 18.77 -82.95
C ALA B 500 15.66 18.99 -83.08
N VAL B 501 16.43 18.57 -82.08
CA VAL B 501 17.88 18.81 -82.09
C VAL B 501 18.61 17.81 -82.98
N CYS B 502 18.05 16.64 -83.24
CA CYS B 502 18.84 15.63 -83.92
C CYS B 502 18.32 15.23 -85.30
N TYR B 503 17.23 15.81 -85.78
CA TYR B 503 16.77 15.47 -87.13
C TYR B 503 16.24 16.70 -87.85
N VAL B 504 16.37 17.87 -87.23
CA VAL B 504 15.92 19.11 -87.85
C VAL B 504 17.08 20.07 -87.99
N TYR B 505 18.00 19.99 -87.04
CA TYR B 505 19.23 20.75 -87.00
C TYR B 505 20.02 20.13 -85.86
N GLY B 506 20.78 19.08 -86.15
CA GLY B 506 21.53 18.44 -85.09
C GLY B 506 22.69 17.56 -85.52
N LEU B 507 23.26 16.87 -84.54
CA LEU B 507 24.37 15.99 -84.79
C LEU B 507 25.41 16.72 -85.62
N ARG B 508 25.04 17.12 -86.83
CA ARG B 508 25.98 17.83 -87.69
C ARG B 508 26.42 19.11 -87.01
N ARG B 509 25.74 20.20 -87.30
CA ARG B 509 26.08 21.49 -86.71
C ARG B 509 26.31 21.37 -85.21
N PHE B 510 25.51 20.53 -84.55
CA PHE B 510 25.65 20.37 -83.11
C PHE B 510 26.99 19.78 -82.72
N GLU B 511 27.34 18.61 -83.27
CA GLU B 511 28.64 18.02 -82.96
C GLU B 511 29.71 19.07 -83.22
N SER B 512 29.36 20.07 -84.02
CA SER B 512 30.28 21.15 -84.30
C SER B 512 30.27 22.07 -83.09
N ASP B 513 30.39 21.45 -81.92
CA ASP B 513 30.42 22.16 -80.65
C ASP B 513 31.76 22.84 -80.57
N LEU B 514 32.81 22.04 -80.78
CA LEU B 514 34.20 22.45 -80.78
C LEU B 514 34.51 23.73 -80.01
N LYS B 515 34.85 24.80 -80.72
CA LYS B 515 35.20 26.08 -80.10
C LYS B 515 34.35 26.45 -78.89
N ALA B 516 33.23 25.77 -78.71
CA ALA B 516 32.38 26.04 -77.57
C ALA B 516 33.09 25.61 -76.28
N MET B 517 33.58 24.38 -76.27
CA MET B 517 34.28 23.83 -75.11
C MET B 517 35.64 23.30 -75.54
N THR B 518 35.63 22.50 -76.60
CA THR B 518 36.84 21.92 -77.15
C THR B 518 36.96 20.43 -76.84
N GLY B 519 35.93 19.77 -76.32
CA GLY B 519 36.07 18.36 -75.98
C GLY B 519 36.08 17.48 -77.20
N ARG B 520 36.53 18.05 -78.31
CA ARG B 520 37.01 17.39 -79.52
C ARG B 520 35.92 16.60 -80.23
N ALA B 521 34.81 16.36 -79.55
CA ALA B 521 33.75 15.52 -80.08
C ALA B 521 32.60 15.43 -79.10
N VAL B 522 31.63 14.59 -79.42
CA VAL B 522 30.82 13.92 -78.43
C VAL B 522 31.15 12.45 -78.56
N SER B 523 31.17 11.74 -77.43
CA SER B 523 31.52 10.34 -77.44
C SER B 523 30.42 9.55 -78.14
N TRP B 524 30.78 8.57 -78.96
CA TRP B 524 29.77 7.85 -79.71
C TRP B 524 28.90 6.99 -78.82
N TYR B 525 28.94 7.21 -77.52
CA TYR B 525 27.90 6.73 -76.63
C TYR B 525 26.94 7.84 -76.25
N TRP B 526 27.10 9.04 -76.79
CA TRP B 526 26.09 10.07 -76.63
C TRP B 526 25.32 10.38 -77.91
N LYS B 527 25.93 10.22 -79.08
CA LYS B 527 25.18 10.40 -80.32
C LYS B 527 24.06 9.37 -80.41
N VAL B 528 24.40 8.10 -80.25
CA VAL B 528 23.40 7.05 -80.31
C VAL B 528 22.31 7.30 -79.29
N MET B 529 22.68 7.71 -78.07
CA MET B 529 21.71 7.69 -76.98
C MET B 529 20.69 8.82 -77.09
N TRP B 530 21.08 10.00 -77.58
CA TRP B 530 20.09 11.04 -77.82
C TRP B 530 19.91 11.37 -79.30
N ALA B 531 20.01 10.39 -80.17
CA ALA B 531 19.43 10.51 -81.49
C ALA B 531 18.69 9.27 -81.94
N GLY B 532 18.84 8.15 -81.25
CA GLY B 532 18.19 6.94 -81.70
C GLY B 532 17.75 5.96 -80.62
N VAL B 533 17.78 6.35 -79.35
CA VAL B 533 17.30 5.51 -78.27
C VAL B 533 16.32 6.25 -77.38
N SER B 534 16.54 7.55 -77.17
CA SER B 534 15.57 8.33 -76.42
C SER B 534 14.19 8.33 -77.07
N PRO B 535 14.06 8.66 -78.35
CA PRO B 535 12.72 8.67 -78.93
C PRO B 535 12.06 7.30 -78.97
N LEU B 536 12.80 6.26 -79.37
CA LEU B 536 12.20 4.93 -79.41
C LEU B 536 11.65 4.55 -78.06
N LEU B 537 12.46 4.69 -77.01
CA LEU B 537 12.01 4.27 -75.69
C LEU B 537 10.86 5.13 -75.18
N ILE B 538 10.90 6.44 -75.41
CA ILE B 538 9.83 7.28 -74.90
C ILE B 538 8.50 6.98 -75.60
N VAL B 539 8.51 6.88 -76.93
CA VAL B 539 7.28 6.55 -77.63
C VAL B 539 6.77 5.18 -77.21
N SER B 540 7.67 4.19 -77.09
CA SER B 540 7.25 2.87 -76.65
C SER B 540 6.55 2.92 -75.30
N LEU B 541 7.19 3.53 -74.32
CA LEU B 541 6.60 3.64 -72.99
C LEU B 541 5.25 4.36 -73.03
N PHE B 542 5.14 5.39 -73.87
CA PHE B 542 3.88 6.10 -73.96
C PHE B 542 2.75 5.18 -74.39
N VAL B 543 2.94 4.48 -75.52
CA VAL B 543 1.86 3.60 -75.97
C VAL B 543 1.62 2.51 -74.92
N PHE B 544 2.68 2.12 -74.21
CA PHE B 544 2.59 1.04 -73.25
C PHE B 544 1.74 1.42 -72.05
N TYR B 545 1.64 2.72 -71.80
CA TYR B 545 0.85 3.23 -70.69
C TYR B 545 -0.60 3.46 -71.13
N LEU B 546 -0.78 4.03 -72.31
CA LEU B 546 -2.12 4.28 -72.82
C LEU B 546 -2.89 2.98 -73.02
N SER B 547 -2.19 1.90 -73.36
CA SER B 547 -2.83 0.61 -73.48
C SER B 547 -3.49 0.15 -72.20
N ASP B 548 -3.15 0.73 -71.05
CA ASP B 548 -3.86 0.42 -69.82
C ASP B 548 -4.89 1.47 -69.44
N TYR B 549 -4.57 2.76 -69.58
CA TYR B 549 -5.57 3.77 -69.23
C TYR B 549 -6.84 3.63 -70.04
N ILE B 550 -6.75 3.27 -71.32
CA ILE B 550 -7.96 3.25 -72.14
C ILE B 550 -8.84 2.05 -71.78
N LEU B 551 -8.24 0.89 -71.56
CA LEU B 551 -9.09 -0.27 -71.28
C LEU B 551 -9.47 -0.40 -69.82
N THR B 552 -8.85 0.36 -68.92
CA THR B 552 -9.21 0.24 -67.50
C THR B 552 -10.67 0.59 -67.26
N GLY B 553 -11.21 1.52 -68.02
CA GLY B 553 -12.57 1.99 -67.78
C GLY B 553 -12.58 3.41 -67.25
N THR B 554 -12.76 3.54 -65.95
CA THR B 554 -12.63 4.81 -65.26
C THR B 554 -11.35 4.78 -64.42
N LEU B 555 -11.11 5.87 -63.70
CA LEU B 555 -10.00 5.98 -62.78
C LEU B 555 -10.51 6.07 -61.34
N LYS B 556 -9.76 5.49 -60.42
CA LYS B 556 -10.17 5.35 -59.03
C LYS B 556 -9.19 6.06 -58.12
N TYR B 557 -9.72 6.74 -57.10
CA TYR B 557 -8.91 7.37 -56.07
C TYR B 557 -9.21 6.74 -54.72
N GLN B 558 -8.46 7.17 -53.71
CA GLN B 558 -8.52 6.58 -52.38
C GLN B 558 -9.10 7.60 -51.41
N ALA B 559 -10.30 7.35 -50.93
CA ALA B 559 -10.96 8.19 -49.95
C ALA B 559 -10.66 7.70 -48.53
N TRP B 560 -11.03 8.54 -47.56
CA TRP B 560 -10.70 8.30 -46.16
C TRP B 560 -11.69 7.37 -45.46
N ASP B 561 -12.98 7.69 -45.47
CA ASP B 561 -14.01 6.89 -44.81
C ASP B 561 -13.71 6.74 -43.32
N ALA B 562 -13.90 7.86 -42.61
CA ALA B 562 -13.63 7.95 -41.18
C ALA B 562 -14.25 6.81 -40.39
N SER B 563 -15.50 6.45 -40.68
CA SER B 563 -16.23 5.48 -39.85
C SER B 563 -15.47 4.18 -39.64
N GLN B 564 -14.32 4.04 -40.29
CA GLN B 564 -13.50 2.84 -40.17
C GLN B 564 -12.00 3.14 -39.99
N GLY B 565 -11.53 4.23 -40.56
CA GLY B 565 -10.13 4.59 -40.47
C GLY B 565 -9.23 3.92 -41.48
N GLN B 566 -9.76 3.56 -42.65
CA GLN B 566 -8.99 2.92 -43.70
C GLN B 566 -9.37 3.52 -45.03
N LEU B 567 -8.40 3.68 -45.91
CA LEU B 567 -8.67 4.22 -47.23
C LEU B 567 -9.41 3.21 -48.08
N VAL B 568 -10.51 3.63 -48.69
CA VAL B 568 -11.21 2.80 -49.65
C VAL B 568 -11.04 3.42 -51.03
N THR B 569 -11.55 2.73 -52.04
CA THR B 569 -11.39 3.18 -53.41
C THR B 569 -12.74 3.55 -54.01
N LYS B 570 -12.76 4.65 -54.76
CA LYS B 570 -13.96 5.11 -55.42
C LYS B 570 -13.60 5.64 -56.80
N ASP B 571 -14.49 5.39 -57.75
CA ASP B 571 -14.25 5.83 -59.12
C ASP B 571 -14.50 7.32 -59.25
N TYR B 572 -13.73 7.97 -60.13
CA TYR B 572 -13.80 9.42 -60.25
C TYR B 572 -15.16 9.86 -60.77
N PRO B 573 -15.58 11.08 -60.48
CA PRO B 573 -16.77 11.63 -61.09
C PRO B 573 -16.43 12.10 -62.50
N ALA B 574 -17.39 12.76 -63.15
CA ALA B 574 -17.19 13.15 -64.55
C ALA B 574 -16.23 14.33 -64.68
N TYR B 575 -16.53 15.44 -64.02
CA TYR B 575 -15.77 16.65 -64.27
C TYR B 575 -14.33 16.51 -63.80
N ALA B 576 -14.07 15.66 -62.82
CA ALA B 576 -12.67 15.37 -62.49
C ALA B 576 -11.97 14.71 -63.65
N LEU B 577 -12.66 13.85 -64.39
CA LEU B 577 -12.07 13.32 -65.61
C LEU B 577 -11.83 14.43 -66.62
N ALA B 578 -12.77 15.38 -66.73
CA ALA B 578 -12.55 16.48 -67.66
C ALA B 578 -11.30 17.27 -67.30
N VAL B 579 -11.10 17.56 -66.02
CA VAL B 579 -9.94 18.34 -65.61
C VAL B 579 -8.66 17.54 -65.82
N ILE B 580 -8.69 16.23 -65.60
CA ILE B 580 -7.52 15.43 -65.93
C ILE B 580 -7.20 15.56 -67.40
N GLY B 581 -8.21 15.55 -68.25
CA GLY B 581 -7.95 15.69 -69.67
C GLY B 581 -7.40 17.05 -70.04
N LEU B 582 -7.94 18.11 -69.43
CA LEU B 582 -7.52 19.46 -69.76
C LEU B 582 -6.11 19.75 -69.27
N LEU B 583 -5.69 19.19 -68.14
CA LEU B 583 -4.35 19.43 -67.64
C LEU B 583 -3.27 18.83 -68.51
N VAL B 584 -3.62 17.96 -69.46
CA VAL B 584 -2.66 17.42 -70.39
C VAL B 584 -2.86 18.08 -71.74
N ALA B 585 -4.10 18.41 -72.07
CA ALA B 585 -4.37 19.10 -73.32
C ALA B 585 -3.74 20.48 -73.34
N SER B 586 -4.03 21.31 -72.35
CA SER B 586 -3.51 22.66 -72.35
C SER B 586 -2.04 22.73 -71.98
N SER B 587 -1.33 21.61 -72.05
CA SER B 587 0.11 21.60 -71.83
C SER B 587 0.90 20.89 -72.91
N THR B 588 0.31 19.93 -73.63
CA THR B 588 0.97 19.30 -74.75
C THR B 588 0.31 19.62 -76.08
N MET B 589 -0.67 20.50 -76.11
CA MET B 589 -1.29 20.92 -77.37
C MET B 589 -0.93 22.35 -77.72
N CYS B 590 0.14 22.90 -77.13
CA CYS B 590 0.58 24.22 -77.55
C CYS B 590 1.54 24.15 -78.73
N ILE B 591 2.33 23.09 -78.82
CA ILE B 591 3.31 22.94 -79.90
C ILE B 591 2.62 22.94 -81.26
N PRO B 592 1.60 22.12 -81.51
CA PRO B 592 0.97 22.15 -82.83
C PRO B 592 0.22 23.44 -83.09
N LEU B 593 -0.34 24.07 -82.05
CA LEU B 593 -1.02 25.34 -82.27
C LEU B 593 -0.03 26.42 -82.70
N ALA B 594 1.17 26.43 -82.12
CA ALA B 594 2.17 27.40 -82.57
C ALA B 594 2.66 27.08 -83.97
N ALA B 595 2.81 25.79 -84.29
CA ALA B 595 3.16 25.43 -85.66
C ALA B 595 2.12 26.00 -86.64
N LEU B 596 0.84 25.81 -86.34
CA LEU B 596 -0.20 26.37 -87.20
C LEU B 596 -0.15 27.89 -87.21
N GLY B 597 0.16 28.51 -86.08
CA GLY B 597 0.27 29.95 -86.03
C GLY B 597 1.34 30.49 -86.94
N THR B 598 2.44 29.75 -87.10
CA THR B 598 3.45 30.18 -88.06
C THR B 598 3.02 29.86 -89.48
N PHE B 599 2.50 28.66 -89.73
CA PHE B 599 2.10 28.29 -91.10
C PHE B 599 1.06 29.23 -91.67
N VAL B 600 0.20 29.80 -90.82
CA VAL B 600 -0.88 30.67 -91.28
C VAL B 600 -0.54 32.14 -91.09
N GLN B 601 0.24 32.50 -90.07
CA GLN B 601 0.71 33.87 -90.00
C GLN B 601 1.44 34.24 -91.28
N ARG B 602 2.31 33.35 -91.78
CA ARG B 602 3.27 33.74 -92.82
C ARG B 602 2.62 33.99 -94.15
N ARG B 603 1.32 34.27 -94.17
CA ARG B 603 0.64 34.36 -95.44
C ARG B 603 0.92 35.66 -96.18
N LEU B 604 0.49 36.80 -95.67
CA LEU B 604 0.73 37.97 -96.48
C LEU B 604 1.71 38.95 -95.83
N THR C 29 -52.99 24.61 60.83
CA THR C 29 -51.55 24.75 60.97
C THR C 29 -50.83 23.56 60.32
N ILE C 30 -50.03 23.84 59.30
CA ILE C 30 -49.30 22.80 58.59
C ILE C 30 -48.65 21.81 59.55
N GLU C 31 -48.07 22.33 60.63
CA GLU C 31 -47.42 21.48 61.62
C GLU C 31 -48.36 20.37 62.09
N GLU C 32 -49.43 20.75 62.77
CA GLU C 32 -50.40 19.78 63.26
C GLU C 32 -50.90 18.90 62.13
N GLN C 33 -51.18 19.52 60.98
CA GLN C 33 -51.66 18.80 59.82
C GLN C 33 -50.79 17.57 59.60
N ALA C 34 -49.50 17.80 59.35
CA ALA C 34 -48.56 16.70 59.14
C ALA C 34 -48.56 15.76 60.34
N LYS C 35 -48.29 16.31 61.51
CA LYS C 35 -48.23 15.54 62.75
C LYS C 35 -49.34 14.50 62.85
N THR C 36 -50.51 14.81 62.28
CA THR C 36 -51.63 13.88 62.33
C THR C 36 -51.54 12.84 61.21
N PHE C 37 -51.04 13.29 60.07
CA PHE C 37 -50.88 12.44 58.89
C PHE C 37 -49.84 11.37 59.15
N LEU C 38 -48.72 11.75 59.76
CA LEU C 38 -47.70 10.76 60.08
C LEU C 38 -48.25 9.70 61.01
N ASP C 39 -49.01 10.14 62.01
CA ASP C 39 -49.59 9.21 62.96
C ASP C 39 -50.48 8.21 62.26
N LYS C 40 -51.35 8.68 61.37
CA LYS C 40 -52.21 7.77 60.64
C LYS C 40 -51.40 6.85 59.75
N PHE C 41 -50.29 7.36 59.22
CA PHE C 41 -49.46 6.55 58.34
C PHE C 41 -48.89 5.35 59.08
N ASN C 42 -48.31 5.59 60.25
CA ASN C 42 -47.54 4.59 60.99
C ASN C 42 -48.23 3.23 61.07
N HIS C 43 -49.51 3.18 61.45
CA HIS C 43 -50.20 1.93 61.65
C HIS C 43 -50.20 1.08 60.40
N GLU C 44 -50.78 1.63 59.33
CA GLU C 44 -50.85 0.92 58.06
C GLU C 44 -49.46 0.49 57.62
N ALA C 45 -48.50 1.41 57.71
CA ALA C 45 -47.15 1.10 57.28
C ALA C 45 -46.63 -0.13 58.00
N GLU C 46 -46.78 -0.14 59.31
CA GLU C 46 -46.20 -1.20 60.12
C GLU C 46 -46.86 -2.54 59.84
N ASP C 47 -48.19 -2.56 59.75
CA ASP C 47 -48.87 -3.82 59.53
C ASP C 47 -48.57 -4.39 58.15
N LEU C 48 -48.60 -3.53 57.13
CA LEU C 48 -48.26 -4.00 55.79
C LEU C 48 -46.83 -4.49 55.75
N PHE C 49 -45.93 -3.84 56.49
CA PHE C 49 -44.54 -4.29 56.51
C PHE C 49 -44.43 -5.66 57.16
N TYR C 50 -45.15 -5.87 58.25
CA TYR C 50 -45.17 -7.17 58.90
C TYR C 50 -45.58 -8.25 57.92
N GLN C 51 -46.74 -8.07 57.30
CA GLN C 51 -47.22 -9.06 56.34
C GLN C 51 -46.28 -9.23 55.16
N SER C 52 -45.61 -8.17 54.74
CA SER C 52 -44.70 -8.26 53.61
C SER C 52 -43.42 -9.01 53.95
N SER C 53 -42.94 -8.87 55.17
CA SER C 53 -41.70 -9.54 55.54
C SER C 53 -41.93 -11.00 55.88
N LEU C 54 -43.07 -11.31 56.49
CA LEU C 54 -43.36 -12.69 56.85
C LEU C 54 -43.34 -13.59 55.62
N ALA C 55 -43.83 -13.08 54.51
CA ALA C 55 -43.89 -13.84 53.27
C ALA C 55 -42.49 -14.20 52.80
N SER C 56 -41.62 -13.20 52.76
CA SER C 56 -40.25 -13.43 52.32
C SER C 56 -39.52 -14.37 53.27
N TRP C 57 -39.81 -14.27 54.56
CA TRP C 57 -39.22 -15.21 55.51
C TRP C 57 -39.66 -16.63 55.20
N ASN C 58 -40.96 -16.83 55.04
CA ASN C 58 -41.49 -18.17 54.76
C ASN C 58 -40.92 -18.70 53.46
N TYR C 59 -40.72 -17.84 52.48
CA TYR C 59 -40.13 -18.27 51.22
C TYR C 59 -38.71 -18.73 51.45
N ASN C 60 -37.86 -17.84 51.99
CA ASN C 60 -36.44 -18.14 52.17
C ASN C 60 -36.23 -19.38 53.02
N THR C 61 -37.08 -19.56 54.02
CA THR C 61 -36.95 -20.73 54.88
C THR C 61 -37.45 -21.99 54.19
N ASN C 62 -38.61 -21.89 53.54
CA ASN C 62 -39.29 -23.05 52.97
C ASN C 62 -39.49 -22.82 51.49
N ILE C 63 -38.50 -23.23 50.70
CA ILE C 63 -38.52 -22.92 49.27
C ILE C 63 -39.60 -23.78 48.62
N THR C 64 -40.74 -23.16 48.29
CA THR C 64 -41.77 -23.81 47.51
C THR C 64 -42.23 -22.83 46.45
N GLU C 65 -42.55 -23.35 45.26
CA GLU C 65 -43.04 -22.52 44.18
C GLU C 65 -44.28 -21.74 44.60
N GLU C 66 -45.10 -22.33 45.46
CA GLU C 66 -46.29 -21.64 45.95
C GLU C 66 -45.92 -20.36 46.68
N ASN C 67 -44.97 -20.46 47.61
CA ASN C 67 -44.54 -19.32 48.42
C ASN C 67 -43.86 -18.19 47.65
N VAL C 68 -43.39 -18.49 46.45
CA VAL C 68 -42.72 -17.50 45.62
C VAL C 68 -43.69 -16.41 45.22
N GLN C 69 -44.87 -16.80 44.74
CA GLN C 69 -45.79 -15.80 44.23
C GLN C 69 -46.54 -15.13 45.37
N ASN C 70 -46.71 -15.83 46.48
CA ASN C 70 -47.31 -15.24 47.67
C ASN C 70 -46.47 -14.08 48.15
N MET C 71 -45.15 -14.29 48.19
CA MET C 71 -44.25 -13.22 48.58
C MET C 71 -44.35 -12.04 47.63
N ASN C 72 -44.49 -12.31 46.33
CA ASN C 72 -44.62 -11.23 45.37
C ASN C 72 -45.90 -10.45 45.59
N ASN C 73 -47.00 -11.16 45.85
CA ASN C 73 -48.27 -10.49 46.13
C ASN C 73 -48.12 -9.55 47.32
N ALA C 74 -47.62 -10.08 48.43
CA ALA C 74 -47.48 -9.23 49.62
C ALA C 74 -46.53 -8.06 49.36
N GLY C 75 -45.44 -8.31 48.65
CA GLY C 75 -44.46 -7.27 48.38
C GLY C 75 -45.02 -6.15 47.54
N ASP C 76 -45.74 -6.47 46.47
CA ASP C 76 -46.34 -5.43 45.65
C ASP C 76 -47.44 -4.71 46.41
N LYS C 77 -48.23 -5.46 47.18
CA LYS C 77 -49.25 -4.84 48.02
C LYS C 77 -48.66 -3.80 48.95
N TRP C 78 -47.49 -4.09 49.52
CA TRP C 78 -46.82 -3.11 50.37
C TRP C 78 -46.26 -1.96 49.55
N SER C 79 -45.55 -2.28 48.46
CA SER C 79 -44.83 -1.28 47.70
C SER C 79 -45.75 -0.24 47.11
N ALA C 80 -46.98 -0.63 46.79
CA ALA C 80 -47.93 0.36 46.27
C ALA C 80 -48.31 1.39 47.33
N PHE C 81 -48.43 0.92 48.57
CA PHE C 81 -48.73 1.81 49.69
C PHE C 81 -47.68 2.91 49.81
N LEU C 82 -46.43 2.58 49.54
CA LEU C 82 -45.37 3.59 49.63
C LEU C 82 -45.59 4.69 48.60
N LYS C 83 -45.90 4.32 47.36
CA LYS C 83 -46.14 5.33 46.33
C LYS C 83 -47.32 6.20 46.69
N GLU C 84 -48.41 5.56 47.12
CA GLU C 84 -49.60 6.33 47.49
C GLU C 84 -49.29 7.33 48.59
N GLN C 85 -48.60 6.88 49.63
CA GLN C 85 -48.27 7.80 50.72
C GLN C 85 -47.28 8.87 50.29
N SER C 86 -46.31 8.51 49.44
CA SER C 86 -45.33 9.49 49.01
C SER C 86 -45.99 10.63 48.27
N THR C 87 -46.86 10.31 47.32
CA THR C 87 -47.57 11.39 46.64
C THR C 87 -48.46 12.14 47.61
N LEU C 88 -49.20 11.40 48.44
CA LEU C 88 -50.10 12.01 49.40
C LEU C 88 -49.37 12.93 50.36
N ALA C 89 -48.09 12.66 50.61
CA ALA C 89 -47.33 13.45 51.57
C ALA C 89 -46.60 14.62 50.94
N GLN C 90 -46.66 14.76 49.63
CA GLN C 90 -45.97 15.84 48.95
C GLN C 90 -46.59 17.16 49.20
N MET C 91 -47.74 17.21 49.88
CA MET C 91 -48.45 18.47 50.09
C MET C 91 -47.70 19.37 51.06
N TYR C 92 -47.48 18.88 52.28
CA TYR C 92 -46.89 19.64 53.37
C TYR C 92 -45.51 20.17 53.00
N PRO C 93 -45.37 21.48 52.78
CA PRO C 93 -44.05 22.02 52.46
C PRO C 93 -43.11 21.94 53.64
N LEU C 94 -41.83 21.72 53.38
CA LEU C 94 -40.88 21.40 54.44
C LEU C 94 -40.60 22.59 55.34
N GLN C 95 -40.37 23.76 54.76
CA GLN C 95 -39.81 24.86 55.53
C GLN C 95 -40.88 25.57 56.35
N GLU C 96 -41.64 24.80 57.11
CA GLU C 96 -42.54 25.37 58.10
C GLU C 96 -42.39 24.58 59.39
N ILE C 97 -41.99 23.33 59.25
CA ILE C 97 -41.92 22.40 60.37
C ILE C 97 -40.75 22.78 61.28
N GLN C 98 -40.99 22.75 62.59
CA GLN C 98 -39.96 23.04 63.58
C GLN C 98 -39.54 21.82 64.36
N ASN C 99 -40.48 20.98 64.75
CA ASN C 99 -40.18 19.74 65.48
C ASN C 99 -39.31 18.89 64.56
N LEU C 100 -38.05 18.73 64.93
CA LEU C 100 -37.09 18.15 64.02
C LEU C 100 -37.40 16.70 63.68
N THR C 101 -37.94 15.95 64.63
CA THR C 101 -38.15 14.53 64.43
C THR C 101 -39.22 14.21 63.40
N VAL C 102 -40.11 15.15 63.11
CA VAL C 102 -41.12 14.95 62.07
C VAL C 102 -40.64 15.49 60.73
N LYS C 103 -39.92 16.60 60.74
CA LYS C 103 -39.22 17.06 59.56
C LYS C 103 -38.28 15.99 59.02
N LEU C 104 -37.91 15.02 59.83
CA LEU C 104 -37.01 13.95 59.42
C LEU C 104 -37.77 12.81 58.75
N GLN C 105 -38.94 12.46 59.26
CA GLN C 105 -39.73 11.43 58.61
C GLN C 105 -40.27 11.93 57.28
N LEU C 106 -40.73 13.19 57.24
CA LEU C 106 -41.29 13.71 56.00
C LEU C 106 -40.27 13.65 54.87
N GLN C 107 -39.02 14.01 55.15
CA GLN C 107 -37.99 13.95 54.14
C GLN C 107 -37.83 12.57 53.53
N ALA C 108 -38.20 11.52 54.25
CA ALA C 108 -38.09 10.17 53.72
C ALA C 108 -39.25 9.80 52.81
N LEU C 109 -40.34 10.54 52.87
CA LEU C 109 -41.50 10.29 52.04
C LEU C 109 -41.53 11.19 50.81
N GLN C 110 -41.23 12.46 50.98
CA GLN C 110 -41.30 13.41 49.88
C GLN C 110 -40.36 13.05 48.74
N GLN C 111 -39.42 12.15 48.99
CA GLN C 111 -38.44 11.81 47.96
C GLN C 111 -39.11 11.21 46.74
N ASN C 112 -39.04 11.93 45.61
CA ASN C 112 -39.73 11.49 44.40
C ASN C 112 -39.12 10.23 43.84
N GLY C 113 -37.83 10.00 44.08
CA GLY C 113 -37.21 8.79 43.57
C GLY C 113 -37.09 8.85 42.07
N SER C 114 -37.28 7.70 41.42
CA SER C 114 -37.16 7.64 39.98
C SER C 114 -38.48 7.88 39.26
N SER C 115 -39.56 8.15 39.98
CA SER C 115 -40.82 8.48 39.32
C SER C 115 -40.76 9.82 38.60
N VAL C 116 -39.76 10.64 38.91
CA VAL C 116 -39.71 11.98 38.32
C VAL C 116 -39.33 11.91 36.86
N LEU C 117 -38.91 10.75 36.37
CA LEU C 117 -38.54 10.63 34.98
C LEU C 117 -39.77 10.66 34.08
N SER C 118 -39.55 10.45 32.79
CA SER C 118 -40.65 10.27 31.85
C SER C 118 -41.24 8.88 32.04
N GLU C 119 -42.09 8.45 31.11
CA GLU C 119 -42.59 7.09 31.14
C GLU C 119 -41.72 6.15 30.31
N ASP C 120 -41.55 6.44 29.03
CA ASP C 120 -40.70 5.62 28.18
C ASP C 120 -39.29 5.55 28.73
N LYS C 121 -38.78 6.66 29.25
CA LYS C 121 -37.45 6.69 29.83
C LYS C 121 -37.38 5.81 31.06
N SER C 122 -38.37 5.93 31.95
CA SER C 122 -38.35 5.18 33.19
C SER C 122 -38.43 3.68 32.94
N LYS C 123 -39.02 3.26 31.84
CA LYS C 123 -39.07 1.83 31.53
C LYS C 123 -37.95 1.38 30.64
N ARG C 124 -37.25 2.31 29.99
CA ARG C 124 -35.97 1.98 29.38
C ARG C 124 -34.90 1.77 30.43
N LEU C 125 -34.97 2.52 31.51
CA LEU C 125 -33.99 2.41 32.58
C LEU C 125 -34.06 1.04 33.24
N ASN C 126 -35.26 0.58 33.55
CA ASN C 126 -35.40 -0.72 34.19
C ASN C 126 -34.94 -1.82 33.26
N THR C 127 -35.16 -1.65 31.96
CA THR C 127 -34.66 -2.62 31.01
C THR C 127 -33.15 -2.67 31.02
N ILE C 128 -32.48 -1.52 31.02
CA ILE C 128 -31.03 -1.52 31.11
C ILE C 128 -30.55 -2.18 32.39
N LEU C 129 -31.18 -1.85 33.52
CA LEU C 129 -30.73 -2.43 34.77
C LEU C 129 -30.91 -3.94 34.80
N ASN C 130 -32.02 -4.45 34.29
CA ASN C 130 -32.21 -5.87 34.27
C ASN C 130 -31.33 -6.56 33.23
N THR C 131 -30.91 -5.86 32.20
CA THR C 131 -29.99 -6.46 31.25
C THR C 131 -28.58 -6.52 31.77
N MET C 132 -28.15 -5.52 32.52
CA MET C 132 -26.80 -5.54 33.03
C MET C 132 -26.59 -6.62 34.07
N SER C 133 -27.53 -6.81 34.99
CA SER C 133 -27.33 -7.82 36.02
C SER C 133 -27.38 -9.22 35.46
N THR C 134 -28.27 -9.47 34.49
CA THR C 134 -28.32 -10.78 33.86
C THR C 134 -27.01 -11.14 33.19
N ILE C 135 -26.37 -10.18 32.53
CA ILE C 135 -25.10 -10.47 31.90
C ILE C 135 -24.07 -10.87 32.93
N TYR C 136 -24.05 -10.18 34.07
CA TYR C 136 -23.10 -10.50 35.10
C TYR C 136 -23.36 -11.88 35.69
N SER C 137 -24.62 -12.21 35.89
CA SER C 137 -24.95 -13.45 36.56
C SER C 137 -24.91 -14.67 35.66
N THR C 138 -25.04 -14.49 34.35
CA THR C 138 -25.08 -15.63 33.45
C THR C 138 -23.98 -15.73 32.41
N GLY C 139 -23.27 -14.62 32.16
CA GLY C 139 -22.22 -14.67 31.16
C GLY C 139 -21.19 -15.71 31.52
N LYS C 140 -20.61 -16.30 30.49
CA LYS C 140 -19.68 -17.40 30.66
C LYS C 140 -18.57 -17.28 29.64
N VAL C 141 -17.39 -17.67 30.04
CA VAL C 141 -16.23 -17.71 29.17
C VAL C 141 -15.75 -19.14 29.09
N CYS C 142 -15.09 -19.51 27.99
CA CYS C 142 -14.61 -20.87 27.85
C CYS C 142 -13.35 -21.04 27.02
N ASN C 143 -12.74 -22.19 27.24
CA ASN C 143 -11.35 -22.48 26.94
C ASN C 143 -11.05 -22.26 25.46
N PRO C 144 -9.84 -21.86 25.14
CA PRO C 144 -9.49 -21.73 23.73
C PRO C 144 -9.25 -23.08 23.09
N ASP C 145 -8.71 -24.02 23.87
CA ASP C 145 -8.37 -25.32 23.34
C ASP C 145 -9.61 -26.18 23.11
N ASN C 146 -10.43 -26.32 24.15
CA ASN C 146 -11.63 -27.14 24.07
C ASN C 146 -12.86 -26.26 24.23
N PRO C 147 -13.36 -25.68 23.17
CA PRO C 147 -14.39 -24.64 23.29
C PRO C 147 -15.74 -25.18 23.71
N GLN C 148 -15.81 -26.42 24.17
CA GLN C 148 -17.06 -27.01 24.59
C GLN C 148 -17.32 -26.88 26.09
N GLU C 149 -16.30 -26.63 26.90
CA GLU C 149 -16.43 -26.53 28.36
C GLU C 149 -16.43 -25.07 28.77
N CYS C 150 -17.62 -24.51 28.98
CA CYS C 150 -17.71 -23.11 29.32
C CYS C 150 -17.84 -22.94 30.83
N LEU C 151 -17.31 -21.84 31.33
CA LEU C 151 -17.17 -21.60 32.76
C LEU C 151 -17.97 -20.37 33.16
N LEU C 152 -18.84 -20.52 34.15
CA LEU C 152 -19.50 -19.37 34.73
C LEU C 152 -18.51 -18.59 35.59
N LEU C 153 -18.99 -17.57 36.27
CA LEU C 153 -18.14 -16.87 37.22
C LEU C 153 -18.32 -17.40 38.63
N GLU C 154 -19.56 -17.65 39.03
CA GLU C 154 -19.90 -17.96 40.41
C GLU C 154 -19.10 -19.17 40.89
N PRO C 155 -19.25 -20.38 40.33
CA PRO C 155 -18.22 -21.38 40.59
C PRO C 155 -17.21 -21.40 39.45
N GLY C 156 -16.05 -21.96 39.68
CA GLY C 156 -15.14 -22.16 38.57
C GLY C 156 -14.19 -21.02 38.30
N LEU C 157 -14.71 -19.91 37.80
CA LEU C 157 -13.82 -18.80 37.50
C LEU C 157 -13.29 -18.13 38.74
N ASN C 158 -14.05 -18.14 39.83
CA ASN C 158 -13.53 -17.60 41.07
C ASN C 158 -12.48 -18.49 41.69
N GLU C 159 -12.72 -19.80 41.73
CA GLU C 159 -11.76 -20.70 42.34
C GLU C 159 -10.46 -20.76 41.57
N ILE C 160 -10.48 -20.51 40.27
CA ILE C 160 -9.23 -20.43 39.52
C ILE C 160 -8.39 -19.29 40.03
N MET C 161 -8.96 -18.09 40.10
CA MET C 161 -8.20 -16.94 40.57
C MET C 161 -7.84 -17.05 42.03
N ALA C 162 -8.61 -17.77 42.83
CA ALA C 162 -8.36 -17.84 44.26
C ALA C 162 -7.48 -19.01 44.67
N ASN C 163 -7.23 -19.97 43.79
CA ASN C 163 -6.43 -21.11 44.16
C ASN C 163 -5.20 -21.33 43.30
N SER C 164 -5.23 -20.94 42.04
CA SER C 164 -4.14 -21.28 41.13
C SER C 164 -2.84 -20.62 41.53
N LEU C 165 -1.74 -21.22 41.06
CA LEU C 165 -0.42 -20.62 41.13
C LEU C 165 0.25 -20.58 39.76
N ASP C 166 -0.51 -20.79 38.71
CA ASP C 166 0.01 -20.84 37.36
C ASP C 166 -0.20 -19.47 36.70
N TYR C 167 0.89 -18.82 36.33
CA TYR C 167 0.79 -17.49 35.77
C TYR C 167 -0.13 -17.46 34.57
N ASN C 168 0.09 -18.35 33.60
CA ASN C 168 -0.67 -18.28 32.37
C ASN C 168 -2.15 -18.55 32.59
N GLU C 169 -2.50 -19.46 33.48
CA GLU C 169 -3.91 -19.71 33.71
C GLU C 169 -4.61 -18.52 34.33
N ARG C 170 -4.01 -17.92 35.35
CA ARG C 170 -4.58 -16.72 35.94
C ARG C 170 -4.73 -15.63 34.91
N LEU C 171 -3.69 -15.40 34.10
CA LEU C 171 -3.80 -14.35 33.10
C LEU C 171 -4.90 -14.64 32.10
N TRP C 172 -5.04 -15.88 31.65
CA TRP C 172 -6.11 -16.21 30.73
C TRP C 172 -7.46 -15.88 31.34
N ALA C 173 -7.69 -16.32 32.58
CA ALA C 173 -8.98 -16.04 33.18
C ALA C 173 -9.22 -14.56 33.33
N TRP C 174 -8.24 -13.83 33.87
CA TRP C 174 -8.40 -12.42 34.12
C TRP C 174 -8.71 -11.65 32.85
N GLU C 175 -8.02 -11.97 31.77
CA GLU C 175 -8.25 -11.23 30.55
C GLU C 175 -9.56 -11.63 29.88
N SER C 176 -9.87 -12.92 29.86
CA SER C 176 -11.05 -13.35 29.15
C SER C 176 -12.33 -12.93 29.83
N TRP C 177 -12.36 -12.84 31.16
CA TRP C 177 -13.57 -12.36 31.80
C TRP C 177 -13.83 -10.90 31.45
N ARG C 178 -12.77 -10.11 31.33
CA ARG C 178 -12.97 -8.71 31.00
C ARG C 178 -13.26 -8.52 29.52
N SER C 179 -12.80 -9.45 28.69
CA SER C 179 -13.01 -9.27 27.26
C SER C 179 -14.38 -9.77 26.82
N GLU C 180 -14.80 -10.95 27.28
CA GLU C 180 -16.05 -11.50 26.76
C GLU C 180 -17.25 -11.12 27.61
N VAL C 181 -17.04 -10.34 28.66
CA VAL C 181 -18.16 -9.80 29.42
C VAL C 181 -18.09 -8.29 29.57
N GLY C 182 -16.93 -7.73 29.87
CA GLY C 182 -16.84 -6.28 29.93
C GLY C 182 -17.29 -5.63 28.63
N LYS C 183 -16.87 -6.17 27.50
CA LYS C 183 -17.21 -5.58 26.21
C LYS C 183 -18.71 -5.47 26.00
N GLN C 184 -19.51 -6.28 26.68
CA GLN C 184 -20.95 -6.22 26.50
C GLN C 184 -21.54 -5.10 27.33
N LEU C 185 -20.97 -4.86 28.51
CA LEU C 185 -21.57 -3.92 29.44
C LEU C 185 -21.26 -2.48 29.09
N ARG C 186 -20.37 -2.26 28.15
CA ARG C 186 -19.95 -0.89 27.90
C ARG C 186 -21.07 -0.05 27.27
N PRO C 187 -21.67 -0.45 26.16
CA PRO C 187 -22.72 0.38 25.58
C PRO C 187 -23.94 0.50 26.46
N LEU C 188 -24.11 -0.40 27.43
CA LEU C 188 -25.21 -0.26 28.35
C LEU C 188 -24.88 0.72 29.46
N TYR C 189 -23.66 0.65 29.98
CA TYR C 189 -23.27 1.58 31.03
C TYR C 189 -23.27 3.01 30.51
N GLU C 190 -22.89 3.19 29.24
CA GLU C 190 -22.92 4.55 28.70
C GLU C 190 -24.32 5.14 28.70
N GLU C 191 -25.35 4.33 28.55
CA GLU C 191 -26.72 4.82 28.61
C GLU C 191 -27.18 4.98 30.05
N TYR C 192 -26.76 4.06 30.91
CA TYR C 192 -27.15 4.08 32.30
C TYR C 192 -26.68 5.37 32.96
N VAL C 193 -25.46 5.80 32.66
CA VAL C 193 -24.95 7.04 33.21
C VAL C 193 -25.88 8.19 32.85
N VAL C 194 -26.20 8.30 31.57
CA VAL C 194 -26.98 9.42 31.05
C VAL C 194 -28.34 9.46 31.70
N LEU C 195 -29.01 8.31 31.78
CA LEU C 195 -30.36 8.29 32.33
C LEU C 195 -30.33 8.62 33.82
N LYS C 196 -29.45 7.97 34.57
CA LYS C 196 -29.40 8.23 35.99
C LYS C 196 -29.06 9.69 36.28
N ASN C 197 -28.29 10.33 35.40
CA ASN C 197 -27.98 11.73 35.63
C ASN C 197 -29.21 12.61 35.51
N GLU C 198 -30.09 12.33 34.55
CA GLU C 198 -31.33 13.09 34.46
C GLU C 198 -32.21 12.82 35.66
N MET C 199 -32.28 11.56 36.09
CA MET C 199 -33.09 11.21 37.23
C MET C 199 -32.65 11.97 38.47
N ALA C 200 -31.38 12.35 38.51
CA ALA C 200 -30.84 13.06 39.68
C ALA C 200 -31.06 14.56 39.52
N ARG C 201 -30.74 15.09 38.35
CA ARG C 201 -30.89 16.52 38.13
C ARG C 201 -32.35 16.95 38.27
N ALA C 202 -33.28 16.05 37.98
CA ALA C 202 -34.66 16.44 38.19
C ALA C 202 -35.07 16.37 39.62
N ASN C 203 -34.15 16.11 40.55
CA ASN C 203 -34.46 16.11 41.98
C ASN C 203 -33.68 17.18 42.72
N HIS C 204 -33.15 18.16 42.02
CA HIS C 204 -32.41 19.27 42.61
C HIS C 204 -31.08 18.80 43.18
N TYR C 205 -30.50 17.77 42.58
CA TYR C 205 -29.14 17.38 42.84
C TYR C 205 -28.29 17.74 41.64
N GLU C 206 -26.98 17.78 41.83
CA GLU C 206 -26.10 18.15 40.73
C GLU C 206 -25.94 17.01 39.74
N ASP C 207 -25.92 15.78 40.24
CA ASP C 207 -25.75 14.60 39.41
C ASP C 207 -25.99 13.39 40.30
N TYR C 208 -25.80 12.20 39.74
CA TYR C 208 -25.99 11.01 40.54
C TYR C 208 -24.97 10.92 41.66
N GLY C 209 -23.73 11.31 41.38
CA GLY C 209 -22.72 11.32 42.43
C GLY C 209 -23.19 12.10 43.63
N ASP C 210 -23.58 13.35 43.43
CA ASP C 210 -24.11 14.15 44.53
C ASP C 210 -25.39 13.57 45.09
N TYR C 211 -26.07 12.70 44.37
CA TYR C 211 -27.21 12.02 44.95
C TYR C 211 -26.80 10.96 45.95
N TRP C 212 -25.73 10.24 45.67
CA TRP C 212 -25.30 9.16 46.55
C TRP C 212 -24.74 9.67 47.87
N ARG C 213 -24.03 10.78 47.86
CA ARG C 213 -23.55 11.39 49.09
C ARG C 213 -24.68 12.05 49.86
N GLY C 214 -25.91 11.86 49.44
CA GLY C 214 -27.04 12.39 50.16
C GLY C 214 -27.32 11.67 51.45
N ASP C 215 -26.58 10.61 51.75
CA ASP C 215 -26.79 9.88 52.98
C ASP C 215 -26.02 10.48 54.14
N TYR C 216 -24.90 11.12 53.88
CA TYR C 216 -24.06 11.66 54.93
C TYR C 216 -24.35 13.12 55.23
N GLU C 217 -25.48 13.65 54.75
CA GLU C 217 -25.74 15.07 54.86
C GLU C 217 -26.61 15.38 56.06
N VAL C 218 -26.29 16.45 56.76
CA VAL C 218 -27.05 16.92 57.90
C VAL C 218 -27.30 18.42 57.72
N ASN C 219 -28.45 18.90 58.16
CA ASN C 219 -28.82 20.28 57.92
C ASN C 219 -29.41 20.94 59.16
N GLY C 220 -28.82 22.08 59.53
CA GLY C 220 -29.34 22.96 60.56
C GLY C 220 -29.52 22.36 61.94
N VAL C 221 -28.42 21.95 62.58
CA VAL C 221 -28.51 21.46 63.95
C VAL C 221 -27.44 22.13 64.81
N ASP C 222 -26.96 23.29 64.40
CA ASP C 222 -26.02 24.07 65.22
C ASP C 222 -24.73 23.35 65.58
N GLY C 223 -23.87 23.12 64.60
CA GLY C 223 -22.56 22.58 64.86
C GLY C 223 -22.40 21.14 64.45
N TYR C 224 -23.49 20.46 64.12
CA TYR C 224 -23.44 19.09 63.63
C TYR C 224 -23.74 19.04 62.13
N ASP C 225 -23.60 20.13 61.43
CA ASP C 225 -23.91 20.13 60.02
C ASP C 225 -22.84 19.40 59.23
N TYR C 226 -23.21 18.96 58.03
CA TYR C 226 -22.32 18.20 57.18
C TYR C 226 -22.84 18.28 55.77
N SER C 227 -22.09 18.93 54.89
CA SER C 227 -22.53 19.19 53.54
C SER C 227 -22.06 18.06 52.63
N ARG C 228 -22.86 17.74 51.62
CA ARG C 228 -22.54 16.66 50.70
C ARG C 228 -21.19 16.86 50.03
N GLY C 229 -20.68 18.07 50.04
CA GLY C 229 -19.38 18.32 49.49
C GLY C 229 -18.23 18.06 50.42
N GLN C 230 -18.48 18.09 51.73
CA GLN C 230 -17.42 17.82 52.69
C GLN C 230 -16.97 16.39 52.65
N LEU C 231 -17.84 15.46 52.26
CA LEU C 231 -17.48 14.06 52.27
C LEU C 231 -16.25 13.82 51.41
N ILE C 232 -16.14 14.48 50.28
CA ILE C 232 -14.96 14.30 49.44
C ILE C 232 -13.72 14.80 50.16
N GLU C 233 -13.80 15.94 50.85
CA GLU C 233 -12.65 16.43 51.58
C GLU C 233 -12.23 15.45 52.66
N ASP C 234 -13.18 14.95 53.45
CA ASP C 234 -12.82 14.01 54.50
C ASP C 234 -12.22 12.73 53.93
N VAL C 235 -12.84 12.16 52.90
CA VAL C 235 -12.30 10.92 52.36
C VAL C 235 -10.90 11.15 51.81
N GLU C 236 -10.68 12.22 51.08
CA GLU C 236 -9.35 12.45 50.51
C GLU C 236 -8.35 12.91 51.53
N HIS C 237 -8.80 13.33 52.71
CA HIS C 237 -7.88 13.82 53.72
C HIS C 237 -7.49 12.75 54.73
N THR C 238 -8.36 11.79 54.99
CA THR C 238 -7.96 10.67 55.83
C THR C 238 -7.17 9.63 55.05
N PHE C 239 -7.31 9.61 53.73
CA PHE C 239 -6.54 8.63 52.99
C PHE C 239 -5.07 8.97 52.94
N GLU C 240 -4.70 10.22 53.07
CA GLU C 240 -3.29 10.58 53.04
C GLU C 240 -2.54 10.13 54.27
N GLU C 241 -3.22 9.55 55.25
CA GLU C 241 -2.53 9.02 56.41
C GLU C 241 -2.39 7.52 56.36
N ILE C 242 -3.15 6.84 55.50
CA ILE C 242 -2.98 5.42 55.33
C ILE C 242 -1.93 5.11 54.28
N LYS C 243 -1.52 6.08 53.51
CA LYS C 243 -0.54 5.82 52.48
C LYS C 243 0.80 5.36 53.05
N PRO C 244 1.28 5.90 54.17
CA PRO C 244 2.53 5.39 54.72
C PRO C 244 2.49 3.92 55.11
N LEU C 245 1.38 3.46 55.65
CA LEU C 245 1.29 2.05 56.01
C LEU C 245 1.00 1.17 54.82
N TYR C 246 0.13 1.60 53.93
CA TYR C 246 -0.11 0.82 52.72
C TYR C 246 1.12 0.72 51.85
N GLU C 247 1.98 1.72 51.84
CA GLU C 247 3.19 1.60 51.04
C GLU C 247 4.08 0.48 51.53
N HIS C 248 4.28 0.37 52.84
CA HIS C 248 5.07 -0.72 53.37
C HIS C 248 4.41 -2.06 53.19
N LEU C 249 3.11 -2.16 53.45
CA LEU C 249 2.44 -3.42 53.20
C LEU C 249 2.52 -3.84 51.75
N HIS C 250 2.51 -2.89 50.83
CA HIS C 250 2.64 -3.19 49.42
C HIS C 250 4.04 -3.57 49.03
N ALA C 251 5.04 -2.94 49.61
CA ALA C 251 6.42 -3.29 49.32
C ALA C 251 6.83 -4.60 49.96
N TYR C 252 6.12 -5.06 50.99
CA TYR C 252 6.45 -6.35 51.56
C TYR C 252 5.83 -7.48 50.77
N VAL C 253 4.57 -7.34 50.38
CA VAL C 253 3.95 -8.35 49.55
C VAL C 253 4.67 -8.51 48.23
N ARG C 254 5.13 -7.42 47.63
CA ARG C 254 5.86 -7.55 46.38
C ARG C 254 7.14 -8.34 46.55
N ALA C 255 7.84 -8.15 47.65
CA ALA C 255 9.07 -8.91 47.87
C ALA C 255 8.82 -10.38 48.10
N LYS C 256 7.62 -10.76 48.51
CA LYS C 256 7.29 -12.16 48.70
C LYS C 256 6.65 -12.80 47.49
N LEU C 257 6.20 -12.01 46.53
CA LEU C 257 5.71 -12.57 45.29
C LEU C 257 6.82 -12.86 44.30
N MET C 258 7.97 -12.19 44.43
CA MET C 258 9.09 -12.47 43.55
C MET C 258 9.75 -13.78 43.86
N ASN C 259 9.15 -14.62 44.70
CA ASN C 259 9.68 -15.96 44.93
C ASN C 259 8.70 -16.98 44.41
N ALA C 260 7.44 -16.59 44.30
CA ALA C 260 6.43 -17.49 43.75
C ALA C 260 6.28 -17.33 42.24
N TYR C 261 6.50 -16.13 41.72
CA TYR C 261 6.47 -15.88 40.29
C TYR C 261 7.75 -15.15 39.92
N PRO C 262 8.88 -15.84 39.88
CA PRO C 262 10.14 -15.16 39.52
C PRO C 262 10.12 -14.78 38.06
N SER C 263 10.90 -13.76 37.72
CA SER C 263 11.07 -13.32 36.34
C SER C 263 9.79 -12.72 35.77
N TYR C 264 8.84 -12.38 36.64
CA TYR C 264 7.61 -11.75 36.20
C TYR C 264 7.30 -10.45 36.92
N ILE C 265 7.99 -10.14 38.01
CA ILE C 265 7.71 -8.95 38.80
C ILE C 265 8.99 -8.20 39.03
N SER C 266 9.03 -6.97 38.61
CA SER C 266 10.23 -6.18 38.83
C SER C 266 10.15 -5.52 40.21
N PRO C 267 11.27 -5.42 40.91
CA PRO C 267 11.24 -4.98 42.30
C PRO C 267 11.18 -3.48 42.50
N ILE C 268 10.84 -2.70 41.48
CA ILE C 268 10.60 -1.27 41.70
C ILE C 268 9.31 -0.87 41.00
N GLY C 269 8.60 -1.84 40.43
CA GLY C 269 7.39 -1.57 39.71
C GLY C 269 6.16 -1.83 40.55
N CYS C 270 5.02 -1.89 39.86
CA CYS C 270 3.76 -2.19 40.51
C CYS C 270 3.59 -3.71 40.54
N LEU C 271 2.41 -4.17 40.91
CA LEU C 271 2.09 -5.58 40.89
C LEU C 271 1.15 -5.84 39.72
N PRO C 272 1.37 -6.88 38.93
CA PRO C 272 0.42 -7.20 37.88
C PRO C 272 -0.94 -7.44 38.48
N ALA C 273 -1.99 -7.06 37.75
CA ALA C 273 -3.29 -7.03 38.35
C ALA C 273 -3.90 -8.41 38.56
N HIS C 274 -3.36 -9.43 37.92
CA HIS C 274 -3.97 -10.74 38.03
C HIS C 274 -3.32 -11.63 39.07
N LEU C 275 -2.34 -11.14 39.80
CA LEU C 275 -1.66 -11.93 40.81
C LEU C 275 -2.05 -11.47 42.20
N LEU C 276 -3.32 -11.10 42.39
CA LEU C 276 -3.75 -10.53 43.66
C LEU C 276 -4.82 -11.37 44.33
N GLY C 277 -4.82 -12.67 44.12
CA GLY C 277 -5.74 -13.51 44.87
C GLY C 277 -7.15 -13.50 44.37
N ASP C 278 -7.70 -12.34 44.08
CA ASP C 278 -9.09 -12.26 43.68
C ASP C 278 -9.19 -11.76 42.25
N MET C 279 -10.38 -11.90 41.66
CA MET C 279 -10.53 -11.55 40.25
C MET C 279 -10.31 -10.07 40.01
N TRP C 280 -10.68 -9.21 40.96
CA TRP C 280 -10.52 -7.78 40.79
C TRP C 280 -9.38 -7.20 41.63
N GLY C 281 -9.03 -7.83 42.73
CA GLY C 281 -8.07 -7.28 43.64
C GLY C 281 -8.68 -6.59 44.82
N ARG C 282 -9.93 -6.89 45.14
CA ARG C 282 -10.60 -6.19 46.23
C ARG C 282 -10.01 -6.58 47.57
N PHE C 283 -9.85 -7.87 47.82
CA PHE C 283 -9.23 -8.36 49.04
C PHE C 283 -7.97 -9.13 48.70
N TRP C 284 -6.93 -8.90 49.48
CA TRP C 284 -5.69 -9.63 49.31
C TRP C 284 -5.63 -10.86 50.16
N THR C 285 -6.76 -11.35 50.66
CA THR C 285 -6.75 -12.40 51.66
C THR C 285 -6.11 -13.67 51.10
N ASN C 286 -6.37 -13.97 49.85
CA ASN C 286 -5.93 -15.24 49.30
C ASN C 286 -4.43 -15.25 49.05
N LEU C 287 -3.74 -14.20 49.46
CA LEU C 287 -2.29 -14.18 49.41
C LEU C 287 -1.68 -14.57 50.74
N TYR C 288 -2.50 -15.06 51.67
CA TYR C 288 -1.90 -15.39 52.96
C TYR C 288 -0.91 -16.52 52.84
N SER C 289 -1.27 -17.60 52.15
CA SER C 289 -0.41 -18.76 52.10
C SER C 289 0.95 -18.48 51.48
N LEU C 290 1.06 -17.43 50.67
CA LEU C 290 2.36 -17.07 50.11
C LEU C 290 3.14 -16.10 50.96
N THR C 291 2.48 -15.40 51.87
CA THR C 291 3.10 -14.29 52.56
C THR C 291 3.14 -14.45 54.07
N VAL C 292 2.84 -15.63 54.59
CA VAL C 292 2.81 -15.83 56.02
C VAL C 292 4.20 -15.56 56.58
N PRO C 293 4.34 -14.71 57.57
CA PRO C 293 5.66 -14.37 58.08
C PRO C 293 6.40 -15.56 58.67
N PHE C 294 5.79 -16.24 59.64
CA PHE C 294 6.42 -17.39 60.28
C PHE C 294 5.57 -18.62 59.99
N GLY C 295 5.92 -19.30 58.91
CA GLY C 295 5.10 -20.40 58.43
C GLY C 295 5.01 -21.60 59.34
N GLN C 296 5.92 -21.73 60.31
CA GLN C 296 5.92 -22.93 61.14
C GLN C 296 4.85 -22.84 62.21
N LYS C 297 4.71 -21.69 62.87
CA LYS C 297 3.73 -21.58 63.93
C LYS C 297 2.33 -21.54 63.34
N PRO C 298 1.42 -22.38 63.82
CA PRO C 298 0.05 -22.34 63.30
C PRO C 298 -0.77 -21.29 64.01
N ASN C 299 -1.78 -20.75 63.33
CA ASN C 299 -2.63 -19.76 63.97
C ASN C 299 -3.56 -20.44 64.98
N ILE C 300 -4.27 -19.62 65.74
CA ILE C 300 -5.16 -20.12 66.78
C ILE C 300 -6.44 -20.61 66.13
N ASP C 301 -6.69 -21.90 66.25
CA ASP C 301 -7.92 -22.51 65.74
C ASP C 301 -8.49 -23.42 66.82
N VAL C 302 -9.81 -23.39 66.95
CA VAL C 302 -10.46 -24.19 67.99
C VAL C 302 -11.61 -24.98 67.40
N THR C 303 -11.61 -25.16 66.07
CA THR C 303 -12.66 -25.97 65.47
C THR C 303 -12.63 -27.40 65.98
N ASP C 304 -11.57 -27.79 66.67
CA ASP C 304 -11.45 -29.15 67.19
C ASP C 304 -11.79 -29.25 68.66
N ALA C 305 -11.46 -28.23 69.45
CA ALA C 305 -11.83 -28.27 70.86
C ALA C 305 -13.34 -28.14 71.04
N MET C 306 -14.06 -27.77 69.98
CA MET C 306 -15.51 -27.77 70.05
C MET C 306 -16.08 -29.16 69.82
N VAL C 307 -15.47 -29.93 68.92
CA VAL C 307 -15.96 -31.27 68.64
C VAL C 307 -15.72 -32.17 69.84
N ASP C 308 -14.53 -32.09 70.43
CA ASP C 308 -14.21 -32.95 71.57
C ASP C 308 -15.12 -32.66 72.76
N GLN C 309 -15.64 -31.45 72.85
CA GLN C 309 -16.56 -31.10 73.91
C GLN C 309 -18.02 -31.14 73.46
N ALA C 310 -18.28 -31.64 72.26
CA ALA C 310 -19.64 -31.86 71.77
C ALA C 310 -20.47 -30.58 71.78
N TRP C 311 -20.07 -29.60 70.96
CA TRP C 311 -20.77 -28.33 70.85
C TRP C 311 -21.69 -28.41 69.64
N ASP C 312 -23.00 -28.45 69.90
CA ASP C 312 -23.98 -28.42 68.84
C ASP C 312 -24.36 -26.97 68.53
N ALA C 313 -25.10 -26.77 67.45
CA ALA C 313 -25.41 -25.40 67.04
C ALA C 313 -26.56 -24.83 67.87
N GLN C 314 -26.45 -25.03 69.17
CA GLN C 314 -27.26 -24.32 70.15
C GLN C 314 -26.43 -23.86 71.35
N ARG C 315 -25.32 -24.51 71.64
CA ARG C 315 -24.41 -24.00 72.66
C ARG C 315 -23.68 -22.78 72.15
N ILE C 316 -23.47 -22.71 70.84
CA ILE C 316 -22.92 -21.53 70.22
C ILE C 316 -23.75 -20.30 70.50
N PHE C 317 -25.00 -20.29 70.06
CA PHE C 317 -25.86 -19.14 70.22
C PHE C 317 -26.21 -18.86 71.67
N LYS C 318 -26.02 -19.82 72.57
CA LYS C 318 -26.10 -19.50 73.98
C LYS C 318 -24.87 -18.78 74.47
N GLU C 319 -23.69 -19.16 74.00
CA GLU C 319 -22.48 -18.45 74.38
C GLU C 319 -22.51 -17.03 73.88
N ALA C 320 -23.00 -16.82 72.66
CA ALA C 320 -23.10 -15.47 72.13
C ALA C 320 -24.02 -14.61 72.99
N GLU C 321 -25.20 -15.16 73.31
CA GLU C 321 -26.13 -14.41 74.15
C GLU C 321 -25.51 -14.09 75.50
N LYS C 322 -24.76 -15.04 76.05
CA LYS C 322 -24.14 -14.77 77.35
C LYS C 322 -23.09 -13.68 77.24
N PHE C 323 -22.31 -13.70 76.16
CA PHE C 323 -21.34 -12.64 75.95
C PHE C 323 -22.03 -11.28 75.89
N PHE C 324 -23.16 -11.21 75.20
CA PHE C 324 -23.85 -9.93 75.09
C PHE C 324 -24.44 -9.50 76.43
N VAL C 325 -24.95 -10.46 77.20
CA VAL C 325 -25.51 -10.12 78.50
C VAL C 325 -24.43 -9.59 79.42
N SER C 326 -23.24 -10.17 79.34
CA SER C 326 -22.13 -9.75 80.19
C SER C 326 -21.82 -8.27 80.03
N VAL C 327 -21.97 -7.76 78.81
CA VAL C 327 -21.66 -6.36 78.57
C VAL C 327 -22.70 -5.45 79.24
N GLY C 328 -23.95 -5.90 79.27
CA GLY C 328 -24.99 -5.10 79.88
C GLY C 328 -26.25 -5.06 79.05
N LEU C 329 -26.12 -5.38 77.76
CA LEU C 329 -27.25 -5.40 76.85
C LEU C 329 -28.26 -6.44 77.34
N PRO C 330 -29.50 -6.41 76.86
CA PRO C 330 -30.51 -7.32 77.41
C PRO C 330 -30.48 -8.71 76.78
N ASN C 331 -31.29 -9.60 77.35
CA ASN C 331 -31.40 -10.99 76.90
C ASN C 331 -31.95 -11.07 75.49
N MET C 332 -32.04 -12.28 74.96
CA MET C 332 -32.82 -12.50 73.76
C MET C 332 -34.30 -12.57 74.15
N THR C 333 -35.16 -12.95 73.22
CA THR C 333 -36.58 -13.06 73.50
C THR C 333 -37.09 -14.43 73.05
N GLN C 334 -38.17 -14.88 73.68
CA GLN C 334 -38.71 -16.20 73.42
C GLN C 334 -38.89 -16.45 71.93
N GLY C 335 -39.58 -15.54 71.25
CA GLY C 335 -39.82 -15.65 69.84
C GLY C 335 -38.55 -15.88 69.06
N PHE C 336 -37.44 -15.32 69.56
CA PHE C 336 -36.18 -15.50 68.87
C PHE C 336 -35.74 -16.95 68.89
N TRP C 337 -35.83 -17.60 70.06
CA TRP C 337 -35.50 -19.01 70.14
C TRP C 337 -36.49 -19.86 69.37
N GLU C 338 -37.77 -19.52 69.41
CA GLU C 338 -38.77 -20.35 68.76
C GLU C 338 -38.62 -20.38 67.24
N ASN C 339 -38.90 -19.25 66.60
CA ASN C 339 -39.07 -19.23 65.15
C ASN C 339 -37.81 -18.82 64.41
N SER C 340 -36.72 -19.53 64.60
CA SER C 340 -35.49 -19.24 63.86
C SER C 340 -34.94 -20.50 63.22
N MET C 341 -33.91 -20.32 62.40
CA MET C 341 -33.39 -21.41 61.59
C MET C 341 -31.95 -21.71 61.93
N LEU C 342 -31.65 -21.85 63.22
CA LEU C 342 -30.28 -22.04 63.69
C LEU C 342 -29.61 -23.28 63.11
N THR C 343 -30.32 -24.14 62.39
CA THR C 343 -29.75 -25.38 61.91
C THR C 343 -30.22 -25.62 60.49
N ASP C 344 -29.42 -26.30 59.74
CA ASP C 344 -29.91 -26.67 58.43
C ASP C 344 -30.89 -27.84 58.56
N PRO C 345 -32.02 -27.77 57.86
CA PRO C 345 -32.98 -28.88 57.92
C PRO C 345 -32.39 -30.20 57.49
N GLY C 346 -31.65 -30.20 56.39
CA GLY C 346 -30.94 -31.36 55.91
C GLY C 346 -31.63 -32.13 54.81
N ASN C 347 -32.95 -32.32 54.92
CA ASN C 347 -33.68 -33.04 53.90
C ASN C 347 -33.92 -32.13 52.71
N VAL C 348 -34.78 -32.54 51.77
CA VAL C 348 -35.00 -31.77 50.56
C VAL C 348 -35.89 -30.57 50.88
N GLN C 349 -36.27 -30.43 52.15
CA GLN C 349 -36.88 -29.19 52.61
C GLN C 349 -35.85 -28.10 52.42
N LYS C 350 -36.06 -27.26 51.42
CA LYS C 350 -34.99 -26.44 50.90
C LYS C 350 -35.04 -25.04 51.50
N ALA C 351 -33.86 -24.42 51.58
CA ALA C 351 -33.69 -23.11 52.18
C ALA C 351 -32.38 -22.50 51.73
N VAL C 352 -32.23 -21.20 51.93
CA VAL C 352 -30.97 -20.52 51.67
C VAL C 352 -30.32 -20.19 53.00
N CYS C 353 -29.02 -20.46 53.13
CA CYS C 353 -28.33 -20.17 54.36
C CYS C 353 -27.31 -19.05 54.26
N HIS C 354 -27.48 -18.10 53.36
CA HIS C 354 -26.74 -16.87 53.50
C HIS C 354 -27.12 -16.23 54.84
N PRO C 355 -26.23 -16.20 55.82
CA PRO C 355 -26.64 -15.85 57.18
C PRO C 355 -27.16 -14.43 57.26
N THR C 356 -28.39 -14.28 57.74
CA THR C 356 -28.97 -12.95 57.86
C THR C 356 -29.76 -12.80 59.15
N ALA C 357 -29.86 -11.56 59.64
CA ALA C 357 -30.73 -11.22 60.73
C ALA C 357 -32.01 -10.61 60.18
N TRP C 358 -33.14 -10.92 60.82
CA TRP C 358 -34.44 -10.50 60.33
C TRP C 358 -35.17 -9.74 61.42
N ASP C 359 -35.79 -8.64 61.01
CA ASP C 359 -36.43 -7.67 61.88
C ASP C 359 -37.87 -7.47 61.40
N LEU C 360 -38.63 -8.55 61.31
CA LEU C 360 -39.95 -8.51 60.71
C LEU C 360 -40.86 -7.47 61.37
N GLY C 361 -40.41 -6.85 62.44
CA GLY C 361 -41.17 -5.77 63.03
C GLY C 361 -42.25 -6.29 63.94
N LYS C 362 -42.94 -5.36 64.61
CA LYS C 362 -44.04 -5.66 65.52
C LYS C 362 -43.54 -6.38 66.76
N GLY C 363 -42.25 -6.72 66.81
CA GLY C 363 -41.68 -7.22 68.03
C GLY C 363 -41.08 -8.62 67.98
N ASP C 364 -40.79 -9.14 66.80
CA ASP C 364 -40.08 -10.41 66.68
C ASP C 364 -38.82 -10.20 65.86
N PHE C 365 -37.78 -10.94 66.20
CA PHE C 365 -36.52 -10.92 65.47
C PHE C 365 -36.07 -12.37 65.31
N ARG C 366 -35.37 -12.66 64.22
CA ARG C 366 -34.96 -14.04 64.04
C ARG C 366 -33.77 -14.13 63.10
N ILE C 367 -32.87 -15.06 63.40
CA ILE C 367 -31.69 -15.26 62.59
C ILE C 367 -31.95 -16.40 61.61
N LEU C 368 -31.18 -16.42 60.53
CA LEU C 368 -31.30 -17.52 59.58
C LEU C 368 -29.91 -17.87 59.08
N MET C 369 -29.48 -19.09 59.40
CA MET C 369 -28.18 -19.57 58.93
C MET C 369 -28.03 -21.06 59.17
N CYS C 370 -27.54 -21.78 58.16
CA CYS C 370 -27.19 -23.19 58.31
C CYS C 370 -25.88 -23.27 59.08
N THR C 371 -25.98 -23.48 60.39
CA THR C 371 -24.80 -23.47 61.24
C THR C 371 -24.02 -24.77 61.12
N LYS C 372 -22.72 -24.65 60.97
CA LYS C 372 -21.80 -25.78 61.04
C LYS C 372 -20.96 -25.59 62.29
N VAL C 373 -20.60 -26.68 62.95
CA VAL C 373 -19.69 -26.55 64.07
C VAL C 373 -18.31 -26.26 63.51
N THR C 374 -17.84 -25.02 63.70
CA THR C 374 -16.60 -24.53 63.16
C THR C 374 -16.16 -23.37 64.05
N MET C 375 -15.13 -22.65 63.63
CA MET C 375 -14.76 -21.41 64.28
C MET C 375 -15.28 -20.19 63.53
N ASP C 376 -15.15 -20.18 62.20
CA ASP C 376 -15.62 -19.04 61.43
C ASP C 376 -17.12 -18.87 61.53
N ASP C 377 -17.82 -19.89 62.01
CA ASP C 377 -19.22 -19.74 62.35
C ASP C 377 -19.44 -19.32 63.78
N PHE C 378 -18.57 -19.71 64.69
CA PHE C 378 -18.62 -19.19 66.05
C PHE C 378 -18.43 -17.69 66.08
N LEU C 379 -17.84 -17.10 65.03
CA LEU C 379 -17.73 -15.66 64.95
C LEU C 379 -18.93 -15.06 64.23
N THR C 380 -19.34 -15.66 63.11
CA THR C 380 -20.53 -15.18 62.41
C THR C 380 -21.75 -15.16 63.31
N ALA C 381 -21.85 -16.08 64.26
CA ALA C 381 -22.91 -16.00 65.24
C ALA C 381 -22.89 -14.68 65.98
N HIS C 382 -21.75 -14.30 66.53
CA HIS C 382 -21.62 -13.03 67.22
C HIS C 382 -21.92 -11.86 66.30
N HIS C 383 -21.45 -11.94 65.07
CA HIS C 383 -21.72 -10.88 64.10
C HIS C 383 -23.22 -10.66 63.95
N GLU C 384 -23.96 -11.72 63.61
CA GLU C 384 -25.39 -11.57 63.37
C GLU C 384 -26.13 -11.14 64.62
N MET C 385 -25.75 -11.71 65.77
CA MET C 385 -26.41 -11.28 66.99
C MET C 385 -26.09 -9.81 67.24
N GLY C 386 -25.02 -9.31 66.63
CA GLY C 386 -24.77 -7.89 66.69
C GLY C 386 -25.88 -7.09 66.04
N HIS C 387 -26.21 -7.42 64.79
CA HIS C 387 -27.33 -6.77 64.14
C HIS C 387 -28.59 -6.89 64.98
N ILE C 388 -28.85 -8.07 65.52
CA ILE C 388 -30.09 -8.26 66.26
C ILE C 388 -30.11 -7.37 67.49
N GLN C 389 -29.00 -7.29 68.21
CA GLN C 389 -28.95 -6.43 69.38
C GLN C 389 -29.04 -4.97 69.00
N TYR C 390 -28.65 -4.61 67.78
CA TYR C 390 -28.91 -3.26 67.31
C TYR C 390 -30.40 -3.03 67.16
N ASP C 391 -31.07 -3.92 66.43
CA ASP C 391 -32.48 -3.73 66.11
C ASP C 391 -33.33 -3.65 67.37
N MET C 392 -33.03 -4.48 68.35
CA MET C 392 -33.81 -4.45 69.59
C MET C 392 -33.66 -3.14 70.33
N ALA C 393 -32.68 -2.33 69.97
CA ALA C 393 -32.43 -1.11 70.73
C ALA C 393 -33.36 0.01 70.31
N TYR C 394 -33.45 0.26 69.01
CA TYR C 394 -34.26 1.37 68.51
C TYR C 394 -35.66 0.94 68.10
N ALA C 395 -36.16 -0.16 68.62
CA ALA C 395 -37.48 -0.63 68.20
C ALA C 395 -38.57 0.14 68.95
N ALA C 396 -38.21 1.28 69.50
CA ALA C 396 -39.19 2.17 70.12
C ALA C 396 -39.19 3.50 69.39
N GLN C 397 -39.06 3.46 68.08
CA GLN C 397 -38.96 4.66 67.26
C GLN C 397 -39.97 4.57 66.13
N PRO C 398 -40.40 5.72 65.60
CA PRO C 398 -41.32 5.71 64.47
C PRO C 398 -40.76 4.95 63.29
N PHE C 399 -41.64 4.25 62.59
CA PHE C 399 -41.24 3.26 61.59
C PHE C 399 -40.19 3.76 60.62
N LEU C 400 -40.22 5.03 60.26
CA LEU C 400 -39.25 5.52 59.30
C LEU C 400 -37.90 5.80 59.92
N LEU C 401 -37.82 5.82 61.25
CA LEU C 401 -36.57 6.07 61.96
C LEU C 401 -36.01 4.81 62.59
N ARG C 402 -36.15 3.68 61.91
CA ARG C 402 -35.59 2.42 62.36
C ARG C 402 -34.52 2.00 61.38
N ASN C 403 -33.31 2.49 61.60
CA ASN C 403 -32.17 2.15 60.75
C ASN C 403 -30.89 2.70 61.36
N GLY C 404 -29.75 2.30 60.81
CA GLY C 404 -28.49 2.81 61.31
C GLY C 404 -28.41 4.30 61.14
N ALA C 405 -27.58 4.93 61.98
CA ALA C 405 -27.46 6.38 61.94
C ALA C 405 -27.06 6.86 60.56
N ASN C 406 -26.29 6.05 59.83
CA ASN C 406 -26.19 6.20 58.39
C ASN C 406 -25.92 4.81 57.82
N GLU C 407 -25.48 4.76 56.58
CA GLU C 407 -25.35 3.46 55.92
C GLU C 407 -24.20 2.64 56.48
N GLY C 408 -23.23 3.26 57.13
CA GLY C 408 -22.08 2.51 57.59
C GLY C 408 -22.03 2.30 59.09
N PHE C 409 -23.18 2.25 59.76
CA PHE C 409 -23.18 1.96 61.17
C PHE C 409 -23.63 0.55 61.49
N HIS C 410 -24.50 -0.03 60.69
CA HIS C 410 -24.96 -1.38 60.99
C HIS C 410 -23.79 -2.35 60.96
N GLU C 411 -23.19 -2.52 59.78
CA GLU C 411 -22.13 -3.51 59.70
C GLU C 411 -20.88 -3.08 60.43
N ALA C 412 -20.83 -1.87 60.97
CA ALA C 412 -19.70 -1.49 61.79
C ALA C 412 -19.92 -1.81 63.25
N VAL C 413 -20.96 -2.55 63.58
CA VAL C 413 -21.19 -3.02 64.94
C VAL C 413 -21.03 -4.53 65.01
N GLY C 414 -21.58 -5.24 64.04
CA GLY C 414 -21.35 -6.65 63.93
C GLY C 414 -19.87 -6.93 63.92
N GLU C 415 -19.08 -6.09 63.27
CA GLU C 415 -17.65 -6.34 63.23
C GLU C 415 -17.03 -6.21 64.61
N ILE C 416 -17.14 -5.04 65.24
CA ILE C 416 -16.53 -4.87 66.55
C ILE C 416 -17.05 -5.87 67.56
N MET C 417 -18.17 -6.51 67.28
CA MET C 417 -18.54 -7.60 68.17
C MET C 417 -17.89 -8.90 67.78
N SER C 418 -17.68 -9.14 66.50
CA SER C 418 -16.91 -10.31 66.11
C SER C 418 -15.42 -10.11 66.23
N LEU C 419 -14.98 -8.90 66.54
CA LEU C 419 -13.56 -8.60 66.67
C LEU C 419 -13.05 -8.87 68.06
N SER C 420 -13.92 -8.84 69.05
CA SER C 420 -13.53 -9.03 70.43
C SER C 420 -13.85 -10.41 70.95
N ALA C 421 -14.43 -11.27 70.11
CA ALA C 421 -14.70 -12.64 70.50
C ALA C 421 -13.74 -13.61 69.85
N ALA C 422 -12.71 -13.13 69.19
CA ALA C 422 -11.66 -13.97 68.63
C ALA C 422 -10.33 -13.76 69.33
N THR C 423 -10.32 -13.11 70.44
CA THR C 423 -9.07 -12.90 71.13
C THR C 423 -8.82 -14.03 72.11
N PRO C 424 -7.61 -14.58 72.16
CA PRO C 424 -7.34 -15.68 73.10
C PRO C 424 -7.68 -15.34 74.53
N LYS C 425 -7.58 -14.06 74.91
CA LYS C 425 -7.92 -13.67 76.27
C LYS C 425 -9.39 -13.89 76.56
N HIS C 426 -10.16 -14.19 75.51
CA HIS C 426 -11.56 -14.55 75.66
C HIS C 426 -11.81 -16.03 75.41
N LEU C 427 -11.17 -16.62 74.40
CA LEU C 427 -11.33 -18.04 74.11
C LEU C 427 -10.83 -18.91 75.25
N LYS C 428 -9.78 -18.49 75.94
CA LYS C 428 -9.28 -19.32 77.03
C LYS C 428 -10.12 -19.13 78.27
N SER C 429 -11.18 -18.33 78.17
CA SER C 429 -12.05 -18.12 79.31
C SER C 429 -13.43 -18.71 79.08
N ILE C 430 -13.88 -18.75 77.81
CA ILE C 430 -15.17 -19.38 77.54
C ILE C 430 -15.10 -20.89 77.73
N GLY C 431 -13.90 -21.46 77.73
CA GLY C 431 -13.75 -22.88 77.92
C GLY C 431 -12.80 -23.56 76.96
N LEU C 432 -12.78 -23.14 75.70
CA LEU C 432 -11.83 -23.67 74.73
C LEU C 432 -10.43 -23.17 75.06
N LEU C 433 -9.44 -23.54 74.24
CA LEU C 433 -8.12 -22.94 74.38
C LEU C 433 -7.52 -23.13 75.77
N SER C 434 -7.10 -24.35 76.08
CA SER C 434 -6.69 -24.82 77.41
C SER C 434 -5.92 -23.77 78.20
N PRO C 435 -6.16 -23.69 79.51
CA PRO C 435 -5.68 -22.52 80.27
C PRO C 435 -4.17 -22.35 80.25
N ASP C 436 -3.41 -23.43 80.17
CA ASP C 436 -1.95 -23.34 80.08
C ASP C 436 -1.60 -23.10 78.62
N PHE C 437 -1.76 -21.85 78.18
CA PHE C 437 -1.49 -21.49 76.79
C PHE C 437 -1.19 -20.00 76.76
N GLN C 438 0.09 -19.67 76.65
CA GLN C 438 0.53 -18.29 76.50
C GLN C 438 0.92 -18.07 75.04
N GLU C 439 0.44 -16.97 74.48
CA GLU C 439 0.72 -16.67 73.08
C GLU C 439 2.06 -15.95 72.96
N ASP C 440 2.79 -16.27 71.90
CA ASP C 440 4.10 -15.70 71.66
C ASP C 440 4.00 -14.52 70.71
N ASN C 441 5.03 -13.71 70.69
CA ASN C 441 4.97 -12.56 69.82
C ASN C 441 5.21 -12.89 68.40
N GLU C 442 5.11 -14.13 67.96
CA GLU C 442 5.15 -14.40 66.54
C GLU C 442 3.79 -14.77 65.97
N THR C 443 2.95 -15.47 66.73
CA THR C 443 1.57 -15.62 66.28
C THR C 443 0.84 -14.29 66.26
N GLU C 444 1.26 -13.33 67.09
CA GLU C 444 0.66 -12.01 67.01
C GLU C 444 0.86 -11.39 65.63
N ILE C 445 2.05 -11.51 65.08
CA ILE C 445 2.31 -10.96 63.76
C ILE C 445 1.61 -11.83 62.73
N ASN C 446 1.66 -13.14 62.91
CA ASN C 446 0.96 -14.04 62.01
C ASN C 446 -0.52 -13.67 61.90
N PHE C 447 -1.08 -13.11 62.97
CA PHE C 447 -2.48 -12.76 62.98
C PHE C 447 -2.72 -11.36 62.44
N LEU C 448 -1.94 -10.39 62.90
CA LEU C 448 -2.09 -9.03 62.38
C LEU C 448 -1.95 -8.99 60.87
N LEU C 449 -0.94 -9.66 60.33
CA LEU C 449 -0.80 -9.62 58.89
C LEU C 449 -1.94 -10.32 58.18
N LYS C 450 -2.59 -11.28 58.81
CA LYS C 450 -3.80 -11.82 58.20
C LYS C 450 -4.92 -10.81 58.23
N GLN C 451 -4.99 -10.00 59.27
CA GLN C 451 -5.97 -8.91 59.26
C GLN C 451 -5.63 -7.87 58.20
N ALA C 452 -4.42 -7.34 58.23
CA ALA C 452 -4.05 -6.25 57.34
C ALA C 452 -4.23 -6.61 55.88
N LEU C 453 -4.22 -7.89 55.53
CA LEU C 453 -4.43 -8.24 54.14
C LEU C 453 -5.88 -8.05 53.74
N THR C 454 -6.77 -7.90 54.72
CA THR C 454 -8.18 -7.77 54.42
C THR C 454 -8.68 -6.36 54.71
N ILE C 455 -8.23 -5.78 55.82
CA ILE C 455 -8.65 -4.43 56.17
C ILE C 455 -7.93 -3.41 55.32
N VAL C 456 -6.61 -3.34 55.43
CA VAL C 456 -5.84 -2.30 54.76
C VAL C 456 -5.69 -2.63 53.29
N GLY C 457 -5.89 -3.88 52.92
CA GLY C 457 -5.73 -4.24 51.53
C GLY C 457 -6.80 -3.65 50.66
N THR C 458 -7.97 -3.39 51.23
CA THR C 458 -9.14 -2.94 50.47
C THR C 458 -9.45 -1.47 50.67
N LEU C 459 -8.61 -0.72 51.35
CA LEU C 459 -8.96 0.67 51.51
C LEU C 459 -8.60 1.45 50.26
N PRO C 460 -7.41 1.30 49.68
CA PRO C 460 -7.13 2.05 48.46
C PRO C 460 -8.00 1.65 47.30
N PHE C 461 -8.34 0.37 47.17
CA PHE C 461 -9.20 -0.03 46.07
C PHE C 461 -10.56 0.64 46.16
N THR C 462 -11.17 0.62 47.34
CA THR C 462 -12.47 1.25 47.51
C THR C 462 -12.40 2.73 47.20
N TYR C 463 -11.41 3.41 47.74
CA TYR C 463 -11.29 4.84 47.51
C TYR C 463 -11.13 5.14 46.04
N MET C 464 -10.25 4.42 45.34
CA MET C 464 -10.11 4.67 43.92
C MET C 464 -11.38 4.38 43.14
N LEU C 465 -12.06 3.29 43.44
CA LEU C 465 -13.28 3.00 42.70
C LEU C 465 -14.32 4.06 42.88
N GLU C 466 -14.58 4.49 44.11
CA GLU C 466 -15.59 5.53 44.27
C GLU C 466 -15.14 6.85 43.70
N LYS C 467 -13.85 7.17 43.74
CA LYS C 467 -13.41 8.40 43.10
C LYS C 467 -13.68 8.38 41.61
N TRP C 468 -13.40 7.26 40.97
CA TRP C 468 -13.63 7.18 39.54
C TRP C 468 -15.10 7.40 39.20
N ARG C 469 -16.00 6.80 39.97
CA ARG C 469 -17.41 6.94 39.65
C ARG C 469 -17.90 8.34 39.96
N TRP C 470 -17.44 8.93 41.06
CA TRP C 470 -17.82 10.31 41.32
C TRP C 470 -17.35 11.23 40.21
N MET C 471 -16.22 10.91 39.58
CA MET C 471 -15.76 11.79 38.52
C MET C 471 -16.44 11.50 37.19
N VAL C 472 -16.90 10.27 36.97
CA VAL C 472 -17.61 9.98 35.74
C VAL C 472 -18.98 10.61 35.76
N PHE C 473 -19.64 10.62 36.90
CA PHE C 473 -21.02 11.05 36.98
C PHE C 473 -21.16 12.55 36.90
N LYS C 474 -20.05 13.27 36.70
CA LYS C 474 -20.17 14.72 36.60
C LYS C 474 -19.45 15.21 35.37
N GLY C 475 -19.23 14.32 34.41
CA GLY C 475 -18.63 14.69 33.15
C GLY C 475 -17.22 15.22 33.28
N GLU C 476 -16.57 14.91 34.37
CA GLU C 476 -15.18 15.33 34.48
C GLU C 476 -14.25 14.43 33.77
N ILE C 477 -14.80 13.39 33.14
CA ILE C 477 -14.02 12.48 32.32
C ILE C 477 -14.81 12.24 31.05
N PRO C 478 -14.36 12.74 29.91
CA PRO C 478 -15.12 12.55 28.67
C PRO C 478 -15.31 11.07 28.36
N LYS C 479 -16.35 10.78 27.60
CA LYS C 479 -16.77 9.40 27.37
C LYS C 479 -15.76 8.60 26.60
N ASP C 480 -14.64 9.22 26.21
CA ASP C 480 -13.61 8.52 25.47
C ASP C 480 -12.32 8.42 26.28
N GLN C 481 -12.37 8.78 27.55
CA GLN C 481 -11.20 8.61 28.41
C GLN C 481 -11.53 7.82 29.65
N TRP C 482 -12.56 6.99 29.61
CA TRP C 482 -12.94 6.23 30.78
C TRP C 482 -11.85 5.25 31.16
N MET C 483 -11.52 4.33 30.27
CA MET C 483 -10.52 3.33 30.62
C MET C 483 -9.14 3.92 30.79
N LYS C 484 -8.83 4.97 30.05
CA LYS C 484 -7.52 5.59 30.23
C LYS C 484 -7.37 6.15 31.63
N LYS C 485 -8.37 6.88 32.11
CA LYS C 485 -8.31 7.38 33.48
C LYS C 485 -8.37 6.26 34.49
N TRP C 486 -9.12 5.20 34.22
CA TRP C 486 -9.17 4.08 35.15
C TRP C 486 -7.79 3.50 35.37
N TRP C 487 -7.13 3.10 34.29
CA TRP C 487 -5.81 2.52 34.45
C TRP C 487 -4.74 3.55 34.74
N GLU C 488 -5.04 4.83 34.67
CA GLU C 488 -4.11 5.84 35.17
C GLU C 488 -4.21 6.03 36.66
N MET C 489 -5.42 5.95 37.21
CA MET C 489 -5.58 6.02 38.65
C MET C 489 -5.16 4.74 39.35
N LYS C 490 -5.31 3.60 38.69
CA LYS C 490 -4.91 2.35 39.32
C LYS C 490 -3.42 2.37 39.64
N ARG C 491 -2.58 2.69 38.68
CA ARG C 491 -1.15 2.70 38.92
C ARG C 491 -0.72 3.76 39.91
N GLU C 492 -1.50 4.82 40.07
CA GLU C 492 -1.07 5.94 40.89
C GLU C 492 -1.54 5.86 42.33
N ILE C 493 -2.72 5.31 42.58
CA ILE C 493 -3.26 5.17 43.92
C ILE C 493 -3.07 3.77 44.46
N VAL C 494 -3.61 2.78 43.75
CA VAL C 494 -3.54 1.41 44.24
C VAL C 494 -2.18 0.80 44.04
N GLY C 495 -1.46 1.19 43.00
CA GLY C 495 -0.19 0.56 42.71
C GLY C 495 -0.32 -0.78 42.04
N VAL C 496 -1.16 -0.88 41.02
CA VAL C 496 -1.44 -2.13 40.34
C VAL C 496 -1.50 -1.87 38.85
N VAL C 497 -0.74 -2.63 38.08
CA VAL C 497 -0.61 -2.40 36.65
C VAL C 497 -1.31 -3.52 35.90
N GLU C 498 -1.84 -3.20 34.75
CA GLU C 498 -2.55 -4.20 33.98
C GLU C 498 -1.59 -5.01 33.15
N PRO C 499 -1.91 -6.27 32.82
CA PRO C 499 -1.00 -7.09 32.02
C PRO C 499 -1.17 -6.97 30.51
N VAL C 500 -2.30 -6.50 30.00
CA VAL C 500 -2.45 -6.25 28.57
C VAL C 500 -3.18 -4.92 28.40
N PRO C 501 -2.82 -4.10 27.42
CA PRO C 501 -3.42 -2.77 27.34
C PRO C 501 -4.87 -2.85 26.91
N HIS C 502 -5.71 -2.05 27.54
CA HIS C 502 -7.16 -2.08 27.31
C HIS C 502 -7.57 -0.76 26.67
N ASP C 503 -8.08 -0.82 25.45
CA ASP C 503 -8.52 0.37 24.73
C ASP C 503 -9.88 0.81 25.21
N GLU C 504 -10.53 1.69 24.47
CA GLU C 504 -11.79 2.28 24.90
C GLU C 504 -13.00 1.43 24.59
N THR C 505 -12.83 0.27 23.99
CA THR C 505 -13.96 -0.62 23.76
C THR C 505 -14.24 -1.51 24.94
N TYR C 506 -13.38 -1.49 25.96
CA TYR C 506 -13.58 -2.29 27.14
C TYR C 506 -14.34 -1.48 28.18
N CYS C 507 -14.81 -2.18 29.21
CA CYS C 507 -15.26 -1.49 30.41
C CYS C 507 -14.96 -2.39 31.59
N ASP C 508 -13.80 -2.20 32.20
CA ASP C 508 -13.37 -3.05 33.28
C ASP C 508 -14.17 -2.79 34.56
N PRO C 509 -14.35 -1.54 35.00
CA PRO C 509 -15.05 -1.33 36.26
C PRO C 509 -16.47 -1.85 36.24
N ALA C 510 -17.12 -1.89 35.09
CA ALA C 510 -18.45 -2.47 35.03
C ALA C 510 -18.45 -3.96 35.25
N SER C 511 -17.28 -4.60 35.28
CA SER C 511 -17.25 -6.03 35.51
C SER C 511 -17.33 -6.40 36.98
N LEU C 512 -17.37 -5.42 37.87
CA LEU C 512 -17.54 -5.70 39.29
C LEU C 512 -19.02 -5.74 39.63
N PHE C 513 -19.35 -6.51 40.66
CA PHE C 513 -20.76 -6.69 41.00
C PHE C 513 -21.41 -5.36 41.37
N HIS C 514 -20.81 -4.63 42.30
CA HIS C 514 -21.45 -3.42 42.81
C HIS C 514 -21.62 -2.39 41.72
N VAL C 515 -20.72 -2.36 40.75
CA VAL C 515 -20.78 -1.32 39.73
C VAL C 515 -21.91 -1.60 38.76
N SER C 516 -22.07 -2.86 38.36
CA SER C 516 -23.04 -3.24 37.35
C SER C 516 -24.34 -3.71 37.99
N ASN C 517 -24.59 -3.23 39.20
CA ASN C 517 -25.84 -3.53 39.86
C ASN C 517 -26.34 -2.30 40.59
N ASP C 518 -25.70 -1.18 40.33
CA ASP C 518 -26.14 0.09 40.89
C ASP C 518 -26.14 0.06 42.41
N TYR C 519 -24.97 -0.06 43.02
CA TYR C 519 -24.86 -0.04 44.46
C TYR C 519 -23.82 0.99 44.86
N SER C 520 -24.11 1.75 45.91
CA SER C 520 -23.11 2.67 46.41
C SER C 520 -21.95 1.88 46.99
N PHE C 521 -20.74 2.41 46.87
CA PHE C 521 -19.56 1.66 47.25
C PHE C 521 -18.74 2.34 48.32
N ILE C 522 -19.20 3.48 48.84
CA ILE C 522 -18.44 4.21 49.85
C ILE C 522 -18.75 3.72 51.25
N ARG C 523 -19.80 2.93 51.45
CA ARG C 523 -20.05 2.42 52.78
C ARG C 523 -18.90 1.55 53.27
N TYR C 524 -18.25 0.82 52.37
CA TYR C 524 -17.17 -0.06 52.78
C TYR C 524 -15.91 0.68 53.16
N TYR C 525 -15.82 1.97 52.86
CA TYR C 525 -14.69 2.74 53.36
C TYR C 525 -14.98 3.28 54.75
N THR C 526 -16.02 4.10 54.89
CA THR C 526 -16.30 4.70 56.17
C THR C 526 -16.62 3.66 57.23
N ARG C 527 -17.15 2.51 56.83
CA ARG C 527 -17.39 1.48 57.83
C ARG C 527 -16.09 1.01 58.45
N THR C 528 -15.05 0.82 57.64
CA THR C 528 -13.76 0.39 58.17
C THR C 528 -13.21 1.35 59.20
N LEU C 529 -13.48 2.65 59.07
CA LEU C 529 -12.98 3.62 60.03
C LEU C 529 -13.82 3.67 61.29
N TYR C 530 -15.14 3.65 61.16
CA TYR C 530 -15.97 3.58 62.35
C TYR C 530 -15.68 2.33 63.15
N GLN C 531 -15.39 1.23 62.46
CA GLN C 531 -15.21 -0.04 63.14
C GLN C 531 -14.13 0.05 64.19
N PHE C 532 -13.07 0.79 63.90
CA PHE C 532 -11.96 0.93 64.83
C PHE C 532 -12.13 2.12 65.75
N GLN C 533 -12.79 3.18 65.32
CA GLN C 533 -13.09 4.23 66.29
C GLN C 533 -13.91 3.73 67.46
N PHE C 534 -14.95 2.95 67.19
CA PHE C 534 -15.72 2.36 68.28
C PHE C 534 -14.88 1.46 69.15
N GLN C 535 -14.13 0.55 68.54
CA GLN C 535 -13.33 -0.40 69.31
C GLN C 535 -12.32 0.32 70.19
N GLU C 536 -11.71 1.38 69.68
CA GLU C 536 -10.72 2.09 70.48
C GLU C 536 -11.38 2.90 71.58
N ALA C 537 -12.56 3.45 71.31
CA ALA C 537 -13.20 4.25 72.34
C ALA C 537 -13.91 3.41 73.39
N LEU C 538 -14.10 2.12 73.13
CA LEU C 538 -14.73 1.24 74.11
C LEU C 538 -13.72 0.61 75.05
N CYS C 539 -12.51 0.31 74.58
CA CYS C 539 -11.51 -0.29 75.45
C CYS C 539 -11.07 0.67 76.54
N GLN C 540 -10.96 1.96 76.24
CA GLN C 540 -10.66 2.93 77.28
C GLN C 540 -11.72 2.94 78.37
N ALA C 541 -12.97 2.64 78.03
CA ALA C 541 -13.97 2.54 79.07
C ALA C 541 -13.83 1.25 79.87
N ALA C 542 -13.35 0.20 79.22
CA ALA C 542 -13.11 -1.06 79.91
C ALA C 542 -11.73 -1.14 80.54
N LYS C 543 -11.00 -0.03 80.57
CA LYS C 543 -9.71 0.06 81.23
C LYS C 543 -8.73 -0.97 80.69
N HIS C 544 -8.37 -0.86 79.42
CA HIS C 544 -7.41 -1.77 78.83
C HIS C 544 -6.01 -1.16 78.95
N GLU C 545 -4.98 -2.01 78.94
CA GLU C 545 -3.63 -1.52 79.17
C GLU C 545 -2.70 -1.85 78.00
N GLY C 546 -2.73 -3.07 77.52
CA GLY C 546 -1.78 -3.51 76.52
C GLY C 546 -2.06 -2.93 75.15
N PRO C 547 -1.62 -3.61 74.11
CA PRO C 547 -1.91 -3.14 72.75
C PRO C 547 -3.39 -3.19 72.47
N LEU C 548 -3.84 -2.50 71.44
CA LEU C 548 -5.27 -2.49 71.16
C LEU C 548 -5.76 -3.81 70.62
N HIS C 549 -4.97 -4.51 69.82
CA HIS C 549 -5.45 -5.71 69.17
C HIS C 549 -5.64 -6.88 70.12
N LYS C 550 -5.45 -6.68 71.42
CA LYS C 550 -5.70 -7.73 72.39
C LYS C 550 -6.75 -7.30 73.40
N CYS C 551 -7.64 -6.40 73.02
CA CYS C 551 -8.64 -5.87 73.94
C CYS C 551 -9.89 -6.72 73.90
N ASP C 552 -10.60 -6.75 75.01
CA ASP C 552 -11.82 -7.52 75.12
C ASP C 552 -12.75 -6.81 76.07
N ILE C 553 -13.95 -6.49 75.58
CA ILE C 553 -14.87 -5.66 76.36
C ILE C 553 -15.78 -6.46 77.28
N SER C 554 -15.66 -7.79 77.28
CA SER C 554 -16.53 -8.62 78.11
C SER C 554 -16.42 -8.22 79.57
N ASN C 555 -17.48 -8.53 80.32
CA ASN C 555 -17.50 -8.34 81.77
C ASN C 555 -17.33 -6.88 82.18
N SER C 556 -17.54 -5.95 81.26
CA SER C 556 -17.31 -4.53 81.55
C SER C 556 -18.61 -3.79 81.24
N THR C 557 -19.44 -3.60 82.26
CA THR C 557 -20.74 -3.01 82.04
C THR C 557 -20.65 -1.51 81.77
N GLU C 558 -19.63 -0.85 82.31
CA GLU C 558 -19.51 0.59 82.11
C GLU C 558 -19.11 0.91 80.68
N ALA C 559 -18.78 -0.11 79.90
CA ALA C 559 -18.54 0.06 78.47
C ALA C 559 -19.68 -0.47 77.64
N GLY C 560 -20.76 -0.89 78.27
CA GLY C 560 -21.96 -1.25 77.54
C GLY C 560 -22.90 -0.08 77.50
N GLN C 561 -22.77 0.81 78.47
CA GLN C 561 -23.54 2.04 78.43
C GLN C 561 -23.12 2.93 77.27
N LYS C 562 -21.82 3.18 77.14
CA LYS C 562 -21.34 4.02 76.05
C LYS C 562 -21.81 3.49 74.70
N LEU C 563 -21.96 2.19 74.57
CA LEU C 563 -22.46 1.65 73.31
C LEU C 563 -23.97 1.73 73.22
N PHE C 564 -24.67 1.54 74.33
CA PHE C 564 -26.12 1.55 74.28
C PHE C 564 -26.69 2.96 74.15
N ASN C 565 -25.90 3.99 74.39
CA ASN C 565 -26.39 5.34 74.17
C ASN C 565 -26.38 5.72 72.70
N MET C 566 -25.67 4.96 71.86
CA MET C 566 -25.70 5.21 70.45
C MET C 566 -26.68 4.33 69.70
N LEU C 567 -26.84 3.08 70.12
CA LEU C 567 -27.80 2.21 69.45
C LEU C 567 -29.22 2.73 69.68
N ARG C 568 -29.50 3.24 70.87
CA ARG C 568 -30.84 3.66 71.21
C ARG C 568 -31.12 5.03 70.62
N LEU C 569 -30.81 5.21 69.34
CA LEU C 569 -31.13 6.44 68.64
C LEU C 569 -31.67 6.21 67.25
N GLY C 570 -31.51 5.03 66.68
CA GLY C 570 -31.91 4.78 65.32
C GLY C 570 -31.36 5.83 64.38
N LYS C 571 -32.25 6.55 63.71
CA LYS C 571 -31.88 7.63 62.82
C LYS C 571 -32.40 8.96 63.36
N SER C 572 -32.88 8.98 64.59
CA SER C 572 -33.54 10.16 65.11
C SER C 572 -32.60 11.35 65.26
N GLU C 573 -31.31 11.12 65.22
CA GLU C 573 -30.33 12.17 65.44
C GLU C 573 -29.33 12.22 64.30
N PRO C 574 -28.72 13.38 64.06
CA PRO C 574 -27.68 13.45 63.04
C PRO C 574 -26.55 12.51 63.40
N TRP C 575 -25.97 11.87 62.38
CA TRP C 575 -25.01 10.84 62.70
C TRP C 575 -23.77 11.38 63.40
N THR C 576 -23.43 12.66 63.19
CA THR C 576 -22.31 13.22 63.95
C THR C 576 -22.63 13.26 65.42
N LEU C 577 -23.85 13.60 65.79
CA LEU C 577 -24.22 13.54 67.20
C LEU C 577 -24.21 12.13 67.74
N ALA C 578 -24.52 11.14 66.90
CA ALA C 578 -24.37 9.76 67.35
C ALA C 578 -22.92 9.41 67.63
N LEU C 579 -22.02 9.72 66.69
CA LEU C 579 -20.60 9.48 66.93
C LEU C 579 -20.13 10.15 68.21
N GLU C 580 -20.49 11.41 68.40
CA GLU C 580 -20.05 12.13 69.59
C GLU C 580 -20.41 11.39 70.86
N ASN C 581 -21.51 10.66 70.85
CA ASN C 581 -21.92 9.95 72.06
C ASN C 581 -21.07 8.79 72.38
N VAL C 582 -20.13 8.41 71.52
CA VAL C 582 -19.29 7.24 71.78
C VAL C 582 -17.84 7.65 71.74
N VAL C 583 -17.40 8.15 70.59
CA VAL C 583 -15.99 8.49 70.41
C VAL C 583 -15.63 9.76 71.17
N GLY C 584 -16.48 10.77 71.09
CA GLY C 584 -16.12 12.08 71.59
C GLY C 584 -15.65 13.03 70.51
N ALA C 585 -15.92 12.74 69.25
CA ALA C 585 -15.62 13.66 68.16
C ALA C 585 -16.82 13.75 67.23
N LYS C 586 -16.65 14.44 66.09
CA LYS C 586 -17.78 14.62 65.17
C LYS C 586 -17.35 14.39 63.74
N ASN C 587 -16.46 13.44 63.50
CA ASN C 587 -16.00 13.16 62.15
C ASN C 587 -15.20 11.88 62.20
N MET C 588 -15.09 11.22 61.06
CA MET C 588 -14.36 9.98 61.00
C MET C 588 -12.88 10.26 61.14
N ASN C 589 -12.21 9.46 61.95
CA ASN C 589 -10.78 9.60 62.22
C ASN C 589 -10.04 8.39 61.68
N VAL C 590 -8.73 8.52 61.56
CA VAL C 590 -7.94 7.40 61.06
C VAL C 590 -6.78 7.13 62.00
N ARG C 591 -6.71 7.84 63.10
CA ARG C 591 -5.68 7.52 64.06
C ARG C 591 -5.93 6.17 64.71
N PRO C 592 -7.15 5.87 65.19
CA PRO C 592 -7.35 4.58 65.83
C PRO C 592 -7.08 3.38 64.94
N LEU C 593 -7.21 3.54 63.63
CA LEU C 593 -6.85 2.42 62.77
C LEU C 593 -5.36 2.20 62.72
N LEU C 594 -4.57 3.25 62.91
CA LEU C 594 -3.12 3.09 62.90
C LEU C 594 -2.57 2.63 64.23
N ASN C 595 -3.25 2.92 65.33
CA ASN C 595 -2.83 2.34 66.60
C ASN C 595 -3.13 0.86 66.65
N TYR C 596 -4.08 0.38 65.88
CA TYR C 596 -4.35 -1.05 65.86
C TYR C 596 -3.22 -1.80 65.20
N PHE C 597 -2.73 -1.29 64.08
CA PHE C 597 -1.68 -1.96 63.32
C PHE C 597 -0.30 -1.43 63.64
N GLU C 598 -0.06 -1.05 64.88
CA GLU C 598 1.27 -0.55 65.23
C GLU C 598 2.28 -1.68 65.33
N PRO C 599 2.01 -2.75 66.08
CA PRO C 599 2.99 -3.84 66.16
C PRO C 599 3.31 -4.46 64.83
N LEU C 600 2.47 -4.29 63.82
CA LEU C 600 2.83 -4.74 62.50
C LEU C 600 3.59 -3.68 61.73
N PHE C 601 3.22 -2.41 61.88
CA PHE C 601 3.93 -1.35 61.19
C PHE C 601 5.40 -1.34 61.57
N THR C 602 5.69 -1.51 62.86
CA THR C 602 7.09 -1.52 63.28
C THR C 602 7.85 -2.65 62.62
N TRP C 603 7.32 -3.87 62.70
CA TRP C 603 8.00 -5.03 62.13
C TRP C 603 8.18 -4.87 60.63
N LEU C 604 7.22 -4.24 59.96
CA LEU C 604 7.36 -4.05 58.53
C LEU C 604 8.45 -3.04 58.21
N LYS C 605 8.49 -1.94 58.95
CA LYS C 605 9.56 -0.98 58.74
C LYS C 605 10.91 -1.61 58.96
N ASP C 606 11.00 -2.57 59.87
CA ASP C 606 12.25 -3.27 60.03
C ASP C 606 12.55 -4.23 58.89
N GLN C 607 11.56 -4.97 58.41
CA GLN C 607 11.78 -5.93 57.34
C GLN C 607 12.04 -5.30 55.99
N ASN C 608 11.66 -4.04 55.81
CA ASN C 608 11.88 -3.36 54.53
C ASN C 608 13.13 -2.51 54.52
N LYS C 609 14.19 -2.92 55.21
CA LYS C 609 15.44 -2.19 55.12
C LYS C 609 15.99 -2.21 53.71
N ASN C 610 16.31 -3.39 53.21
CA ASN C 610 16.94 -3.55 51.90
C ASN C 610 15.91 -3.78 50.81
N SER C 611 14.95 -2.87 50.68
CA SER C 611 13.99 -2.92 49.60
C SER C 611 13.63 -1.48 49.25
N PHE C 612 12.74 -1.30 48.30
CA PHE C 612 12.41 0.02 47.80
C PHE C 612 10.92 0.24 48.03
N VAL C 613 10.58 0.84 49.17
CA VAL C 613 9.19 1.14 49.50
C VAL C 613 8.68 2.18 48.52
N GLY C 614 7.55 1.89 47.90
CA GLY C 614 7.00 2.75 46.87
C GLY C 614 6.97 2.04 45.53
N TRP C 615 6.59 2.79 44.50
CA TRP C 615 6.53 2.22 43.17
C TRP C 615 6.62 3.34 42.15
N SER C 616 7.01 2.96 40.94
CA SER C 616 7.15 3.87 39.83
C SER C 616 6.16 3.50 38.74
N THR C 617 5.39 4.47 38.28
CA THR C 617 4.25 4.18 37.42
C THR C 617 4.61 4.25 35.95
N ASP C 618 5.66 3.55 35.53
CA ASP C 618 5.98 3.49 34.11
C ASP C 618 6.26 2.06 33.68
N TRP C 619 6.70 1.23 34.62
CA TRP C 619 6.95 -0.17 34.32
C TRP C 619 5.65 -0.85 33.89
N SER C 620 5.78 -1.90 33.11
CA SER C 620 4.62 -2.63 32.63
C SER C 620 5.03 -4.00 32.14
N PRO C 621 4.22 -5.02 32.33
CA PRO C 621 4.67 -6.39 32.06
C PRO C 621 4.94 -6.65 30.60
N TYR C 622 4.62 -5.69 29.74
CA TYR C 622 4.76 -5.91 28.30
C TYR C 622 5.66 -4.87 27.67
N ALA C 623 6.36 -4.08 28.46
CA ALA C 623 7.17 -3.00 27.93
C ALA C 623 8.55 -3.45 27.50
N ASP C 624 8.89 -4.73 27.67
CA ASP C 624 10.18 -5.23 27.24
C ASP C 624 10.09 -5.99 25.93
N GLN C 625 8.89 -6.11 25.38
CA GLN C 625 8.72 -6.76 24.09
C GLN C 625 7.97 -5.88 23.11
N SER C 626 7.70 -4.64 23.45
CA SER C 626 6.96 -3.75 22.56
C SER C 626 7.92 -2.98 21.69
N ILE C 627 7.46 -2.65 20.49
CA ILE C 627 8.23 -1.84 19.54
C ILE C 627 7.53 -0.50 19.44
N LYS C 628 8.30 0.57 19.32
CA LYS C 628 7.71 1.89 19.25
C LYS C 628 7.71 2.41 17.82
N VAL C 629 6.57 2.95 17.41
CA VAL C 629 6.37 3.46 16.07
C VAL C 629 6.11 4.95 16.16
N ARG C 630 6.60 5.70 15.18
CA ARG C 630 6.46 7.15 15.14
C ARG C 630 6.29 7.60 13.71
N ILE C 631 5.17 8.26 13.42
CA ILE C 631 4.75 8.57 12.06
C ILE C 631 4.66 10.08 11.90
N SER C 632 5.10 10.58 10.76
CA SER C 632 5.07 12.02 10.46
C SER C 632 4.43 12.21 9.10
N LEU C 633 3.13 12.51 9.09
CA LEU C 633 2.43 12.67 7.82
C LEU C 633 2.80 13.98 7.15
N LYS C 634 2.48 15.11 7.78
CA LYS C 634 2.58 16.40 7.12
C LYS C 634 3.99 16.70 6.65
N SER C 635 4.96 15.93 7.10
CA SER C 635 6.31 16.09 6.59
C SER C 635 6.45 15.38 5.26
N ALA C 636 6.08 14.10 5.22
CA ALA C 636 6.27 13.29 4.02
C ALA C 636 5.31 13.73 2.92
N LEU C 637 4.01 13.63 3.16
CA LEU C 637 3.06 14.01 2.13
C LEU C 637 3.01 15.51 1.94
N GLY C 638 3.32 16.28 2.97
CA GLY C 638 3.32 17.72 2.86
C GLY C 638 1.92 18.25 2.79
N ASP C 639 1.27 18.01 1.66
CA ASP C 639 -0.16 18.21 1.54
C ASP C 639 -0.76 16.91 1.02
N LYS C 640 -2.05 16.97 0.70
CA LYS C 640 -2.78 15.77 0.34
C LYS C 640 -2.78 14.78 1.50
N ALA C 641 -2.22 15.19 2.63
CA ALA C 641 -2.03 14.27 3.74
C ALA C 641 -3.37 13.94 4.38
N TYR C 642 -3.68 12.66 4.41
CA TYR C 642 -4.90 12.21 5.04
C TYR C 642 -4.82 12.43 6.55
N GLU C 643 -5.90 12.11 7.23
CA GLU C 643 -5.99 12.23 8.67
C GLU C 643 -5.95 10.84 9.30
N TRP C 644 -5.52 10.77 10.55
CA TRP C 644 -5.26 9.47 11.17
C TRP C 644 -6.40 9.13 12.13
N ASN C 645 -7.48 8.57 11.58
CA ASN C 645 -8.57 8.06 12.41
C ASN C 645 -8.39 6.58 12.65
N ASP C 646 -9.28 5.98 13.42
CA ASP C 646 -9.13 4.59 13.81
C ASP C 646 -9.20 3.63 12.64
N ASN C 647 -9.83 4.00 11.54
CA ASN C 647 -9.76 3.16 10.36
C ASN C 647 -8.35 2.99 9.84
N GLU C 648 -7.46 3.95 10.14
CA GLU C 648 -6.07 3.77 9.78
C GLU C 648 -5.35 2.86 10.75
N MET C 649 -5.64 2.96 12.04
CA MET C 649 -5.05 2.02 12.98
C MET C 649 -5.47 0.60 12.64
N TYR C 650 -6.71 0.43 12.16
CA TYR C 650 -7.12 -0.90 11.73
C TYR C 650 -6.25 -1.40 10.60
N LEU C 651 -6.03 -0.56 9.59
CA LEU C 651 -5.21 -0.99 8.48
C LEU C 651 -3.79 -1.28 8.92
N PHE C 652 -3.26 -0.50 9.85
CA PHE C 652 -1.90 -0.75 10.31
C PHE C 652 -1.81 -2.07 11.02
N ARG C 653 -2.70 -2.32 11.97
CA ARG C 653 -2.70 -3.61 12.65
C ARG C 653 -2.86 -4.76 11.68
N SER C 654 -3.75 -4.65 10.71
CA SER C 654 -3.92 -5.72 9.76
C SER C 654 -2.67 -5.94 8.92
N SER C 655 -2.00 -4.87 8.50
CA SER C 655 -0.80 -5.05 7.70
C SER C 655 0.33 -5.66 8.50
N VAL C 656 0.46 -5.29 9.77
CA VAL C 656 1.48 -5.93 10.60
C VAL C 656 1.18 -7.40 10.77
N ALA C 657 -0.10 -7.75 10.96
CA ALA C 657 -0.45 -9.16 11.01
C ALA C 657 -0.08 -9.87 9.72
N TYR C 658 -0.25 -9.20 8.58
CA TYR C 658 0.14 -9.81 7.32
C TYR C 658 1.64 -10.05 7.28
N ALA C 659 2.43 -9.08 7.71
CA ALA C 659 3.87 -9.27 7.73
C ALA C 659 4.25 -10.46 8.59
N MET C 660 3.66 -10.57 9.77
CA MET C 660 3.96 -11.72 10.62
C MET C 660 3.53 -13.03 9.97
N ARG C 661 2.39 -13.05 9.29
CA ARG C 661 2.01 -14.25 8.56
C ARG C 661 3.08 -14.63 7.56
N GLN C 662 3.61 -13.66 6.84
CA GLN C 662 4.62 -13.98 5.84
C GLN C 662 5.89 -14.50 6.47
N TYR C 663 6.32 -13.92 7.58
CA TYR C 663 7.58 -14.38 8.17
C TYR C 663 7.51 -15.84 8.58
N PHE C 664 6.43 -16.25 9.24
CA PHE C 664 6.31 -17.65 9.60
C PHE C 664 5.80 -18.48 8.45
N LEU C 665 6.31 -18.26 7.25
CA LEU C 665 5.99 -19.13 6.13
C LEU C 665 7.23 -19.39 5.30
N LYS C 666 8.15 -18.43 5.31
CA LYS C 666 9.35 -18.50 4.50
C LYS C 666 10.60 -18.54 5.36
N VAL C 667 10.44 -18.73 6.65
CA VAL C 667 11.59 -18.92 7.52
C VAL C 667 11.38 -20.18 8.33
N LYS C 668 10.22 -20.31 8.96
CA LYS C 668 9.95 -21.43 9.85
C LYS C 668 8.98 -22.44 9.26
N ASN C 669 8.47 -22.20 8.07
CA ASN C 669 7.64 -23.17 7.37
C ASN C 669 6.45 -23.63 8.20
N GLN C 670 5.90 -22.73 9.00
CA GLN C 670 4.68 -23.01 9.73
C GLN C 670 3.52 -22.29 9.08
N MET C 671 2.34 -22.43 9.66
CA MET C 671 1.15 -21.75 9.17
C MET C 671 0.39 -21.24 10.39
N ILE C 672 0.61 -19.99 10.74
CA ILE C 672 0.03 -19.40 11.94
C ILE C 672 -0.90 -18.28 11.52
N LEU C 673 -2.17 -18.39 11.88
CA LEU C 673 -3.18 -17.46 11.42
C LEU C 673 -3.27 -16.27 12.37
N PHE C 674 -2.31 -15.37 12.25
CA PHE C 674 -2.39 -14.12 12.98
C PHE C 674 -3.58 -13.32 12.48
N GLY C 675 -4.14 -12.50 13.38
CA GLY C 675 -5.27 -11.66 13.05
C GLY C 675 -5.00 -10.23 13.46
N GLU C 676 -5.96 -9.36 13.17
CA GLU C 676 -5.78 -7.96 13.55
C GLU C 676 -6.02 -7.75 15.02
N GLU C 677 -6.58 -8.73 15.73
CA GLU C 677 -6.75 -8.59 17.17
C GLU C 677 -5.58 -9.13 17.95
N ASP C 678 -4.53 -9.61 17.29
CA ASP C 678 -3.34 -10.08 17.95
C ASP C 678 -2.23 -9.06 17.95
N VAL C 679 -2.50 -7.83 17.58
CA VAL C 679 -1.52 -6.77 17.56
C VAL C 679 -1.97 -5.72 18.56
N ARG C 680 -1.50 -5.82 19.79
CA ARG C 680 -1.92 -4.91 20.84
C ARG C 680 -1.18 -3.58 20.72
N VAL C 681 -1.93 -2.50 20.90
CA VAL C 681 -1.41 -1.15 20.74
C VAL C 681 -1.57 -0.40 22.05
N ALA C 682 -0.62 0.50 22.33
CA ALA C 682 -0.66 1.25 23.58
C ALA C 682 -0.04 2.63 23.44
N ASN C 683 -0.56 3.59 24.23
CA ASN C 683 -0.01 4.94 24.31
C ASN C 683 -0.14 5.71 23.01
N LEU C 684 -1.30 5.68 22.38
CA LEU C 684 -1.51 6.51 21.20
C LEU C 684 -1.35 7.98 21.55
N LYS C 685 -0.81 8.80 20.66
CA LYS C 685 -0.63 10.21 21.03
C LYS C 685 -0.65 11.17 19.85
N PRO C 686 -0.56 12.48 20.10
CA PRO C 686 -0.57 13.38 18.94
C PRO C 686 0.53 13.03 17.94
N ARG C 687 1.77 12.94 18.42
CA ARG C 687 2.88 12.59 17.54
C ARG C 687 2.55 11.31 16.80
N ILE C 688 1.57 10.58 17.32
CA ILE C 688 1.13 9.32 16.74
C ILE C 688 2.10 8.20 17.05
N SER C 689 3.03 8.46 17.97
CA SER C 689 4.01 7.45 18.35
C SER C 689 3.43 6.51 19.40
N PHE C 690 3.19 5.26 19.01
CA PHE C 690 2.63 4.31 19.94
C PHE C 690 3.59 3.15 20.14
N ASN C 691 3.16 2.20 20.94
CA ASN C 691 3.89 0.95 21.14
C ASN C 691 2.98 -0.19 20.72
N PHE C 692 3.59 -1.26 20.25
CA PHE C 692 2.76 -2.39 19.89
C PHE C 692 3.52 -3.67 20.11
N PHE C 693 2.77 -4.76 20.30
CA PHE C 693 3.38 -6.07 20.40
C PHE C 693 2.40 -7.12 19.93
N VAL C 694 2.92 -8.30 19.62
CA VAL C 694 2.14 -9.34 18.94
C VAL C 694 2.09 -10.57 19.82
N THR C 695 0.92 -11.19 19.89
CA THR C 695 0.74 -12.43 20.63
C THR C 695 0.30 -13.53 19.68
N ALA C 696 0.39 -14.76 20.16
CA ALA C 696 -0.02 -15.92 19.39
C ALA C 696 -1.49 -15.81 19.03
N PRO C 697 -2.01 -16.61 18.09
CA PRO C 697 -3.38 -16.40 17.61
C PRO C 697 -4.44 -16.39 18.70
N LYS C 698 -4.61 -17.47 19.44
CA LYS C 698 -5.47 -17.45 20.60
C LYS C 698 -4.72 -18.03 21.79
N ASN C 699 -3.85 -17.20 22.36
CA ASN C 699 -3.19 -17.52 23.60
C ASN C 699 -2.67 -16.21 24.16
N VAL C 700 -3.40 -15.58 25.07
CA VAL C 700 -3.07 -14.22 25.43
C VAL C 700 -1.77 -14.14 26.19
N SER C 701 -1.30 -15.25 26.76
CA SER C 701 -0.10 -15.26 27.57
C SER C 701 1.15 -15.61 26.78
N ASP C 702 1.10 -15.51 25.45
CA ASP C 702 2.21 -15.96 24.60
C ASP C 702 2.65 -14.79 23.73
N ILE C 703 3.66 -14.09 24.17
CA ILE C 703 4.16 -12.94 23.44
C ILE C 703 5.30 -13.38 22.53
N ILE C 704 5.17 -13.07 21.25
CA ILE C 704 6.23 -13.35 20.28
C ILE C 704 7.43 -12.52 20.66
N PRO C 705 8.60 -13.11 20.82
CA PRO C 705 9.77 -12.33 21.26
C PRO C 705 10.08 -11.20 20.30
N ARG C 706 10.61 -10.11 20.84
CA ARG C 706 10.80 -8.91 20.04
C ARG C 706 11.78 -9.11 18.90
N THR C 707 12.78 -9.98 19.07
CA THR C 707 13.79 -10.12 18.03
C THR C 707 13.28 -10.90 16.83
N GLU C 708 12.04 -11.35 16.83
CA GLU C 708 11.44 -11.90 15.63
C GLU C 708 10.49 -10.94 14.96
N VAL C 709 9.75 -10.15 15.73
CA VAL C 709 9.04 -9.03 15.15
C VAL C 709 9.99 -8.06 14.47
N GLU C 710 11.19 -7.89 15.00
CA GLU C 710 12.17 -7.04 14.34
C GLU C 710 12.69 -7.65 13.05
N LYS C 711 12.39 -8.90 12.77
CA LYS C 711 12.83 -9.50 11.52
C LYS C 711 11.72 -9.58 10.49
N ALA C 712 10.51 -9.90 10.91
CA ALA C 712 9.40 -9.87 9.97
C ALA C 712 9.22 -8.49 9.38
N ILE C 713 9.36 -7.46 10.20
CA ILE C 713 9.20 -6.10 9.72
C ILE C 713 10.37 -5.71 8.83
N ARG C 714 11.57 -6.16 9.16
CA ARG C 714 12.67 -5.95 8.22
C ARG C 714 12.40 -6.58 6.88
N MET C 715 11.73 -7.73 6.87
CA MET C 715 11.43 -8.39 5.61
C MET C 715 10.38 -7.63 4.81
N SER C 716 9.30 -7.20 5.43
CA SER C 716 8.21 -6.62 4.67
C SER C 716 8.02 -5.12 4.87
N ARG C 717 9.07 -4.40 5.26
CA ARG C 717 8.95 -2.97 5.45
C ARG C 717 8.62 -2.25 4.17
N SER C 718 9.23 -2.68 3.07
CA SER C 718 9.02 -2.00 1.81
C SER C 718 7.58 -2.12 1.35
N ARG C 719 6.88 -3.12 1.84
CA ARG C 719 5.47 -3.30 1.51
C ARG C 719 4.54 -2.69 2.54
N ILE C 720 4.98 -2.56 3.78
CA ILE C 720 4.19 -1.79 4.74
C ILE C 720 4.22 -0.30 4.40
N ASN C 721 5.35 0.21 3.91
CA ASN C 721 5.46 1.63 3.64
C ASN C 721 4.40 2.09 2.66
N ASP C 722 4.43 1.56 1.44
CA ASP C 722 3.62 2.14 0.38
C ASP C 722 2.13 1.99 0.67
N ALA C 723 1.76 1.08 1.55
CA ALA C 723 0.36 1.01 1.94
C ALA C 723 -0.12 2.32 2.54
N PHE C 724 0.79 3.10 3.10
CA PHE C 724 0.46 4.40 3.66
C PHE C 724 1.09 5.56 2.91
N ARG C 725 1.86 5.29 1.86
CA ARG C 725 2.60 6.26 1.07
C ARG C 725 3.76 6.89 1.83
N LEU C 726 4.13 6.37 2.98
CA LEU C 726 5.27 6.91 3.71
C LEU C 726 6.55 6.36 3.09
N ASN C 727 7.70 6.89 3.54
CA ASN C 727 8.93 6.60 2.80
C ASN C 727 10.13 6.32 3.70
N ASP C 728 9.96 5.56 4.78
CA ASP C 728 11.08 5.02 5.53
C ASP C 728 11.82 6.08 6.35
N ASN C 729 11.48 7.35 6.15
CA ASN C 729 11.91 8.42 7.03
C ASN C 729 10.75 9.05 7.77
N SER C 730 9.53 8.70 7.43
CA SER C 730 8.34 9.15 8.14
C SER C 730 7.62 8.01 8.82
N LEU C 731 8.18 6.81 8.78
CA LEU C 731 7.59 5.64 9.40
C LEU C 731 8.65 4.94 10.24
N GLU C 732 9.29 5.69 11.12
CA GLU C 732 10.37 5.16 11.92
C GLU C 732 9.86 4.06 12.84
N PHE C 733 10.69 3.03 13.04
CA PHE C 733 10.34 1.95 13.95
C PHE C 733 11.21 1.96 15.20
N LEU C 734 12.13 2.90 15.31
CA LEU C 734 12.87 3.12 16.55
C LEU C 734 13.53 1.86 17.06
N GLY C 735 14.52 1.37 16.33
CA GLY C 735 15.20 0.14 16.65
C GLY C 735 15.50 -0.70 15.45
N ILE C 736 15.01 -0.31 14.27
CA ILE C 736 15.23 -1.03 13.03
C ILE C 736 15.69 -0.02 12.00
N GLN C 737 16.94 -0.01 11.73
CA GLN C 737 17.22 1.05 10.76
C GLN C 737 17.64 0.46 9.43
N PRO C 738 17.36 1.17 8.33
CA PRO C 738 17.67 0.63 7.00
C PRO C 738 19.16 0.68 6.72
N THR C 739 19.63 -0.28 5.93
CA THR C 739 21.03 -0.36 5.56
C THR C 739 21.26 -1.32 4.40
N LEU C 740 21.12 -0.81 3.19
CA LEU C 740 21.31 -1.62 1.99
C LEU C 740 21.57 -0.74 0.76
N GLY C 741 22.83 -0.62 0.38
CA GLY C 741 23.19 0.17 -0.78
C GLY C 741 24.47 0.97 -0.65
N PRO C 742 25.58 0.43 -1.17
CA PRO C 742 26.88 1.12 -1.07
C PRO C 742 27.23 1.78 -2.40
N PRO C 743 28.28 2.59 -2.47
CA PRO C 743 28.57 3.21 -3.78
C PRO C 743 29.86 2.75 -4.45
N ASN C 744 29.73 2.13 -5.63
CA ASN C 744 30.87 1.69 -6.42
C ASN C 744 30.40 1.33 -7.82
N GLN C 745 30.19 2.35 -8.65
CA GLN C 745 29.71 2.13 -10.00
C GLN C 745 30.73 2.44 -11.10
N PRO C 746 31.68 3.32 -10.83
CA PRO C 746 32.67 3.66 -11.88
C PRO C 746 33.53 2.47 -12.24
N PRO C 747 33.47 2.01 -13.49
CA PRO C 747 34.35 0.93 -13.93
C PRO C 747 35.68 1.42 -14.47
N VAL C 748 35.76 2.68 -14.90
CA VAL C 748 36.83 3.12 -15.78
C VAL C 748 37.62 4.32 -15.25
N SER C 749 37.24 4.86 -14.10
CA SER C 749 37.91 6.07 -13.59
C SER C 749 37.85 7.19 -14.65
N ILE C 750 36.65 7.75 -14.82
CA ILE C 750 36.43 8.82 -15.79
C ILE C 750 37.42 9.99 -15.70
N TRP C 751 37.77 10.39 -14.48
CA TRP C 751 38.72 11.48 -14.32
C TRP C 751 39.97 11.11 -15.13
N LEU C 752 40.59 10.00 -14.74
CA LEU C 752 41.78 9.53 -15.43
C LEU C 752 41.55 9.56 -16.93
N ILE C 753 40.50 8.91 -17.40
CA ILE C 753 40.24 8.90 -18.85
C ILE C 753 40.37 10.28 -19.49
N VAL C 754 39.53 11.21 -19.04
CA VAL C 754 39.56 12.57 -19.58
C VAL C 754 40.94 13.21 -19.52
N PHE C 755 41.57 13.18 -18.35
CA PHE C 755 42.89 13.76 -18.21
C PHE C 755 43.79 13.22 -19.30
N GLY C 756 43.86 11.90 -19.37
CA GLY C 756 44.64 11.22 -20.37
C GLY C 756 44.40 11.83 -21.73
N VAL C 757 43.18 11.71 -22.25
CA VAL C 757 42.93 12.27 -23.57
C VAL C 757 43.42 13.72 -23.73
N VAL C 758 43.02 14.61 -22.84
CA VAL C 758 43.47 16.01 -22.95
C VAL C 758 44.98 16.16 -23.06
N MET C 759 45.73 15.58 -22.13
CA MET C 759 47.17 15.72 -22.21
C MET C 759 47.66 15.41 -23.63
N GLY C 760 46.98 14.49 -24.31
CA GLY C 760 47.35 14.11 -25.66
C GLY C 760 47.35 15.27 -26.64
N VAL C 761 46.22 15.97 -26.71
CA VAL C 761 46.11 17.10 -27.62
C VAL C 761 47.22 18.13 -27.37
N ILE C 762 47.41 18.52 -26.11
CA ILE C 762 48.44 19.50 -25.79
C ILE C 762 49.84 19.01 -26.11
N VAL C 763 50.14 17.73 -25.88
CA VAL C 763 51.48 17.25 -26.22
C VAL C 763 51.65 17.37 -27.73
N VAL C 764 50.64 16.98 -28.48
CA VAL C 764 50.69 17.08 -29.94
C VAL C 764 51.06 18.52 -30.31
N GLY C 765 50.35 19.48 -29.71
CA GLY C 765 50.63 20.87 -29.97
C GLY C 765 52.05 21.29 -29.66
N ILE C 766 52.48 21.02 -28.43
CA ILE C 766 53.81 21.36 -27.94
C ILE C 766 54.88 20.40 -28.47
N VAL C 767 54.59 19.78 -29.62
CA VAL C 767 55.57 18.95 -30.32
C VAL C 767 55.66 19.50 -31.76
N ILE C 768 54.51 19.56 -32.40
CA ILE C 768 54.38 20.06 -33.76
C ILE C 768 54.82 21.51 -33.84
N LEU C 769 54.53 22.29 -32.79
CA LEU C 769 54.92 23.68 -32.75
C LEU C 769 56.43 23.75 -32.77
N ILE C 770 57.06 22.92 -31.94
CA ILE C 770 58.52 22.88 -31.88
C ILE C 770 59.06 22.60 -33.27
N PHE C 771 58.43 21.68 -34.00
CA PHE C 771 58.94 21.41 -35.35
C PHE C 771 58.76 22.56 -36.33
N THR C 772 57.61 23.22 -36.35
CA THR C 772 57.44 24.35 -37.29
C THR C 772 58.47 25.44 -36.90
N GLY C 773 58.84 25.39 -35.62
CA GLY C 773 59.81 26.29 -35.02
C GLY C 773 61.18 26.05 -35.60
N ILE C 774 61.64 24.80 -35.59
CA ILE C 774 62.95 24.51 -36.18
C ILE C 774 62.83 24.74 -37.69
N ARG C 775 61.60 24.74 -38.19
CA ARG C 775 61.30 24.96 -39.61
C ARG C 775 61.72 26.37 -39.95
N ASP C 776 61.27 27.33 -39.16
CA ASP C 776 61.65 28.72 -39.41
C ASP C 776 62.89 29.10 -38.60
N ARG C 777 63.59 28.08 -38.09
CA ARG C 777 64.80 28.30 -37.30
C ARG C 777 64.71 29.61 -36.51
N ARG D 26 62.77 46.31 -31.94
CA ARG D 26 62.07 45.11 -31.48
C ARG D 26 60.74 44.96 -32.20
N PRO D 27 60.17 43.70 -32.17
CA PRO D 27 58.88 43.59 -32.88
C PRO D 27 57.89 44.63 -32.35
N LEU D 28 56.75 44.78 -32.99
CA LEU D 28 55.76 45.75 -32.53
C LEU D 28 54.39 45.12 -32.29
N TRP D 29 53.38 45.97 -32.18
CA TRP D 29 52.02 45.54 -31.96
C TRP D 29 51.27 45.51 -33.28
N ALA D 30 49.95 45.41 -33.22
CA ALA D 30 49.13 45.39 -34.43
C ALA D 30 47.71 45.90 -34.17
N ASN D 31 47.13 46.57 -35.15
CA ASN D 31 45.79 47.12 -35.04
C ASN D 31 45.66 48.13 -33.89
N SER D 32 46.55 48.02 -32.91
CA SER D 32 46.55 48.92 -31.75
C SER D 32 45.49 48.51 -30.75
N LEU D 33 44.30 48.19 -31.24
CA LEU D 33 43.20 47.79 -30.39
C LEU D 33 43.59 46.59 -29.55
N GLN D 34 44.78 46.06 -29.79
CA GLN D 34 45.26 44.91 -29.03
C GLN D 34 45.91 45.36 -27.74
N PHE D 35 46.99 46.13 -27.87
CA PHE D 35 47.68 46.61 -26.68
C PHE D 35 46.73 46.75 -25.51
N VAL D 36 45.60 47.45 -25.71
CA VAL D 36 44.67 47.62 -24.61
C VAL D 36 43.96 46.33 -24.27
N PHE D 37 43.76 45.43 -25.24
CA PHE D 37 43.24 44.11 -24.87
C PHE D 37 44.25 43.25 -24.13
N ALA D 38 45.54 43.40 -24.40
CA ALA D 38 46.52 42.70 -23.59
C ALA D 38 46.57 43.24 -22.18
N CYS D 39 46.54 44.57 -22.01
CA CYS D 39 46.50 45.13 -20.66
C CYS D 39 45.24 44.71 -19.94
N ILE D 40 44.08 44.73 -20.61
CA ILE D 40 42.85 44.32 -19.97
C ILE D 40 42.89 42.85 -19.60
N SER D 41 43.53 42.03 -20.44
CA SER D 41 43.59 40.60 -20.17
C SER D 41 44.67 40.25 -19.15
N TYR D 42 45.57 41.18 -18.87
CA TYR D 42 46.62 40.97 -17.88
C TYR D 42 46.24 41.53 -16.53
N ALA D 43 45.09 42.20 -16.47
CA ALA D 43 44.69 42.86 -15.24
C ALA D 43 43.36 42.32 -14.73
N VAL D 44 42.63 41.61 -15.58
CA VAL D 44 41.31 41.12 -15.23
C VAL D 44 41.44 39.72 -14.66
N GLY D 45 42.67 39.28 -14.42
CA GLY D 45 42.93 37.92 -14.01
C GLY D 45 42.43 37.56 -12.62
N LEU D 46 42.89 36.43 -12.09
CA LEU D 46 42.33 35.85 -10.86
C LEU D 46 42.49 36.74 -9.65
N GLY D 47 43.05 37.94 -9.79
CA GLY D 47 43.01 38.85 -8.68
C GLY D 47 41.63 39.44 -8.44
N ASN D 48 40.71 39.22 -9.36
CA ASN D 48 39.36 39.76 -9.24
C ASN D 48 38.23 38.77 -8.96
N VAL D 49 38.22 37.65 -9.67
CA VAL D 49 37.14 36.69 -9.49
C VAL D 49 37.42 35.68 -8.40
N TRP D 50 38.66 35.59 -7.93
CA TRP D 50 39.04 34.60 -6.92
C TRP D 50 39.57 35.23 -5.64
N ARG D 51 40.52 36.16 -5.74
CA ARG D 51 41.16 36.69 -4.55
C ARG D 51 40.39 37.86 -3.94
N PHE D 52 39.74 38.66 -4.75
CA PHE D 52 38.97 39.77 -4.20
C PHE D 52 37.79 39.28 -3.36
N PRO D 53 37.02 38.27 -3.79
CA PRO D 53 35.94 37.80 -2.92
C PRO D 53 36.45 37.23 -1.62
N TYR D 54 37.50 36.40 -1.67
CA TYR D 54 38.09 35.85 -0.45
C TYR D 54 38.55 36.95 0.49
N LEU D 55 39.23 37.97 -0.03
CA LEU D 55 39.59 39.10 0.81
C LEU D 55 38.37 39.79 1.38
N CYS D 56 37.45 40.22 0.53
CA CYS D 56 36.28 40.96 0.98
C CYS D 56 35.52 40.20 2.05
N GLN D 57 35.56 38.87 1.98
CA GLN D 57 34.94 38.04 3.02
C GLN D 57 35.75 38.05 4.30
N MET D 58 37.09 38.10 4.18
CA MET D 58 37.91 38.05 5.38
C MET D 58 37.63 39.21 6.33
N TYR D 59 37.41 40.42 5.80
CA TYR D 59 37.41 41.62 6.63
C TYR D 59 36.05 42.28 6.76
N GLY D 60 34.99 41.65 6.30
CA GLY D 60 33.65 42.08 6.61
C GLY D 60 32.80 42.58 5.46
N GLY D 61 33.29 42.57 4.23
CA GLY D 61 32.44 42.98 3.13
C GLY D 61 32.49 44.47 2.85
N GLY D 62 31.55 45.21 3.43
CA GLY D 62 31.54 46.66 3.33
C GLY D 62 32.64 47.37 4.09
N SER D 63 33.46 46.64 4.82
CA SER D 63 34.64 47.22 5.45
C SER D 63 35.88 47.12 4.59
N PHE D 64 35.77 46.54 3.40
CA PHE D 64 36.86 46.41 2.45
C PHE D 64 36.61 47.23 1.20
N LEU D 65 35.39 47.70 0.96
CA LEU D 65 35.15 48.48 -0.27
C LEU D 65 35.68 49.91 -0.21
N VAL D 66 35.24 50.66 0.77
CA VAL D 66 35.65 52.06 0.92
C VAL D 66 37.16 52.22 0.72
N PRO D 67 37.96 51.36 1.47
CA PRO D 67 39.39 51.57 1.25
C PRO D 67 39.72 51.40 -0.22
N TYR D 68 39.16 50.35 -0.82
CA TYR D 68 39.38 50.08 -2.22
C TYR D 68 39.22 51.33 -3.07
N ILE D 69 38.03 51.92 -3.06
CA ILE D 69 37.82 53.11 -3.87
C ILE D 69 38.78 54.25 -3.55
N ILE D 70 38.93 54.54 -2.26
CA ILE D 70 39.83 55.61 -1.84
C ILE D 70 41.17 55.43 -2.53
N MET D 71 41.72 54.23 -2.44
CA MET D 71 42.98 53.92 -3.07
C MET D 71 42.87 54.18 -4.56
N LEU D 72 42.07 53.37 -5.24
CA LEU D 72 41.91 53.52 -6.69
C LEU D 72 41.81 54.96 -7.20
N ILE D 73 41.49 55.92 -6.32
CA ILE D 73 41.42 57.31 -6.81
C ILE D 73 42.55 58.22 -6.32
N VAL D 74 43.69 57.61 -6.02
CA VAL D 74 44.87 58.30 -5.52
C VAL D 74 46.13 57.49 -5.80
N GLU D 75 46.09 56.19 -5.54
CA GLU D 75 47.30 55.39 -5.63
C GLU D 75 47.22 54.21 -6.57
N GLY D 76 46.17 54.09 -7.37
CA GLY D 76 46.11 53.01 -8.32
C GLY D 76 46.19 53.48 -9.75
N MET D 77 45.60 54.62 -10.02
CA MET D 77 45.53 55.18 -11.37
C MET D 77 46.77 55.99 -11.73
N PRO D 78 47.20 56.95 -10.90
CA PRO D 78 48.37 57.75 -11.29
C PRO D 78 49.64 56.95 -11.46
N LEU D 79 49.91 55.97 -10.59
CA LEU D 79 51.11 55.18 -10.79
C LEU D 79 51.00 54.28 -12.00
N LEU D 80 49.79 53.87 -12.39
CA LEU D 80 49.66 53.15 -13.64
C LEU D 80 50.02 54.05 -14.81
N TYR D 81 49.56 55.29 -14.79
CA TYR D 81 49.91 56.21 -15.87
C TYR D 81 51.41 56.47 -15.90
N LEU D 82 52.03 56.64 -14.73
CA LEU D 82 53.48 56.79 -14.67
C LEU D 82 54.20 55.61 -15.27
N GLU D 83 53.78 54.40 -14.90
CA GLU D 83 54.47 53.21 -15.39
C GLU D 83 54.36 53.10 -16.90
N LEU D 84 53.16 53.35 -17.45
CA LEU D 84 53.03 53.27 -18.89
C LEU D 84 53.86 54.34 -19.59
N ALA D 85 53.91 55.55 -19.03
CA ALA D 85 54.71 56.59 -19.67
C ALA D 85 56.20 56.22 -19.65
N VAL D 86 56.70 55.74 -18.51
CA VAL D 86 58.11 55.38 -18.46
C VAL D 86 58.41 54.25 -19.43
N GLY D 87 57.55 53.24 -19.47
CA GLY D 87 57.78 52.16 -20.41
C GLY D 87 57.67 52.57 -21.86
N GLN D 88 57.00 53.69 -22.13
CA GLN D 88 56.90 54.12 -23.52
C GLN D 88 58.06 55.04 -23.91
N ARG D 89 58.55 55.88 -22.99
CA ARG D 89 59.58 56.82 -23.42
C ARG D 89 60.97 56.19 -23.42
N MET D 90 61.32 55.43 -22.39
CA MET D 90 62.64 54.79 -22.39
C MET D 90 62.77 53.70 -23.44
N ARG D 91 61.66 53.26 -24.02
CA ARG D 91 61.63 52.37 -25.17
C ARG D 91 62.25 51.01 -24.89
N GLN D 92 62.50 50.66 -23.62
CA GLN D 92 63.19 49.41 -23.35
C GLN D 92 62.41 48.56 -22.36
N GLY D 93 63.00 47.43 -21.95
CA GLY D 93 62.33 46.48 -21.09
C GLY D 93 62.20 46.95 -19.66
N SER D 94 62.12 45.99 -18.75
CA SER D 94 61.90 46.27 -17.33
C SER D 94 63.20 46.45 -16.56
N ILE D 95 64.36 46.16 -17.16
CA ILE D 95 65.65 46.46 -16.57
C ILE D 95 66.38 47.55 -17.34
N GLY D 96 66.37 47.48 -18.67
CA GLY D 96 66.98 48.53 -19.46
C GLY D 96 66.35 49.88 -19.25
N ALA D 97 65.09 49.90 -18.78
CA ALA D 97 64.42 51.19 -18.57
C ALA D 97 65.04 51.96 -17.42
N TRP D 98 65.45 51.26 -16.35
CA TRP D 98 65.95 51.97 -15.17
C TRP D 98 67.43 52.27 -15.26
N ARG D 99 68.23 51.39 -15.85
CA ARG D 99 69.64 51.67 -15.96
C ARG D 99 69.87 52.98 -16.69
N THR D 100 69.01 53.30 -17.67
CA THR D 100 69.15 54.52 -18.46
C THR D 100 68.78 55.78 -17.69
N ILE D 101 68.29 55.64 -16.46
CA ILE D 101 67.98 56.80 -15.63
C ILE D 101 69.12 57.20 -14.70
N SER D 102 69.62 56.28 -13.88
CA SER D 102 70.80 56.51 -13.08
C SER D 102 71.42 55.16 -12.74
N PRO D 103 72.53 54.79 -13.37
CA PRO D 103 73.06 53.42 -13.22
C PRO D 103 73.26 52.95 -11.79
N TYR D 104 73.12 53.84 -10.80
CA TYR D 104 73.06 53.44 -9.41
C TYR D 104 71.70 52.88 -9.03
N LEU D 105 70.77 52.82 -9.98
CA LEU D 105 69.41 52.39 -9.68
C LEU D 105 69.12 51.12 -10.47
N SER D 106 70.16 50.35 -10.76
CA SER D 106 70.04 49.18 -11.60
C SER D 106 69.23 48.07 -10.97
N GLY D 107 69.28 47.94 -9.65
CA GLY D 107 68.65 46.82 -8.98
C GLY D 107 67.16 46.67 -9.18
N VAL D 108 66.44 47.79 -9.32
CA VAL D 108 64.98 47.75 -9.33
C VAL D 108 64.48 46.76 -10.36
N GLY D 109 65.17 46.67 -11.50
CA GLY D 109 64.80 45.65 -12.46
C GLY D 109 64.97 44.24 -11.93
N VAL D 110 66.05 44.00 -11.18
CA VAL D 110 66.27 42.65 -10.67
C VAL D 110 65.24 42.30 -9.60
N ALA D 111 64.85 43.28 -8.77
CA ALA D 111 63.79 43.02 -7.82
C ALA D 111 62.46 42.77 -8.53
N SER D 112 62.20 43.51 -9.60
CA SER D 112 60.96 43.33 -10.34
C SER D 112 60.94 42.02 -11.11
N VAL D 113 62.09 41.43 -11.37
CA VAL D 113 62.09 40.10 -11.97
C VAL D 113 61.94 39.02 -10.90
N VAL D 114 62.61 39.19 -9.76
CA VAL D 114 62.51 38.19 -8.71
C VAL D 114 61.08 38.08 -8.20
N VAL D 115 60.39 39.22 -8.06
CA VAL D 115 59.02 39.17 -7.57
C VAL D 115 58.12 38.42 -8.54
N SER D 116 58.27 38.69 -9.84
CA SER D 116 57.43 38.00 -10.81
C SER D 116 57.73 36.50 -10.82
N PHE D 117 58.98 36.13 -10.60
CA PHE D 117 59.30 34.72 -10.48
C PHE D 117 58.55 34.07 -9.32
N PHE D 118 58.71 34.64 -8.12
CA PHE D 118 58.00 34.12 -6.95
C PHE D 118 56.50 34.10 -7.18
N LEU D 119 55.98 35.05 -7.94
CA LEU D 119 54.55 35.09 -8.16
C LEU D 119 54.09 33.94 -9.03
N SER D 120 54.69 33.77 -10.21
CA SER D 120 54.26 32.68 -11.09
C SER D 120 54.38 31.33 -10.38
N MET D 121 55.44 31.16 -9.58
CA MET D 121 55.71 29.86 -8.97
C MET D 121 54.50 29.33 -8.21
N TYR D 122 53.76 30.20 -7.52
CA TYR D 122 52.57 29.74 -6.83
C TYR D 122 51.30 30.09 -7.56
N TYR D 123 51.33 31.01 -8.50
CA TYR D 123 50.13 31.36 -9.23
C TYR D 123 49.66 30.23 -10.13
N ASN D 124 50.57 29.37 -10.57
CA ASN D 124 50.11 28.31 -11.46
C ASN D 124 49.32 27.21 -10.76
N VAL D 125 49.48 27.05 -9.44
CA VAL D 125 48.77 25.96 -8.79
C VAL D 125 47.27 26.20 -8.77
N ILE D 126 46.82 27.45 -8.93
CA ILE D 126 45.39 27.70 -9.02
C ILE D 126 44.82 27.12 -10.30
N ASN D 127 45.50 27.34 -11.42
CA ASN D 127 45.10 26.66 -12.65
C ASN D 127 45.17 25.14 -12.48
N ALA D 128 46.13 24.65 -11.69
CA ALA D 128 46.18 23.21 -11.45
C ALA D 128 44.89 22.70 -10.79
N TRP D 129 44.47 23.36 -9.70
CA TRP D 129 43.25 22.92 -9.03
C TRP D 129 42.02 23.09 -9.92
N ALA D 130 41.98 24.14 -10.74
CA ALA D 130 40.85 24.29 -11.64
C ALA D 130 40.80 23.15 -12.65
N PHE D 131 41.95 22.73 -13.17
CA PHE D 131 41.95 21.52 -14.00
C PHE D 131 41.41 20.33 -13.25
N TRP D 132 41.80 20.16 -11.99
CA TRP D 132 41.35 18.97 -11.29
C TRP D 132 39.84 18.98 -11.15
N TYR D 133 39.26 20.11 -10.78
CA TYR D 133 37.81 20.18 -10.63
C TYR D 133 37.09 19.98 -11.96
N LEU D 134 37.57 20.64 -13.03
CA LEU D 134 36.93 20.48 -14.32
C LEU D 134 36.99 19.03 -14.78
N PHE D 135 38.09 18.33 -14.51
CA PHE D 135 38.16 16.91 -14.83
C PHE D 135 37.12 16.12 -14.06
N HIS D 136 37.03 16.33 -12.75
CA HIS D 136 36.03 15.58 -12.00
C HIS D 136 34.59 15.96 -12.30
N SER D 137 34.34 17.04 -13.04
CA SER D 137 32.97 17.47 -13.27
C SER D 137 32.32 16.80 -14.48
N PHE D 138 32.72 15.60 -14.85
CA PHE D 138 32.04 14.83 -15.88
C PHE D 138 31.33 13.60 -15.33
N GLN D 139 31.52 13.27 -14.06
CA GLN D 139 30.94 12.06 -13.50
C GLN D 139 29.44 12.23 -13.33
N ASP D 140 28.82 11.29 -12.63
CA ASP D 140 27.44 11.40 -12.21
C ASP D 140 27.12 10.45 -11.07
N PRO D 141 26.60 10.93 -9.94
CA PRO D 141 26.31 12.33 -9.67
C PRO D 141 27.58 13.04 -9.29
N LEU D 142 27.58 14.36 -9.24
CA LEU D 142 28.80 15.10 -9.00
C LEU D 142 29.46 14.60 -7.72
N PRO D 143 30.77 14.39 -7.72
CA PRO D 143 31.41 13.80 -6.55
C PRO D 143 31.30 14.63 -5.30
N TRP D 144 31.11 15.94 -5.41
CA TRP D 144 30.92 16.78 -4.24
C TRP D 144 29.47 16.96 -3.88
N SER D 145 28.58 16.11 -4.40
CA SER D 145 27.16 16.24 -4.12
C SER D 145 26.62 15.19 -3.18
N VAL D 146 27.32 14.08 -3.00
CA VAL D 146 26.91 13.05 -2.06
C VAL D 146 28.13 12.64 -1.24
N CYS D 147 27.89 12.30 0.00
CA CYS D 147 29.02 11.88 0.80
C CYS D 147 29.09 10.37 0.94
N PRO D 148 30.28 9.81 1.13
CA PRO D 148 30.43 8.36 1.10
C PRO D 148 29.72 7.72 2.27
N LEU D 149 29.48 6.42 2.15
CA LEU D 149 28.85 5.68 3.23
C LEU D 149 29.89 5.13 4.18
N ASN D 150 29.54 5.07 5.46
CA ASN D 150 30.49 4.80 6.53
C ASN D 150 30.84 3.32 6.64
N GLY D 151 31.34 2.91 7.80
CA GLY D 151 31.78 1.54 8.00
C GLY D 151 30.67 0.53 8.20
N ASN D 152 29.39 0.96 8.30
CA ASN D 152 28.29 0.00 8.29
C ASN D 152 27.11 0.45 7.45
N HIS D 153 27.36 1.13 6.34
CA HIS D 153 26.35 1.32 5.29
C HIS D 153 24.99 1.77 5.84
N THR D 154 25.01 2.61 6.90
CA THR D 154 23.80 3.16 7.48
C THR D 154 23.71 4.68 7.47
N GLY D 155 24.80 5.37 7.16
CA GLY D 155 24.77 6.81 7.20
C GLY D 155 26.06 7.39 6.66
N TYR D 156 26.02 8.69 6.44
CA TYR D 156 27.12 9.39 5.82
C TYR D 156 28.32 9.41 6.76
N ASP D 157 29.45 9.90 6.27
CA ASP D 157 30.67 9.85 7.07
C ASP D 157 30.66 10.98 8.11
N GLU D 158 31.61 10.90 9.04
CA GLU D 158 31.58 11.82 10.17
C GLU D 158 31.93 13.24 9.75
N GLU D 159 32.90 13.41 8.86
CA GLU D 159 33.28 14.77 8.48
C GLU D 159 32.21 15.42 7.60
N CYS D 160 31.47 14.64 6.83
CA CYS D 160 30.42 15.15 5.95
C CYS D 160 29.11 15.46 6.65
N GLU D 161 29.01 15.30 7.96
CA GLU D 161 27.82 15.79 8.63
C GLU D 161 28.10 17.08 9.40
N LYS D 162 29.25 17.16 10.07
CA LYS D 162 29.65 18.41 10.67
C LYS D 162 30.02 19.44 9.61
N ALA D 163 30.76 19.02 8.58
CA ALA D 163 31.06 19.86 7.44
C ALA D 163 30.17 19.45 6.28
N SER D 164 29.89 20.39 5.39
CA SER D 164 29.05 20.11 4.25
C SER D 164 29.75 19.09 3.36
N SER D 165 29.11 18.73 2.24
CA SER D 165 29.78 17.81 1.33
C SER D 165 30.96 18.46 0.66
N THR D 166 30.77 19.70 0.19
CA THR D 166 31.81 20.34 -0.60
C THR D 166 33.06 20.64 0.22
N GLN D 167 32.91 21.02 1.48
CA GLN D 167 34.10 21.24 2.28
C GLN D 167 34.85 19.94 2.51
N TYR D 168 34.13 18.83 2.67
CA TYR D 168 34.82 17.55 2.78
C TYR D 168 35.58 17.22 1.50
N PHE D 169 34.99 17.51 0.34
CA PHE D 169 35.69 17.26 -0.90
C PHE D 169 36.94 18.12 -1.01
N TRP D 170 36.82 19.42 -0.80
CA TRP D 170 37.97 20.28 -0.99
C TRP D 170 39.02 20.14 0.10
N TYR D 171 38.70 19.54 1.23
CA TYR D 171 39.71 19.39 2.26
C TYR D 171 40.20 17.96 2.46
N ARG D 172 39.56 16.97 1.87
CA ARG D 172 40.01 15.60 2.13
C ARG D 172 40.04 14.69 0.93
N LYS D 173 39.64 15.13 -0.25
CA LYS D 173 39.85 14.36 -1.46
C LYS D 173 40.80 15.01 -2.44
N THR D 174 40.88 16.34 -2.47
CA THR D 174 41.79 17.02 -3.35
C THR D 174 43.08 17.45 -2.67
N LEU D 175 43.11 17.53 -1.34
CA LEU D 175 44.26 18.03 -0.62
C LEU D 175 44.83 17.05 0.38
N ASN D 176 43.99 16.33 1.11
CA ASN D 176 44.42 15.45 2.19
C ASN D 176 45.20 16.26 3.23
N ILE D 177 44.68 17.43 3.55
CA ILE D 177 45.42 18.44 4.30
C ILE D 177 45.66 17.96 5.73
N SER D 178 46.92 17.90 6.11
CA SER D 178 47.30 17.51 7.47
C SER D 178 46.98 18.64 8.43
N PRO D 179 46.59 18.33 9.68
CA PRO D 179 46.07 19.36 10.57
C PRO D 179 47.14 20.24 11.20
N SER D 180 48.38 20.23 10.75
CA SER D 180 49.39 21.07 11.38
C SER D 180 50.53 21.32 10.40
N LEU D 181 51.01 22.55 10.36
CA LEU D 181 52.16 22.87 9.52
C LEU D 181 53.41 22.12 9.96
N GLN D 182 53.38 21.49 11.14
CA GLN D 182 54.53 20.71 11.56
C GLN D 182 54.46 19.28 11.04
N GLU D 183 53.27 18.67 10.98
CA GLU D 183 53.14 17.29 10.51
C GLU D 183 53.04 17.31 8.99
N ASN D 184 54.19 17.28 8.34
CA ASN D 184 54.26 17.33 6.89
C ASN D 184 54.17 15.91 6.35
N GLY D 185 54.46 15.71 5.08
CA GLY D 185 54.38 14.39 4.49
C GLY D 185 55.15 14.22 3.20
N GLY D 186 54.64 13.33 2.34
CA GLY D 186 55.24 13.08 1.06
C GLY D 186 54.40 13.64 -0.07
N VAL D 187 55.03 13.80 -1.23
CA VAL D 187 54.38 14.49 -2.35
C VAL D 187 53.10 13.74 -2.70
N GLN D 188 52.01 14.47 -2.79
CA GLN D 188 50.80 13.81 -3.25
C GLN D 188 50.94 13.42 -4.70
N TRP D 189 49.93 12.74 -5.20
CA TRP D 189 50.07 12.15 -6.52
C TRP D 189 49.17 12.81 -7.56
N GLU D 190 47.90 13.06 -7.25
CA GLU D 190 47.01 13.62 -8.26
C GLU D 190 47.26 15.10 -8.52
N PRO D 191 47.16 16.01 -7.54
CA PRO D 191 47.33 17.42 -7.88
C PRO D 191 48.70 17.75 -8.41
N ALA D 192 49.73 16.94 -8.13
CA ALA D 192 51.02 17.16 -8.78
C ALA D 192 50.92 16.93 -10.29
N LEU D 193 50.23 15.87 -10.69
CA LEU D 193 50.04 15.61 -12.11
C LEU D 193 49.23 16.72 -12.76
N CYS D 194 48.21 17.24 -12.06
CA CYS D 194 47.48 18.36 -12.63
C CYS D 194 48.35 19.62 -12.75
N LEU D 195 49.23 19.86 -11.79
CA LEU D 195 50.15 20.97 -11.92
C LEU D 195 51.04 20.79 -13.14
N LEU D 196 51.50 19.56 -13.37
CA LEU D 196 52.28 19.27 -14.57
C LEU D 196 51.51 19.64 -15.82
N LEU D 197 50.23 19.27 -15.88
CA LEU D 197 49.45 19.61 -17.06
C LEU D 197 49.30 21.11 -17.23
N ALA D 198 49.11 21.84 -16.13
CA ALA D 198 48.94 23.28 -16.26
C ALA D 198 50.22 23.95 -16.77
N TRP D 199 51.37 23.49 -16.29
CA TRP D 199 52.61 24.06 -16.82
C TRP D 199 52.82 23.68 -18.27
N LEU D 200 52.46 22.47 -18.67
CA LEU D 200 52.59 22.12 -20.09
C LEU D 200 51.70 23.02 -20.94
N VAL D 201 50.49 23.32 -20.49
CA VAL D 201 49.64 24.16 -21.32
C VAL D 201 50.20 25.57 -21.42
N VAL D 202 50.72 26.14 -20.33
CA VAL D 202 51.28 27.48 -20.44
C VAL D 202 52.52 27.48 -21.31
N TYR D 203 53.36 26.46 -21.20
CA TYR D 203 54.55 26.40 -22.04
C TYR D 203 54.18 26.25 -23.50
N LEU D 204 53.08 25.55 -23.77
CA LEU D 204 52.60 25.36 -25.13
C LEU D 204 52.04 26.67 -25.70
N CYS D 205 51.40 27.48 -24.86
CA CYS D 205 50.84 28.74 -25.33
C CYS D 205 51.89 29.84 -25.46
N ILE D 206 52.97 29.76 -24.69
CA ILE D 206 54.02 30.77 -24.76
C ILE D 206 55.02 30.45 -25.87
N LEU D 207 54.58 29.67 -26.85
CA LEU D 207 55.42 29.30 -27.98
C LEU D 207 55.06 30.20 -29.15
N ARG D 208 55.46 31.46 -29.06
CA ARG D 208 55.19 32.42 -30.12
C ARG D 208 55.74 33.79 -29.72
N GLY D 209 56.31 33.87 -28.53
CA GLY D 209 56.88 35.12 -28.04
C GLY D 209 55.81 36.18 -27.81
N THR D 210 55.84 36.80 -26.65
CA THR D 210 54.87 37.83 -26.31
C THR D 210 54.66 38.81 -27.46
N GLU D 211 55.75 39.27 -28.04
CA GLU D 211 55.71 40.22 -29.15
C GLU D 211 54.62 39.92 -30.17
N SER D 212 54.07 38.71 -30.12
CA SER D 212 53.01 38.34 -31.06
C SER D 212 51.92 37.43 -30.49
N THR D 213 51.83 37.20 -29.17
CA THR D 213 50.70 36.37 -28.58
C THR D 213 49.26 37.00 -28.51
N GLY D 214 49.02 37.93 -29.43
CA GLY D 214 47.75 38.64 -29.53
C GLY D 214 46.47 37.83 -29.57
N LYS D 215 46.42 36.80 -30.41
CA LYS D 215 45.22 35.98 -30.53
C LYS D 215 44.73 35.51 -29.17
N VAL D 216 45.56 34.73 -28.48
CA VAL D 216 45.20 34.21 -27.17
C VAL D 216 44.77 35.35 -26.26
N VAL D 217 45.58 36.41 -26.18
CA VAL D 217 45.16 37.52 -25.29
C VAL D 217 43.70 37.94 -25.56
N TYR D 218 43.46 38.35 -26.80
CA TYR D 218 42.14 38.78 -27.24
C TYR D 218 41.08 37.81 -26.78
N PHE D 219 41.21 36.53 -27.15
CA PHE D 219 40.20 35.55 -26.75
C PHE D 219 39.91 35.56 -25.25
N THR D 220 40.83 35.35 -24.35
CA THR D 220 40.40 35.38 -22.93
C THR D 220 39.16 36.29 -22.56
N ALA D 221 39.43 37.57 -22.33
CA ALA D 221 38.43 38.57 -21.92
C ALA D 221 36.99 38.39 -22.45
N SER D 222 36.85 38.41 -23.77
CA SER D 222 35.55 38.25 -24.42
C SER D 222 34.88 37.05 -23.80
N LEU D 223 35.66 35.98 -23.63
CA LEU D 223 35.18 34.77 -23.01
C LEU D 223 34.63 35.17 -21.66
N PRO D 224 35.49 35.23 -20.66
CA PRO D 224 35.14 35.51 -19.26
C PRO D 224 34.23 36.68 -18.93
N TYR D 225 33.19 36.90 -19.73
CA TYR D 225 32.26 37.99 -19.50
C TYR D 225 30.86 37.54 -19.86
N CYS D 226 30.80 36.49 -20.69
CA CYS D 226 29.54 35.93 -21.14
C CYS D 226 29.11 34.88 -20.10
N VAL D 227 29.99 34.59 -19.15
CA VAL D 227 29.70 33.63 -18.09
C VAL D 227 29.24 34.35 -16.84
N LEU D 228 30.03 35.31 -16.36
CA LEU D 228 29.64 36.02 -15.16
C LEU D 228 28.22 36.55 -15.27
N ILE D 229 27.76 36.93 -16.45
CA ILE D 229 26.38 37.40 -16.51
C ILE D 229 25.40 36.22 -16.43
N ILE D 230 25.77 35.05 -16.94
CA ILE D 230 24.93 33.88 -16.72
C ILE D 230 24.81 33.58 -15.23
N TYR D 231 25.94 33.60 -14.52
CA TYR D 231 25.82 33.37 -13.09
C TYR D 231 25.14 34.52 -12.36
N LEU D 232 25.13 35.72 -12.92
CA LEU D 232 24.40 36.79 -12.27
C LEU D 232 22.90 36.62 -12.44
N ILE D 233 22.47 35.97 -13.53
CA ILE D 233 21.05 35.69 -13.67
C ILE D 233 20.66 34.44 -12.88
N ARG D 234 21.59 33.51 -12.69
CA ARG D 234 21.25 32.36 -11.85
C ARG D 234 21.44 32.65 -10.37
N GLY D 235 22.18 33.70 -10.03
CA GLY D 235 22.39 34.02 -8.64
C GLY D 235 21.20 34.78 -8.07
N LEU D 236 20.86 35.90 -8.68
CA LEU D 236 19.88 36.82 -8.12
C LEU D 236 18.46 36.31 -8.21
N THR D 237 18.26 35.01 -8.39
CA THR D 237 16.93 34.43 -8.25
C THR D 237 16.90 33.27 -7.26
N LEU D 238 18.04 32.89 -6.69
CA LEU D 238 18.04 31.90 -5.63
C LEU D 238 17.21 32.39 -4.46
N HIS D 239 16.67 31.45 -3.69
CA HIS D 239 15.88 31.81 -2.52
C HIS D 239 16.82 32.12 -1.36
N GLY D 240 16.92 33.39 -1.01
CA GLY D 240 17.83 33.79 0.04
C GLY D 240 19.11 34.36 -0.52
N ALA D 241 18.98 35.13 -1.60
CA ALA D 241 20.11 35.74 -2.26
C ALA D 241 20.18 37.24 -2.08
N THR D 242 19.29 37.82 -1.30
CA THR D 242 19.42 39.23 -0.98
C THR D 242 20.12 39.45 0.35
N ASN D 243 20.01 38.50 1.28
CA ASN D 243 20.75 38.63 2.54
C ASN D 243 22.24 38.73 2.27
N GLY D 244 22.74 37.94 1.33
CA GLY D 244 24.15 38.04 0.97
C GLY D 244 24.53 39.41 0.45
N LEU D 245 23.66 40.04 -0.35
CA LEU D 245 23.98 41.38 -0.85
C LEU D 245 23.92 42.41 0.28
N MET D 246 22.86 42.39 1.08
CA MET D 246 22.76 43.33 2.19
C MET D 246 23.86 43.11 3.20
N TYR D 247 24.59 42.00 3.11
CA TYR D 247 25.81 41.87 3.89
C TYR D 247 27.02 42.43 3.15
N MET D 248 27.12 42.15 1.86
CA MET D 248 28.30 42.58 1.10
C MET D 248 28.37 44.10 1.00
N PHE D 249 27.23 44.79 1.12
CA PHE D 249 27.26 46.24 0.99
C PHE D 249 27.16 47.00 2.31
N THR D 250 26.61 46.41 3.35
CA THR D 250 26.41 47.30 4.49
C THR D 250 27.75 47.63 5.14
N PRO D 251 27.96 48.88 5.54
CA PRO D 251 29.27 49.27 6.07
C PRO D 251 29.29 49.24 7.59
N LYS D 252 30.45 48.96 8.16
CA LYS D 252 30.62 49.01 9.60
C LYS D 252 31.74 49.99 9.90
N ILE D 253 31.41 51.08 10.60
CA ILE D 253 32.46 52.00 11.01
C ILE D 253 32.95 51.46 12.34
N GLU D 254 33.58 50.30 12.29
CA GLU D 254 34.25 49.73 13.45
C GLU D 254 35.57 49.13 12.99
N GLN D 255 35.54 48.52 11.82
CA GLN D 255 36.71 47.89 11.21
C GLN D 255 37.47 48.86 10.34
N LEU D 256 37.04 50.11 10.27
CA LEU D 256 37.84 51.15 9.65
C LEU D 256 39.01 51.55 10.53
N ALA D 257 39.33 50.75 11.54
CA ALA D 257 40.56 50.89 12.31
C ALA D 257 41.57 49.82 11.97
N ASN D 258 41.11 48.63 11.60
CA ASN D 258 41.93 47.45 11.39
C ASN D 258 43.00 47.74 10.35
N PRO D 259 44.27 47.89 10.71
CA PRO D 259 45.26 48.33 9.72
C PRO D 259 45.53 47.28 8.66
N LYS D 260 45.45 46.01 9.02
CA LYS D 260 45.61 44.97 8.02
C LYS D 260 44.61 45.12 6.90
N ALA D 261 43.40 45.62 7.19
CA ALA D 261 42.42 45.84 6.13
C ALA D 261 42.92 46.86 5.13
N TRP D 262 43.51 47.95 5.59
CA TRP D 262 43.97 48.99 4.66
C TRP D 262 45.21 48.56 3.90
N ILE D 263 46.19 47.97 4.57
CA ILE D 263 47.35 47.50 3.81
C ILE D 263 46.94 46.41 2.82
N ASN D 264 45.95 45.60 3.17
CA ASN D 264 45.47 44.60 2.23
C ASN D 264 44.72 45.24 1.07
N ALA D 265 43.98 46.33 1.31
CA ALA D 265 43.36 47.04 0.20
C ALA D 265 44.42 47.54 -0.77
N ALA D 266 45.45 48.22 -0.25
CA ALA D 266 46.48 48.77 -1.12
C ALA D 266 47.22 47.68 -1.86
N THR D 267 47.58 46.59 -1.18
CA THR D 267 48.30 45.52 -1.85
C THR D 267 47.42 44.77 -2.83
N GLN D 268 46.12 44.72 -2.52
CA GLN D 268 45.16 44.10 -3.40
C GLN D 268 45.23 44.87 -4.72
N ILE D 269 45.15 46.20 -4.65
CA ILE D 269 45.25 47.02 -5.85
C ILE D 269 46.56 46.76 -6.57
N PHE D 270 47.68 46.99 -5.90
CA PHE D 270 48.98 46.85 -6.56
C PHE D 270 49.18 45.47 -7.15
N PHE D 271 48.48 44.46 -6.64
CA PHE D 271 48.55 43.12 -7.20
C PHE D 271 47.61 42.97 -8.38
N SER D 272 46.48 43.67 -8.37
CA SER D 272 45.52 43.49 -9.44
C SER D 272 45.97 44.16 -10.73
N LEU D 273 46.41 45.41 -10.66
CA LEU D 273 46.86 46.11 -11.85
C LEU D 273 48.21 45.60 -12.33
N GLY D 274 49.07 45.17 -11.42
CA GLY D 274 50.40 44.75 -11.78
C GLY D 274 51.48 45.77 -11.53
N LEU D 275 51.17 46.86 -10.83
CA LEU D 275 52.15 47.90 -10.57
C LEU D 275 53.31 47.35 -9.75
N GLY D 276 54.49 47.29 -10.35
CA GLY D 276 55.66 46.81 -9.68
C GLY D 276 56.22 45.52 -10.24
N PHE D 277 55.38 44.69 -10.84
CA PHE D 277 55.89 43.49 -11.49
C PHE D 277 56.73 43.80 -12.71
N GLY D 278 56.83 45.06 -13.09
CA GLY D 278 57.60 45.40 -14.27
C GLY D 278 57.09 44.74 -15.53
N SER D 279 55.78 44.56 -15.65
CA SER D 279 55.23 43.96 -16.86
C SER D 279 54.57 45.05 -17.72
N LEU D 280 53.66 45.78 -17.09
CA LEU D 280 52.95 46.86 -17.75
C LEU D 280 53.96 47.72 -18.49
N ILE D 281 55.14 47.86 -17.91
CA ILE D 281 56.20 48.66 -18.50
C ILE D 281 56.58 48.08 -19.86
N ALA D 282 56.88 46.78 -19.88
CA ALA D 282 57.25 46.10 -21.13
C ALA D 282 56.18 46.31 -22.19
N PHE D 283 54.92 46.27 -21.75
CA PHE D 283 53.83 46.46 -22.70
C PHE D 283 53.84 47.87 -23.26
N ALA D 284 53.75 48.88 -22.40
CA ALA D 284 53.79 50.25 -22.87
C ALA D 284 55.18 50.60 -23.38
N SER D 285 55.96 49.53 -23.58
CA SER D 285 57.33 49.62 -24.06
C SER D 285 57.31 49.30 -25.55
N TYR D 286 56.74 48.16 -25.93
CA TYR D 286 56.69 47.83 -27.36
C TYR D 286 55.94 48.96 -28.07
N ASN D 287 54.63 48.75 -28.18
CA ASN D 287 53.68 49.71 -28.75
C ASN D 287 54.34 50.91 -29.40
N GLU D 288 53.81 51.33 -30.54
CA GLU D 288 54.37 52.49 -31.24
C GLU D 288 54.28 53.77 -30.42
N PRO D 289 55.18 54.71 -30.63
CA PRO D 289 55.18 55.92 -29.81
C PRO D 289 54.33 57.02 -30.40
N SER D 290 53.07 56.71 -30.72
CA SER D 290 52.11 57.72 -31.10
C SER D 290 50.83 57.61 -30.28
N ASN D 291 50.88 56.94 -29.14
CA ASN D 291 49.70 56.68 -28.33
C ASN D 291 49.20 57.95 -27.65
N ASN D 292 48.18 57.79 -26.81
CA ASN D 292 47.60 58.88 -26.04
C ASN D 292 47.46 58.41 -24.59
N CYS D 293 48.55 57.90 -24.04
CA CYS D 293 48.59 57.06 -22.84
C CYS D 293 47.59 57.44 -21.76
N GLN D 294 47.32 58.73 -21.58
CA GLN D 294 46.39 59.20 -20.57
C GLN D 294 44.99 58.62 -20.71
N LYS D 295 44.67 58.08 -21.88
CA LYS D 295 43.38 57.45 -22.10
C LYS D 295 43.48 55.95 -22.29
N HIS D 296 44.65 55.37 -22.01
CA HIS D 296 44.79 53.93 -21.89
C HIS D 296 45.09 53.52 -20.45
N ALA D 297 45.31 54.48 -19.56
CA ALA D 297 45.37 54.20 -18.13
C ALA D 297 43.98 54.12 -17.54
N ILE D 298 43.22 55.21 -17.62
CA ILE D 298 41.85 55.21 -17.12
C ILE D 298 41.06 54.03 -17.68
N ILE D 299 40.96 53.92 -19.01
CA ILE D 299 40.17 52.86 -19.61
C ILE D 299 40.62 51.49 -19.14
N VAL D 300 41.88 51.34 -18.73
CA VAL D 300 42.23 50.08 -18.08
C VAL D 300 41.77 50.09 -16.64
N SER D 301 42.28 51.05 -15.85
CA SER D 301 42.06 51.02 -14.41
C SER D 301 40.60 50.81 -14.06
N LEU D 302 39.73 51.75 -14.46
CA LEU D 302 38.31 51.60 -14.18
C LEU D 302 37.83 50.18 -14.47
N ILE D 303 38.02 49.71 -15.71
CA ILE D 303 37.50 48.40 -16.05
C ILE D 303 37.93 47.36 -15.03
N ASN D 304 39.22 47.30 -14.74
CA ASN D 304 39.67 46.37 -13.74
C ASN D 304 38.81 46.48 -12.49
N SER D 305 38.84 47.62 -11.80
CA SER D 305 38.05 47.77 -10.59
C SER D 305 36.61 47.35 -10.82
N PHE D 306 36.01 47.84 -11.92
CA PHE D 306 34.60 47.52 -12.13
C PHE D 306 34.38 46.02 -12.18
N THR D 307 35.19 45.29 -12.94
CA THR D 307 34.99 43.86 -13.00
C THR D 307 35.02 43.24 -11.62
N SER D 308 35.94 43.68 -10.76
CA SER D 308 35.96 43.13 -9.40
C SER D 308 34.63 43.33 -8.71
N ILE D 309 34.10 44.55 -8.73
CA ILE D 309 32.79 44.77 -8.12
C ILE D 309 31.79 43.79 -8.68
N PHE D 310 31.77 43.60 -9.99
CA PHE D 310 30.84 42.66 -10.60
C PHE D 310 30.98 41.29 -9.98
N ALA D 311 32.20 40.76 -9.89
CA ALA D 311 32.35 39.45 -9.28
C ALA D 311 31.82 39.44 -7.86
N SER D 312 32.10 40.49 -7.09
CA SER D 312 31.68 40.49 -5.69
C SER D 312 30.16 40.58 -5.57
N ILE D 313 29.45 40.85 -6.65
CA ILE D 313 27.99 40.82 -6.58
C ILE D 313 27.47 39.44 -6.88
N VAL D 314 28.18 38.68 -7.70
CA VAL D 314 27.76 37.31 -7.97
C VAL D 314 28.05 36.42 -6.76
N THR D 315 29.32 36.32 -6.39
CA THR D 315 29.68 35.43 -5.29
C THR D 315 28.91 35.74 -4.02
N PHE D 316 29.02 36.96 -3.50
CA PHE D 316 28.33 37.28 -2.26
C PHE D 316 26.82 37.29 -2.40
N SER D 317 26.29 36.84 -3.53
CA SER D 317 24.88 36.46 -3.58
C SER D 317 24.73 34.96 -3.39
N ILE D 318 25.40 34.17 -4.22
CA ILE D 318 25.37 32.72 -4.06
C ILE D 318 25.75 32.33 -2.64
N TYR D 319 26.89 32.82 -2.17
CA TYR D 319 27.27 32.64 -0.78
C TYR D 319 26.11 32.92 0.16
N GLY D 320 25.47 34.09 0.03
CA GLY D 320 24.33 34.38 0.87
C GLY D 320 23.32 33.27 0.89
N PHE D 321 22.94 32.77 -0.29
CA PHE D 321 22.02 31.65 -0.36
C PHE D 321 22.49 30.50 0.53
N LYS D 322 23.73 30.05 0.33
CA LYS D 322 24.25 28.99 1.19
C LYS D 322 23.98 29.28 2.65
N ALA D 323 24.32 30.49 3.10
CA ALA D 323 24.09 30.82 4.51
C ALA D 323 22.65 30.60 4.90
N THR D 324 21.70 31.17 4.15
CA THR D 324 20.31 30.94 4.48
C THR D 324 20.00 29.45 4.58
N PHE D 325 20.46 28.66 3.62
CA PHE D 325 20.25 27.22 3.70
C PHE D 325 20.68 26.68 5.05
N ASN D 326 21.92 26.96 5.44
CA ASN D 326 22.38 26.48 6.75
C ASN D 326 21.41 26.91 7.84
N TYR D 327 21.07 28.20 7.89
CA TYR D 327 20.19 28.66 8.96
C TYR D 327 18.87 27.91 8.92
N GLU D 328 18.33 27.67 7.73
CA GLU D 328 17.07 26.95 7.64
C GLU D 328 17.15 25.63 8.41
N ASN D 329 18.26 24.91 8.27
CA ASN D 329 18.36 23.65 8.98
C ASN D 329 18.48 23.85 10.48
N CYS D 330 19.21 24.87 10.94
CA CYS D 330 19.23 25.11 12.38
C CYS D 330 17.81 25.30 12.91
N LEU D 331 16.85 25.58 12.04
CA LEU D 331 15.49 25.69 12.52
C LEU D 331 14.74 24.40 12.36
N LYS D 332 15.03 23.63 11.32
CA LYS D 332 14.36 22.35 11.17
C LYS D 332 14.71 21.43 12.33
N LYS D 333 15.98 21.04 12.43
CA LYS D 333 16.42 20.04 13.39
C LYS D 333 15.96 20.37 14.80
N VAL D 334 16.40 21.53 15.32
CA VAL D 334 15.97 21.97 16.65
C VAL D 334 14.47 21.80 16.80
N SER D 335 13.69 22.36 15.88
CA SER D 335 12.24 22.22 15.96
C SER D 335 11.85 20.74 15.96
N LEU D 336 12.32 19.99 14.96
CA LEU D 336 12.08 18.56 14.95
C LEU D 336 12.55 17.92 16.25
N LEU D 337 13.72 18.34 16.74
CA LEU D 337 14.20 17.89 18.04
C LEU D 337 13.14 18.11 19.09
N LEU D 338 12.65 19.34 19.22
CA LEU D 338 11.57 19.66 20.15
C LEU D 338 10.37 18.77 19.87
N THR D 339 10.02 18.65 18.60
CA THR D 339 8.89 17.82 18.19
C THR D 339 9.06 16.38 18.67
N ASN D 340 10.29 15.89 18.66
CA ASN D 340 10.56 14.52 19.09
C ASN D 340 10.49 14.30 20.61
N THR D 341 11.08 15.20 21.37
CA THR D 341 11.08 15.10 22.83
C THR D 341 9.72 15.27 23.49
N PHE D 342 9.43 16.48 23.99
CA PHE D 342 8.16 16.76 24.66
C PHE D 342 6.95 16.40 23.82
N ASP D 343 7.17 15.78 22.66
CA ASP D 343 6.08 15.41 21.79
C ASP D 343 5.33 16.65 21.32
N LEU D 344 4.55 16.50 20.25
CA LEU D 344 3.80 17.60 19.68
C LEU D 344 3.29 17.22 18.30
N GLU D 345 2.04 17.55 18.00
CA GLU D 345 1.47 17.24 16.70
C GLU D 345 2.44 17.69 15.62
N ASP D 346 2.88 16.75 14.79
CA ASP D 346 3.82 17.06 13.71
C ASP D 346 3.36 18.29 12.94
N GLY D 347 4.28 18.90 12.19
CA GLY D 347 3.96 20.08 11.42
C GLY D 347 3.44 21.19 12.32
N PHE D 348 4.07 21.35 13.48
CA PHE D 348 3.63 22.38 14.42
C PHE D 348 4.82 22.96 15.17
N LEU D 349 5.60 23.78 14.48
CA LEU D 349 6.78 24.41 15.06
C LEU D 349 7.63 24.99 13.95
N THR D 350 6.97 25.58 12.95
CA THR D 350 7.65 26.17 11.82
C THR D 350 8.75 27.16 12.23
N ALA D 351 8.41 28.45 12.22
CA ALA D 351 9.37 29.49 12.59
C ALA D 351 8.82 30.36 13.70
N SER D 352 7.65 30.96 13.53
CA SER D 352 7.08 31.75 14.62
C SER D 352 6.66 30.79 15.75
N ASN D 353 5.86 29.80 15.35
CA ASN D 353 5.40 28.80 16.29
C ASN D 353 6.59 28.26 17.06
N LEU D 354 7.75 28.31 16.42
CA LEU D 354 8.97 27.84 17.05
C LEU D 354 9.13 28.53 18.39
N GLU D 355 9.42 29.83 18.35
CA GLU D 355 9.59 30.60 19.58
C GLU D 355 8.38 30.40 20.49
N GLN D 356 7.19 30.41 19.89
CA GLN D 356 5.99 30.23 20.72
C GLN D 356 6.07 29.02 21.67
N VAL D 357 6.27 27.84 21.08
CA VAL D 357 6.36 26.60 21.85
C VAL D 357 7.63 26.50 22.68
N LYS D 358 8.71 27.10 22.20
CA LYS D 358 9.96 27.07 22.94
C LYS D 358 9.73 27.80 24.25
N GLY D 359 8.79 28.73 24.22
CA GLY D 359 8.45 29.49 25.41
C GLY D 359 7.42 28.78 26.27
N TYR D 360 6.46 28.14 25.63
CA TYR D 360 5.40 27.42 26.37
C TYR D 360 5.82 26.05 26.93
N LEU D 361 7.01 25.58 26.57
CA LEU D 361 7.51 24.29 27.01
C LEU D 361 8.42 24.46 28.22
N ALA D 362 8.85 25.70 28.48
CA ALA D 362 9.63 26.01 29.67
C ALA D 362 8.73 26.03 30.90
N SER D 363 7.61 26.73 30.82
CA SER D 363 6.73 26.92 31.97
C SER D 363 5.79 25.74 32.18
N ALA D 364 5.88 24.73 31.33
CA ALA D 364 4.99 23.58 31.42
C ALA D 364 5.70 22.32 31.87
N TYR D 365 6.86 22.01 31.31
CA TYR D 365 7.62 20.80 31.63
C TYR D 365 9.04 21.20 32.05
N PRO D 366 9.21 21.71 33.27
CA PRO D 366 10.56 22.07 33.73
C PRO D 366 11.40 20.86 34.12
N SER D 367 10.83 19.66 34.12
CA SER D 367 11.58 18.47 34.54
C SER D 367 12.69 18.14 33.56
N LYS D 368 12.42 18.23 32.25
CA LYS D 368 13.41 17.98 31.23
C LYS D 368 13.88 19.24 30.53
N TYR D 369 13.21 20.38 30.74
CA TYR D 369 13.68 21.63 30.18
C TYR D 369 15.01 22.06 30.80
N SER D 370 15.27 21.63 32.03
CA SER D 370 16.53 21.96 32.69
C SER D 370 17.70 21.19 32.09
N GLU D 371 17.45 20.01 31.50
CA GLU D 371 18.52 19.22 30.92
C GLU D 371 18.58 19.31 29.40
N MET D 372 17.54 19.84 28.75
CA MET D 372 17.60 20.05 27.30
C MET D 372 18.10 21.44 26.92
N PHE D 373 17.97 22.41 27.82
CA PHE D 373 18.30 23.80 27.52
C PHE D 373 19.76 24.01 27.15
N PRO D 374 20.74 23.36 27.80
CA PRO D 374 22.12 23.50 27.34
C PRO D 374 22.35 22.97 25.93
N GLN D 375 21.38 22.24 25.37
CA GLN D 375 21.58 21.65 24.06
C GLN D 375 21.07 22.53 22.93
N ILE D 376 19.98 23.27 23.14
CA ILE D 376 19.31 23.96 22.04
C ILE D 376 20.31 24.80 21.27
N LYS D 377 20.51 24.46 20.01
CA LYS D 377 21.62 25.00 19.26
C LYS D 377 21.36 26.46 19.01
N ASN D 378 22.06 27.31 19.76
CA ASN D 378 21.92 28.75 19.57
C ASN D 378 22.48 29.11 18.20
N CYS D 379 21.59 29.14 17.19
CA CYS D 379 22.00 29.32 15.81
C CYS D 379 21.11 30.41 15.24
N SER D 380 21.73 31.50 14.78
CA SER D 380 21.00 32.64 14.25
C SER D 380 21.77 33.23 13.08
N LEU D 381 21.04 33.91 12.21
CA LEU D 381 21.51 34.19 10.86
C LEU D 381 22.77 35.04 10.83
N GLU D 382 22.98 35.90 11.82
CA GLU D 382 24.11 36.82 11.75
C GLU D 382 25.43 36.06 11.76
N SER D 383 25.52 34.96 12.50
CA SER D 383 26.76 34.20 12.51
C SER D 383 26.93 33.41 11.21
N GLU D 384 25.98 32.52 10.91
CA GLU D 384 26.13 31.61 9.78
C GLU D 384 26.27 32.35 8.45
N LEU D 385 26.07 33.66 8.44
CA LEU D 385 26.34 34.47 7.26
C LEU D 385 27.77 34.98 7.23
N ASP D 386 28.50 34.90 8.33
CA ASP D 386 29.85 35.44 8.42
C ASP D 386 30.91 34.37 8.44
N THR D 387 30.71 33.28 9.18
CA THR D 387 31.68 32.19 9.24
C THR D 387 31.04 30.95 8.63
N ALA D 388 31.03 30.90 7.30
CA ALA D 388 30.48 29.77 6.57
C ALA D 388 31.51 29.05 5.73
N VAL D 389 32.26 29.77 4.89
CA VAL D 389 33.25 29.17 4.00
C VAL D 389 34.57 29.91 4.08
N GLN D 390 34.90 30.44 5.26
CA GLN D 390 36.15 31.16 5.45
C GLN D 390 37.32 30.42 4.83
N GLY D 391 38.26 31.17 4.26
CA GLY D 391 39.50 30.57 3.80
C GLY D 391 39.86 30.86 2.36
N THR D 392 40.95 30.26 1.88
CA THR D 392 41.40 30.49 0.52
C THR D 392 40.52 29.82 -0.52
N GLY D 393 39.54 29.04 -0.11
CA GLY D 393 38.73 28.35 -1.09
C GLY D 393 37.34 28.94 -1.27
N LEU D 394 37.19 30.24 -1.07
CA LEU D 394 35.86 30.84 -1.18
C LEU D 394 35.34 30.76 -2.61
N ALA D 395 36.22 30.63 -3.58
CA ALA D 395 35.75 30.45 -4.95
C ALA D 395 35.60 28.99 -5.34
N PHE D 396 35.89 28.06 -4.42
CA PHE D 396 35.80 26.65 -4.72
C PHE D 396 34.76 25.91 -3.88
N ILE D 397 34.51 26.37 -2.65
CA ILE D 397 33.51 25.72 -1.80
C ILE D 397 32.31 26.64 -1.66
N VAL D 398 32.07 27.45 -2.68
CA VAL D 398 30.85 28.24 -2.78
C VAL D 398 30.20 28.06 -4.14
N TYR D 399 30.94 28.34 -5.22
CA TYR D 399 30.37 28.15 -6.55
C TYR D 399 29.92 26.71 -6.78
N THR D 400 30.33 25.77 -5.93
CA THR D 400 29.76 24.44 -5.97
C THR D 400 28.43 24.38 -5.22
N GLU D 401 28.29 25.16 -4.15
CA GLU D 401 27.02 25.27 -3.44
C GLU D 401 25.93 25.91 -4.28
N ALA D 402 26.26 26.35 -5.49
CA ALA D 402 25.25 26.76 -6.46
C ALA D 402 25.30 25.96 -7.73
N ILE D 403 26.24 25.00 -7.84
CA ILE D 403 26.24 24.09 -8.97
C ILE D 403 25.52 22.80 -8.61
N LYS D 404 25.57 22.40 -7.35
CA LYS D 404 24.77 21.26 -6.94
C LYS D 404 23.31 21.62 -6.71
N ASN D 405 22.86 22.76 -7.21
CA ASN D 405 21.44 23.15 -7.15
C ASN D 405 20.97 23.77 -8.45
N MET D 406 21.23 23.11 -9.58
CA MET D 406 20.91 23.63 -10.91
C MET D 406 20.03 22.63 -11.67
N GLU D 407 19.87 22.90 -12.96
CA GLU D 407 19.04 22.05 -13.81
C GLU D 407 19.85 20.89 -14.39
N VAL D 408 20.91 21.20 -15.14
CA VAL D 408 21.83 20.20 -15.65
C VAL D 408 23.21 20.61 -15.14
N SER D 409 23.58 20.11 -13.96
CA SER D 409 24.72 20.66 -13.24
C SER D 409 26.03 20.45 -13.97
N GLN D 410 26.16 19.36 -14.73
CA GLN D 410 27.43 19.07 -15.38
C GLN D 410 27.87 20.19 -16.31
N LEU D 411 27.00 20.57 -17.25
CA LEU D 411 27.36 21.59 -18.22
C LEU D 411 27.71 22.92 -17.55
N TRP D 412 26.95 23.30 -16.54
CA TRP D 412 27.15 24.63 -15.97
C TRP D 412 28.37 24.68 -15.07
N SER D 413 28.69 23.58 -14.37
CA SER D 413 29.97 23.53 -13.68
C SER D 413 31.12 23.56 -14.68
N VAL D 414 30.96 22.88 -15.81
CA VAL D 414 31.99 22.98 -16.85
C VAL D 414 32.18 24.43 -17.25
N LEU D 415 31.09 25.17 -17.42
CA LEU D 415 31.20 26.57 -17.82
C LEU D 415 31.98 27.37 -16.78
N TYR D 416 31.60 27.29 -15.52
CA TYR D 416 32.24 28.11 -14.50
C TYR D 416 33.73 27.79 -14.38
N PHE D 417 34.07 26.51 -14.34
CA PHE D 417 35.48 26.21 -14.18
C PHE D 417 36.27 26.46 -15.44
N PHE D 418 35.65 26.44 -16.61
CA PHE D 418 36.35 26.90 -17.79
C PHE D 418 36.63 28.39 -17.70
N MET D 419 35.72 29.16 -17.13
CA MET D 419 35.98 30.58 -16.93
C MET D 419 37.21 30.79 -16.05
N LEU D 420 37.24 30.12 -14.89
CA LEU D 420 38.40 30.27 -14.01
C LEU D 420 39.69 29.85 -14.71
N LEU D 421 39.67 28.72 -15.42
CA LEU D 421 40.88 28.26 -16.09
C LEU D 421 41.36 29.26 -17.14
N MET D 422 40.42 29.87 -17.87
CA MET D 422 40.83 30.82 -18.90
C MET D 422 41.45 32.07 -18.28
N LEU D 423 40.83 32.60 -17.23
CA LEU D 423 41.42 33.76 -16.57
C LEU D 423 42.83 33.44 -16.05
N GLY D 424 42.99 32.29 -15.42
CA GLY D 424 44.30 31.92 -14.90
C GLY D 424 45.35 31.79 -15.98
N ILE D 425 44.99 31.17 -17.12
CA ILE D 425 45.94 31.04 -18.21
C ILE D 425 46.34 32.39 -18.74
N GLY D 426 45.40 33.33 -18.83
CA GLY D 426 45.76 34.66 -19.28
C GLY D 426 46.78 35.33 -18.36
N SER D 427 46.46 35.35 -17.07
CA SER D 427 47.34 35.95 -16.07
C SER D 427 48.74 35.33 -16.08
N MET D 428 48.81 34.02 -16.26
CA MET D 428 50.09 33.33 -16.28
C MET D 428 50.88 33.63 -17.54
N LEU D 429 50.20 33.75 -18.68
CA LEU D 429 50.86 34.27 -19.87
C LEU D 429 51.54 35.59 -19.57
N GLY D 430 50.81 36.50 -18.93
CA GLY D 430 51.40 37.80 -18.61
C GLY D 430 52.65 37.70 -17.76
N ASN D 431 52.57 36.93 -16.68
CA ASN D 431 53.70 36.76 -15.79
C ASN D 431 54.92 36.17 -16.46
N THR D 432 54.74 35.12 -17.25
CA THR D 432 55.88 34.50 -17.92
C THR D 432 56.47 35.42 -18.98
N ALA D 433 55.64 36.23 -19.64
CA ALA D 433 56.20 37.24 -20.53
C ALA D 433 57.03 38.26 -19.77
N ALA D 434 56.56 38.66 -18.59
CA ALA D 434 57.31 39.62 -17.80
C ALA D 434 58.64 39.08 -17.32
N ILE D 435 58.74 37.76 -17.17
CA ILE D 435 60.03 37.19 -16.75
C ILE D 435 60.92 36.80 -17.93
N LEU D 436 60.36 36.59 -19.12
CA LEU D 436 61.20 36.28 -20.28
C LEU D 436 61.69 37.49 -21.04
N THR D 437 60.95 38.60 -21.02
CA THR D 437 61.42 39.78 -21.75
C THR D 437 62.82 40.21 -21.34
N PRO D 438 63.15 40.38 -20.06
CA PRO D 438 64.52 40.73 -19.69
C PRO D 438 65.50 39.56 -19.66
N LEU D 439 65.08 38.35 -20.06
CA LEU D 439 66.01 37.24 -20.26
C LEU D 439 66.34 36.99 -21.71
N THR D 440 65.48 37.37 -22.65
CA THR D 440 65.77 37.15 -24.06
C THR D 440 66.31 38.41 -24.71
N ASP D 441 66.92 39.28 -23.91
CA ASP D 441 67.55 40.48 -24.43
C ASP D 441 69.06 40.51 -24.28
N SER D 442 69.63 39.89 -23.26
CA SER D 442 71.07 39.86 -23.09
C SER D 442 71.73 39.12 -24.24
N LYS D 443 72.53 39.85 -25.04
CA LYS D 443 73.25 39.23 -26.15
C LYS D 443 74.11 38.07 -25.68
N ILE D 444 74.41 37.99 -24.39
CA ILE D 444 75.16 36.84 -23.87
C ILE D 444 74.29 35.60 -23.87
N ILE D 445 73.09 35.69 -23.31
CA ILE D 445 72.26 34.51 -23.08
C ILE D 445 71.59 34.06 -24.36
N SER D 446 71.03 34.99 -25.14
CA SER D 446 70.47 34.61 -26.44
C SER D 446 71.59 34.49 -27.46
N SER D 447 72.61 33.72 -27.10
CA SER D 447 73.77 33.49 -27.96
C SER D 447 74.11 32.01 -28.02
N HIS D 448 73.80 31.29 -26.95
CA HIS D 448 74.06 29.86 -26.90
C HIS D 448 72.88 29.08 -26.32
N LEU D 449 71.67 29.64 -26.48
CA LEU D 449 70.41 28.97 -26.14
C LEU D 449 69.30 29.50 -27.04
N PRO D 450 68.75 28.69 -27.93
CA PRO D 450 67.72 29.18 -28.85
C PRO D 450 66.48 29.70 -28.14
N LYS D 451 65.58 30.32 -28.89
CA LYS D 451 64.44 30.99 -28.28
C LYS D 451 63.32 30.03 -27.88
N GLU D 452 63.57 28.73 -28.05
CA GLU D 452 62.58 27.72 -27.71
C GLU D 452 62.91 26.98 -26.42
N ALA D 453 64.16 27.06 -25.98
CA ALA D 453 64.58 26.39 -24.76
C ALA D 453 64.78 27.35 -23.61
N ILE D 454 64.71 28.66 -23.84
CA ILE D 454 64.62 29.60 -22.74
C ILE D 454 63.27 29.44 -22.04
N SER D 455 62.19 29.52 -22.81
CA SER D 455 60.88 29.26 -22.24
C SER D 455 60.82 27.87 -21.63
N GLY D 456 61.45 26.91 -22.28
CA GLY D 456 61.48 25.56 -21.73
C GLY D 456 62.19 25.49 -20.40
N LEU D 457 63.36 26.12 -20.31
CA LEU D 457 64.07 26.10 -19.05
C LEU D 457 63.25 26.75 -17.94
N VAL D 458 62.61 27.89 -18.25
CA VAL D 458 61.83 28.58 -17.23
C VAL D 458 60.68 27.70 -16.75
N CYS D 459 59.93 27.11 -17.68
CA CYS D 459 58.78 26.32 -17.28
C CYS D 459 59.20 25.07 -16.52
N LEU D 460 60.28 24.43 -16.94
CA LEU D 460 60.72 23.23 -16.22
C LEU D 460 61.15 23.58 -14.80
N VAL D 461 61.91 24.65 -14.63
CA VAL D 461 62.36 25.01 -13.29
C VAL D 461 61.17 25.34 -12.41
N ASN D 462 60.22 26.11 -12.92
CA ASN D 462 59.09 26.50 -12.09
C ASN D 462 58.21 25.31 -11.73
N CYS D 463 58.01 24.37 -12.66
CA CYS D 463 57.23 23.20 -12.32
C CYS D 463 57.96 22.30 -11.34
N ALA D 464 59.29 22.27 -11.38
CA ALA D 464 60.02 21.43 -10.43
C ALA D 464 60.07 22.07 -9.05
N ILE D 465 59.92 23.39 -8.96
CA ILE D 465 59.90 24.02 -7.65
C ILE D 465 58.47 24.11 -7.11
N GLY D 466 57.47 24.10 -7.98
CA GLY D 466 56.11 24.22 -7.51
C GLY D 466 55.58 22.95 -6.89
N MET D 467 56.41 21.93 -6.77
CA MET D 467 56.01 20.69 -6.13
C MET D 467 56.09 20.75 -4.61
N VAL D 468 56.18 21.94 -4.03
CA VAL D 468 56.10 22.04 -2.57
C VAL D 468 54.69 22.37 -2.11
N PHE D 469 53.84 22.89 -2.99
CA PHE D 469 52.48 23.24 -2.66
C PHE D 469 51.51 22.07 -2.77
N THR D 470 51.96 20.90 -3.20
CA THR D 470 51.06 19.77 -3.41
C THR D 470 51.30 18.64 -2.42
N MET D 471 51.97 18.90 -1.31
CA MET D 471 52.17 17.87 -0.30
C MET D 471 50.91 17.79 0.56
N GLU D 472 51.00 17.08 1.68
CA GLU D 472 49.88 16.96 2.59
C GLU D 472 49.70 18.18 3.48
N ALA D 473 50.66 19.09 3.47
CA ALA D 473 50.58 20.37 4.16
C ALA D 473 50.77 21.49 3.16
N GLY D 474 50.15 21.34 2.00
CA GLY D 474 50.41 22.24 0.90
C GLY D 474 49.68 23.55 1.02
N ASN D 475 48.41 23.48 1.40
CA ASN D 475 47.61 24.70 1.43
C ASN D 475 48.19 25.74 2.37
N TYR D 476 48.90 25.32 3.42
CA TYR D 476 49.50 26.32 4.31
C TYR D 476 50.65 27.05 3.65
N TRP D 477 51.52 26.32 2.94
CA TRP D 477 52.58 26.99 2.20
C TRP D 477 51.99 27.89 1.12
N PHE D 478 50.89 27.48 0.52
CA PHE D 478 50.24 28.38 -0.43
C PHE D 478 49.73 29.62 0.27
N ASP D 479 49.21 29.50 1.48
CA ASP D 479 48.75 30.68 2.20
C ASP D 479 49.90 31.62 2.51
N ILE D 480 51.05 31.07 2.92
CA ILE D 480 52.21 31.92 3.14
C ILE D 480 52.61 32.65 1.87
N PHE D 481 52.85 31.91 0.79
CA PHE D 481 53.25 32.55 -0.46
C PHE D 481 52.19 33.47 -1.01
N ASN D 482 50.95 33.35 -0.56
CA ASN D 482 49.92 34.27 -0.99
C ASN D 482 49.87 35.51 -0.14
N ASP D 483 50.27 35.41 1.13
CA ASP D 483 50.20 36.54 2.04
C ASP D 483 51.42 37.47 2.16
N TYR D 484 52.64 36.98 2.03
CA TYR D 484 53.76 37.92 2.16
C TYR D 484 54.43 38.45 0.89
N ALA D 485 55.13 37.55 0.19
CA ALA D 485 55.85 37.86 -1.04
C ALA D 485 55.29 39.02 -1.88
N ALA D 486 54.49 38.65 -2.88
CA ALA D 486 53.86 39.60 -3.80
C ALA D 486 53.55 40.95 -3.20
N THR D 487 52.50 40.99 -2.37
CA THR D 487 52.06 42.21 -1.70
C THR D 487 53.20 43.07 -1.14
N LEU D 488 53.96 42.54 -0.19
CA LEU D 488 55.05 43.31 0.41
C LEU D 488 56.04 43.86 -0.62
N SER D 489 56.53 42.99 -1.50
CA SER D 489 57.48 43.40 -2.53
C SER D 489 56.95 44.56 -3.37
N LEU D 490 55.78 44.37 -3.96
CA LEU D 490 55.16 45.40 -4.80
C LEU D 490 55.11 46.73 -4.06
N LEU D 491 54.65 46.67 -2.82
CA LEU D 491 54.57 47.88 -2.03
C LEU D 491 55.94 48.55 -1.97
N LEU D 492 56.87 47.91 -1.28
CA LEU D 492 58.21 48.47 -1.13
C LEU D 492 58.85 48.97 -2.42
N ILE D 493 58.39 48.48 -3.57
CA ILE D 493 58.96 48.93 -4.84
C ILE D 493 58.30 50.18 -5.43
N VAL D 494 56.98 50.17 -5.56
CA VAL D 494 56.30 51.32 -6.15
C VAL D 494 56.77 52.68 -5.62
N LEU D 495 57.41 52.68 -4.46
CA LEU D 495 57.93 53.88 -3.83
C LEU D 495 59.27 54.29 -4.45
N VAL D 496 60.18 53.33 -4.60
CA VAL D 496 61.47 53.69 -5.20
C VAL D 496 61.30 54.12 -6.65
N GLU D 497 60.40 53.47 -7.38
CA GLU D 497 60.10 53.90 -8.74
C GLU D 497 59.73 55.38 -8.81
N THR D 498 58.73 55.79 -8.03
CA THR D 498 58.26 57.16 -8.11
C THR D 498 59.34 58.15 -7.64
N ILE D 499 60.01 57.85 -6.52
CA ILE D 499 61.07 58.73 -6.06
C ILE D 499 62.25 58.73 -7.02
N ALA D 500 62.29 57.77 -7.94
CA ALA D 500 63.34 57.82 -8.94
C ALA D 500 62.95 58.69 -10.13
N VAL D 501 61.69 58.62 -10.55
CA VAL D 501 61.24 59.37 -11.71
C VAL D 501 60.99 60.83 -11.39
N CYS D 502 60.71 61.18 -10.14
CA CYS D 502 60.29 62.55 -9.89
C CYS D 502 61.22 63.36 -9.01
N TYR D 503 62.35 62.83 -8.57
CA TYR D 503 63.28 63.63 -7.78
C TYR D 503 64.72 63.29 -8.13
N VAL D 504 64.88 62.47 -9.16
CA VAL D 504 66.21 62.05 -9.64
C VAL D 504 66.36 62.38 -11.11
N TYR D 505 65.26 62.81 -11.71
CA TYR D 505 65.15 63.15 -13.12
C TYR D 505 63.68 62.96 -13.42
N GLY D 506 62.89 64.00 -13.23
CA GLY D 506 61.47 63.88 -13.47
C GLY D 506 60.77 65.20 -13.64
N LEU D 507 59.45 65.14 -13.79
CA LEU D 507 58.68 66.35 -13.97
C LEU D 507 59.31 67.20 -15.06
N ARG D 508 60.53 67.65 -14.83
CA ARG D 508 61.24 68.46 -15.81
C ARG D 508 61.35 67.71 -17.11
N ARG D 509 62.46 67.02 -17.31
CA ARG D 509 62.67 66.27 -18.54
C ARG D 509 61.45 65.41 -18.87
N PHE D 510 60.86 64.81 -17.85
CA PHE D 510 59.70 63.96 -18.07
C PHE D 510 58.53 64.73 -18.68
N GLU D 511 58.09 65.80 -18.03
CA GLU D 511 57.00 66.59 -18.57
C GLU D 511 57.34 66.96 -20.00
N SER D 512 58.64 66.89 -20.33
CA SER D 512 59.10 67.17 -21.67
C SER D 512 58.79 65.93 -22.51
N ASP D 513 57.57 65.45 -22.36
CA ASP D 513 57.07 64.29 -23.08
C ASP D 513 56.86 64.73 -24.52
N LEU D 514 56.12 65.82 -24.64
CA LEU D 514 55.79 66.46 -25.91
C LEU D 514 55.87 65.56 -27.15
N LYS D 515 56.86 65.81 -27.99
CA LYS D 515 57.03 65.04 -29.24
C LYS D 515 56.74 63.55 -29.11
N ALA D 516 56.67 63.06 -27.87
CA ALA D 516 56.38 61.65 -27.66
C ALA D 516 54.93 61.35 -28.07
N MET D 517 54.00 62.15 -27.57
CA MET D 517 52.58 62.00 -27.88
C MET D 517 52.02 63.32 -28.38
N THR D 518 52.30 64.37 -27.65
CA THR D 518 51.84 65.72 -28.00
C THR D 518 50.71 66.20 -27.11
N GLY D 519 50.39 65.52 -26.01
CA GLY D 519 49.26 65.96 -25.20
C GLY D 519 49.61 67.19 -24.38
N ARG D 520 50.54 67.97 -24.91
CA ARG D 520 50.80 69.37 -24.59
C ARG D 520 51.28 69.55 -23.16
N ALA D 521 51.11 68.54 -22.33
CA ALA D 521 51.42 68.65 -20.91
C ALA D 521 51.17 67.33 -20.20
N VAL D 522 51.29 67.35 -18.89
CA VAL D 522 50.53 66.46 -18.02
C VAL D 522 49.62 67.37 -17.21
N SER D 523 48.42 66.89 -16.92
CA SER D 523 47.46 67.70 -16.19
C SER D 523 47.95 67.88 -14.77
N TRP D 524 47.79 69.07 -14.20
CA TRP D 524 48.31 69.30 -12.86
C TRP D 524 47.54 68.54 -11.80
N TYR D 525 46.75 67.57 -12.21
CA TYR D 525 46.28 66.55 -11.30
C TYR D 525 47.04 65.25 -11.46
N TRP D 526 48.05 65.22 -12.31
CA TRP D 526 48.95 64.08 -12.34
C TRP D 526 50.34 64.38 -11.80
N LYS D 527 50.83 65.61 -11.93
CA LYS D 527 52.10 65.96 -11.31
C LYS D 527 52.03 65.81 -9.80
N VAL D 528 51.03 66.44 -9.19
CA VAL D 528 50.88 66.33 -7.75
C VAL D 528 50.74 64.88 -7.32
N MET D 529 49.99 64.09 -8.08
CA MET D 529 49.61 62.77 -7.57
C MET D 529 50.76 61.78 -7.62
N TRP D 530 51.63 61.84 -8.62
CA TRP D 530 52.82 60.99 -8.61
C TRP D 530 54.10 61.76 -8.47
N ALA D 531 54.10 62.85 -7.70
CA ALA D 531 55.34 63.38 -7.16
C ALA D 531 55.24 63.78 -5.71
N GLY D 532 54.03 63.86 -5.15
CA GLY D 532 53.91 64.29 -3.78
C GLY D 532 52.76 63.71 -2.98
N VAL D 533 52.09 62.69 -3.48
CA VAL D 533 51.03 62.01 -2.75
C VAL D 533 51.23 60.50 -2.73
N SER D 534 51.76 59.94 -3.80
CA SER D 534 52.08 58.52 -3.80
C SER D 534 53.10 58.17 -2.72
N PRO D 535 54.25 58.85 -2.64
CA PRO D 535 55.22 58.45 -1.61
C PRO D 535 54.71 58.68 -0.20
N LEU D 536 54.09 59.82 0.08
CA LEU D 536 53.58 60.06 1.42
C LEU D 536 52.63 58.96 1.85
N LEU D 537 51.65 58.65 1.01
CA LEU D 537 50.66 57.65 1.40
C LEU D 537 51.27 56.26 1.51
N ILE D 538 52.18 55.90 0.61
CA ILE D 538 52.75 54.55 0.70
C ILE D 538 53.61 54.40 1.95
N VAL D 539 54.48 55.36 2.24
CA VAL D 539 55.29 55.27 3.45
C VAL D 539 54.40 55.26 4.69
N SER D 540 53.37 56.12 4.72
CA SER D 540 52.46 56.13 5.85
C SER D 540 51.84 54.76 6.08
N LEU D 541 51.24 54.20 5.04
CA LEU D 541 50.61 52.89 5.17
C LEU D 541 51.61 51.83 5.61
N PHE D 542 52.84 51.90 5.12
CA PHE D 542 53.84 50.92 5.53
C PHE D 542 54.06 50.96 7.03
N VAL D 543 54.37 52.14 7.58
CA VAL D 543 54.60 52.20 9.02
C VAL D 543 53.34 51.79 9.76
N PHE D 544 52.19 52.09 9.17
CA PHE D 544 50.91 51.83 9.82
C PHE D 544 50.64 50.34 9.94
N TYR D 545 51.26 49.55 9.08
CA TYR D 545 51.11 48.10 9.10
C TYR D 545 52.14 47.47 10.01
N LEU D 546 53.38 47.95 9.95
CA LEU D 546 54.43 47.40 10.80
C LEU D 546 54.13 47.64 12.28
N SER D 547 53.44 48.75 12.58
CA SER D 547 53.03 49.00 13.95
C SER D 547 52.13 47.92 14.52
N ASP D 548 51.54 47.08 13.68
CA ASP D 548 50.78 45.94 14.19
C ASP D 548 51.54 44.63 14.12
N TYR D 549 52.26 44.38 13.03
CA TYR D 549 53.01 43.12 12.97
C TYR D 549 54.03 43.00 14.10
N ILE D 550 54.69 44.09 14.49
CA ILE D 550 55.73 43.96 15.49
C ILE D 550 55.14 43.70 16.88
N LEU D 551 54.06 44.38 17.23
CA LEU D 551 53.54 44.20 18.58
C LEU D 551 52.59 43.00 18.69
N THR D 552 52.16 42.42 17.57
CA THR D 552 51.23 41.29 17.68
C THR D 552 51.85 40.12 18.43
N GLY D 553 53.17 39.93 18.29
CA GLY D 553 53.83 38.77 18.86
C GLY D 553 54.28 37.80 17.80
N THR D 554 53.52 36.74 17.62
CA THR D 554 53.72 35.80 16.53
C THR D 554 52.60 35.98 15.50
N LEU D 555 52.64 35.16 14.46
CA LEU D 555 51.59 35.13 13.46
C LEU D 555 50.85 33.80 13.51
N LYS D 556 49.56 33.84 13.23
CA LYS D 556 48.68 32.70 13.38
C LYS D 556 48.04 32.34 12.05
N TYR D 557 47.94 31.04 11.77
CA TYR D 557 47.27 30.52 10.59
C TYR D 557 46.07 29.68 11.02
N GLN D 558 45.31 29.25 10.02
CA GLN D 558 44.06 28.53 10.24
C GLN D 558 44.21 27.09 9.78
N ALA D 559 44.21 26.16 10.72
CA ALA D 559 44.28 24.74 10.43
C ALA D 559 42.89 24.13 10.32
N TRP D 560 42.84 22.90 9.84
CA TRP D 560 41.58 22.22 9.54
C TRP D 560 40.96 21.55 10.76
N ASP D 561 41.69 20.67 11.43
CA ASP D 561 41.18 19.94 12.60
C ASP D 561 39.92 19.15 12.24
N ALA D 562 40.16 18.09 11.48
CA ALA D 562 39.09 17.21 11.00
C ALA D 562 38.12 16.77 12.08
N SER D 563 38.62 16.40 13.26
CA SER D 563 37.79 15.81 14.30
C SER D 563 36.56 16.65 14.63
N GLN D 564 36.47 17.84 14.03
CA GLN D 564 35.34 18.73 14.26
C GLN D 564 34.78 19.37 12.99
N GLY D 565 35.64 19.59 11.99
CA GLY D 565 35.20 20.19 10.75
C GLY D 565 35.16 21.69 10.75
N GLN D 566 35.97 22.34 11.57
CA GLN D 566 36.01 23.79 11.65
C GLN D 566 37.47 24.23 11.73
N LEU D 567 37.77 25.34 11.08
CA LEU D 567 39.13 25.86 11.12
C LEU D 567 39.43 26.46 12.48
N VAL D 568 40.56 26.06 13.06
CA VAL D 568 41.03 26.67 14.30
C VAL D 568 42.29 27.46 13.97
N THR D 569 42.81 28.16 14.98
CA THR D 569 43.98 29.01 14.79
C THR D 569 45.16 28.48 15.58
N LYS D 570 46.32 28.52 14.95
CA LYS D 570 47.55 28.07 15.60
C LYS D 570 48.68 29.02 15.22
N ASP D 571 49.57 29.27 16.16
CA ASP D 571 50.69 30.17 15.92
C ASP D 571 51.75 29.48 15.09
N TYR D 572 52.42 30.26 14.24
CA TYR D 572 53.39 29.70 13.31
C TYR D 572 54.56 29.08 14.05
N PRO D 573 55.24 28.13 13.44
CA PRO D 573 56.49 27.61 14.00
C PRO D 573 57.60 28.58 13.68
N ALA D 574 58.84 28.20 14.00
CA ALA D 574 59.97 29.11 13.83
C ALA D 574 60.35 29.27 12.36
N TYR D 575 60.67 28.17 11.70
CA TYR D 575 61.24 28.28 10.36
C TYR D 575 60.24 28.86 9.37
N ALA D 576 58.94 28.69 9.60
CA ALA D 576 57.97 29.39 8.78
C ALA D 576 58.12 30.89 8.93
N LEU D 577 58.41 31.36 10.14
CA LEU D 577 58.72 32.77 10.29
C LEU D 577 59.98 33.15 9.53
N ALA D 578 60.99 32.28 9.55
CA ALA D 578 62.20 32.58 8.79
C ALA D 578 61.91 32.72 7.30
N VAL D 579 61.09 31.83 6.76
CA VAL D 579 60.79 31.91 5.33
C VAL D 579 59.95 33.13 5.02
N ILE D 580 59.04 33.51 5.91
CA ILE D 580 58.32 34.76 5.70
C ILE D 580 59.29 35.92 5.62
N GLY D 581 60.31 35.92 6.50
CA GLY D 581 61.28 37.00 6.46
C GLY D 581 62.09 36.99 5.19
N LEU D 582 62.50 35.81 4.73
CA LEU D 582 63.35 35.71 3.56
C LEU D 582 62.60 36.08 2.28
N LEU D 583 61.31 35.77 2.19
CA LEU D 583 60.55 36.10 0.99
C LEU D 583 60.39 37.61 0.80
N VAL D 584 60.67 38.41 1.81
CA VAL D 584 60.61 39.85 1.67
C VAL D 584 62.03 40.40 1.57
N ALA D 585 62.96 39.76 2.27
CA ALA D 585 64.35 40.18 2.20
C ALA D 585 64.92 39.97 0.80
N SER D 586 64.83 38.76 0.27
CA SER D 586 65.41 38.49 -1.03
C SER D 586 64.59 39.08 -2.18
N SER D 587 63.70 40.01 -1.89
CA SER D 587 62.94 40.70 -2.92
C SER D 587 62.97 42.21 -2.80
N THR D 588 63.14 42.77 -1.60
CA THR D 588 63.30 44.20 -1.45
C THR D 588 64.68 44.60 -0.98
N MET D 589 65.63 43.68 -0.90
CA MET D 589 66.99 44.01 -0.54
C MET D 589 67.93 43.86 -1.73
N CYS D 590 67.41 43.84 -2.95
CA CYS D 590 68.29 43.83 -4.11
C CYS D 590 68.68 45.25 -4.54
N ILE D 591 67.80 46.22 -4.33
CA ILE D 591 68.08 47.60 -4.73
C ILE D 591 69.32 48.14 -4.02
N PRO D 592 69.42 48.06 -2.70
CA PRO D 592 70.63 48.59 -2.06
C PRO D 592 71.87 47.79 -2.38
N LEU D 593 71.74 46.48 -2.61
CA LEU D 593 72.91 45.70 -2.97
C LEU D 593 73.44 46.11 -4.33
N ALA D 594 72.54 46.41 -5.28
CA ALA D 594 73.01 46.89 -6.57
C ALA D 594 73.62 48.28 -6.45
N ALA D 595 73.03 49.14 -5.63
CA ALA D 595 73.64 50.44 -5.38
C ALA D 595 75.07 50.28 -4.88
N LEU D 596 75.28 49.40 -3.91
CA LEU D 596 76.64 49.16 -3.42
C LEU D 596 77.52 48.55 -4.51
N GLY D 597 76.94 47.68 -5.34
CA GLY D 597 77.72 47.10 -6.42
C GLY D 597 78.22 48.13 -7.40
N THR D 598 77.45 49.19 -7.62
CA THR D 598 77.96 50.27 -8.47
C THR D 598 78.96 51.13 -7.72
N PHE D 599 78.64 51.53 -6.48
CA PHE D 599 79.54 52.38 -5.71
C PHE D 599 80.92 51.77 -5.53
N VAL D 600 81.01 50.44 -5.47
CA VAL D 600 82.28 49.76 -5.23
C VAL D 600 82.88 49.20 -6.53
N GLN D 601 82.04 48.81 -7.49
CA GLN D 601 82.61 48.46 -8.79
C GLN D 601 83.42 49.62 -9.33
N ARG D 602 82.90 50.85 -9.25
CA ARG D 602 83.46 51.95 -10.02
C ARG D 602 84.82 52.40 -9.50
N ARG D 603 85.52 51.53 -8.79
CA ARG D 603 86.74 51.97 -8.15
C ARG D 603 87.91 52.10 -9.13
N LEU D 604 88.38 51.03 -9.70
CA LEU D 604 89.54 51.23 -10.54
C LEU D 604 89.26 50.92 -12.02
C1 NAG E . -34.62 -51.50 39.30
C2 NAG E . -35.55 -52.56 39.85
C3 NAG E . -35.56 -52.52 41.38
C4 NAG E . -34.14 -52.65 41.90
C5 NAG E . -33.25 -51.59 41.27
C6 NAG E . -31.80 -51.74 41.65
C7 NAG E . -37.64 -53.42 38.88
C8 NAG E . -39.00 -53.07 38.38
N2 NAG E . -36.90 -52.40 39.33
O3 NAG E . -36.38 -53.58 41.85
O4 NAG E . -34.12 -52.51 43.32
O5 NAG E . -33.31 -51.69 39.85
O6 NAG E . -30.96 -50.94 40.83
O7 NAG E . -37.21 -54.57 38.88
C1 NAG E . -34.12 -53.81 43.95
C2 NAG E . -33.14 -53.84 45.13
C3 NAG E . -33.19 -55.20 45.80
C4 NAG E . -34.61 -55.55 46.21
C5 NAG E . -35.55 -55.43 45.00
C6 NAG E . -37.00 -55.64 45.37
C7 NAG E . -31.14 -52.43 45.07
C8 NAG E . -29.74 -52.27 44.54
N2 NAG E . -31.79 -53.53 44.68
O3 NAG E . -32.35 -55.17 46.96
O4 NAG E . -34.66 -56.88 46.71
O5 NAG E . -35.45 -54.13 44.41
O6 NAG E . -37.72 -56.26 44.31
O7 NAG E . -31.65 -51.60 45.82
C1 NAG F . -21.04 -78.75 7.01
C2 NAG F . -21.90 -79.78 6.29
C3 NAG F . -23.23 -79.94 7.00
C4 NAG F . -23.03 -80.22 8.48
C5 NAG F . -22.09 -79.18 9.09
C6 NAG F . -21.71 -79.48 10.53
C7 NAG F . -22.19 -80.27 3.90
C8 NAG F . -22.42 -79.70 2.53
N2 NAG F . -22.13 -79.40 4.90
O3 NAG F . -23.95 -81.03 6.42
O4 NAG F . -24.28 -80.13 9.15
O5 NAG F . -20.86 -79.14 8.35
O6 NAG F . -21.09 -78.36 11.14
O7 NAG F . -22.06 -81.48 4.09
C1 NAG F . -24.66 -81.42 9.65
C2 NAG F . -25.41 -81.18 10.96
C3 NAG F . -25.93 -82.49 11.52
C4 NAG F . -26.77 -83.22 10.47
C5 NAG F . -25.96 -83.39 9.20
C6 NAG F . -26.77 -84.00 8.07
C7 NAG F . -25.02 -79.55 12.75
C8 NAG F . -24.02 -78.95 13.68
N2 NAG F . -24.57 -80.50 11.92
O3 NAG F . -26.71 -82.24 12.68
O4 NAG F . -27.15 -84.50 10.97
O5 NAG F . -25.51 -82.11 8.73
O6 NAG F . -27.24 -83.00 7.18
O7 NAG F . -26.20 -79.19 12.73
C1 NAG G . -4.21 -61.22 11.21
C2 NAG G . -3.87 -61.72 9.80
C3 NAG G . -2.61 -62.57 9.82
C4 NAG G . -1.47 -61.77 10.44
C5 NAG G . -1.86 -61.42 11.86
C6 NAG G . -0.81 -60.61 12.57
C7 NAG G . -5.89 -61.88 8.44
C8 NAG G . -6.97 -62.78 7.92
N2 NAG G . -4.97 -62.45 9.22
O3 NAG G . -2.28 -62.96 8.49
O4 NAG G . -0.21 -62.41 10.36
O5 NAG G . -3.05 -60.61 11.82
O6 NAG G . -1.23 -60.24 13.88
O7 NAG G . -5.86 -60.68 8.18
C1 NAG G . -0.16 -63.78 10.77
C2 NAG G . 1.01 -64.40 10.03
C3 NAG G . 1.23 -65.83 10.50
C4 NAG G . 1.36 -65.89 12.00
C5 NAG G . 0.15 -65.22 12.65
C6 NAG G . 0.24 -65.14 14.15
C7 NAG G . 1.70 -63.85 7.75
C8 NAG G . 1.33 -63.88 6.30
N2 NAG G . 0.80 -64.35 8.59
O3 NAG G . 2.41 -66.33 9.89
O4 NAG G . 1.44 -67.24 12.45
O5 NAG G . 0.04 -63.87 12.17
O6 NAG G . -1.01 -65.39 14.76
O7 NAG G . 2.78 -63.39 8.14
C1 NAG H . -59.84 -37.96 -10.56
C2 NAG H . -59.02 -37.00 -11.41
C3 NAG H . -59.93 -36.01 -12.10
C4 NAG H . -61.05 -36.71 -12.85
C5 NAG H . -61.76 -37.70 -11.93
C6 NAG H . -62.77 -38.55 -12.67
C7 NAG H . -56.72 -36.55 -10.71
C8 NAG H . -55.84 -35.73 -9.82
N2 NAG H . -58.03 -36.32 -10.61
O3 NAG H . -59.16 -35.23 -13.01
O4 NAG H . -62.00 -35.75 -13.28
O5 NAG H . -60.81 -38.61 -11.35
O6 NAG H . -62.16 -39.36 -13.66
O7 NAG H . -56.27 -37.37 -11.49
C1 NAG H . -62.04 -35.68 -14.72
C2 NAG H . -62.96 -34.53 -15.09
C3 NAG H . -63.03 -34.37 -16.60
C4 NAG H . -61.62 -34.23 -17.18
C5 NAG H . -60.74 -35.39 -16.72
C6 NAG H . -59.30 -35.23 -17.15
C7 NAG H . -64.86 -33.83 -13.70
C8 NAG H . -66.23 -34.19 -13.22
N2 NAG H . -64.29 -34.71 -14.53
O3 NAG H . -63.81 -33.23 -16.92
O4 NAG H . -61.69 -34.22 -18.61
O5 NAG H . -60.74 -35.46 -15.28
O6 NAG H . -59.01 -33.88 -17.52
O7 NAG H . -64.29 -32.80 -13.38
C1 NAG I . -59.19 -61.89 6.30
C2 NAG I . -59.75 -60.49 6.46
C3 NAG I . -60.73 -60.46 7.63
C4 NAG I . -61.80 -61.52 7.44
C5 NAG I . -61.16 -62.89 7.20
C6 NAG I . -62.17 -63.96 6.85
C7 NAG I . -58.35 -58.61 5.77
C8 NAG I . -57.22 -57.70 6.13
N2 NAG I . -58.68 -59.53 6.68
O3 NAG I . -61.32 -59.17 7.71
O4 NAG I . -62.63 -61.59 8.60
O5 NAG I . -60.25 -62.81 6.09
O6 NAG I . -62.13 -64.27 5.46
O7 NAG I . -58.94 -58.52 4.69
C1 NAG I . -63.95 -61.16 8.23
C2 NAG I . -64.92 -61.75 9.23
C3 NAG I . -66.33 -61.32 8.89
C4 NAG I . -66.42 -59.80 8.80
C5 NAG I . -65.36 -59.26 7.84
C6 NAG I . -65.28 -57.76 7.85
C7 NAG I . -64.19 -63.86 10.24
C8 NAG I . -64.17 -65.35 10.12
N2 NAG I . -64.81 -63.20 9.26
O3 NAG I . -67.22 -61.79 9.91
O4 NAG I . -67.71 -59.43 8.32
O5 NAG I . -64.06 -59.73 8.22
O6 NAG I . -64.30 -57.30 8.78
O7 NAG I . -63.68 -63.27 11.18
C1 NAG J . -29.92 -9.01 9.40
C2 NAG J . -30.77 -8.56 10.57
C3 NAG J . -32.24 -8.76 10.24
C4 NAG J . -32.59 -8.07 8.93
C5 NAG J . -31.61 -8.46 7.83
C6 NAG J . -31.79 -7.63 6.59
C7 NAG J . -30.38 -8.71 12.98
C8 NAG J . -30.01 -9.59 14.12
N2 NAG J . -30.42 -9.29 11.77
O3 NAG J . -33.02 -8.21 11.29
O4 NAG J . -33.88 -8.50 8.52
O5 NAG J . -30.27 -8.27 8.27
O6 NAG J . -31.36 -8.32 5.42
O7 NAG J . -30.64 -7.52 13.13
C1 NAG J . -34.83 -7.44 8.65
C2 NAG J . -35.78 -7.57 7.47
C3 NAG J . -36.89 -6.54 7.57
C4 NAG J . -37.58 -6.65 8.91
C5 NAG J . -36.55 -6.54 10.03
C6 NAG J . -37.15 -6.77 11.40
C7 NAG J . -35.44 -8.05 5.09
C8 NAG J . -34.59 -7.81 3.89
N2 NAG J . -35.06 -7.44 6.22
O3 NAG J . -37.82 -6.78 6.52
O4 NAG J . -38.53 -5.60 9.05
O5 NAG J . -35.55 -7.55 9.86
O6 NAG J . -36.64 -7.96 12.00
O7 NAG J . -36.43 -8.77 5.06
C1 NAG K . -9.40 -15.91 -40.11
C2 NAG K . -10.68 -15.53 -40.85
C3 NAG K . -11.76 -16.58 -40.59
C4 NAG K . -11.25 -17.97 -40.93
C5 NAG K . -9.92 -18.25 -40.22
C6 NAG K . -9.27 -19.54 -40.66
C7 NAG K . -11.57 -13.29 -41.31
C8 NAG K . -12.00 -11.98 -40.72
N2 NAG K . -11.14 -14.21 -40.45
O3 NAG K . -12.92 -16.28 -41.36
O4 NAG K . -12.20 -18.96 -40.53
O5 NAG K . -8.98 -17.20 -40.51
O6 NAG K . -8.33 -19.32 -41.70
O7 NAG K . -11.63 -13.50 -42.51
C1 NAG K . -12.83 -19.49 -41.72
C2 NAG K . -13.34 -20.91 -41.42
C3 NAG K . -14.06 -21.47 -42.64
C4 NAG K . -15.15 -20.51 -43.10
C5 NAG K . -14.56 -19.12 -43.34
C6 NAG K . -15.60 -18.09 -43.70
C7 NAG K . -12.20 -22.41 -39.85
C8 NAG K . -11.00 -23.28 -39.63
N2 NAG K . -12.24 -21.78 -41.03
O3 NAG K . -14.64 -22.72 -42.30
O4 NAG K . -15.73 -20.98 -44.32
O5 NAG K . -13.92 -18.66 -42.14
O6 NAG K . -15.08 -17.11 -44.58
O7 NAG K . -13.08 -22.29 -39.01
C1 NAG L . -43.50 -25.68 53.32
C2 NAG L . -44.12 -26.16 54.62
C3 NAG L . -45.16 -27.25 54.33
C4 NAG L . -46.20 -26.72 53.34
C5 NAG L . -45.49 -26.22 52.08
C6 NAG L . -46.44 -25.57 51.10
C7 NAG L . -43.09 -26.35 56.83
C8 NAG L . -41.97 -26.94 57.63
N2 NAG L . -43.11 -26.66 55.53
O3 NAG L . -45.78 -27.60 55.56
O4 NAG L . -47.11 -27.75 52.98
O5 NAG L . -44.52 -25.22 52.43
O6 NAG L . -45.73 -24.84 50.10
O7 NAG L . -43.94 -25.62 57.33
C1 NAG L . -48.31 -27.64 53.78
C2 NAG L . -49.55 -27.87 52.92
C3 NAG L . -50.80 -27.80 53.77
C4 NAG L . -50.71 -28.76 54.95
C5 NAG L . -49.41 -28.51 55.73
C6 NAG L . -49.19 -29.53 56.83
C7 NAG L . -49.51 -27.26 50.54
C8 NAG L . -49.61 -26.14 49.55
N2 NAG L . -49.62 -26.91 51.83
O3 NAG L . -51.94 -28.12 52.98
O4 NAG L . -51.82 -28.57 55.82
O5 NAG L . -48.29 -28.60 54.85
O6 NAG L . -48.52 -28.95 57.94
O7 NAG L . -49.35 -28.42 50.20
C1 NAG M . -42.32 16.15 68.13
C2 NAG M . -42.07 16.57 69.56
C3 NAG M . -42.13 15.36 70.49
C4 NAG M . -43.41 14.57 70.28
C5 NAG M . -43.61 14.26 68.80
C6 NAG M . -44.94 13.62 68.51
C7 NAG M . -40.56 18.26 70.50
C8 NAG M . -39.18 18.83 70.50
N2 NAG M . -40.78 17.24 69.68
O3 NAG M . -42.05 15.81 71.84
O4 NAG M . -43.31 13.34 70.99
O5 NAG M . -43.56 15.47 68.04
O6 NAG M . -44.98 13.08 67.19
O7 NAG M . -41.45 18.72 71.22
C1 NAG M . -44.26 13.32 72.06
C2 NAG M . -44.72 11.88 72.20
C3 NAG M . -45.67 11.74 73.38
C4 NAG M . -45.03 12.28 74.65
C5 NAG M . -44.56 13.72 74.42
C6 NAG M . -43.80 14.27 75.59
C7 NAG M . -45.19 10.18 70.50
C8 NAG M . -45.90 9.85 69.23
N2 NAG M . -45.36 11.41 70.98
O3 NAG M . -46.02 10.37 73.56
O4 NAG M . -45.97 12.25 75.72
O5 NAG M . -43.67 13.75 73.29
O6 NAG M . -42.39 14.18 75.38
O7 NAG M . -44.48 9.35 71.07
C1 NAG N . -41.90 15.65 43.46
C2 NAG N . -41.35 17.03 43.81
C3 NAG N . -42.38 18.12 43.52
C4 NAG N . -42.80 18.02 42.06
C5 NAG N . -43.44 16.66 41.85
C6 NAG N . -43.89 16.44 40.43
C7 NAG N . -39.66 16.86 45.57
C8 NAG N . -39.38 16.98 47.04
N2 NAG N . -40.92 17.10 45.19
O3 NAG N . -41.81 19.39 43.78
O4 NAG N . -43.63 19.09 41.63
O5 NAG N . -42.45 15.65 42.13
O6 NAG N . -44.41 15.13 40.25
O7 NAG N . -38.79 16.56 44.76
C1 NAG N . -44.75 19.39 42.47
C2 NAG N . -45.08 20.86 42.21
C3 NAG N . -46.32 21.27 42.98
C4 NAG N . -47.47 20.33 42.67
C5 NAG N . -47.03 18.89 42.94
C6 NAG N . -48.09 17.87 42.56
C7 NAG N . -43.43 22.61 41.73
C8 NAG N . -42.28 23.41 42.26
N2 NAG N . -43.95 21.71 42.57
O3 NAG N . -46.67 22.59 42.59
O4 NAG N . -48.60 20.64 43.48
O5 NAG N . -45.87 18.59 42.17
O6 NAG N . -48.14 16.82 43.52
O7 NAG N . -43.88 22.78 40.60
C1 NAG O . 9.68 -11.60 70.03
C2 NAG O . 10.50 -10.94 68.94
C3 NAG O . 11.94 -11.41 69.00
C4 NAG O . 12.51 -11.25 70.39
C5 NAG O . 11.58 -11.88 71.43
C6 NAG O . 12.01 -11.61 72.85
C7 NAG O . 9.34 -10.27 66.89
C8 NAG O . 8.83 -10.71 65.56
N2 NAG O . 9.93 -11.21 67.62
O3 NAG O . 12.72 -10.66 68.07
O4 NAG O . 13.76 -11.91 70.48
O5 NAG O . 10.26 -11.34 71.29
O6 NAG O . 11.99 -10.22 73.14
O7 NAG O . 9.22 -9.12 67.27
C1 NAG O . 14.83 -10.97 70.69
C2 NAG O . 16.14 -11.74 70.60
C3 NAG O . 17.32 -10.80 70.80
C4 NAG O . 17.23 -9.64 69.82
C5 NAG O . 15.87 -8.96 69.92
C6 NAG O . 15.68 -7.87 68.88
C7 NAG O . 16.34 -14.10 71.21
C8 NAG O . 16.35 -15.09 72.35
N2 NAG O . 16.18 -12.82 71.57
O3 NAG O . 18.53 -11.53 70.60
O4 NAG O . 18.26 -8.69 70.09
O5 NAG O . 14.82 -9.91 69.73
O6 NAG O . 16.59 -8.02 67.80
O7 NAG O . 16.49 -14.44 70.05
C1 NAG P . -16.38 -12.78 83.31
C2 NAG P . -15.46 -13.83 82.71
C3 NAG P . -15.86 -15.22 83.17
C4 NAG P . -15.90 -15.26 84.69
C5 NAG P . -16.79 -14.14 85.23
C6 NAG P . -16.76 -14.04 86.74
C7 NAG P . -14.44 -13.32 80.54
C8 NAG P . -14.63 -13.30 79.05
N2 NAG P . -15.47 -13.75 81.26
O3 NAG P . -14.92 -16.16 82.69
O4 NAG P . -16.42 -16.52 85.12
O5 NAG P . -16.34 -12.87 84.73
O6 NAG P . -15.99 -12.92 87.17
O7 NAG P . -13.39 -12.95 81.07
C1 NAG P . -15.37 -17.22 85.81
C2 NAG P . -16.02 -18.23 86.73
C3 NAG P . -14.96 -19.01 87.49
C4 NAG P . -13.96 -19.62 86.51
C5 NAG P . -13.41 -18.58 85.55
C6 NAG P . -12.57 -19.17 84.45
C7 NAG P . -18.26 -17.61 87.51
C8 NAG P . -19.05 -16.88 88.55
N2 NAG P . -16.93 -17.57 87.65
O3 NAG P . -15.58 -20.02 88.25
O4 NAG P . -12.88 -20.21 87.23
O5 NAG P . -14.49 -17.89 84.91
O6 NAG P . -13.35 -19.43 83.29
O7 NAG P . -18.79 -18.22 86.59
C1 NAG Q . 0.37 -20.19 25.64
C2 NAG Q . 0.16 -21.68 25.73
C3 NAG Q . 0.88 -22.23 26.94
C4 NAG Q . 2.34 -21.82 26.93
C5 NAG Q . 2.49 -20.32 26.70
C6 NAG Q . 3.92 -19.91 26.45
C7 NAG Q . -1.76 -23.06 25.14
C8 NAG Q . -3.25 -23.26 25.30
N2 NAG Q . -1.25 -22.00 25.77
O3 NAG Q . 0.78 -23.65 26.93
O4 NAG Q . 2.91 -22.11 28.20
O5 NAG Q . 1.75 -19.92 25.55
O6 NAG Q . 4.16 -18.57 26.83
O7 NAG Q . -1.08 -23.81 24.46
C1 NAG Q . 3.83 -23.20 28.11
C2 NAG Q . 4.96 -22.88 29.07
C3 NAG Q . 5.95 -24.03 29.12
C4 NAG Q . 5.23 -25.33 29.44
C5 NAG Q . 4.09 -25.54 28.47
C6 NAG Q . 3.24 -26.74 28.81
C7 NAG Q . 6.21 -20.83 29.57
C8 NAG Q . 6.85 -19.60 29.01
N2 NAG Q . 5.63 -21.64 28.69
O3 NAG Q . 6.93 -23.75 30.11
O4 NAG Q . 6.14 -26.42 29.36
O5 NAG Q . 3.21 -24.40 28.49
O6 NAG Q . 1.92 -26.35 29.17
O7 NAG Q . 6.22 -21.08 30.77
C1 NAG R . 22.68 29.01 24.38
C2 NAG R . 23.93 28.62 25.15
C3 NAG R . 23.57 28.25 26.58
C4 NAG R . 22.79 29.38 27.25
C5 NAG R . 21.60 29.78 26.38
C6 NAG R . 20.88 31.00 26.89
C7 NAG R . 25.93 27.47 24.29
C8 NAG R . 26.46 26.26 23.58
N2 NAG R . 24.61 27.52 24.49
O3 NAG R . 24.77 27.99 27.31
O4 NAG R . 22.34 28.97 28.52
O5 NAG R . 22.02 30.09 25.05
O6 NAG R . 21.36 32.19 26.26
O7 NAG R . 26.67 28.37 24.67
C1 NAG R . 23.11 29.64 29.53
C2 NAG R . 22.29 29.75 30.82
C3 NAG R . 23.10 30.40 31.92
C4 NAG R . 24.44 29.68 32.10
C5 NAG R . 25.17 29.60 30.76
C6 NAG R . 26.46 28.81 30.84
C7 NAG R . 19.84 29.96 30.80
C8 NAG R . 18.67 30.87 30.52
N2 NAG R . 21.05 30.48 30.59
O3 NAG R . 22.37 30.37 33.14
O4 NAG R . 25.25 30.37 33.03
O5 NAG R . 24.34 28.95 29.79
O6 NAG R . 27.43 29.31 29.94
O7 NAG R . 19.68 28.80 31.19
C1 NAG S . -51.91 -68.54 18.05
C2 NAG S . -52.54 -69.79 17.48
C3 NAG S . -54.06 -69.71 17.53
C4 NAG S . -54.53 -69.38 18.94
C5 NAG S . -53.81 -68.14 19.46
C6 NAG S . -54.13 -67.85 20.91
C7 NAG S . -51.88 -71.26 15.63
C8 NAG S . -51.41 -71.33 14.22
N2 NAG S . -52.08 -70.04 16.13
O3 NAG S . -54.62 -70.94 17.10
O4 NAG S . -55.93 -69.15 18.94
O5 NAG S . -52.39 -68.32 19.37
O6 NAG S . -53.94 -66.48 21.22
O7 NAG S . -52.07 -72.27 16.31
ZN ZN T . -36.71 -51.14 12.43
N PRO U . 11.40 18.21 -59.36
CA PRO U . 11.50 19.60 -58.93
C PRO U . 12.69 20.26 -59.59
O PRO U . 12.48 21.14 -60.48
CB PRO U . 11.76 19.47 -57.44
CG PRO U . 12.57 18.22 -57.34
CD PRO U . 12.18 17.32 -58.48
OXT PRO U . 13.83 19.88 -59.18
CL CL V . 14.60 10.60 -58.17
C1 NAG W . -21.36 10.71 -18.91
C2 NAG W . -22.31 10.28 -17.76
C3 NAG W . -23.65 11.01 -17.80
C4 NAG W . -23.43 12.50 -17.91
C5 NAG W . -22.68 12.76 -19.19
C6 NAG W . -22.45 14.23 -19.45
C7 NAG W . -21.85 7.96 -17.07
C8 NAG W . -22.22 6.52 -17.24
N2 NAG W . -22.54 8.84 -17.80
O3 NAG W . -24.36 10.73 -16.60
O4 NAG W . -24.68 13.19 -17.95
O5 NAG W . -21.39 12.16 -19.07
O6 NAG W . -21.94 14.44 -20.75
O7 NAG W . -20.96 8.31 -16.29
C1 NAG X . -31.48 -13.87 80.83
C2 NAG X . -31.57 -13.31 82.24
C3 NAG X . -30.92 -14.27 83.23
C4 NAG X . -31.53 -15.65 83.10
C5 NAG X . -31.47 -16.13 81.65
C6 NAG X . -32.18 -17.44 81.43
C7 NAG X . -31.39 -11.03 83.11
C8 NAG X . -30.64 -9.73 83.06
N2 NAG X . -30.95 -11.99 82.31
O3 NAG X . -31.12 -13.78 84.55
O4 NAG X . -30.82 -16.58 83.93
O5 NAG X . -32.09 -15.16 80.79
O6 NAG X . -31.66 -18.12 80.29
O7 NAG X . -32.37 -11.18 83.82
ZN ZN Y . -23.58 -8.44 59.06
N PRO Z . 47.61 40.09 -10.60
CA PRO Z . 48.08 39.26 -11.70
C PRO Z . 48.43 40.14 -12.89
O PRO Z . 49.66 40.26 -13.20
CB PRO Z . 46.85 38.44 -12.05
CG PRO Z . 45.71 39.37 -11.76
CD PRO Z . 46.15 40.32 -10.68
OXT PRO Z . 47.46 40.69 -13.49
CL CL AA . 41.02 44.35 -7.78
C1 NAG BA . 28.24 -3.91 10.74
C2 NAG BA . 27.57 -5.07 11.51
C3 NAG BA . 28.59 -6.14 11.95
C4 NAG BA . 29.44 -6.57 10.77
C5 NAG BA . 30.19 -5.35 10.29
C6 NAG BA . 31.13 -5.66 9.16
C7 NAG BA . 25.54 -4.30 12.68
C8 NAG BA . 24.98 -3.79 13.96
N2 NAG BA . 26.85 -4.57 12.67
O3 NAG BA . 27.87 -7.26 12.44
O4 NAG BA . 30.38 -7.56 11.19
O5 NAG BA . 29.22 -4.42 9.79
O6 NAG BA . 31.96 -4.55 8.87
O7 NAG BA . 24.84 -4.47 11.68
#